data_6J9F
#
_entry.id   6J9F
#
_cell.length_a   1
_cell.length_b   1
_cell.length_c   1
_cell.angle_alpha   90
_cell.angle_beta   90
_cell.angle_gamma   90
#
_symmetry.space_group_name_H-M   'P 1'
#
loop_
_entity.id
_entity.type
_entity.pdbx_description
1 polymer 'DNA-directed RNA polymerase subunit alpha'
2 polymer 'DNA-directed RNA polymerase subunit beta'
3 polymer "DNA-directed RNA polymerase subunit beta'"
4 polymer 'DNA-directed RNA polymerase subunit omega'
5 polymer 'DNA (29-MER)'
6 polymer 'DNA (29-MER)'
7 polymer "RNA (5'-R(P*AP*GP*CP*GP*GP*AP*GP*AP*GP*GP*UP*A)-3')"
8 polymer 45L
9 non-polymer 'MAGNESIUM ION'
10 non-polymer 'ZINC ION'
#
loop_
_entity_poly.entity_id
_entity_poly.type
_entity_poly.pdbx_seq_one_letter_code
_entity_poly.pdbx_strand_id
1 'polypeptide(L)'
;MGSSHHHHHHSQDPMTVTANQVLRPRGPQIERLTDNRAKVVIEPLERGYGHTLGNALRRVLLSSIPGFAITEVEIDGVLH
EYTTVEGLQEDVLDVLLNLKDVAIRMHSGDSATLSLSKQGPGTVTAADIRTDHNVEIINGDHVICHLTKDTALNMRLKIE
RGFGYQPAAARRRPDEETRTIGRLMLDASFSPVRRVAYAVEAARVEQRTDLDKLVIDIETNGTIDAEEAVRTAADILSDQ
LSVFGDFTHRDRGAAKPAASGVDPVLLRPIDDLELTVRSANCLKAESIYYIGDLIQKTEVELLKTPNLGKKSLTEIKEVL
AQRGLALGMKLENWPPAGVAQHGMLG
;
A,B
2 'polypeptide(L)'
;MTSYSFTEKKRIRKDFGKQRSILEVPFLLAIQVDSYREFLQEDVESTKRKDLGLHAALKSVFPISSYSGNAALEYVGYKL
GQPVFDERECRQRGMSYGAPLRVTVRLVIYDRESSTKAIKYVKEQEVYLGEIPLMTGNGTFIVNGTERVIVSQLHRSPGV
FFDHDRGKTHSSGKLLYSARIIPYRGSWLDFEFDPKDALFTRIDRRRKLPVSILLRALGYNNEEMLAEFFEINTFHINPD
EGVQLELVPERLRGETLNFDLADGDKVIVEAGKRITARHVKQLEAAGVAALAVPDDYLVGRILSHDVVDGSTGELLANAN
DEISEDQLTAFRKAGVDAVGTLWVNDLDRGPYLSNTLRIDPTKTQLEALVEIYRMMRPGEPPTKEAAQNLFHNLFFTFER
YDLSTVGRMKFNRRVGRKDVLGESVLYDKKYFAERNDEESKRLVAEHTDTSDILEVIKVLTEIRNGRGVVDDIDHLGNRR
VRSVGEMAENVFRVGLVRVERAVKERLSMAESEGLTPQELINAKPVAAAIKEFFGSSQLSQFMDQNNPLSEVTHKRRVSA
LGPGGLTRERAGFEVRDVHPTHYGRVCTIETPEGPNIGLINSLAVFARTNQYGFLETPYRKVLDGKVSDDVEYLSAIEEN
EYVIAQANALTDAKNMLTEQFVPCRFQGESLLKPPSEVHFMDVSPMQTVSVAAALVPFLEHDDANRALMGANMQRQAVPT
LRSQKPLVGTGIERAVARDSGVTVNALRGGVIEQIDAARIVVKVNEAEIGGGTDAGVDIYNLIKYTRSNQNTCINQRPLV
NVGDVIARGDVLADGPSTDIGELALGQNMLIAFMPWNGYNFEDSILLSERVVEEDRYTTIHIEELTCVARDTKLGPEEIS
ADIPNVSEQALNRLDESGVVYIGAEVRAGDIMVGKVTPKGESQLTPEEKLLRAIFGEKASDVKDSSLRVPPGMDGTVIDV
QVFTRDGIEKDKRARQIEENEIKRVKKDFDDQFRILEAAIYARLRSQIVGKVANGGANLKKGDSVTDAYLDGLKKSDWFQ
LRMKDEDAADAIERAQKQIQAHEKEFEARFADKRGKITQGDDLAPGVLKMVKVFLAVKRRIQPGDKMAGRHGNKGVVSNV
VPVEDMPYMATGESVDIVLNPLGVPSRMNIGQILEVHLGWAAKGLGRKIQRMLEAQAAVSELRKFLDDIYNHDNAINAQR
VDLSQFSDEELLNLGKNLIDGVPMATPVFDGASEAEIKRMLELADLPQSGQTQLYDGRTGEAFDRKTTVGYMHYLKLNHL
VDDKMHARSTGPYSLVTQQPLGGKAQFGGQRFGEMEVWALEAYGAAYTLQEMLTVKSDDVQGRNQMYKNIVDGEHEMVAG
MPESFNVLVKEIRSLAIHMELEE
;
C
3 'polypeptide(L)'
;MKDLLNLFNQQRQTLDFDAIKIALASPDLIRSWSYGEVKKPETINYRTFKPERDGLFCAAIFGPIKDYECLCGKYKRMKH
RGVVCEKCGTEVTLAKVRRERMGHIDLASPVAHIWFLKSLPSRIGLMLDMTLRDIERVLYFEAYVVTEPGLTPLERRQLL
TEEQYLTARQEYNDDFDAAMGAEAVYELLRTIDLQSEMTRLREEIASTGSETKLKRLTKRIKLIEAFLESGNRPEWMVMT
VLPVLPPDLRPLVPLDGGRFATSDLNDLYRRVINRNNRLRRLLELNAPDIIVRNEKRMLQESVDALLDNGRRGRAITGTN
KRPLKSLADMIKGKQGRFRQNLLGKRVDYSGRSVITVGPYLKLHQCGLPKKMALELFKPFVFAKLQRRGLATTIKAAKKL
VEREEAEVWDILEEVIREHPVLLNRAPTLHRLGIQAFEPVLIEGKAIQLHPLVCTAFNADFDGDQMAVHVPLSLEAQLEA
RALMMSTNNILSPANGEPIIVPSQDVVLGLYYMSRALENKKGEGMVFANTSEVKRAYDNRVVELHAKVKVRITQVDVDAV
DGKRTSGTSIVDTTVGRALLSEILPEGLPFQLANTEMTKKNISRLINSSYRLLGLKDTVVFADKLMYTGYAYATRAGVSI
GIDDMLIPDEKKGILTEAEAEVLEIQEQYQSGLVTAGERYNKVVDIWSRTSERIAKAMMDTIGTEKVENAKGETIDQKSM
NSLYIMADSGARGSQAQIRQLAGMRGLMARPDGSIIETPIKANFREGLNVQEYFNSTHGARKGLADTALKTANSGYLTRR
LVDVAQDVVITEIDCGTTEGLIMTPIVEGGDVVEPLKERVLGRVVAEDVYLPGNDEEPIVTRNTLLDEAWVAKLEDASVQ
SVKVRSTISCESSFGVCARCYGRDLARGHQVNIGEAVGVIAAQSIGEPGTQLTMRTFHIGGAASRAAAVDNITVKTTGSV
KFNNLKSVAHASGSLVAVSRSGELSVLDGHGRERERYKLPYGATITAKDGDAVKAGQSVANWDPHNHPIVSEVAGFIRFI
DFVDGVTVIEKTDELTGLASREITDPKRRGAHAKELRPIVRIVDGKGNDLTIPNTDLPAQYLLPPRSIVNLQDGAAVGVG
DVVAKIPQEASKTRDITGGLPRVADLFEARKPKDPAILAERSGIISFGKDTKGKQRLIIKDTDGSEHEELIPKYRQIIVF
EGEHVTKGETVVDGEPSPQDILRLLGVEPLAAYLVKEIQDVYRLQGVKINDKHIEVITRQMLRKVEIVDQGNSKFLNGEQ
VERQRVIEENARLVKRNELPAKYDPVLLGITKASLATESFISAASFQETTRVLTEAAVRGTRDNLRGLKENVIVGRLIPA
GTGLAYHAGRRKASGLTDSEMETLSGKPAGAEPVAALADAGADEE
;
D
4 'polypeptide(L)'
;MARITVEDCLEVVNNRFELVMMASKRARQLANGVQPLIENAAASDKPTVMALREIAARRIDNALIDEVEKAERERAEREA
LEWAAAEVVADEDMSKNDD
;
E
5 'polydeoxyribonucleotide'
;(DG)(DG)(DG)(DT)(DA)(DT)(DT)(DC)(DG)(DC)(DC)(DG)(DT)(DG)(DT)(DA)(DC)(DC)(DT)(DC)
(DT)(DC)(DC)(DT)(DA)(DG)(DC)(DC)(DC)
;
G
6 'polydeoxyribonucleotide'
;(DG)(DG)(DG)(DC)(DT)(DA)(DC)(DC)(DT)(DC)(DT)(DC)(DC)(DA)(DT)(DG)(DA)(DC)(DG)(DG)
(DC)(DG)(DA)(DA)(DT)(DA)(DC)(DC)(DC)
;
H
7 'polyribonucleotide' GCAUUCAAAGCGGAGAGGUA I
8 'polypeptide(L)' GAMAMNEFTQISGYVNAFGSQRGSVLTVKVENDEGWTLVEEDFDRADYGSDPEFVAEVSSYLKRNGGIKDLTKVLTR J
#
# COMPACT_ATOMS: atom_id res chain seq x y z
N PRO A 25 59.49 -23.41 -18.62
CA PRO A 25 58.11 -23.77 -18.97
C PRO A 25 58.04 -24.93 -19.96
N ARG A 26 56.86 -25.55 -20.06
CA ARG A 26 56.65 -26.69 -20.93
C ARG A 26 55.30 -26.54 -21.62
N GLY A 27 55.24 -27.03 -22.87
CA GLY A 27 54.02 -26.99 -23.64
C GLY A 27 52.93 -27.87 -23.05
N PRO A 28 51.67 -27.44 -23.20
CA PRO A 28 50.57 -28.17 -22.54
C PRO A 28 50.20 -29.44 -23.28
N GLN A 29 49.89 -30.48 -22.50
CA GLN A 29 49.35 -31.71 -23.04
C GLN A 29 47.82 -31.68 -22.94
N ILE A 30 47.18 -32.71 -23.47
CA ILE A 30 45.72 -32.77 -23.47
C ILE A 30 45.29 -34.24 -23.40
N GLU A 31 44.32 -34.53 -22.54
CA GLU A 31 43.71 -35.85 -22.44
C GLU A 31 42.29 -35.80 -22.99
N ARG A 32 41.91 -36.83 -23.73
CA ARG A 32 40.60 -36.90 -24.37
C ARG A 32 39.77 -37.96 -23.67
N LEU A 33 39.06 -37.54 -22.62
CA LEU A 33 38.12 -38.45 -21.96
C LEU A 33 36.87 -38.64 -22.81
N THR A 34 36.32 -37.55 -23.34
CA THR A 34 35.14 -37.57 -24.19
C THR A 34 35.43 -36.68 -25.40
N ASP A 35 34.80 -37.01 -26.54
CA ASP A 35 35.00 -36.23 -27.75
C ASP A 35 34.39 -34.83 -27.67
N ASN A 36 33.49 -34.59 -26.71
CA ASN A 36 32.88 -33.29 -26.53
C ASN A 36 33.46 -32.50 -25.37
N ARG A 37 34.28 -33.14 -24.52
CA ARG A 37 34.85 -32.48 -23.35
C ARG A 37 36.26 -32.99 -23.14
N ALA A 38 37.23 -32.09 -23.24
CA ALA A 38 38.65 -32.41 -23.06
C ALA A 38 39.20 -31.62 -21.89
N LYS A 39 40.47 -31.89 -21.55
CA LYS A 39 41.14 -31.23 -20.45
C LYS A 39 42.62 -31.07 -20.77
N VAL A 40 43.16 -29.90 -20.46
CA VAL A 40 44.56 -29.60 -20.73
C VAL A 40 45.33 -29.63 -19.42
N VAL A 41 46.63 -29.91 -19.51
CA VAL A 41 47.51 -30.01 -18.35
C VAL A 41 48.67 -29.03 -18.58
N ILE A 42 48.82 -28.08 -17.65
CA ILE A 42 49.87 -27.06 -17.73
C ILE A 42 50.78 -27.23 -16.52
N GLU A 43 52.06 -27.47 -16.78
CA GLU A 43 53.06 -27.64 -15.73
C GLU A 43 54.44 -27.36 -16.32
N PRO A 44 55.37 -26.80 -15.55
CA PRO A 44 55.22 -26.26 -14.18
C PRO A 44 55.12 -24.74 -14.12
N LEU A 45 54.55 -24.22 -13.04
CA LEU A 45 54.42 -22.79 -12.83
C LEU A 45 54.88 -22.42 -11.43
N GLU A 46 55.42 -21.21 -11.30
CA GLU A 46 55.94 -20.74 -10.03
C GLU A 46 54.80 -20.36 -9.08
N ARG A 47 55.17 -19.98 -7.86
CA ARG A 47 54.18 -19.64 -6.83
C ARG A 47 53.55 -18.29 -7.15
N GLY A 48 52.23 -18.28 -7.32
CA GLY A 48 51.50 -17.07 -7.62
C GLY A 48 51.09 -16.92 -9.07
N TYR A 49 51.32 -17.94 -9.90
CA TYR A 49 50.97 -17.87 -11.33
C TYR A 49 49.77 -18.71 -11.69
N GLY A 50 49.54 -19.83 -11.00
CA GLY A 50 48.54 -20.79 -11.44
C GLY A 50 47.12 -20.31 -11.24
N HIS A 51 46.83 -19.70 -10.09
CA HIS A 51 45.48 -19.23 -9.79
C HIS A 51 45.07 -18.08 -10.72
N THR A 52 45.94 -17.08 -10.86
CA THR A 52 45.63 -15.95 -11.73
C THR A 52 45.63 -16.35 -13.21
N LEU A 53 46.46 -17.33 -13.59
CA LEU A 53 46.46 -17.78 -14.98
C LEU A 53 45.19 -18.56 -15.32
N GLY A 54 44.75 -19.43 -14.41
CA GLY A 54 43.50 -20.15 -14.63
C GLY A 54 42.29 -19.23 -14.60
N ASN A 55 42.32 -18.22 -13.72
CA ASN A 55 41.21 -17.27 -13.66
C ASN A 55 41.15 -16.41 -14.91
N ALA A 56 42.31 -15.96 -15.42
CA ALA A 56 42.32 -15.17 -16.64
C ALA A 56 41.93 -15.99 -17.85
N LEU A 57 42.34 -17.27 -17.89
CA LEU A 57 41.97 -18.13 -19.00
C LEU A 57 40.48 -18.45 -18.98
N ARG A 58 39.90 -18.66 -17.79
CA ARG A 58 38.46 -18.88 -17.67
C ARG A 58 37.68 -17.62 -18.06
N ARG A 59 38.19 -16.44 -17.67
CA ARG A 59 37.53 -15.18 -18.00
C ARG A 59 37.55 -14.91 -19.50
N VAL A 60 38.67 -15.19 -20.16
CA VAL A 60 38.75 -14.97 -21.61
C VAL A 60 37.92 -16.02 -22.36
N LEU A 61 37.92 -17.27 -21.87
CA LEU A 61 37.15 -18.32 -22.54
C LEU A 61 35.65 -18.14 -22.37
N LEU A 62 35.22 -17.53 -21.27
CA LEU A 62 33.79 -17.31 -21.04
C LEU A 62 33.35 -15.89 -21.38
N SER A 63 34.27 -15.01 -21.77
CA SER A 63 33.91 -13.64 -22.10
C SER A 63 33.59 -13.48 -23.59
N SER A 64 34.56 -13.77 -24.46
CA SER A 64 34.38 -13.56 -25.90
C SER A 64 35.30 -14.51 -26.64
N ILE A 65 34.72 -15.56 -27.20
CA ILE A 65 35.41 -16.47 -28.12
C ILE A 65 34.62 -16.51 -29.41
N PRO A 66 35.22 -16.25 -30.56
CA PRO A 66 34.44 -16.17 -31.81
C PRO A 66 33.97 -17.54 -32.28
N GLY A 67 32.70 -17.60 -32.69
CA GLY A 67 32.11 -18.82 -33.19
C GLY A 67 31.04 -18.53 -34.23
N PHE A 68 30.20 -19.53 -34.53
CA PHE A 68 29.16 -19.40 -35.53
C PHE A 68 27.81 -19.74 -34.91
N ALA A 69 26.75 -19.15 -35.46
CA ALA A 69 25.39 -19.37 -34.98
C ALA A 69 24.43 -19.15 -36.14
N ILE A 70 23.14 -19.16 -35.83
CA ILE A 70 22.10 -18.96 -36.83
C ILE A 70 21.79 -17.47 -36.90
N THR A 71 21.12 -17.07 -37.98
CA THR A 71 20.80 -15.67 -38.24
C THR A 71 19.35 -15.68 -38.72
N GLU A 72 18.90 -14.60 -39.37
CA GLU A 72 17.53 -14.48 -39.85
C GLU A 72 17.21 -15.53 -40.92
N VAL A 73 16.10 -16.23 -40.72
CA VAL A 73 15.69 -17.35 -41.56
C VAL A 73 14.57 -16.88 -42.49
N GLU A 74 14.68 -17.24 -43.77
CA GLU A 74 13.65 -16.95 -44.77
C GLU A 74 12.87 -18.23 -45.04
N ILE A 75 11.65 -18.30 -44.52
CA ILE A 75 10.80 -19.48 -44.64
C ILE A 75 9.84 -19.28 -45.82
N ASP A 76 9.58 -20.36 -46.56
CA ASP A 76 8.83 -20.25 -47.81
C ASP A 76 7.34 -20.03 -47.56
N GLY A 77 6.68 -20.98 -46.90
CA GLY A 77 5.24 -20.96 -46.82
C GLY A 77 4.66 -20.44 -45.52
N VAL A 78 5.48 -19.75 -44.72
CA VAL A 78 5.05 -19.21 -43.43
C VAL A 78 5.25 -17.69 -43.46
N LEU A 79 4.19 -16.95 -43.15
CA LEU A 79 4.23 -15.50 -43.26
C LEU A 79 5.02 -14.87 -42.12
N HIS A 80 4.56 -15.06 -40.88
CA HIS A 80 5.25 -14.57 -39.70
C HIS A 80 5.29 -15.68 -38.66
N GLU A 81 5.88 -15.38 -37.50
CA GLU A 81 6.20 -16.39 -36.50
C GLU A 81 5.06 -16.68 -35.54
N TYR A 82 3.80 -16.44 -35.94
CA TYR A 82 2.66 -16.74 -35.08
C TYR A 82 1.51 -17.38 -35.85
N THR A 83 1.77 -17.94 -37.03
CA THR A 83 0.71 -18.52 -37.86
C THR A 83 0.52 -19.98 -37.51
N THR A 84 -0.29 -20.68 -38.32
CA THR A 84 -0.49 -22.12 -38.21
C THR A 84 -0.08 -22.77 -39.52
N VAL A 85 1.09 -23.40 -39.55
CA VAL A 85 1.59 -24.06 -40.75
C VAL A 85 1.02 -25.47 -40.81
N GLU A 86 0.57 -25.87 -42.00
CA GLU A 86 -0.03 -27.19 -42.17
C GLU A 86 1.05 -28.26 -42.26
N GLY A 87 0.76 -29.43 -41.69
CA GLY A 87 1.66 -30.56 -41.71
C GLY A 87 2.65 -30.59 -40.57
N LEU A 88 3.19 -29.44 -40.17
CA LEU A 88 4.14 -29.38 -39.08
C LEU A 88 3.39 -29.45 -37.75
N GLN A 89 3.99 -30.14 -36.79
CA GLN A 89 3.32 -30.47 -35.55
C GLN A 89 3.58 -29.42 -34.48
N GLU A 90 2.49 -28.89 -33.89
CA GLU A 90 2.37 -28.36 -32.54
C GLU A 90 3.09 -27.05 -32.25
N ASP A 91 3.87 -26.51 -33.19
CA ASP A 91 4.57 -25.25 -32.94
C ASP A 91 4.94 -24.58 -34.26
N VAL A 92 5.33 -23.31 -34.16
CA VAL A 92 5.96 -22.59 -35.26
C VAL A 92 7.24 -21.95 -34.76
N LEU A 93 7.12 -21.10 -33.72
CA LEU A 93 8.27 -20.35 -33.22
C LEU A 93 9.21 -21.22 -32.40
N ASP A 94 8.70 -22.31 -31.81
CA ASP A 94 9.57 -23.20 -31.05
C ASP A 94 10.48 -24.02 -31.96
N VAL A 95 10.13 -24.18 -33.25
CA VAL A 95 11.07 -24.72 -34.22
C VAL A 95 12.26 -23.77 -34.40
N LEU A 96 11.98 -22.47 -34.46
CA LEU A 96 13.04 -21.47 -34.53
C LEU A 96 13.84 -21.41 -33.24
N LEU A 97 13.21 -21.72 -32.10
CA LEU A 97 13.94 -21.74 -30.84
C LEU A 97 14.84 -22.97 -30.73
N ASN A 98 14.35 -24.12 -31.19
CA ASN A 98 15.13 -25.35 -31.17
C ASN A 98 16.19 -25.41 -32.26
N LEU A 99 16.06 -24.57 -33.30
CA LEU A 99 17.06 -24.52 -34.36
C LEU A 99 18.33 -23.79 -33.93
N LYS A 100 18.32 -23.10 -32.79
CA LYS A 100 19.50 -22.40 -32.29
C LYS A 100 20.52 -23.35 -31.67
N ASP A 101 20.12 -24.57 -31.32
CA ASP A 101 21.00 -25.51 -30.63
C ASP A 101 21.94 -26.25 -31.56
N VAL A 102 21.88 -26.00 -32.86
CA VAL A 102 22.77 -26.69 -33.79
C VAL A 102 24.17 -26.08 -33.72
N ALA A 103 25.15 -26.85 -34.19
CA ALA A 103 26.55 -26.43 -34.20
C ALA A 103 26.99 -26.20 -35.63
N ILE A 104 27.57 -25.02 -35.88
CA ILE A 104 28.02 -24.63 -37.22
C ILE A 104 29.53 -24.43 -37.16
N ARG A 105 30.26 -25.14 -38.02
CA ARG A 105 31.70 -24.97 -38.16
C ARG A 105 32.01 -24.66 -39.61
N MET A 106 32.66 -23.53 -39.85
CA MET A 106 33.00 -23.08 -41.19
C MET A 106 34.50 -22.87 -41.33
N HIS A 107 35.00 -23.05 -42.54
CA HIS A 107 36.41 -22.87 -42.86
C HIS A 107 36.55 -21.73 -43.85
N SER A 108 37.15 -20.62 -43.39
CA SER A 108 37.42 -19.42 -44.19
C SER A 108 36.14 -18.82 -44.79
N GLY A 109 35.17 -18.56 -43.92
CA GLY A 109 33.91 -17.98 -44.36
C GLY A 109 33.19 -17.32 -43.21
N ASP A 110 32.40 -16.30 -43.53
CA ASP A 110 31.62 -15.58 -42.54
C ASP A 110 30.16 -15.39 -42.93
N SER A 111 29.74 -15.88 -44.09
CA SER A 111 28.36 -15.76 -44.53
C SER A 111 28.05 -16.92 -45.46
N ALA A 112 27.07 -17.74 -45.08
CA ALA A 112 26.68 -18.88 -45.89
C ALA A 112 25.18 -19.11 -45.73
N THR A 113 24.54 -19.51 -46.83
CA THR A 113 23.11 -19.76 -46.86
C THR A 113 22.86 -21.25 -47.03
N LEU A 114 22.03 -21.82 -46.16
CA LEU A 114 21.66 -23.23 -46.21
C LEU A 114 20.16 -23.36 -46.35
N SER A 115 19.72 -24.52 -46.85
CA SER A 115 18.31 -24.78 -47.05
C SER A 115 18.08 -26.29 -46.95
N LEU A 116 17.01 -26.68 -46.28
CA LEU A 116 16.64 -28.07 -46.12
C LEU A 116 15.32 -28.36 -46.83
N SER A 117 15.10 -29.63 -47.12
CA SER A 117 13.89 -30.07 -47.82
C SER A 117 13.54 -31.48 -47.36
N LYS A 118 12.30 -31.65 -46.91
CA LYS A 118 11.82 -32.95 -46.48
C LYS A 118 10.33 -33.04 -46.77
N GLN A 119 9.87 -34.23 -47.17
CA GLN A 119 8.48 -34.45 -47.52
C GLN A 119 8.01 -35.78 -46.92
N GLY A 120 6.75 -35.80 -46.52
CA GLY A 120 6.16 -37.00 -45.96
C GLY A 120 6.22 -37.02 -44.44
N PRO A 121 5.75 -38.10 -43.84
CA PRO A 121 5.79 -38.23 -42.38
C PRO A 121 7.21 -38.54 -41.89
N GLY A 122 7.38 -38.43 -40.58
CA GLY A 122 8.66 -38.67 -39.95
C GLY A 122 9.23 -37.39 -39.34
N THR A 123 10.23 -37.58 -38.48
CA THR A 123 10.86 -36.45 -37.81
C THR A 123 11.83 -35.74 -38.76
N VAL A 124 12.23 -34.54 -38.35
CA VAL A 124 13.17 -33.72 -39.11
C VAL A 124 14.40 -33.52 -38.22
N THR A 125 15.53 -34.07 -38.64
CA THR A 125 16.77 -33.97 -37.89
C THR A 125 17.65 -32.87 -38.47
N ALA A 126 18.72 -32.56 -37.75
CA ALA A 126 19.67 -31.53 -38.19
C ALA A 126 20.57 -32.01 -39.32
N ALA A 127 20.77 -33.32 -39.45
CA ALA A 127 21.61 -33.87 -40.50
C ALA A 127 20.89 -34.00 -41.83
N ASP A 128 19.59 -33.70 -41.88
CA ASP A 128 18.81 -33.80 -43.10
C ASP A 128 18.85 -32.53 -43.95
N ILE A 129 19.69 -31.56 -43.57
CA ILE A 129 19.79 -30.32 -44.32
C ILE A 129 20.86 -30.47 -45.39
N ARG A 130 20.82 -29.57 -46.37
CA ARG A 130 21.79 -29.55 -47.46
C ARG A 130 22.88 -28.54 -47.10
N THR A 131 24.06 -29.06 -46.74
CA THR A 131 25.18 -28.23 -46.31
C THR A 131 26.12 -27.97 -47.47
N ASP A 132 27.11 -27.11 -47.21
CA ASP A 132 28.11 -26.75 -48.19
C ASP A 132 29.31 -27.68 -48.03
N HIS A 133 30.39 -27.42 -48.78
CA HIS A 133 31.60 -28.23 -48.65
C HIS A 133 32.35 -27.92 -47.37
N ASN A 134 32.47 -26.64 -47.02
CA ASN A 134 33.18 -26.24 -45.81
C ASN A 134 32.28 -26.24 -44.58
N VAL A 135 30.98 -26.03 -44.75
CA VAL A 135 30.05 -26.00 -43.64
C VAL A 135 29.74 -27.44 -43.23
N GLU A 136 30.07 -27.78 -41.97
CA GLU A 136 29.83 -29.11 -41.45
C GLU A 136 28.92 -29.02 -40.23
N ILE A 137 27.97 -29.95 -40.14
CA ILE A 137 27.00 -29.98 -39.06
C ILE A 137 27.46 -30.99 -38.01
N ILE A 138 27.70 -30.52 -36.80
CA ILE A 138 28.07 -31.37 -35.68
C ILE A 138 26.81 -31.72 -34.91
N ASN A 139 26.80 -32.94 -34.35
CA ASN A 139 25.67 -33.60 -33.66
C ASN A 139 24.34 -33.40 -34.37
N GLY A 140 24.29 -33.88 -35.61
CA GLY A 140 23.13 -33.73 -36.47
C GLY A 140 21.94 -34.58 -36.13
N ASP A 141 22.01 -35.40 -35.07
CA ASP A 141 20.89 -36.23 -34.64
C ASP A 141 19.92 -35.48 -33.72
N HIS A 142 20.10 -34.17 -33.55
CA HIS A 142 19.21 -33.39 -32.72
C HIS A 142 17.87 -33.17 -33.42
N VAL A 143 16.79 -33.28 -32.65
CA VAL A 143 15.45 -33.15 -33.21
C VAL A 143 15.14 -31.67 -33.44
N ILE A 144 14.33 -31.40 -34.47
CA ILE A 144 13.94 -30.04 -34.80
C ILE A 144 12.43 -29.91 -34.69
N CYS A 145 11.70 -30.70 -35.47
CA CYS A 145 10.25 -30.69 -35.48
C CYS A 145 9.75 -32.07 -35.92
N HIS A 146 8.46 -32.16 -36.18
CA HIS A 146 7.85 -33.40 -36.63
C HIS A 146 6.81 -33.10 -37.70
N LEU A 147 6.83 -33.88 -38.78
CA LEU A 147 5.90 -33.74 -39.88
C LEU A 147 4.90 -34.87 -39.83
N THR A 148 3.61 -34.53 -39.77
CA THR A 148 2.55 -35.54 -39.69
C THR A 148 1.72 -35.65 -40.96
N LYS A 149 1.93 -34.78 -41.94
CA LYS A 149 1.20 -34.82 -43.19
C LYS A 149 2.18 -34.73 -44.36
N ASP A 150 1.70 -35.10 -45.54
CA ASP A 150 2.50 -35.07 -46.76
C ASP A 150 2.58 -33.63 -47.26
N THR A 151 3.60 -32.92 -46.79
CA THR A 151 3.81 -31.52 -47.16
C THR A 151 5.29 -31.26 -47.34
N ALA A 152 5.59 -30.11 -47.94
CA ALA A 152 6.96 -29.69 -48.17
C ALA A 152 7.38 -28.65 -47.13
N LEU A 153 8.70 -28.48 -46.98
CA LEU A 153 9.25 -27.54 -46.02
C LEU A 153 10.60 -27.06 -46.52
N ASN A 154 10.72 -25.75 -46.73
CA ASN A 154 11.97 -25.15 -47.21
C ASN A 154 12.25 -23.91 -46.37
N MET A 155 13.25 -24.01 -45.49
CA MET A 155 13.63 -22.91 -44.61
C MET A 155 15.05 -22.48 -44.98
N ARG A 156 15.18 -21.33 -45.63
CA ARG A 156 16.47 -20.79 -46.02
C ARG A 156 17.00 -19.92 -44.89
N LEU A 157 18.12 -20.35 -44.29
CA LEU A 157 18.71 -19.67 -43.15
C LEU A 157 20.12 -19.20 -43.48
N LYS A 158 20.59 -18.22 -42.72
CA LYS A 158 21.91 -17.64 -42.89
C LYS A 158 22.76 -17.89 -41.64
N ILE A 159 24.08 -17.84 -41.81
CA ILE A 159 25.02 -18.06 -40.73
C ILE A 159 25.99 -16.88 -40.71
N GLU A 160 26.03 -16.17 -39.58
CA GLU A 160 26.96 -15.07 -39.37
C GLU A 160 27.84 -15.37 -38.17
N ARG A 161 28.97 -14.66 -38.09
CA ARG A 161 29.92 -14.83 -37.01
C ARG A 161 30.24 -13.49 -36.37
N GLY A 162 30.80 -13.54 -35.17
CA GLY A 162 31.15 -12.35 -34.44
C GLY A 162 31.79 -12.65 -33.10
N PHE A 163 31.57 -11.78 -32.12
CA PHE A 163 32.11 -11.97 -30.77
C PHE A 163 31.08 -11.54 -29.75
N GLY A 164 31.13 -12.18 -28.59
CA GLY A 164 30.21 -11.83 -27.51
C GLY A 164 28.82 -12.39 -27.76
N TYR A 165 27.82 -11.55 -27.58
CA TYR A 165 26.43 -11.95 -27.76
C TYR A 165 25.62 -10.73 -28.18
N GLN A 166 24.86 -10.87 -29.27
CA GLN A 166 24.06 -9.78 -29.80
C GLN A 166 22.60 -10.20 -29.87
N PRO A 167 21.68 -9.39 -29.37
CA PRO A 167 20.25 -9.73 -29.46
C PRO A 167 19.70 -9.39 -30.85
N ALA A 168 18.39 -9.58 -31.01
CA ALA A 168 17.75 -9.37 -32.30
C ALA A 168 17.54 -7.89 -32.60
N ALA A 169 17.29 -7.07 -31.57
CA ALA A 169 17.00 -5.66 -31.80
C ALA A 169 18.26 -4.84 -32.05
N ALA A 170 19.41 -5.28 -31.52
CA ALA A 170 20.63 -4.50 -31.68
C ALA A 170 21.27 -4.67 -33.05
N ARG A 171 21.01 -5.78 -33.72
CA ARG A 171 21.61 -6.01 -35.03
C ARG A 171 20.88 -5.23 -36.12
N ARG A 172 19.55 -5.30 -36.13
CA ARG A 172 18.75 -4.57 -37.10
C ARG A 172 18.17 -3.29 -36.51
N ARG A 179 13.48 -5.32 -44.73
CA ARG A 179 12.24 -4.68 -45.17
C ARG A 179 11.25 -5.71 -45.68
N THR A 180 11.75 -6.92 -45.97
CA THR A 180 10.92 -7.99 -46.46
C THR A 180 10.10 -8.58 -45.31
N ILE A 181 8.78 -8.67 -45.51
CA ILE A 181 7.90 -9.19 -44.48
C ILE A 181 8.01 -10.70 -44.34
N GLY A 182 8.55 -11.39 -45.33
CA GLY A 182 8.72 -12.83 -45.26
C GLY A 182 9.94 -13.29 -44.48
N ARG A 183 10.80 -12.36 -44.07
CA ARG A 183 12.00 -12.69 -43.31
C ARG A 183 11.77 -12.39 -41.84
N LEU A 184 12.10 -13.36 -40.99
CA LEU A 184 11.93 -13.23 -39.55
C LEU A 184 13.29 -13.12 -38.86
N MET A 185 13.36 -12.27 -37.85
CA MET A 185 14.59 -12.09 -37.09
C MET A 185 14.70 -13.14 -35.99
N LEU A 186 15.93 -13.37 -35.55
CA LEU A 186 16.20 -14.36 -34.52
C LEU A 186 17.46 -13.94 -33.77
N ASP A 187 17.47 -14.17 -32.46
CA ASP A 187 18.61 -13.78 -31.63
C ASP A 187 19.79 -14.72 -31.88
N ALA A 188 20.98 -14.13 -31.98
CA ALA A 188 22.20 -14.86 -32.23
C ALA A 188 22.98 -14.97 -30.91
N SER A 189 23.03 -16.17 -30.35
CA SER A 189 23.74 -16.44 -29.10
C SER A 189 24.73 -17.58 -29.36
N PHE A 190 25.92 -17.22 -29.83
CA PHE A 190 26.96 -18.21 -30.09
C PHE A 190 27.87 -18.35 -28.89
N SER A 191 28.18 -19.60 -28.54
CA SER A 191 29.07 -19.90 -27.43
C SER A 191 29.69 -21.26 -27.72
N PRO A 192 30.92 -21.30 -28.21
CA PRO A 192 31.55 -22.60 -28.50
C PRO A 192 31.91 -23.40 -27.27
N VAL A 193 32.00 -22.77 -26.10
CA VAL A 193 32.20 -23.48 -24.84
C VAL A 193 31.04 -23.16 -23.91
N ARG A 194 30.71 -24.12 -23.06
CA ARG A 194 29.61 -23.99 -22.12
C ARG A 194 30.09 -23.64 -20.71
N ARG A 195 30.97 -24.45 -20.15
CA ARG A 195 31.50 -24.23 -18.81
C ARG A 195 32.99 -24.56 -18.80
N VAL A 196 33.75 -23.74 -18.09
CA VAL A 196 35.19 -23.91 -17.95
C VAL A 196 35.53 -23.91 -16.46
N ALA A 197 36.10 -25.01 -15.98
CA ALA A 197 36.50 -25.13 -14.59
C ALA A 197 37.97 -25.52 -14.51
N TYR A 198 38.61 -25.15 -13.39
CA TYR A 198 40.02 -25.43 -13.20
C TYR A 198 40.31 -25.59 -11.72
N ALA A 199 41.35 -26.36 -11.41
CA ALA A 199 41.78 -26.58 -10.04
C ALA A 199 43.27 -26.90 -10.04
N VAL A 200 43.99 -26.31 -9.09
CA VAL A 200 45.43 -26.50 -8.99
C VAL A 200 45.73 -27.70 -8.10
N GLU A 201 46.95 -28.21 -8.23
CA GLU A 201 47.42 -29.30 -7.39
C GLU A 201 48.92 -29.17 -7.22
N ALA A 202 49.50 -30.10 -6.46
CA ALA A 202 50.93 -30.09 -6.17
C ALA A 202 51.66 -31.00 -7.15
N ALA A 203 52.73 -30.48 -7.75
CA ALA A 203 53.55 -31.24 -8.67
C ALA A 203 54.68 -31.93 -7.89
N ARG A 204 55.64 -32.51 -8.61
CA ARG A 204 56.76 -33.22 -7.97
C ARG A 204 58.01 -32.99 -8.81
N VAL A 205 58.80 -31.98 -8.43
CA VAL A 205 60.10 -31.70 -9.02
C VAL A 205 61.14 -31.82 -7.91
N GLU A 206 62.26 -32.46 -8.23
CA GLU A 206 63.25 -32.80 -7.22
C GLU A 206 64.03 -31.57 -6.74
N GLN A 207 64.46 -30.72 -7.67
CA GLN A 207 65.32 -29.59 -7.33
C GLN A 207 64.51 -28.33 -7.00
N ARG A 208 63.53 -28.48 -6.12
CA ARG A 208 62.67 -27.40 -5.65
C ARG A 208 61.94 -27.91 -4.41
N THR A 209 60.95 -27.15 -3.95
CA THR A 209 60.12 -27.56 -2.83
C THR A 209 58.66 -27.76 -3.18
N ASP A 210 58.09 -26.93 -4.06
CA ASP A 210 56.71 -27.09 -4.50
C ASP A 210 56.54 -26.41 -5.85
N LEU A 211 55.78 -27.04 -6.74
CA LEU A 211 55.41 -26.47 -8.02
C LEU A 211 53.91 -26.56 -8.19
N ASP A 212 53.33 -25.55 -8.83
CA ASP A 212 51.88 -25.46 -9.02
C ASP A 212 51.51 -26.12 -10.34
N LYS A 213 50.92 -27.30 -10.26
CA LYS A 213 50.37 -28.01 -11.40
C LYS A 213 48.86 -27.82 -11.41
N LEU A 214 48.30 -27.56 -12.60
CA LEU A 214 46.88 -27.28 -12.72
C LEU A 214 46.33 -27.93 -13.98
N VAL A 215 45.04 -28.27 -13.92
CA VAL A 215 44.29 -28.77 -15.07
C VAL A 215 43.10 -27.85 -15.28
N ILE A 216 42.61 -27.82 -16.52
CA ILE A 216 41.49 -26.96 -16.91
C ILE A 216 40.46 -27.83 -17.61
N ASP A 217 39.27 -27.94 -17.02
CA ASP A 217 38.17 -28.68 -17.63
C ASP A 217 37.49 -27.76 -18.64
N ILE A 218 37.41 -28.20 -19.89
CA ILE A 218 36.77 -27.45 -20.96
C ILE A 218 35.72 -28.32 -21.60
N GLU A 219 34.47 -27.88 -21.55
CA GLU A 219 33.36 -28.58 -22.18
C GLU A 219 32.88 -27.72 -23.35
N THR A 220 33.23 -28.13 -24.56
CA THR A 220 32.83 -27.44 -25.77
C THR A 220 31.56 -28.06 -26.35
N ASN A 221 30.83 -27.27 -27.12
CA ASN A 221 29.60 -27.74 -27.77
C ASN A 221 29.87 -28.22 -29.19
N GLY A 222 30.87 -29.09 -29.34
CA GLY A 222 31.21 -29.69 -30.62
C GLY A 222 31.71 -28.74 -31.68
N THR A 223 32.09 -27.51 -31.33
CA THR A 223 32.45 -26.50 -32.33
C THR A 223 33.95 -26.47 -32.58
N ILE A 224 34.74 -26.23 -31.52
CA ILE A 224 36.18 -26.08 -31.65
C ILE A 224 36.85 -27.01 -30.64
N ASP A 225 38.09 -27.38 -30.92
CA ASP A 225 38.84 -28.22 -30.00
C ASP A 225 39.27 -27.41 -28.79
N ALA A 226 39.53 -28.12 -27.68
CA ALA A 226 39.89 -27.44 -26.43
C ALA A 226 41.27 -26.82 -26.50
N GLU A 227 42.21 -27.48 -27.19
CA GLU A 227 43.56 -26.95 -27.32
C GLU A 227 43.59 -25.73 -28.23
N GLU A 228 42.80 -25.75 -29.31
CA GLU A 228 42.68 -24.58 -30.17
C GLU A 228 41.93 -23.45 -29.47
N ALA A 229 40.99 -23.79 -28.58
CA ALA A 229 40.33 -22.76 -27.78
C ALA A 229 41.30 -22.11 -26.79
N VAL A 230 42.19 -22.91 -26.20
CA VAL A 230 43.23 -22.40 -25.31
C VAL A 230 44.19 -21.50 -26.09
N ARG A 231 44.54 -21.92 -27.31
CA ARG A 231 45.44 -21.13 -28.16
C ARG A 231 44.82 -19.79 -28.56
N THR A 232 43.54 -19.80 -28.94
CA THR A 232 42.87 -18.55 -29.31
C THR A 232 42.67 -17.64 -28.11
N ALA A 233 42.39 -18.21 -26.94
CA ALA A 233 42.26 -17.42 -25.71
C ALA A 233 43.58 -16.80 -25.31
N ALA A 234 44.68 -17.56 -25.45
CA ALA A 234 46.00 -17.03 -25.13
C ALA A 234 46.42 -15.96 -26.12
N ASP A 235 46.04 -16.11 -27.40
CA ASP A 235 46.34 -15.08 -28.38
C ASP A 235 45.54 -13.80 -28.12
N ILE A 236 44.28 -13.95 -27.71
CA ILE A 236 43.44 -12.79 -27.38
C ILE A 236 44.00 -12.07 -26.16
N LEU A 237 44.42 -12.83 -25.14
CA LEU A 237 45.01 -12.20 -23.95
C LEU A 237 46.38 -11.60 -24.23
N SER A 238 47.13 -12.17 -25.17
CA SER A 238 48.44 -11.62 -25.52
C SER A 238 48.28 -10.31 -26.29
N ASP A 239 47.31 -10.23 -27.20
CA ASP A 239 47.03 -8.97 -27.86
C ASP A 239 46.36 -7.96 -26.93
N GLN A 240 45.69 -8.42 -25.86
CA GLN A 240 45.13 -7.50 -24.90
C GLN A 240 46.17 -6.97 -23.93
N LEU A 241 47.24 -7.73 -23.68
CA LEU A 241 48.31 -7.31 -22.79
C LEU A 241 49.37 -6.47 -23.50
N SER A 242 49.14 -6.09 -24.76
CA SER A 242 50.09 -5.29 -25.52
C SER A 242 49.83 -3.79 -25.41
N VAL A 243 49.02 -3.36 -24.44
CA VAL A 243 48.72 -1.94 -24.29
C VAL A 243 49.80 -1.23 -23.48
N PHE A 244 50.63 -1.96 -22.74
CA PHE A 244 51.68 -1.37 -21.93
C PHE A 244 53.04 -1.41 -22.62
N GLY A 245 53.42 -2.55 -23.17
CA GLY A 245 54.69 -2.69 -23.86
C GLY A 245 54.71 -2.05 -25.23
N LEU B 23 39.48 -4.99 -29.16
CA LEU B 23 39.53 -3.53 -29.07
C LEU B 23 40.64 -3.08 -28.14
N ARG B 24 41.81 -2.79 -28.70
CA ARG B 24 42.94 -2.34 -27.90
C ARG B 24 42.78 -0.87 -27.55
N PRO B 25 42.89 -0.49 -26.28
CA PRO B 25 42.72 0.91 -25.90
C PRO B 25 44.02 1.71 -26.02
N ARG B 26 43.98 2.98 -25.65
CA ARG B 26 45.15 3.84 -25.65
C ARG B 26 45.59 4.13 -24.22
N GLY B 27 46.86 3.87 -23.92
CA GLY B 27 47.38 4.08 -22.59
C GLY B 27 48.86 3.80 -22.49
N PRO B 28 49.40 3.83 -21.26
CA PRO B 28 48.70 4.16 -20.02
C PRO B 28 48.83 5.64 -19.61
N GLN B 29 47.71 6.25 -19.26
CA GLN B 29 47.71 7.62 -18.77
C GLN B 29 48.13 7.62 -17.30
N ILE B 30 49.24 8.28 -16.99
CA ILE B 30 49.84 8.24 -15.66
C ILE B 30 49.66 9.60 -15.00
N GLU B 31 49.23 9.60 -13.75
CA GLU B 31 49.07 10.81 -12.95
C GLU B 31 49.92 10.65 -11.69
N ARG B 32 51.10 11.26 -11.69
CA ARG B 32 52.04 11.17 -10.57
C ARG B 32 51.88 12.43 -9.71
N LEU B 33 51.09 12.31 -8.65
CA LEU B 33 50.83 13.44 -7.76
C LEU B 33 51.85 13.54 -6.63
N THR B 34 52.37 12.43 -6.16
CA THR B 34 53.34 12.40 -5.08
C THR B 34 54.71 11.98 -5.62
N ASP B 35 55.66 11.83 -4.69
CA ASP B 35 57.01 11.45 -5.09
C ASP B 35 57.13 9.95 -5.37
N ASN B 36 56.32 9.12 -4.71
CA ASN B 36 56.39 7.68 -4.90
C ASN B 36 55.00 7.05 -5.01
N ARG B 37 54.03 7.79 -5.55
CA ARG B 37 52.67 7.29 -5.73
C ARG B 37 52.15 7.74 -7.09
N ALA B 38 51.54 6.82 -7.82
CA ALA B 38 50.99 7.11 -9.13
C ALA B 38 49.57 6.56 -9.22
N LYS B 39 48.81 7.07 -10.20
CA LYS B 39 47.43 6.67 -10.45
C LYS B 39 47.30 6.39 -11.94
N VAL B 40 47.53 5.15 -12.32
CA VAL B 40 47.48 4.75 -13.74
C VAL B 40 46.03 4.63 -14.17
N VAL B 41 45.64 5.41 -15.17
CA VAL B 41 44.29 5.40 -15.71
C VAL B 41 44.34 4.83 -17.13
N ILE B 42 43.53 3.81 -17.37
CA ILE B 42 43.50 3.11 -18.66
C ILE B 42 42.20 3.47 -19.37
N GLU B 43 42.29 3.63 -20.69
CA GLU B 43 41.11 3.88 -21.52
C GLU B 43 40.17 2.67 -21.45
N PRO B 44 38.86 2.88 -21.60
CA PRO B 44 37.90 1.78 -21.39
C PRO B 44 38.00 0.67 -22.42
N LEU B 45 37.72 -0.54 -21.97
CA LEU B 45 37.80 -1.77 -22.75
C LEU B 45 36.43 -2.41 -22.83
N GLU B 46 36.38 -3.63 -23.35
CA GLU B 46 35.14 -4.39 -23.39
C GLU B 46 34.74 -4.82 -21.98
N ARG B 47 33.46 -5.16 -21.83
CA ARG B 47 32.89 -5.52 -20.53
C ARG B 47 33.38 -6.91 -20.13
N GLY B 48 34.34 -6.95 -19.20
CA GLY B 48 34.86 -8.21 -18.73
C GLY B 48 36.37 -8.22 -18.61
N TYR B 49 37.06 -7.48 -19.49
CA TYR B 49 38.51 -7.46 -19.47
C TYR B 49 39.08 -6.50 -18.44
N GLY B 50 38.36 -5.41 -18.17
CA GLY B 50 38.86 -4.38 -17.26
C GLY B 50 38.93 -4.82 -15.81
N HIS B 51 38.20 -5.87 -15.43
CA HIS B 51 38.30 -6.41 -14.09
C HIS B 51 39.39 -7.45 -13.96
N THR B 52 39.49 -8.38 -14.93
CA THR B 52 40.50 -9.41 -14.87
C THR B 52 41.90 -8.87 -15.14
N LEU B 53 42.03 -7.75 -15.86
CA LEU B 53 43.34 -7.12 -16.03
C LEU B 53 43.88 -6.61 -14.71
N GLY B 54 43.06 -5.89 -13.94
CA GLY B 54 43.46 -5.44 -12.62
C GLY B 54 43.65 -6.58 -11.64
N ASN B 55 42.81 -7.63 -11.75
CA ASN B 55 42.95 -8.78 -10.85
C ASN B 55 44.22 -9.57 -11.10
N ALA B 56 44.66 -9.66 -12.36
CA ALA B 56 45.93 -10.29 -12.65
C ALA B 56 47.10 -9.39 -12.31
N LEU B 57 46.94 -8.07 -12.50
CA LEU B 57 48.03 -7.14 -12.25
C LEU B 57 48.33 -7.01 -10.75
N ARG B 58 47.28 -7.01 -9.91
CA ARG B 58 47.49 -6.86 -8.47
C ARG B 58 48.13 -8.08 -7.84
N ARG B 59 48.11 -9.23 -8.52
CA ARG B 59 48.83 -10.41 -8.06
C ARG B 59 50.22 -10.54 -8.68
N VAL B 60 50.38 -10.17 -9.95
CA VAL B 60 51.69 -10.30 -10.58
C VAL B 60 52.61 -9.17 -10.14
N LEU B 61 52.08 -8.07 -9.59
CA LEU B 61 52.93 -7.01 -9.08
C LEU B 61 53.52 -7.33 -7.71
N LEU B 62 53.05 -8.38 -7.04
CA LEU B 62 53.55 -8.77 -5.73
C LEU B 62 54.18 -10.15 -5.70
N SER B 63 53.65 -11.10 -6.47
CA SER B 63 54.16 -12.47 -6.42
C SER B 63 55.21 -12.75 -7.48
N SER B 64 55.61 -11.76 -8.27
CA SER B 64 56.56 -12.00 -9.36
C SER B 64 57.72 -11.02 -9.34
N ILE B 65 57.49 -9.79 -8.88
CA ILE B 65 58.49 -8.73 -8.91
C ILE B 65 59.53 -8.99 -7.82
N PRO B 66 60.80 -9.15 -8.18
CA PRO B 66 61.83 -9.40 -7.16
C PRO B 66 62.35 -8.10 -6.57
N GLY B 67 63.05 -8.24 -5.45
CA GLY B 67 63.61 -7.09 -4.78
C GLY B 67 64.59 -7.50 -3.71
N PHE B 68 64.95 -6.53 -2.87
CA PHE B 68 65.90 -6.73 -1.78
C PHE B 68 65.32 -6.17 -0.50
N ALA B 69 65.55 -6.89 0.61
CA ALA B 69 65.06 -6.46 1.91
C ALA B 69 65.95 -7.06 3.00
N ILE B 70 65.94 -6.41 4.16
CA ILE B 70 66.72 -6.84 5.31
C ILE B 70 65.89 -7.80 6.14
N THR B 71 66.43 -8.99 6.39
CA THR B 71 65.74 -10.01 7.15
C THR B 71 66.45 -10.45 8.42
N GLU B 72 67.76 -10.27 8.52
CA GLU B 72 68.54 -10.70 9.68
C GLU B 72 69.19 -9.47 10.32
N VAL B 73 68.88 -9.24 11.60
CA VAL B 73 69.40 -8.10 12.34
C VAL B 73 70.10 -8.65 13.59
N GLU B 74 71.36 -8.24 13.79
CA GLU B 74 72.15 -8.67 14.93
C GLU B 74 72.57 -7.43 15.72
N ILE B 75 71.90 -7.18 16.83
CA ILE B 75 72.18 -6.05 17.71
C ILE B 75 73.11 -6.53 18.82
N ASP B 76 74.23 -5.81 19.01
CA ASP B 76 75.18 -6.19 20.06
C ASP B 76 74.67 -5.87 21.45
N GLY B 77 73.68 -4.98 21.58
CA GLY B 77 73.11 -4.65 22.87
C GLY B 77 72.20 -5.73 23.40
N VAL B 78 71.12 -6.00 22.68
CA VAL B 78 70.18 -7.06 23.06
C VAL B 78 70.73 -8.38 22.53
N LEU B 79 71.16 -9.25 23.45
CA LEU B 79 71.77 -10.51 23.04
C LEU B 79 70.73 -11.52 22.60
N HIS B 80 69.81 -11.90 23.50
CA HIS B 80 68.81 -12.91 23.21
C HIS B 80 67.39 -12.35 23.22
N GLU B 81 66.99 -11.69 24.30
CA GLU B 81 65.63 -11.19 24.41
C GLU B 81 65.47 -9.89 23.63
N TYR B 82 64.24 -9.67 23.15
CA TYR B 82 63.90 -8.45 22.42
C TYR B 82 63.10 -7.47 23.28
N THR B 83 63.03 -7.71 24.58
CA THR B 83 62.30 -6.86 25.51
C THR B 83 63.20 -6.00 26.39
N THR B 84 64.32 -6.54 26.86
CA THR B 84 65.26 -5.81 27.70
C THR B 84 66.27 -5.09 26.81
N VAL B 85 66.30 -3.76 26.90
CA VAL B 85 67.23 -2.95 26.12
C VAL B 85 67.54 -1.68 26.90
N GLU B 86 68.70 -1.10 26.62
CA GLU B 86 69.13 0.13 27.27
C GLU B 86 70.11 0.85 26.36
N GLY B 87 70.43 2.09 26.72
CA GLY B 87 71.36 2.90 25.97
C GLY B 87 70.80 3.58 24.74
N LEU B 88 69.48 3.63 24.60
CA LEU B 88 68.84 4.28 23.46
C LEU B 88 67.56 4.95 23.94
N GLN B 89 66.85 5.58 23.00
CA GLN B 89 65.59 6.23 23.33
C GLN B 89 64.48 5.21 23.53
N GLU B 90 64.25 4.36 22.53
CA GLU B 90 63.27 3.30 22.59
C GLU B 90 63.98 1.95 22.68
N ASP B 91 63.19 0.89 22.81
CA ASP B 91 63.74 -0.45 22.92
C ASP B 91 64.04 -1.01 21.53
N VAL B 92 64.54 -2.25 21.49
CA VAL B 92 65.04 -2.82 20.24
C VAL B 92 63.93 -3.21 19.27
N LEU B 93 62.71 -3.43 19.77
CA LEU B 93 61.61 -3.77 18.87
C LEU B 93 61.19 -2.56 18.04
N ASP B 94 61.32 -1.35 18.59
CA ASP B 94 61.06 -0.14 17.81
C ASP B 94 62.14 0.07 16.76
N VAL B 95 63.39 -0.30 17.08
CA VAL B 95 64.47 -0.25 16.11
C VAL B 95 64.22 -1.24 14.97
N LEU B 96 63.74 -2.45 15.30
CA LEU B 96 63.43 -3.43 14.28
C LEU B 96 62.25 -3.00 13.41
N LEU B 97 61.24 -2.39 14.04
CA LEU B 97 60.06 -1.92 13.30
C LEU B 97 60.40 -0.73 12.41
N ASN B 98 61.36 0.11 12.81
CA ASN B 98 61.79 1.20 11.96
C ASN B 98 62.77 0.75 10.88
N LEU B 99 63.51 -0.33 11.13
CA LEU B 99 64.49 -0.82 10.16
C LEU B 99 63.89 -1.75 9.12
N LYS B 100 62.76 -2.39 9.42
CA LYS B 100 62.15 -3.34 8.49
C LYS B 100 61.29 -2.67 7.41
N ASP B 101 61.36 -1.35 7.25
CA ASP B 101 60.56 -0.64 6.25
C ASP B 101 61.40 0.14 5.24
N VAL B 102 62.72 0.17 5.38
CA VAL B 102 63.56 0.93 4.47
C VAL B 102 63.78 0.15 3.18
N ALA B 103 63.77 0.84 2.05
CA ALA B 103 63.96 0.23 0.75
C ALA B 103 65.45 0.19 0.40
N ILE B 104 65.89 -0.93 -0.18
CA ILE B 104 67.28 -1.13 -0.57
C ILE B 104 67.29 -1.63 -2.01
N ARG B 105 67.96 -0.89 -2.89
CA ARG B 105 68.19 -1.30 -4.27
C ARG B 105 69.62 -1.81 -4.38
N MET B 106 69.78 -3.05 -4.86
CA MET B 106 71.07 -3.68 -4.94
C MET B 106 71.38 -4.06 -6.38
N HIS B 107 72.65 -4.39 -6.62
CA HIS B 107 73.13 -4.82 -7.92
C HIS B 107 72.95 -6.32 -8.06
N SER B 108 73.60 -6.94 -9.05
CA SER B 108 73.44 -8.36 -9.36
C SER B 108 74.05 -9.31 -8.32
N GLY B 109 74.67 -8.79 -7.25
CA GLY B 109 75.13 -9.66 -6.19
C GLY B 109 73.97 -10.27 -5.42
N ASP B 110 74.17 -11.50 -4.96
CA ASP B 110 73.08 -12.25 -4.33
C ASP B 110 72.84 -11.78 -2.89
N SER B 111 73.84 -11.91 -2.03
CA SER B 111 73.69 -11.57 -0.62
C SER B 111 74.97 -10.90 -0.12
N ALA B 112 74.81 -10.02 0.86
CA ALA B 112 75.94 -9.32 1.46
C ALA B 112 75.60 -8.99 2.90
N THR B 113 76.65 -8.76 3.69
CA THR B 113 76.51 -8.41 5.10
C THR B 113 76.89 -6.95 5.30
N LEU B 114 76.01 -6.19 5.94
CA LEU B 114 76.21 -4.78 6.19
C LEU B 114 76.27 -4.51 7.69
N SER B 115 77.05 -3.51 8.07
CA SER B 115 77.21 -3.11 9.45
C SER B 115 77.17 -1.59 9.56
N LEU B 116 77.16 -1.10 10.80
CA LEU B 116 77.15 0.32 11.06
C LEU B 116 77.77 0.57 12.43
N SER B 117 78.24 1.81 12.63
CA SER B 117 78.85 2.21 13.90
C SER B 117 78.68 3.71 14.04
N LYS B 118 77.82 4.13 14.97
CA LYS B 118 77.54 5.54 15.23
C LYS B 118 77.85 5.86 16.68
N GLN B 119 78.67 6.87 16.91
CA GLN B 119 79.04 7.29 18.25
C GLN B 119 78.79 8.78 18.46
N VAL B 124 69.80 7.64 14.97
CA VAL B 124 70.74 7.51 13.87
C VAL B 124 69.98 7.52 12.53
N THR B 125 70.48 8.32 11.59
CA THR B 125 69.88 8.39 10.27
C THR B 125 70.31 7.19 9.42
N ALA B 126 69.40 6.73 8.57
CA ALA B 126 69.69 5.60 7.68
C ALA B 126 70.73 5.95 6.62
N ALA B 127 70.89 7.23 6.30
CA ALA B 127 71.95 7.65 5.38
C ALA B 127 73.33 7.69 6.04
N ASP B 128 73.40 7.56 7.36
CA ASP B 128 74.66 7.53 8.08
C ASP B 128 75.26 6.13 8.17
N ILE B 129 74.70 5.16 7.44
CA ILE B 129 75.26 3.82 7.43
C ILE B 129 76.54 3.79 6.59
N ARG B 130 77.35 2.76 6.80
CA ARG B 130 78.56 2.57 6.02
C ARG B 130 78.21 2.22 4.58
N THR B 131 78.59 3.09 3.65
CA THR B 131 78.23 2.91 2.25
C THR B 131 79.07 1.81 1.61
N ASP B 132 78.63 1.36 0.44
CA ASP B 132 79.32 0.32 -0.29
C ASP B 132 79.02 0.48 -1.77
N HIS B 133 79.91 -0.05 -2.60
CA HIS B 133 79.76 0.04 -4.05
C HIS B 133 78.70 -0.91 -4.59
N ASN B 134 78.31 -1.92 -3.81
CA ASN B 134 77.35 -2.92 -4.27
C ASN B 134 75.93 -2.68 -3.75
N VAL B 135 75.79 -2.05 -2.59
CA VAL B 135 74.49 -1.84 -1.95
C VAL B 135 74.31 -0.35 -1.74
N GLU B 136 73.21 0.19 -2.26
CA GLU B 136 72.86 1.59 -2.08
C GLU B 136 71.43 1.70 -1.55
N ILE B 137 71.17 2.76 -0.80
CA ILE B 137 69.86 3.04 -0.22
C ILE B 137 69.24 4.21 -0.96
N ILE B 138 67.95 4.09 -1.28
CA ILE B 138 67.28 5.13 -2.07
C ILE B 138 67.01 6.36 -1.22
N ASN B 139 66.38 6.18 -0.06
CA ASN B 139 66.02 7.30 0.79
C ASN B 139 67.11 7.58 1.82
N GLY B 140 67.22 8.85 2.21
CA GLY B 140 68.18 9.25 3.23
C GLY B 140 67.55 10.12 4.29
N ASP B 141 66.25 10.33 4.20
CA ASP B 141 65.52 11.17 5.15
C ASP B 141 64.89 10.35 6.27
N HIS B 142 64.52 9.11 6.00
CA HIS B 142 63.86 8.26 6.99
C HIS B 142 64.86 7.83 8.06
N VAL B 143 64.60 8.21 9.31
CA VAL B 143 65.46 7.86 10.43
C VAL B 143 64.88 6.65 11.14
N ILE B 144 65.70 6.01 11.97
CA ILE B 144 65.28 4.83 12.70
C ILE B 144 65.44 4.96 14.21
N CYS B 145 66.38 5.76 14.71
CA CYS B 145 66.62 5.87 16.15
C CYS B 145 66.95 7.32 16.48
N HIS B 146 67.19 7.56 17.77
CA HIS B 146 67.70 8.84 18.25
C HIS B 146 68.77 8.55 19.30
N LEU B 147 69.86 9.31 19.24
CA LEU B 147 70.98 9.08 20.15
C LEU B 147 70.63 9.56 21.56
N THR B 148 71.20 8.89 22.55
CA THR B 148 70.93 9.17 23.95
C THR B 148 72.25 9.18 24.71
N LYS B 149 72.63 10.36 25.22
CA LYS B 149 73.83 10.57 26.04
C LYS B 149 75.12 10.18 25.32
N ASP B 150 75.12 10.33 24.00
CA ASP B 150 76.28 10.08 23.11
C ASP B 150 76.80 8.64 23.26
N THR B 151 75.89 7.69 23.39
CA THR B 151 76.24 6.29 23.56
C THR B 151 76.49 5.65 22.20
N ALA B 152 77.64 4.98 22.05
CA ALA B 152 77.99 4.32 20.81
C ALA B 152 77.19 3.04 20.65
N LEU B 153 76.59 2.86 19.48
CA LEU B 153 75.80 1.68 19.17
C LEU B 153 76.19 1.14 17.81
N ASN B 154 76.11 -0.18 17.67
CA ASN B 154 76.44 -0.86 16.42
C ASN B 154 75.31 -1.82 16.05
N MET B 155 75.33 -2.26 14.80
CA MET B 155 74.33 -3.19 14.30
C MET B 155 74.91 -3.97 13.14
N ARG B 156 74.39 -5.18 12.93
CA ARG B 156 74.80 -6.05 11.84
C ARG B 156 73.57 -6.45 11.05
N LEU B 157 73.55 -6.13 9.75
CA LEU B 157 72.41 -6.38 8.88
C LEU B 157 72.77 -7.40 7.82
N LYS B 158 71.73 -7.96 7.20
CA LYS B 158 71.89 -8.94 6.13
C LYS B 158 70.76 -8.76 5.14
N ILE B 159 71.10 -8.72 3.85
CA ILE B 159 70.14 -8.50 2.78
C ILE B 159 70.07 -9.75 1.92
N GLU B 160 68.85 -10.25 1.71
CA GLU B 160 68.61 -11.46 0.93
C GLU B 160 67.64 -11.15 -0.20
N ARG B 161 67.88 -11.73 -1.37
CA ARG B 161 67.05 -11.48 -2.55
C ARG B 161 65.93 -12.50 -2.60
N GLY B 162 64.69 -12.03 -2.50
CA GLY B 162 63.54 -12.90 -2.53
C GLY B 162 62.53 -12.56 -3.60
N PHE B 163 61.30 -13.08 -3.47
CA PHE B 163 60.26 -12.84 -4.45
C PHE B 163 58.91 -12.42 -3.88
N GLY B 164 58.63 -12.69 -2.61
CA GLY B 164 57.34 -12.35 -2.04
C GLY B 164 57.40 -11.82 -0.63
N TYR B 165 56.60 -12.39 0.27
CA TYR B 165 56.57 -12.00 1.67
C TYR B 165 56.85 -13.23 2.52
N GLN B 166 57.92 -13.17 3.30
CA GLN B 166 58.34 -14.30 4.13
C GLN B 166 58.16 -13.96 5.60
N PRO B 167 57.42 -14.76 6.36
CA PRO B 167 57.26 -14.51 7.79
C PRO B 167 58.46 -15.04 8.58
N ALA B 168 58.37 -14.93 9.90
CA ALA B 168 59.43 -15.40 10.77
C ALA B 168 59.43 -16.92 10.88
N LEU B 184 65.98 -11.13 16.58
CA LEU B 184 67.02 -11.31 15.57
C LEU B 184 66.40 -11.79 14.25
N MET B 185 65.18 -12.27 14.32
CA MET B 185 64.44 -12.75 13.16
C MET B 185 63.30 -11.79 12.87
N LEU B 186 63.27 -11.26 11.65
CA LEU B 186 62.26 -10.28 11.26
C LEU B 186 61.53 -10.72 10.00
N ASP B 187 60.68 -9.85 9.47
CA ASP B 187 59.98 -10.08 8.21
C ASP B 187 60.58 -9.21 7.12
N ALA B 188 60.67 -9.75 5.91
CA ALA B 188 61.28 -9.09 4.78
C ALA B 188 60.27 -9.02 3.64
N SER B 189 59.86 -7.82 3.28
CA SER B 189 58.94 -7.59 2.16
C SER B 189 59.78 -7.42 0.90
N PHE B 190 59.92 -8.49 0.13
CA PHE B 190 60.73 -8.45 -1.09
C PHE B 190 60.03 -7.76 -2.25
N SER B 191 58.74 -7.45 -2.12
CA SER B 191 58.03 -6.75 -3.19
C SER B 191 58.44 -5.29 -3.21
N PRO B 192 58.73 -4.72 -4.39
CA PRO B 192 59.12 -3.30 -4.43
C PRO B 192 57.96 -2.36 -4.17
N VAL B 193 56.73 -2.77 -4.48
CA VAL B 193 55.57 -1.94 -4.21
C VAL B 193 55.12 -2.15 -2.76
N ARG B 194 54.56 -1.10 -2.17
CA ARG B 194 54.08 -1.17 -0.79
C ARG B 194 52.65 -1.70 -0.73
N ARG B 195 51.74 -1.12 -1.52
CA ARG B 195 50.35 -1.54 -1.55
C ARG B 195 49.77 -1.22 -2.91
N VAL B 196 48.89 -2.10 -3.40
CA VAL B 196 48.23 -1.91 -4.67
C VAL B 196 46.73 -1.85 -4.46
N ALA B 197 46.04 -1.23 -5.41
CA ALA B 197 44.59 -1.13 -5.38
C ALA B 197 44.09 -0.95 -6.81
N TYR B 198 42.88 -1.44 -7.06
CA TYR B 198 42.27 -1.35 -8.38
C TYR B 198 40.77 -1.13 -8.22
N ALA B 199 40.19 -0.44 -9.20
CA ALA B 199 38.77 -0.15 -9.19
C ALA B 199 38.27 -0.11 -10.62
N VAL B 200 37.00 -0.46 -10.79
CA VAL B 200 36.35 -0.49 -12.09
C VAL B 200 35.30 0.61 -12.11
N GLU B 201 35.56 1.66 -12.88
CA GLU B 201 34.65 2.79 -13.00
C GLU B 201 33.98 2.76 -14.38
N ALA B 202 32.73 3.21 -14.40
CA ALA B 202 31.97 3.25 -15.65
C ALA B 202 32.42 4.42 -16.50
N ALA B 203 32.78 4.14 -17.75
CA ALA B 203 33.20 5.16 -18.70
C ALA B 203 32.19 5.25 -19.83
N ARG B 204 31.67 6.45 -20.07
CA ARG B 204 30.66 6.68 -21.09
C ARG B 204 31.34 7.04 -22.40
N VAL B 205 31.01 6.29 -23.46
CA VAL B 205 31.51 6.59 -24.79
C VAL B 205 30.33 7.01 -25.66
N GLU B 206 30.60 7.40 -26.90
CA GLU B 206 29.56 7.97 -27.73
C GLU B 206 28.77 6.93 -28.52
N GLN B 207 29.19 5.67 -28.54
CA GLN B 207 28.47 4.66 -29.31
C GLN B 207 28.00 3.47 -28.50
N ARG B 208 28.70 3.08 -27.44
CA ARG B 208 28.29 1.91 -26.67
C ARG B 208 27.48 2.34 -25.44
N THR B 209 26.97 1.34 -24.74
CA THR B 209 26.14 1.58 -23.56
C THR B 209 26.99 1.91 -22.34
N ASP B 210 27.84 0.96 -21.93
CA ASP B 210 28.66 1.15 -20.75
C ASP B 210 29.90 0.26 -20.87
N LEU B 211 31.07 0.85 -20.61
CA LEU B 211 32.34 0.14 -20.63
C LEU B 211 33.01 0.25 -19.27
N ASP B 212 34.12 -0.46 -19.11
CA ASP B 212 34.85 -0.54 -17.85
C ASP B 212 36.15 0.22 -17.96
N LYS B 213 36.31 1.27 -17.16
CA LYS B 213 37.55 2.03 -17.06
C LYS B 213 38.31 1.56 -15.83
N LEU B 214 39.50 1.00 -16.04
CA LEU B 214 40.30 0.45 -14.97
C LEU B 214 41.31 1.48 -14.48
N VAL B 215 41.37 1.68 -13.17
CA VAL B 215 42.35 2.55 -12.53
C VAL B 215 43.20 1.72 -11.59
N ILE B 216 44.50 2.05 -11.54
CA ILE B 216 45.46 1.31 -10.73
C ILE B 216 46.12 2.30 -9.77
N ASP B 217 46.17 1.92 -8.49
CA ASP B 217 46.82 2.72 -7.45
C ASP B 217 48.10 1.99 -7.06
N ILE B 218 49.25 2.62 -7.31
CA ILE B 218 50.55 2.04 -7.02
C ILE B 218 51.34 3.02 -6.16
N GLU B 219 51.76 2.55 -4.99
CA GLU B 219 52.60 3.33 -4.07
C GLU B 219 53.94 2.61 -3.97
N THR B 220 54.88 2.97 -4.84
CA THR B 220 56.18 2.32 -4.87
C THR B 220 57.06 2.81 -3.72
N ASN B 221 58.20 2.14 -3.55
CA ASN B 221 59.13 2.46 -2.48
C ASN B 221 60.34 3.25 -2.96
N GLY B 222 60.32 3.72 -4.20
CA GLY B 222 61.39 4.54 -4.74
C GLY B 222 62.45 3.79 -5.53
N THR B 223 62.49 2.46 -5.42
CA THR B 223 63.50 1.68 -6.12
C THR B 223 63.15 1.42 -7.59
N ILE B 224 61.91 1.66 -8.00
CA ILE B 224 61.48 1.39 -9.36
C ILE B 224 60.33 2.33 -9.69
N ASP B 225 60.30 2.82 -10.93
CA ASP B 225 59.21 3.66 -11.39
C ASP B 225 57.94 2.82 -11.50
N ALA B 226 56.79 3.49 -11.36
CA ALA B 226 55.51 2.78 -11.42
C ALA B 226 55.20 2.31 -12.83
N GLU B 227 55.51 3.13 -13.83
CA GLU B 227 55.31 2.72 -15.22
C GLU B 227 56.29 1.63 -15.62
N GLU B 228 57.51 1.68 -15.09
CA GLU B 228 58.48 0.63 -15.35
C GLU B 228 58.06 -0.68 -14.69
N ALA B 229 57.46 -0.61 -13.50
CA ALA B 229 56.97 -1.82 -12.83
C ALA B 229 55.76 -2.39 -13.57
N VAL B 230 54.89 -1.51 -14.10
CA VAL B 230 53.75 -1.96 -14.90
C VAL B 230 54.22 -2.64 -16.18
N ARG B 231 55.23 -2.06 -16.86
CA ARG B 231 55.76 -2.65 -18.08
C ARG B 231 56.48 -3.97 -17.80
N THR B 232 57.16 -4.06 -16.66
CA THR B 232 57.85 -5.31 -16.29
C THR B 232 56.85 -6.41 -15.95
N ALA B 233 55.77 -6.07 -15.24
CA ALA B 233 54.73 -7.04 -14.93
C ALA B 233 54.00 -7.48 -16.18
N ALA B 234 53.77 -6.56 -17.12
CA ALA B 234 53.12 -6.92 -18.37
C ALA B 234 54.00 -7.81 -19.24
N ASP B 235 55.31 -7.55 -19.25
CA ASP B 235 56.24 -8.39 -20.00
C ASP B 235 56.36 -9.78 -19.37
N ILE B 236 56.34 -9.86 -18.04
CA ILE B 236 56.39 -11.14 -17.36
C ILE B 236 55.11 -11.94 -17.60
N LEU B 237 53.96 -11.27 -17.57
CA LEU B 237 52.70 -11.95 -17.87
C LEU B 237 52.61 -12.38 -19.33
N SER B 238 53.17 -11.60 -20.25
CA SER B 238 53.18 -11.99 -21.66
C SER B 238 54.12 -13.16 -21.90
N ASP B 239 55.25 -13.20 -21.18
CA ASP B 239 56.16 -14.34 -21.29
C ASP B 239 55.56 -15.60 -20.66
N GLN B 240 54.74 -15.44 -19.62
CA GLN B 240 54.05 -16.59 -19.05
C GLN B 240 52.91 -17.07 -19.94
N LEU B 241 52.25 -16.15 -20.63
CA LEU B 241 51.17 -16.52 -21.55
C LEU B 241 51.66 -16.95 -22.91
N SER B 242 52.94 -16.75 -23.22
CA SER B 242 53.51 -17.14 -24.50
C SER B 242 53.99 -18.59 -24.54
N VAL B 243 53.64 -19.39 -23.54
CA VAL B 243 54.04 -20.79 -23.54
C VAL B 243 53.18 -21.60 -24.52
N PHE B 244 51.95 -21.15 -24.77
CA PHE B 244 51.04 -21.86 -25.68
C PHE B 244 51.40 -21.60 -27.14
N SER C 3 -3.83 -45.74 -11.03
CA SER C 3 -3.29 -44.87 -12.07
C SER C 3 -3.02 -45.66 -13.36
N TYR C 4 -1.73 -45.74 -13.72
CA TYR C 4 -1.18 -46.36 -14.95
C TYR C 4 -2.01 -46.03 -16.19
N SER C 5 -2.33 -44.75 -16.35
CA SER C 5 -3.06 -44.28 -17.51
C SER C 5 -2.08 -43.84 -18.59
N PHE C 6 -2.58 -43.19 -19.64
CA PHE C 6 -1.70 -42.72 -20.71
C PHE C 6 -1.00 -41.43 -20.31
N THR C 7 -1.70 -40.51 -19.66
CA THR C 7 -1.11 -39.25 -19.24
C THR C 7 -0.30 -39.37 -17.96
N GLU C 8 -0.39 -40.49 -17.26
CA GLU C 8 0.36 -40.69 -16.02
C GLU C 8 1.56 -41.61 -16.18
N LYS C 9 1.70 -42.27 -17.33
CA LYS C 9 2.85 -43.12 -17.60
C LYS C 9 4.03 -42.36 -18.18
N LYS C 10 3.90 -41.05 -18.39
CA LYS C 10 4.99 -40.25 -18.93
C LYS C 10 5.83 -39.58 -17.86
N ARG C 11 5.24 -39.29 -16.70
CA ARG C 11 5.96 -38.64 -15.61
C ARG C 11 5.28 -39.00 -14.30
N ILE C 12 6.05 -39.59 -13.38
CA ILE C 12 5.55 -40.00 -12.06
C ILE C 12 6.38 -39.29 -11.01
N ARG C 13 5.73 -38.46 -10.19
CA ARG C 13 6.40 -37.74 -9.13
C ARG C 13 6.35 -38.52 -7.83
N LYS C 14 7.45 -38.51 -7.09
CA LYS C 14 7.54 -39.21 -5.81
C LYS C 14 6.88 -38.36 -4.73
N ASP C 15 5.81 -38.88 -4.15
CA ASP C 15 5.04 -38.17 -3.13
C ASP C 15 5.49 -38.60 -1.74
N PHE C 16 5.81 -37.62 -0.90
CA PHE C 16 6.21 -37.87 0.48
C PHE C 16 5.02 -37.82 1.43
N GLY C 17 3.98 -38.58 1.12
CA GLY C 17 2.77 -38.58 1.93
C GLY C 17 2.64 -39.83 2.78
N LYS C 18 2.86 -39.70 4.09
CA LYS C 18 2.75 -40.83 4.98
C LYS C 18 1.31 -41.11 5.38
N GLN C 19 0.49 -40.06 5.50
CA GLN C 19 -0.90 -40.23 5.88
C GLN C 19 -1.74 -40.69 4.70
N ARG C 20 -2.80 -41.43 5.00
CA ARG C 20 -3.68 -41.95 3.97
C ARG C 20 -4.63 -40.87 3.47
N SER C 21 -5.35 -41.18 2.40
CA SER C 21 -6.29 -40.27 1.77
C SER C 21 -7.65 -40.95 1.70
N ILE C 22 -8.63 -40.40 2.42
CA ILE C 22 -9.97 -40.97 2.43
C ILE C 22 -10.90 -40.31 1.42
N LEU C 23 -10.61 -39.08 1.00
CA LEU C 23 -11.45 -38.37 0.04
C LEU C 23 -10.57 -37.60 -0.92
N GLU C 24 -10.80 -37.79 -2.21
CA GLU C 24 -10.05 -37.09 -3.24
C GLU C 24 -10.49 -35.63 -3.34
N VAL C 25 -9.69 -34.83 -4.04
CA VAL C 25 -9.93 -33.40 -4.18
C VAL C 25 -11.09 -33.18 -5.13
N PRO C 26 -12.22 -32.61 -4.67
CA PRO C 26 -13.41 -32.49 -5.52
C PRO C 26 -13.31 -31.38 -6.56
N PHE C 27 -14.41 -31.14 -7.26
CA PHE C 27 -14.45 -30.10 -8.28
C PHE C 27 -14.35 -28.72 -7.63
N LEU C 28 -13.53 -27.86 -8.24
CA LEU C 28 -13.19 -26.58 -7.63
C LEU C 28 -14.32 -25.57 -7.77
N LEU C 29 -14.77 -25.32 -9.00
CA LEU C 29 -15.80 -24.33 -9.29
C LEU C 29 -17.19 -24.94 -9.38
N ALA C 30 -17.46 -26.01 -8.62
CA ALA C 30 -18.74 -26.71 -8.71
C ALA C 30 -19.89 -25.92 -8.11
N ILE C 31 -19.62 -24.98 -7.21
CA ILE C 31 -20.71 -24.28 -6.52
C ILE C 31 -21.41 -23.30 -7.44
N GLN C 32 -20.66 -22.59 -8.30
CA GLN C 32 -21.27 -21.61 -9.19
C GLN C 32 -22.06 -22.27 -10.30
N VAL C 33 -21.51 -23.34 -10.90
CA VAL C 33 -22.23 -24.04 -11.95
C VAL C 33 -23.40 -24.82 -11.38
N ASP C 34 -23.29 -25.29 -10.13
CA ASP C 34 -24.43 -25.97 -9.49
C ASP C 34 -25.54 -24.99 -9.16
N SER C 35 -25.21 -23.79 -8.70
CA SER C 35 -26.22 -22.79 -8.42
C SER C 35 -26.85 -22.25 -9.70
N TYR C 36 -26.08 -22.15 -10.78
CA TYR C 36 -26.68 -21.72 -12.04
C TYR C 36 -27.51 -22.82 -12.69
N ARG C 37 -27.19 -24.08 -12.42
CA ARG C 37 -28.04 -25.17 -12.89
C ARG C 37 -29.33 -25.25 -12.09
N GLU C 38 -29.25 -24.99 -10.77
CA GLU C 38 -30.45 -24.97 -9.94
C GLU C 38 -31.28 -23.71 -10.16
N PHE C 39 -30.67 -22.64 -10.68
CA PHE C 39 -31.43 -21.43 -10.99
C PHE C 39 -32.30 -21.60 -12.23
N LEU C 40 -31.82 -22.36 -13.21
CA LEU C 40 -32.58 -22.60 -14.43
C LEU C 40 -33.30 -23.94 -14.35
N ASP C 51 -39.01 -26.26 -7.58
CA ASP C 51 -39.71 -25.01 -7.81
C ASP C 51 -38.86 -23.81 -7.38
N LEU C 52 -37.76 -24.09 -6.70
CA LEU C 52 -36.88 -23.04 -6.22
C LEU C 52 -36.06 -22.46 -7.38
N GLY C 53 -35.61 -21.23 -7.20
CA GLY C 53 -34.83 -20.55 -8.23
C GLY C 53 -35.63 -19.55 -9.03
N LEU C 54 -35.83 -19.84 -10.32
CA LEU C 54 -36.58 -18.94 -11.18
C LEU C 54 -38.08 -19.19 -11.12
N HIS C 55 -38.48 -20.45 -10.88
CA HIS C 55 -39.89 -20.82 -10.92
C HIS C 55 -40.67 -20.22 -9.75
N ALA C 56 -40.03 -20.10 -8.58
CA ALA C 56 -40.69 -19.46 -7.45
C ALA C 56 -40.86 -17.96 -7.69
N ALA C 57 -39.85 -17.33 -8.30
CA ALA C 57 -39.96 -15.91 -8.65
C ALA C 57 -40.99 -15.67 -9.73
N LEU C 58 -41.23 -16.66 -10.61
CA LEU C 58 -42.31 -16.55 -11.57
C LEU C 58 -43.67 -16.70 -10.89
N LYS C 59 -43.82 -17.73 -10.05
CA LYS C 59 -45.11 -18.05 -9.45
C LYS C 59 -45.50 -17.07 -8.35
N SER C 60 -44.57 -16.28 -7.82
CA SER C 60 -44.89 -15.39 -6.72
C SER C 60 -45.49 -14.06 -7.16
N VAL C 61 -45.38 -13.70 -8.44
CA VAL C 61 -45.76 -12.34 -8.85
C VAL C 61 -46.76 -12.37 -10.01
N PHE C 62 -46.78 -13.46 -10.78
CA PHE C 62 -47.63 -13.54 -11.97
C PHE C 62 -49.14 -13.63 -11.72
N PRO C 63 -49.65 -14.21 -10.59
CA PRO C 63 -51.07 -13.95 -10.26
C PRO C 63 -51.39 -12.48 -10.05
N ILE C 64 -52.22 -11.93 -10.94
CA ILE C 64 -52.59 -10.51 -10.94
C ILE C 64 -54.11 -10.42 -10.86
N SER C 65 -54.60 -9.62 -9.93
CA SER C 65 -56.03 -9.38 -9.76
C SER C 65 -56.35 -7.94 -10.13
N SER C 66 -57.13 -7.76 -11.19
CA SER C 66 -57.50 -6.43 -11.63
C SER C 66 -58.65 -5.88 -10.80
N TYR C 67 -58.73 -4.55 -10.74
CA TYR C 67 -59.74 -3.90 -9.89
C TYR C 67 -61.08 -3.79 -10.60
N SER C 68 -61.11 -3.08 -11.73
CA SER C 68 -62.36 -2.80 -12.44
C SER C 68 -62.63 -3.75 -13.60
N GLY C 69 -61.61 -4.04 -14.43
CA GLY C 69 -61.81 -4.91 -15.57
C GLY C 69 -61.95 -6.38 -15.22
N ASN C 70 -61.45 -6.78 -14.04
CA ASN C 70 -61.46 -8.16 -13.55
C ASN C 70 -60.77 -9.12 -14.53
N ALA C 71 -59.62 -8.69 -15.04
CA ALA C 71 -58.85 -9.45 -16.02
C ALA C 71 -57.62 -10.03 -15.32
N ALA C 72 -57.58 -11.35 -15.22
CA ALA C 72 -56.46 -12.06 -14.60
C ALA C 72 -55.73 -12.88 -15.65
N LEU C 73 -54.50 -13.25 -15.32
CA LEU C 73 -53.70 -14.09 -16.20
C LEU C 73 -52.74 -14.93 -15.36
N GLU C 74 -52.55 -16.17 -15.76
CA GLU C 74 -51.67 -17.11 -15.07
C GLU C 74 -50.77 -17.79 -16.08
N TYR C 75 -49.50 -17.95 -15.72
CA TYR C 75 -48.56 -18.64 -16.59
C TYR C 75 -48.68 -20.15 -16.40
N VAL C 76 -48.30 -20.89 -17.45
CA VAL C 76 -48.36 -22.34 -17.42
C VAL C 76 -46.99 -22.99 -17.60
N GLY C 77 -46.02 -22.32 -18.22
CA GLY C 77 -44.70 -22.89 -18.39
C GLY C 77 -43.80 -21.93 -19.12
N TYR C 78 -42.50 -22.21 -19.04
CA TYR C 78 -41.47 -21.40 -19.66
C TYR C 78 -40.53 -22.30 -20.45
N LYS C 79 -39.83 -21.70 -21.41
CA LYS C 79 -38.93 -22.44 -22.27
C LYS C 79 -37.82 -21.53 -22.75
N LEU C 80 -36.59 -22.03 -22.73
CA LEU C 80 -35.41 -21.29 -23.17
C LEU C 80 -35.11 -21.65 -24.61
N GLY C 81 -34.85 -20.64 -25.43
CA GLY C 81 -34.57 -20.84 -26.84
C GLY C 81 -33.13 -21.25 -27.09
N GLN C 82 -32.81 -21.38 -28.37
CA GLN C 82 -31.47 -21.78 -28.80
C GLN C 82 -30.57 -20.54 -28.89
N PRO C 83 -29.34 -20.61 -28.39
CA PRO C 83 -28.40 -19.51 -28.57
C PRO C 83 -27.98 -19.39 -30.02
N VAL C 84 -28.26 -18.23 -30.63
CA VAL C 84 -28.02 -18.05 -32.05
C VAL C 84 -26.53 -17.80 -32.35
N PHE C 85 -25.74 -17.42 -31.35
CA PHE C 85 -24.32 -17.14 -31.54
C PHE C 85 -23.50 -17.98 -30.58
N ASP C 86 -22.47 -18.65 -31.12
CA ASP C 86 -21.52 -19.35 -30.29
C ASP C 86 -20.61 -18.35 -29.57
N GLU C 87 -20.01 -18.79 -28.46
CA GLU C 87 -19.20 -17.91 -27.64
C GLU C 87 -17.89 -17.51 -28.32
N ARG C 88 -17.36 -18.38 -29.19
CA ARG C 88 -16.17 -18.02 -29.96
C ARG C 88 -16.46 -16.92 -30.96
N GLU C 89 -17.68 -16.89 -31.52
CA GLU C 89 -18.09 -15.77 -32.36
C GLU C 89 -18.59 -14.60 -31.53
N CYS C 90 -19.05 -14.86 -30.30
CA CYS C 90 -19.55 -13.79 -29.45
C CYS C 90 -18.41 -12.97 -28.86
N ARG C 91 -17.22 -13.57 -28.73
CA ARG C 91 -16.06 -12.81 -28.25
C ARG C 91 -15.57 -11.81 -29.29
N GLN C 92 -15.84 -12.05 -30.57
CA GLN C 92 -15.46 -11.13 -31.63
C GLN C 92 -16.59 -10.22 -32.08
N ARG C 93 -17.85 -10.65 -31.93
CA ARG C 93 -18.96 -9.81 -32.35
C ARG C 93 -19.22 -8.68 -31.36
N GLY C 94 -18.86 -8.87 -30.09
CA GLY C 94 -19.03 -7.84 -29.09
C GLY C 94 -20.37 -7.82 -28.39
N MET C 95 -21.26 -8.77 -28.68
CA MET C 95 -22.56 -8.82 -28.05
C MET C 95 -22.45 -9.66 -26.77
N SER C 96 -23.60 -10.00 -26.17
CA SER C 96 -23.65 -10.80 -24.97
C SER C 96 -24.04 -12.23 -25.31
N TYR C 97 -23.42 -13.18 -24.62
CA TYR C 97 -23.75 -14.61 -24.79
C TYR C 97 -25.06 -14.87 -24.08
N GLY C 98 -26.17 -14.62 -24.78
CA GLY C 98 -27.48 -14.75 -24.18
C GLY C 98 -28.42 -15.68 -24.92
N ALA C 99 -29.52 -16.04 -24.26
CA ALA C 99 -30.55 -16.89 -24.82
C ALA C 99 -31.91 -16.23 -24.64
N PRO C 100 -32.82 -16.42 -25.61
CA PRO C 100 -34.16 -15.86 -25.46
C PRO C 100 -34.97 -16.61 -24.42
N LEU C 101 -35.77 -15.86 -23.66
CA LEU C 101 -36.59 -16.41 -22.58
C LEU C 101 -38.05 -16.11 -22.92
N ARG C 102 -38.78 -17.15 -23.36
CA ARG C 102 -40.16 -17.02 -23.77
C ARG C 102 -41.05 -17.64 -22.70
N VAL C 103 -41.97 -16.84 -22.17
CA VAL C 103 -42.93 -17.30 -21.16
C VAL C 103 -44.27 -17.54 -21.85
N THR C 104 -44.85 -18.71 -21.62
CA THR C 104 -46.14 -19.07 -22.18
C THR C 104 -47.21 -18.84 -21.12
N VAL C 105 -47.98 -17.77 -21.29
CA VAL C 105 -49.01 -17.39 -20.32
C VAL C 105 -50.38 -17.60 -20.93
N ARG C 106 -51.39 -17.62 -20.07
CA ARG C 106 -52.79 -17.77 -20.47
C ARG C 106 -53.58 -16.60 -19.91
N LEU C 107 -54.37 -15.95 -20.75
CA LEU C 107 -55.14 -14.78 -20.38
C LEU C 107 -56.62 -15.16 -20.33
N VAL C 108 -57.25 -14.95 -19.18
CA VAL C 108 -58.67 -15.21 -19.01
C VAL C 108 -59.38 -13.90 -18.76
N ILE C 109 -60.67 -13.85 -19.11
CA ILE C 109 -61.50 -12.66 -18.95
C ILE C 109 -62.77 -13.06 -18.22
N TYR C 110 -62.99 -12.47 -17.05
CA TYR C 110 -64.17 -12.76 -16.25
C TYR C 110 -65.30 -11.83 -16.66
N ASP C 111 -66.51 -12.39 -16.74
CA ASP C 111 -67.68 -11.61 -17.12
C ASP C 111 -68.16 -10.77 -15.94
N ARG C 112 -68.41 -9.49 -16.20
CA ARG C 112 -68.80 -8.58 -15.14
C ARG C 112 -70.28 -8.75 -14.79
N GLU C 113 -70.60 -8.48 -13.51
CA GLU C 113 -71.95 -8.55 -12.94
C GLU C 113 -72.58 -9.94 -13.11
N SER C 114 -71.79 -10.97 -12.88
CA SER C 114 -72.24 -12.36 -12.99
C SER C 114 -71.40 -13.23 -12.06
N SER C 115 -71.51 -14.54 -12.24
CA SER C 115 -70.75 -15.48 -11.44
C SER C 115 -69.29 -15.52 -11.90
N THR C 116 -68.45 -16.15 -11.08
CA THR C 116 -67.02 -16.26 -11.38
C THR C 116 -66.81 -17.29 -12.48
N LYS C 117 -66.67 -16.81 -13.71
CA LYS C 117 -66.47 -17.69 -14.86
C LYS C 117 -65.70 -16.92 -15.93
N ALA C 118 -64.91 -17.66 -16.70
CA ALA C 118 -64.10 -17.09 -17.76
C ALA C 118 -64.82 -17.16 -19.09
N ILE C 119 -64.48 -16.24 -20.00
CA ILE C 119 -65.13 -16.16 -21.30
C ILE C 119 -64.32 -16.91 -22.33
N LYS C 120 -63.07 -16.49 -22.53
CA LYS C 120 -62.19 -17.09 -23.52
C LYS C 120 -60.84 -17.42 -22.90
N TYR C 121 -60.34 -18.61 -23.19
CA TYR C 121 -59.05 -19.06 -22.68
C TYR C 121 -57.97 -18.82 -23.74
N VAL C 122 -57.75 -17.55 -24.04
CA VAL C 122 -56.75 -17.16 -25.01
C VAL C 122 -55.37 -17.16 -24.35
N LYS C 123 -54.39 -17.79 -25.00
CA LYS C 123 -53.04 -17.91 -24.48
C LYS C 123 -52.05 -17.23 -25.43
N GLU C 124 -51.11 -16.48 -24.85
CA GLU C 124 -50.08 -15.84 -25.64
C GLU C 124 -49.09 -16.87 -26.13
N GLN C 125 -48.77 -16.81 -27.43
CA GLN C 125 -47.91 -17.81 -28.07
C GLN C 125 -46.45 -17.43 -27.86
N GLU C 126 -45.96 -17.73 -26.64
CA GLU C 126 -44.55 -17.60 -26.23
C GLU C 126 -44.05 -16.17 -26.38
N VAL C 127 -44.64 -15.29 -25.56
CA VAL C 127 -44.26 -13.88 -25.57
C VAL C 127 -42.84 -13.72 -25.03
N TYR C 128 -42.04 -12.93 -25.72
CA TYR C 128 -40.62 -12.79 -25.41
C TYR C 128 -40.42 -11.69 -24.37
N LEU C 129 -39.60 -11.98 -23.36
CA LEU C 129 -39.23 -10.99 -22.36
C LEU C 129 -37.85 -11.32 -21.81
N GLY C 130 -36.99 -10.30 -21.74
CA GLY C 130 -35.67 -10.44 -21.16
C GLY C 130 -34.69 -11.26 -21.96
N GLU C 131 -33.44 -11.32 -21.48
CA GLU C 131 -32.39 -12.12 -22.12
C GLU C 131 -31.36 -12.45 -21.04
N ILE C 132 -31.33 -13.71 -20.62
CA ILE C 132 -30.44 -14.13 -19.55
C ILE C 132 -29.07 -14.50 -20.13
N PRO C 133 -27.98 -14.11 -19.49
CA PRO C 133 -26.64 -14.53 -19.95
C PRO C 133 -26.36 -15.95 -19.51
N LEU C 134 -26.22 -16.85 -20.49
CA LEU C 134 -25.95 -18.25 -20.18
C LEU C 134 -24.52 -18.43 -19.69
N MET C 135 -24.36 -19.19 -18.61
CA MET C 135 -23.05 -19.51 -18.08
C MET C 135 -22.40 -20.57 -18.96
N THR C 136 -21.31 -20.21 -19.64
CA THR C 136 -20.61 -21.13 -20.52
C THR C 136 -19.18 -21.34 -20.02
N GLY C 137 -18.57 -22.41 -20.49
CA GLY C 137 -17.22 -22.74 -20.11
C GLY C 137 -17.09 -23.22 -18.69
N ASN C 138 -16.45 -22.41 -17.84
CA ASN C 138 -16.18 -22.78 -16.45
C ASN C 138 -16.75 -21.76 -15.47
N GLY C 139 -17.73 -20.98 -15.88
CA GLY C 139 -18.34 -19.97 -15.03
C GLY C 139 -18.06 -18.53 -15.39
N THR C 140 -17.80 -18.23 -16.66
CA THR C 140 -17.47 -16.88 -17.10
C THR C 140 -18.61 -16.34 -17.94
N PHE C 141 -19.21 -15.24 -17.51
CA PHE C 141 -20.26 -14.57 -18.26
C PHE C 141 -19.64 -13.62 -19.29
N ILE C 142 -20.23 -13.59 -20.47
CA ILE C 142 -19.77 -12.72 -21.56
C ILE C 142 -20.89 -11.74 -21.87
N VAL C 143 -20.66 -10.46 -21.60
CA VAL C 143 -21.65 -9.43 -21.82
C VAL C 143 -21.26 -8.47 -22.94
N ASN C 144 -19.97 -8.15 -23.07
CA ASN C 144 -19.49 -7.27 -24.13
C ASN C 144 -18.18 -7.79 -24.70
N GLY C 145 -18.07 -9.11 -24.84
CA GLY C 145 -16.85 -9.73 -25.31
C GLY C 145 -15.81 -9.97 -24.24
N THR C 146 -16.03 -9.51 -23.01
CA THR C 146 -15.10 -9.68 -21.90
C THR C 146 -15.66 -10.70 -20.93
N GLU C 147 -14.78 -11.58 -20.44
CA GLU C 147 -15.17 -12.62 -19.50
C GLU C 147 -15.38 -12.01 -18.14
N ARG C 148 -16.62 -11.97 -17.68
CA ARG C 148 -16.99 -11.43 -16.38
C ARG C 148 -17.43 -12.57 -15.46
N VAL C 149 -17.03 -12.49 -14.20
CA VAL C 149 -17.40 -13.47 -13.19
C VAL C 149 -18.15 -12.76 -12.08
N ILE C 150 -19.04 -13.49 -11.42
CA ILE C 150 -19.84 -12.97 -10.31
C ILE C 150 -19.43 -13.73 -9.06
N VAL C 151 -18.74 -13.06 -8.14
CA VAL C 151 -18.31 -13.70 -6.91
C VAL C 151 -19.48 -13.83 -5.96
N SER C 152 -19.32 -14.71 -4.97
CA SER C 152 -20.38 -14.99 -4.00
C SER C 152 -20.31 -14.00 -2.85
N GLN C 153 -21.47 -13.51 -2.42
CA GLN C 153 -21.56 -12.54 -1.34
C GLN C 153 -21.77 -13.25 -0.01
N LEU C 154 -21.15 -12.70 1.04
CA LEU C 154 -21.24 -13.22 2.39
C LEU C 154 -21.92 -12.15 3.25
N HIS C 155 -23.20 -12.35 3.55
CA HIS C 155 -23.98 -11.38 4.32
C HIS C 155 -24.63 -12.10 5.50
N ARG C 156 -25.31 -11.31 6.34
CA ARG C 156 -25.98 -11.86 7.51
C ARG C 156 -27.25 -12.59 7.10
N SER C 157 -27.49 -13.74 7.72
CA SER C 157 -28.64 -14.56 7.38
C SER C 157 -29.92 -13.93 7.96
N PRO C 158 -31.05 -14.09 7.27
CA PRO C 158 -32.32 -13.61 7.84
C PRO C 158 -32.75 -14.46 9.01
N GLY C 159 -33.29 -13.80 10.02
CA GLY C 159 -33.70 -14.46 11.24
C GLY C 159 -33.73 -13.46 12.39
N VAL C 160 -33.54 -14.00 13.59
CA VAL C 160 -33.56 -13.21 14.83
C VAL C 160 -32.30 -13.52 15.61
N PHE C 161 -31.50 -12.48 15.89
CA PHE C 161 -30.33 -12.61 16.73
C PHE C 161 -30.24 -11.39 17.65
N PHE C 162 -29.64 -11.59 18.82
CA PHE C 162 -29.59 -10.58 19.86
C PHE C 162 -28.17 -10.14 20.11
N ASP C 163 -28.03 -8.90 20.57
CA ASP C 163 -26.73 -8.32 20.89
C ASP C 163 -26.87 -7.28 21.98
N HIS C 164 -25.73 -6.92 22.58
CA HIS C 164 -25.69 -5.90 23.63
C HIS C 164 -24.52 -4.98 23.37
N ASP C 165 -24.74 -3.70 23.63
CA ASP C 165 -23.73 -2.66 23.44
C ASP C 165 -22.97 -2.42 24.73
N ARG C 166 -21.67 -2.23 24.62
CA ARG C 166 -20.79 -2.08 25.77
C ARG C 166 -20.41 -0.62 25.91
N GLY C 167 -21.02 0.06 26.89
CA GLY C 167 -20.70 1.45 27.16
C GLY C 167 -21.20 2.43 26.11
N LYS C 168 -22.42 2.22 25.61
CA LYS C 168 -22.99 3.11 24.61
C LYS C 168 -23.80 4.24 25.24
N THR C 169 -24.81 3.89 26.04
CA THR C 169 -25.70 4.86 26.66
C THR C 169 -25.45 4.91 28.15
N HIS C 170 -25.15 6.12 28.65
CA HIS C 170 -25.02 6.52 30.06
C HIS C 170 -23.85 5.88 30.80
N SER C 171 -23.03 5.05 30.12
CA SER C 171 -21.86 4.37 30.70
C SER C 171 -22.20 3.56 31.94
N SER C 172 -23.34 2.88 31.90
CA SER C 172 -23.83 2.10 33.03
C SER C 172 -23.39 0.64 32.91
N GLY C 173 -23.30 -0.03 34.06
CA GLY C 173 -22.94 -1.43 34.07
C GLY C 173 -24.03 -2.36 33.56
N LYS C 174 -25.29 -1.92 33.64
CA LYS C 174 -26.41 -2.70 33.11
C LYS C 174 -26.39 -2.62 31.59
N LEU C 175 -25.93 -3.69 30.94
CA LEU C 175 -25.84 -3.71 29.49
C LEU C 175 -27.23 -3.88 28.88
N LEU C 176 -27.64 -2.89 28.09
CA LEU C 176 -28.93 -2.98 27.41
C LEU C 176 -28.85 -3.96 26.25
N TYR C 177 -29.95 -4.67 26.01
CA TYR C 177 -30.01 -5.69 24.98
C TYR C 177 -30.90 -5.23 23.84
N SER C 178 -30.58 -5.70 22.63
CA SER C 178 -31.31 -5.33 21.43
C SER C 178 -31.71 -6.58 20.66
N ALA C 179 -32.81 -6.48 19.93
CA ALA C 179 -33.32 -7.55 19.09
C ALA C 179 -33.56 -7.02 17.69
N ARG C 180 -33.57 -7.94 16.73
CA ARG C 180 -33.72 -7.56 15.32
C ARG C 180 -34.31 -8.73 14.56
N ILE C 181 -35.47 -8.51 13.92
CA ILE C 181 -36.12 -9.50 13.09
C ILE C 181 -35.75 -9.18 11.65
N ILE C 182 -34.82 -9.94 11.09
CA ILE C 182 -34.28 -9.67 9.76
C ILE C 182 -35.12 -10.46 8.75
N PRO C 183 -35.80 -9.81 7.82
CA PRO C 183 -36.49 -10.55 6.76
C PRO C 183 -35.57 -10.82 5.57
N TYR C 184 -36.10 -11.45 4.52
CA TYR C 184 -35.30 -11.68 3.33
C TYR C 184 -35.21 -10.40 2.49
N ARG C 185 -36.36 -9.87 2.07
CA ARG C 185 -36.40 -8.60 1.34
C ARG C 185 -37.72 -7.91 1.69
N GLY C 186 -37.67 -7.04 2.71
CA GLY C 186 -38.86 -6.35 3.16
C GLY C 186 -38.57 -5.29 4.21
N SER C 187 -39.47 -5.16 5.18
CA SER C 187 -39.35 -4.17 6.24
C SER C 187 -38.77 -4.80 7.49
N TRP C 188 -37.89 -4.06 8.16
CA TRP C 188 -37.21 -4.54 9.35
C TRP C 188 -38.05 -4.25 10.60
N LEU C 189 -37.63 -4.85 11.71
CA LEU C 189 -38.36 -4.68 12.97
C LEU C 189 -37.38 -4.92 14.11
N ASP C 190 -37.08 -3.87 14.88
CA ASP C 190 -36.12 -3.92 15.96
C ASP C 190 -36.81 -3.84 17.31
N PHE C 191 -36.12 -4.32 18.34
CA PHE C 191 -36.58 -4.27 19.72
C PHE C 191 -35.36 -4.01 20.61
N GLU C 192 -35.22 -2.80 21.13
CA GLU C 192 -34.09 -2.44 21.95
C GLU C 192 -34.55 -1.97 23.33
N PHE C 193 -33.63 -2.05 24.29
CA PHE C 193 -33.88 -1.60 25.65
C PHE C 193 -33.47 -0.14 25.81
N ASP C 194 -33.42 0.32 27.05
CA ASP C 194 -33.07 1.71 27.36
C ASP C 194 -32.57 1.74 28.80
N PRO C 195 -31.66 2.68 29.13
CA PRO C 195 -31.25 2.83 30.54
C PRO C 195 -32.36 3.34 31.46
N LYS C 196 -33.47 3.86 30.93
CA LYS C 196 -34.62 4.26 31.72
C LYS C 196 -35.61 3.13 31.93
N ASP C 197 -35.20 1.89 31.63
CA ASP C 197 -35.99 0.65 31.82
C ASP C 197 -37.31 0.71 31.05
N ALA C 198 -37.19 0.83 29.73
CA ALA C 198 -38.37 0.86 28.86
C ALA C 198 -37.98 0.34 27.48
N LEU C 199 -38.66 -0.70 27.02
CA LEU C 199 -38.41 -1.24 25.70
C LEU C 199 -38.95 -0.31 24.62
N PHE C 200 -38.24 -0.22 23.51
CA PHE C 200 -38.64 0.63 22.39
C PHE C 200 -38.38 -0.07 21.08
N THR C 201 -39.25 0.18 20.11
CA THR C 201 -39.16 -0.41 18.78
C THR C 201 -38.89 0.67 17.75
N ARG C 202 -38.51 0.23 16.55
CA ARG C 202 -38.35 1.12 15.41
C ARG C 202 -38.54 0.32 14.14
N ILE C 203 -39.09 0.96 13.11
CA ILE C 203 -39.38 0.33 11.84
C ILE C 203 -38.55 1.01 10.76
N ASP C 204 -37.62 0.25 10.17
CA ASP C 204 -36.74 0.69 9.08
C ASP C 204 -35.89 1.89 9.48
N ARG C 205 -35.32 1.83 10.68
CA ARG C 205 -34.39 2.84 11.25
C ARG C 205 -35.03 4.22 11.32
N ARG C 206 -36.32 4.27 11.65
CA ARG C 206 -37.02 5.53 11.83
C ARG C 206 -36.95 5.94 13.30
N ARG C 207 -37.76 6.92 13.68
CA ARG C 207 -37.81 7.36 15.08
C ARG C 207 -38.49 6.30 15.94
N LYS C 208 -38.09 6.25 17.21
CA LYS C 208 -38.52 5.19 18.09
C LYS C 208 -39.94 5.43 18.60
N LEU C 209 -40.56 4.36 19.09
CA LEU C 209 -41.93 4.38 19.60
C LEU C 209 -42.10 3.21 20.55
N PRO C 210 -42.93 3.33 21.59
CA PRO C 210 -43.05 2.24 22.57
C PRO C 210 -43.74 1.00 22.01
N VAL C 211 -43.58 -0.10 22.73
CA VAL C 211 -44.05 -1.40 22.27
C VAL C 211 -45.57 -1.53 22.38
N SER C 212 -46.20 -0.71 23.21
CA SER C 212 -47.66 -0.78 23.37
C SER C 212 -48.41 -0.30 22.14
N ILE C 213 -47.79 0.54 21.30
CA ILE C 213 -48.42 0.99 20.08
C ILE C 213 -48.57 -0.17 19.08
N LEU C 214 -47.51 -0.97 18.92
CA LEU C 214 -47.58 -2.12 18.03
C LEU C 214 -48.50 -3.21 18.56
N LEU C 215 -48.56 -3.37 19.88
CA LEU C 215 -49.45 -4.37 20.46
C LEU C 215 -50.91 -3.92 20.39
N ARG C 216 -51.17 -2.61 20.46
CA ARG C 216 -52.52 -2.13 20.23
C ARG C 216 -52.89 -2.17 18.76
N ALA C 217 -51.91 -2.04 17.86
CA ALA C 217 -52.17 -2.20 16.44
C ALA C 217 -52.43 -3.67 16.09
N LEU C 218 -51.85 -4.60 16.86
CA LEU C 218 -52.16 -6.01 16.67
C LEU C 218 -53.57 -6.34 17.13
N GLY C 219 -54.11 -5.59 18.08
CA GLY C 219 -55.45 -5.82 18.58
C GLY C 219 -55.45 -6.44 19.96
N TYR C 220 -54.53 -6.02 20.81
CA TYR C 220 -54.39 -6.54 22.17
C TYR C 220 -54.69 -5.45 23.17
N ASN C 221 -55.58 -5.75 24.12
CA ASN C 221 -55.86 -4.85 25.23
C ASN C 221 -54.82 -5.04 26.32
N ASN C 222 -54.91 -4.22 27.38
CA ASN C 222 -53.91 -4.27 28.44
C ASN C 222 -54.16 -5.44 29.40
N GLU C 223 -55.43 -5.76 29.66
CA GLU C 223 -55.76 -6.81 30.61
C GLU C 223 -55.46 -8.20 30.08
N GLU C 224 -55.28 -8.35 28.76
CA GLU C 224 -54.82 -9.61 28.20
C GLU C 224 -53.34 -9.59 27.83
N MET C 225 -52.71 -8.41 27.80
CA MET C 225 -51.28 -8.33 27.56
C MET C 225 -50.50 -8.54 28.85
N LEU C 226 -50.89 -7.85 29.93
CA LEU C 226 -50.15 -7.95 31.18
C LEU C 226 -50.42 -9.24 31.94
N ALA C 227 -51.49 -9.97 31.60
CA ALA C 227 -51.85 -11.18 32.34
C ALA C 227 -51.19 -12.44 31.81
N GLU C 228 -50.72 -12.43 30.55
CA GLU C 228 -50.11 -13.62 29.97
C GLU C 228 -48.61 -13.71 30.22
N PHE C 229 -47.95 -12.60 30.56
CA PHE C 229 -46.52 -12.64 30.80
C PHE C 229 -46.20 -13.11 32.23
N PHE C 230 -46.71 -12.40 33.22
CA PHE C 230 -46.46 -12.70 34.63
C PHE C 230 -47.68 -13.34 35.26
N GLU C 231 -47.44 -14.08 36.34
CA GLU C 231 -48.52 -14.71 37.08
C GLU C 231 -49.25 -13.67 37.94
N ILE C 232 -50.47 -14.03 38.34
CA ILE C 232 -51.33 -13.15 39.13
C ILE C 232 -51.47 -13.72 40.53
N ASN C 233 -51.53 -12.84 41.52
CA ASN C 233 -51.72 -13.21 42.91
C ASN C 233 -53.09 -12.69 43.36
N THR C 234 -53.98 -13.62 43.71
CA THR C 234 -55.35 -13.27 44.05
C THR C 234 -55.40 -12.71 45.47
N PHE C 235 -55.93 -11.50 45.61
CA PHE C 235 -56.09 -10.85 46.91
C PHE C 235 -57.57 -10.83 47.29
N HIS C 236 -57.85 -11.07 48.57
CA HIS C 236 -59.21 -11.06 49.10
C HIS C 236 -59.33 -9.91 50.09
N ILE C 237 -60.00 -8.84 49.67
CA ILE C 237 -60.18 -7.67 50.53
C ILE C 237 -61.64 -7.55 50.95
N VAL C 243 -56.98 -7.58 54.03
CA VAL C 243 -56.55 -7.93 52.68
C VAL C 243 -55.66 -9.17 52.72
N GLN C 244 -56.28 -10.34 52.59
CA GLN C 244 -55.58 -11.61 52.62
C GLN C 244 -55.35 -12.11 51.19
N LEU C 245 -54.17 -12.66 50.95
CA LEU C 245 -53.80 -13.18 49.64
C LEU C 245 -53.41 -14.65 49.76
N GLU C 246 -53.50 -15.35 48.63
CA GLU C 246 -53.13 -16.76 48.58
C GLU C 246 -51.61 -16.90 48.58
N LEU C 247 -51.12 -17.86 49.36
CA LEU C 247 -49.68 -18.11 49.46
C LEU C 247 -49.24 -18.91 48.25
N VAL C 248 -48.46 -18.28 47.38
CA VAL C 248 -47.95 -18.95 46.18
C VAL C 248 -46.70 -19.74 46.56
N PRO C 249 -46.64 -21.04 46.28
CA PRO C 249 -45.44 -21.81 46.62
C PRO C 249 -44.28 -21.48 45.68
N GLU C 250 -43.07 -21.54 46.25
CA GLU C 250 -41.81 -21.22 45.56
C GLU C 250 -41.80 -19.81 44.99
N ARG C 251 -42.38 -18.87 45.74
CA ARG C 251 -42.45 -17.47 45.33
C ARG C 251 -41.60 -16.57 46.21
N LEU C 252 -41.71 -16.70 47.54
CA LEU C 252 -40.92 -15.89 48.46
C LEU C 252 -39.49 -16.39 48.61
N ARG C 253 -39.18 -17.58 48.11
CA ARG C 253 -37.83 -18.12 48.20
C ARG C 253 -36.93 -17.42 47.20
N GLY C 254 -35.78 -16.92 47.68
CA GLY C 254 -34.87 -16.19 46.81
C GLY C 254 -35.37 -14.83 46.41
N GLU C 255 -36.23 -14.21 47.24
CA GLU C 255 -36.80 -12.91 46.92
C GLU C 255 -36.57 -11.94 48.07
N THR C 256 -37.23 -10.78 48.01
CA THR C 256 -37.11 -9.79 49.08
C THR C 256 -37.84 -10.28 50.33
N LEU C 257 -37.21 -10.07 51.48
CA LEU C 257 -37.76 -10.54 52.75
C LEU C 257 -38.98 -9.72 53.16
N ASN C 258 -39.81 -10.32 54.00
CA ASN C 258 -41.05 -9.71 54.45
C ASN C 258 -41.22 -10.02 55.93
N PHE C 259 -42.42 -9.80 56.46
CA PHE C 259 -42.71 -10.04 57.86
C PHE C 259 -42.93 -11.54 58.11
N ASP C 260 -43.34 -11.88 59.33
CA ASP C 260 -43.52 -13.28 59.70
C ASP C 260 -44.78 -13.85 59.08
N LEU C 261 -44.66 -15.07 58.56
CA LEU C 261 -45.78 -15.78 57.95
C LEU C 261 -45.86 -17.16 58.59
N ALA C 262 -47.00 -17.45 59.23
CA ALA C 262 -47.22 -18.70 59.93
C ALA C 262 -48.36 -19.46 59.27
N ASP C 263 -48.16 -20.75 59.02
CA ASP C 263 -49.17 -21.62 58.43
C ASP C 263 -49.73 -22.50 59.53
N GLY C 264 -50.89 -22.11 60.07
CA GLY C 264 -51.48 -22.84 61.17
C GLY C 264 -50.81 -22.61 62.51
N ASP C 265 -50.48 -21.35 62.81
CA ASP C 265 -49.82 -20.92 64.06
C ASP C 265 -48.48 -21.63 64.27
N LYS C 266 -47.77 -21.87 63.17
CA LYS C 266 -46.45 -22.50 63.20
C LYS C 266 -45.53 -21.71 62.28
N VAL C 267 -44.87 -20.70 62.83
CA VAL C 267 -43.98 -19.83 62.06
C VAL C 267 -42.60 -20.48 62.02
N ILE C 268 -42.23 -21.02 60.86
CA ILE C 268 -40.91 -21.62 60.71
C ILE C 268 -39.85 -20.54 60.50
N VAL C 269 -40.21 -19.47 59.79
CA VAL C 269 -39.30 -18.34 59.55
C VAL C 269 -39.83 -17.15 60.32
N GLU C 270 -38.95 -16.53 61.11
CA GLU C 270 -39.34 -15.37 61.91
C GLU C 270 -39.22 -14.10 61.08
N ALA C 271 -39.45 -12.96 61.72
CA ALA C 271 -39.39 -11.67 61.05
C ALA C 271 -37.94 -11.25 60.83
N GLY C 272 -37.73 -10.46 59.79
CA GLY C 272 -36.41 -9.95 59.45
C GLY C 272 -35.56 -10.87 58.61
N LYS C 273 -35.97 -12.12 58.41
CA LYS C 273 -35.21 -13.07 57.63
C LYS C 273 -35.94 -13.39 56.33
N ARG C 274 -35.21 -14.01 55.41
CA ARG C 274 -35.73 -14.40 54.11
C ARG C 274 -35.84 -15.91 54.03
N ILE C 275 -36.70 -16.38 53.13
CA ILE C 275 -36.94 -17.81 52.96
C ILE C 275 -35.79 -18.41 52.16
N THR C 276 -35.06 -19.33 52.79
CA THR C 276 -33.96 -20.03 52.14
C THR C 276 -34.51 -21.26 51.41
N ALA C 277 -33.60 -22.13 50.95
CA ALA C 277 -34.04 -23.35 50.26
C ALA C 277 -34.62 -24.36 51.23
N ARG C 278 -33.98 -24.54 52.39
CA ARG C 278 -34.53 -25.43 53.41
C ARG C 278 -35.79 -24.85 54.03
N HIS C 279 -35.87 -23.52 54.14
CA HIS C 279 -37.10 -22.89 54.61
C HIS C 279 -38.23 -23.07 53.60
N VAL C 280 -37.92 -23.01 52.30
CA VAL C 280 -38.93 -23.25 51.27
C VAL C 280 -39.36 -24.71 51.27
N LYS C 281 -38.44 -25.62 51.54
CA LYS C 281 -38.81 -27.04 51.64
C LYS C 281 -39.69 -27.31 52.85
N GLN C 282 -39.36 -26.69 53.99
CA GLN C 282 -40.19 -26.85 55.19
C GLN C 282 -41.54 -26.16 55.04
N LEU C 283 -41.62 -25.11 54.23
CA LEU C 283 -42.89 -24.46 53.97
C LEU C 283 -43.75 -25.27 53.00
N GLU C 284 -43.13 -25.87 51.98
CA GLU C 284 -43.86 -26.71 51.04
C GLU C 284 -44.27 -28.03 51.66
N ALA C 285 -43.56 -28.50 52.68
CA ALA C 285 -43.94 -29.70 53.41
C ALA C 285 -44.86 -29.41 54.59
N ALA C 286 -45.50 -28.24 54.61
CA ALA C 286 -46.36 -27.85 55.72
C ALA C 286 -47.82 -27.67 55.32
N GLY C 287 -48.14 -27.69 54.03
CA GLY C 287 -49.52 -27.51 53.59
C GLY C 287 -50.02 -26.09 53.77
N VAL C 288 -49.50 -25.16 52.96
CA VAL C 288 -49.86 -23.75 53.11
C VAL C 288 -51.28 -23.50 52.61
N ALA C 289 -51.81 -22.35 52.99
CA ALA C 289 -53.14 -21.92 52.58
C ALA C 289 -53.14 -20.39 52.56
N ALA C 290 -54.33 -19.80 52.50
CA ALA C 290 -54.44 -18.34 52.51
C ALA C 290 -54.16 -17.80 53.91
N LEU C 291 -53.22 -16.86 53.99
CA LEU C 291 -52.80 -16.28 55.26
C LEU C 291 -53.21 -14.82 55.34
N ALA C 292 -53.24 -14.29 56.55
CA ALA C 292 -53.63 -12.90 56.79
C ALA C 292 -52.45 -12.00 56.47
N VAL C 293 -52.51 -11.33 55.33
CA VAL C 293 -51.46 -10.41 54.90
C VAL C 293 -51.77 -9.03 55.47
N PRO C 294 -50.80 -8.35 56.09
CA PRO C 294 -51.05 -7.00 56.60
C PRO C 294 -51.20 -5.99 55.47
N ASP C 295 -51.79 -4.85 55.83
CA ASP C 295 -52.18 -3.84 54.83
C ASP C 295 -51.03 -2.99 54.34
N ASP C 296 -49.86 -3.04 54.97
CA ASP C 296 -48.71 -2.24 54.56
C ASP C 296 -47.81 -2.97 53.58
N TYR C 297 -48.30 -4.03 52.93
CA TYR C 297 -47.54 -4.82 51.97
C TYR C 297 -48.02 -4.67 50.54
N LEU C 298 -49.33 -4.59 50.33
CA LEU C 298 -49.90 -4.50 48.99
C LEU C 298 -49.97 -3.08 48.47
N VAL C 299 -49.48 -2.09 49.24
CA VAL C 299 -49.51 -0.71 48.76
C VAL C 299 -48.41 -0.47 47.73
N GLY C 300 -47.36 -1.30 47.71
CA GLY C 300 -46.30 -1.19 46.75
C GLY C 300 -46.49 -1.96 45.46
N ARG C 301 -47.54 -2.76 45.36
CA ARG C 301 -47.78 -3.58 44.18
C ARG C 301 -48.54 -2.79 43.12
N ILE C 302 -48.79 -3.45 41.99
CA ILE C 302 -49.51 -2.86 40.87
C ILE C 302 -50.60 -3.83 40.43
N LEU C 303 -51.79 -3.30 40.16
CA LEU C 303 -52.92 -4.15 39.78
C LEU C 303 -52.75 -4.68 38.37
N SER C 304 -53.28 -5.88 38.14
CA SER C 304 -53.14 -6.54 36.84
C SER C 304 -54.20 -6.03 35.86
N HIS C 305 -55.48 -6.17 36.22
CA HIS C 305 -56.56 -5.72 35.35
C HIS C 305 -57.48 -4.76 36.09
N ASP C 306 -58.59 -4.41 35.46
CA ASP C 306 -59.53 -3.46 36.05
C ASP C 306 -60.37 -4.13 37.13
N VAL C 307 -60.68 -3.36 38.17
CA VAL C 307 -61.52 -3.82 39.28
C VAL C 307 -62.71 -2.88 39.35
N VAL C 308 -63.91 -3.40 39.07
CA VAL C 308 -65.13 -2.61 39.09
C VAL C 308 -66.09 -3.21 40.09
N ASP C 309 -67.10 -2.43 40.46
CA ASP C 309 -68.11 -2.87 41.39
C ASP C 309 -69.08 -3.85 40.73
N GLY C 310 -69.59 -4.79 41.52
CA GLY C 310 -70.52 -5.76 41.00
C GLY C 310 -71.94 -5.24 40.86
N SER C 311 -72.34 -4.29 41.72
CA SER C 311 -73.67 -3.71 41.68
C SER C 311 -73.71 -2.40 40.92
N THR C 312 -72.81 -1.46 41.24
CA THR C 312 -72.80 -0.17 40.55
C THR C 312 -72.19 -0.29 39.16
N GLY C 313 -70.99 -0.85 39.07
CA GLY C 313 -70.32 -1.02 37.79
C GLY C 313 -69.41 0.13 37.39
N GLU C 314 -69.02 0.99 38.33
CA GLU C 314 -68.15 2.10 38.01
C GLU C 314 -66.70 1.66 37.98
N LEU C 315 -65.89 2.36 37.19
CA LEU C 315 -64.46 2.04 37.04
C LEU C 315 -63.69 2.75 38.15
N LEU C 316 -63.77 2.16 39.35
CA LEU C 316 -63.07 2.74 40.50
C LEU C 316 -61.59 2.43 40.46
N ALA C 317 -61.22 1.23 40.00
CA ALA C 317 -59.82 0.82 39.90
C ALA C 317 -59.57 0.29 38.49
N ASN C 318 -58.71 0.98 37.75
CA ASN C 318 -58.39 0.61 36.38
C ASN C 318 -57.17 -0.32 36.35
N ALA C 319 -56.75 -0.68 35.15
CA ALA C 319 -55.60 -1.55 34.96
C ALA C 319 -54.31 -0.74 34.91
N ASN C 320 -53.20 -1.40 35.24
CA ASN C 320 -51.85 -0.84 35.25
C ASN C 320 -51.75 0.39 36.17
N ASP C 321 -52.35 0.28 37.35
CA ASP C 321 -52.31 1.34 38.35
C ASP C 321 -51.89 0.77 39.69
N GLU C 322 -51.23 1.60 40.49
CA GLU C 322 -50.80 1.19 41.81
C GLU C 322 -51.97 1.18 42.77
N ILE C 323 -51.87 0.35 43.81
CA ILE C 323 -52.93 0.21 44.81
C ILE C 323 -52.59 1.16 45.95
N SER C 324 -53.29 2.30 45.99
CA SER C 324 -53.15 3.25 47.07
C SER C 324 -54.17 2.94 48.16
N GLU C 325 -54.32 3.84 49.14
CA GLU C 325 -55.25 3.58 50.24
C GLU C 325 -56.69 3.87 49.85
N ASP C 326 -56.93 4.83 48.94
CA ASP C 326 -58.29 5.14 48.54
C ASP C 326 -58.86 4.04 47.64
N GLN C 327 -58.03 3.51 46.74
CA GLN C 327 -58.46 2.38 45.92
C GLN C 327 -58.65 1.12 46.75
N LEU C 328 -57.85 0.96 47.81
CA LEU C 328 -58.01 -0.20 48.69
C LEU C 328 -59.29 -0.10 49.51
N THR C 329 -59.62 1.10 50.00
CA THR C 329 -60.89 1.27 50.71
C THR C 329 -62.08 1.17 49.78
N ALA C 330 -61.93 1.60 48.51
CA ALA C 330 -63.02 1.44 47.54
C ALA C 330 -63.22 -0.03 47.18
N PHE C 331 -62.13 -0.81 47.09
CA PHE C 331 -62.26 -2.23 46.83
C PHE C 331 -62.82 -2.98 48.03
N ARG C 332 -62.53 -2.51 49.24
CA ARG C 332 -63.12 -3.12 50.43
C ARG C 332 -64.59 -2.76 50.55
N LYS C 333 -64.99 -1.57 50.12
CA LYS C 333 -66.39 -1.19 50.14
C LYS C 333 -67.18 -1.92 49.06
N ALA C 334 -66.58 -2.12 47.88
CA ALA C 334 -67.27 -2.77 46.79
C ALA C 334 -67.39 -4.28 47.00
N GLY C 335 -66.45 -4.87 47.76
CA GLY C 335 -66.49 -6.29 48.01
C GLY C 335 -65.94 -7.15 46.89
N VAL C 336 -65.11 -6.58 46.02
CA VAL C 336 -64.53 -7.33 44.91
C VAL C 336 -63.40 -8.19 45.46
N ASP C 337 -63.57 -9.50 45.39
CA ASP C 337 -62.57 -10.45 45.88
C ASP C 337 -61.57 -10.87 44.80
N ALA C 338 -61.63 -10.24 43.63
CA ALA C 338 -60.72 -10.56 42.52
C ALA C 338 -59.78 -9.39 42.32
N VAL C 339 -58.67 -9.39 43.05
CA VAL C 339 -57.64 -8.37 42.97
C VAL C 339 -56.33 -9.07 42.65
N GLY C 340 -55.85 -8.88 41.43
CA GLY C 340 -54.62 -9.53 40.97
C GLY C 340 -53.46 -8.55 40.94
N THR C 341 -52.28 -9.04 41.29
CA THR C 341 -51.05 -8.26 41.29
C THR C 341 -50.00 -8.95 40.42
N LEU C 342 -48.95 -8.19 40.10
CA LEU C 342 -47.87 -8.67 39.25
C LEU C 342 -46.73 -9.19 40.12
N TRP C 343 -46.20 -10.37 39.78
CA TRP C 343 -45.07 -10.96 40.49
C TRP C 343 -43.82 -10.24 40.06
N VAL C 344 -43.48 -9.16 40.77
CA VAL C 344 -42.35 -8.30 40.44
C VAL C 344 -41.27 -8.53 41.49
N ASN C 345 -40.14 -9.08 41.06
CA ASN C 345 -38.99 -9.29 41.92
C ASN C 345 -37.94 -8.21 41.64
N ASP C 346 -36.76 -8.36 42.24
CA ASP C 346 -35.67 -7.41 42.02
C ASP C 346 -34.87 -7.71 40.77
N LEU C 347 -34.53 -8.97 40.54
CA LEU C 347 -33.71 -9.37 39.39
C LEU C 347 -34.37 -10.42 38.51
N ASP C 348 -35.11 -11.37 39.11
CA ASP C 348 -35.68 -12.46 38.34
C ASP C 348 -36.89 -12.03 37.52
N ARG C 349 -37.56 -10.95 37.93
CA ARG C 349 -38.74 -10.45 37.23
C ARG C 349 -38.67 -8.94 37.16
N GLY C 350 -38.70 -8.39 35.95
CA GLY C 350 -38.66 -6.96 35.76
C GLY C 350 -39.95 -6.42 35.19
N PRO C 351 -40.44 -5.31 35.77
CA PRO C 351 -41.70 -4.70 35.30
C PRO C 351 -41.49 -3.73 34.14
N TYR C 352 -40.96 -4.24 33.03
CA TYR C 352 -40.70 -3.40 31.87
C TYR C 352 -41.97 -3.09 31.09
N LEU C 353 -42.92 -4.03 31.06
CA LEU C 353 -44.16 -3.81 30.32
C LEU C 353 -45.03 -2.75 30.97
N SER C 354 -45.04 -2.71 32.31
CA SER C 354 -45.77 -1.65 33.01
C SER C 354 -45.11 -0.29 32.80
N ASN C 355 -43.77 -0.28 32.72
CA ASN C 355 -43.05 0.97 32.48
C ASN C 355 -43.27 1.47 31.05
N THR C 356 -43.47 0.56 30.10
CA THR C 356 -43.80 0.99 28.74
C THR C 356 -45.27 1.40 28.62
N LEU C 357 -46.15 0.77 29.40
CA LEU C 357 -47.57 1.10 29.32
C LEU C 357 -47.89 2.41 30.04
N ARG C 358 -47.12 2.76 31.07
CA ARG C 358 -47.36 4.00 31.80
C ARG C 358 -46.90 5.24 31.05
N ILE C 359 -46.18 5.09 29.93
CA ILE C 359 -45.71 6.24 29.17
C ILE C 359 -46.69 6.64 28.08
N ASP C 360 -47.08 5.70 27.24
CA ASP C 360 -47.94 5.99 26.09
C ASP C 360 -49.39 6.16 26.57
N PRO C 361 -50.03 7.28 26.25
CA PRO C 361 -51.44 7.47 26.64
C PRO C 361 -52.47 7.01 25.63
N THR C 362 -52.04 6.41 24.52
CA THR C 362 -52.98 5.93 23.50
C THR C 362 -53.70 4.69 24.00
N LYS C 363 -55.03 4.71 23.93
CA LYS C 363 -55.86 3.63 24.46
C LYS C 363 -56.63 2.85 23.41
N THR C 364 -56.84 3.41 22.21
CA THR C 364 -57.63 2.76 21.18
C THR C 364 -56.75 2.34 20.01
N GLN C 365 -57.31 1.51 19.14
CA GLN C 365 -56.59 1.00 17.99
C GLN C 365 -56.50 2.03 16.87
N LEU C 366 -57.53 2.86 16.70
CA LEU C 366 -57.54 3.83 15.61
C LEU C 366 -56.52 4.94 15.85
N GLU C 367 -56.38 5.40 17.09
CA GLU C 367 -55.38 6.41 17.40
C GLU C 367 -53.96 5.83 17.30
N ALA C 368 -53.79 4.55 17.61
CA ALA C 368 -52.49 3.91 17.44
C ALA C 368 -52.13 3.77 15.96
N LEU C 369 -53.12 3.45 15.13
CA LEU C 369 -52.87 3.38 13.69
C LEU C 369 -52.61 4.76 13.09
N VAL C 370 -53.27 5.80 13.63
CA VAL C 370 -53.00 7.17 13.21
C VAL C 370 -51.58 7.58 13.60
N GLU C 371 -51.14 7.19 14.80
CA GLU C 371 -49.77 7.50 15.23
C GLU C 371 -48.74 6.74 14.41
N ILE C 372 -49.06 5.50 14.01
CA ILE C 372 -48.16 4.73 13.15
C ILE C 372 -48.07 5.37 11.76
N TYR C 373 -49.20 5.78 11.20
CA TYR C 373 -49.21 6.45 9.90
C TYR C 373 -48.52 7.81 9.95
N ARG C 374 -48.56 8.49 11.10
CA ARG C 374 -47.85 9.75 11.25
C ARG C 374 -46.36 9.56 11.44
N MET C 375 -45.95 8.49 12.12
CA MET C 375 -44.52 8.22 12.28
C MET C 375 -43.89 7.68 11.00
N MET C 376 -44.67 6.97 10.18
CA MET C 376 -44.14 6.46 8.92
C MET C 376 -44.10 7.55 7.86
N ARG C 377 -45.24 8.17 7.58
CA ARG C 377 -45.32 9.25 6.60
C ARG C 377 -45.17 10.58 7.33
N PRO C 378 -44.08 11.32 7.14
CA PRO C 378 -43.90 12.58 7.88
C PRO C 378 -44.53 13.77 7.16
N GLY C 379 -45.23 14.59 7.94
CA GLY C 379 -45.86 15.77 7.40
C GLY C 379 -47.08 15.52 6.55
N GLU C 380 -47.75 14.37 6.73
CA GLU C 380 -48.91 14.02 5.95
C GLU C 380 -50.14 13.91 6.84
N PRO C 381 -51.31 14.31 6.36
CA PRO C 381 -52.54 14.18 7.15
C PRO C 381 -52.96 12.73 7.27
N PRO C 382 -53.18 12.23 8.48
CA PRO C 382 -53.53 10.82 8.65
C PRO C 382 -54.99 10.55 8.28
N THR C 383 -55.25 9.29 7.95
CA THR C 383 -56.58 8.83 7.58
C THR C 383 -56.84 7.48 8.24
N LYS C 384 -58.03 7.32 8.82
CA LYS C 384 -58.37 6.08 9.50
C LYS C 384 -58.61 4.93 8.53
N GLU C 385 -58.91 5.22 7.26
CA GLU C 385 -59.10 4.18 6.26
C GLU C 385 -57.82 3.86 5.48
N ALA C 386 -56.78 4.67 5.63
CA ALA C 386 -55.51 4.43 4.94
C ALA C 386 -54.46 3.78 5.83
N ALA C 387 -54.52 4.01 7.15
CA ALA C 387 -53.54 3.41 8.05
C ALA C 387 -53.75 1.90 8.17
N GLN C 388 -55.00 1.44 8.07
CA GLN C 388 -55.27 0.01 8.07
C GLN C 388 -54.74 -0.66 6.81
N ASN C 389 -54.80 0.05 5.67
CA ASN C 389 -54.26 -0.51 4.43
C ASN C 389 -52.74 -0.49 4.43
N LEU C 390 -52.14 0.57 4.99
CA LEU C 390 -50.68 0.67 5.04
C LEU C 390 -50.08 -0.30 6.04
N PHE C 391 -50.79 -0.57 7.15
CA PHE C 391 -50.28 -1.52 8.13
C PHE C 391 -50.37 -2.96 7.65
N HIS C 392 -51.23 -3.26 6.68
CA HIS C 392 -51.39 -4.62 6.20
C HIS C 392 -50.31 -5.00 5.18
N ASN C 393 -49.81 -4.04 4.41
CA ASN C 393 -48.78 -4.30 3.42
C ASN C 393 -47.37 -4.05 3.95
N LEU C 394 -47.18 -4.15 5.26
CA LEU C 394 -45.87 -3.93 5.88
C LEU C 394 -45.30 -5.19 6.51
N PHE C 395 -46.09 -5.89 7.33
CA PHE C 395 -45.62 -7.06 8.05
C PHE C 395 -46.44 -8.32 7.82
N PHE C 396 -47.64 -8.22 7.26
CA PHE C 396 -48.55 -9.36 7.20
C PHE C 396 -49.05 -9.61 5.78
N THR C 397 -48.17 -9.49 4.79
CA THR C 397 -48.49 -9.79 3.40
C THR C 397 -47.36 -10.59 2.78
N PHE C 398 -47.65 -11.21 1.63
CA PHE C 398 -46.67 -12.02 0.92
C PHE C 398 -45.98 -11.26 -0.20
N GLU C 399 -46.64 -10.25 -0.78
CA GLU C 399 -46.08 -9.53 -1.92
C GLU C 399 -45.04 -8.50 -1.51
N ARG C 400 -44.94 -8.14 -0.24
CA ARG C 400 -44.02 -7.10 0.20
C ARG C 400 -43.05 -7.54 1.30
N TYR C 401 -43.39 -8.56 2.09
CA TYR C 401 -42.49 -9.01 3.15
C TYR C 401 -41.58 -10.14 2.68
N ASP C 402 -42.18 -11.27 2.29
CA ASP C 402 -41.53 -12.40 1.62
C ASP C 402 -40.35 -12.96 2.42
N LEU C 403 -40.64 -13.45 3.61
CA LEU C 403 -39.63 -14.10 4.43
C LEU C 403 -39.41 -15.52 3.93
N SER C 404 -38.15 -15.85 3.65
CA SER C 404 -37.82 -17.11 2.97
C SER C 404 -37.78 -18.26 3.99
N THR C 405 -37.37 -19.44 3.51
CA THR C 405 -37.40 -20.63 4.35
C THR C 405 -36.25 -20.68 5.35
N VAL C 406 -35.09 -20.13 4.99
CA VAL C 406 -33.95 -20.14 5.92
C VAL C 406 -34.21 -19.16 7.07
N GLY C 407 -34.96 -18.09 6.81
CA GLY C 407 -35.35 -17.19 7.89
C GLY C 407 -36.31 -17.83 8.87
N ARG C 408 -37.26 -18.62 8.36
CA ARG C 408 -38.17 -19.36 9.22
C ARG C 408 -37.43 -20.45 9.99
N MET C 409 -36.42 -21.07 9.37
CA MET C 409 -35.62 -22.08 10.07
C MET C 409 -34.80 -21.45 11.19
N LYS C 410 -34.20 -20.28 10.93
CA LYS C 410 -33.47 -19.57 11.98
C LYS C 410 -34.39 -19.07 13.08
N PHE C 411 -35.61 -18.66 12.72
CA PHE C 411 -36.61 -18.24 13.70
C PHE C 411 -37.00 -19.39 14.62
N ASN C 412 -37.30 -20.56 14.03
CA ASN C 412 -37.67 -21.72 14.83
C ASN C 412 -36.50 -22.32 15.61
N ARG C 413 -35.26 -22.08 15.15
CA ARG C 413 -34.10 -22.55 15.89
C ARG C 413 -33.74 -21.63 17.04
N ARG C 414 -33.95 -20.31 16.88
CA ARG C 414 -33.61 -19.37 17.94
C ARG C 414 -34.70 -19.20 18.97
N VAL C 415 -35.97 -19.26 18.57
CA VAL C 415 -37.07 -19.11 19.52
C VAL C 415 -37.22 -20.37 20.36
N GLY C 416 -37.31 -21.53 19.71
CA GLY C 416 -37.43 -22.78 20.44
C GLY C 416 -38.61 -23.62 20.00
N ARG C 417 -39.14 -23.36 18.82
CA ARG C 417 -40.27 -24.12 18.29
C ARG C 417 -39.83 -25.52 17.90
N LYS C 418 -40.79 -26.46 17.96
CA LYS C 418 -40.48 -27.85 17.66
C LYS C 418 -40.40 -28.09 16.15
N ASP C 419 -41.39 -27.60 15.40
CA ASP C 419 -41.41 -27.79 13.97
C ASP C 419 -40.43 -26.85 13.28
N VAL C 420 -39.88 -27.31 12.16
CA VAL C 420 -38.90 -26.54 11.40
C VAL C 420 -39.62 -25.72 10.34
N LEU C 421 -40.37 -26.38 9.47
CA LEU C 421 -41.10 -25.69 8.42
C LEU C 421 -42.34 -25.01 8.98
N GLY C 422 -42.80 -24.00 8.27
CA GLY C 422 -43.98 -23.28 8.69
C GLY C 422 -44.41 -22.26 7.66
N GLU C 423 -45.17 -21.27 8.12
CA GLU C 423 -45.64 -20.21 7.25
C GLU C 423 -44.52 -19.21 6.97
N SER C 424 -44.55 -18.64 5.76
CA SER C 424 -43.52 -17.68 5.38
C SER C 424 -43.74 -16.33 6.04
N VAL C 425 -44.96 -15.80 5.96
CA VAL C 425 -45.28 -14.51 6.55
C VAL C 425 -45.43 -14.68 8.05
N LEU C 426 -45.21 -13.59 8.80
CA LEU C 426 -45.38 -13.61 10.25
C LEU C 426 -46.85 -13.74 10.61
N TYR C 427 -47.13 -14.49 11.67
CA TYR C 427 -48.49 -14.78 12.10
C TYR C 427 -48.74 -14.19 13.48
N ASP C 428 -49.91 -13.59 13.64
CA ASP C 428 -50.36 -13.06 14.92
C ASP C 428 -51.72 -13.66 15.27
N LYS C 429 -51.98 -13.78 16.57
CA LYS C 429 -53.21 -14.41 17.03
C LYS C 429 -54.41 -13.48 16.89
N LYS C 430 -54.27 -12.22 17.32
CA LYS C 430 -55.39 -11.30 17.31
C LYS C 430 -55.55 -10.57 15.98
N TYR C 431 -54.49 -10.47 15.18
CA TYR C 431 -54.58 -9.72 13.93
C TYR C 431 -55.26 -10.52 12.83
N PHE C 432 -54.99 -11.83 12.76
CA PHE C 432 -55.55 -12.66 11.70
C PHE C 432 -56.88 -13.30 12.08
N ALA C 433 -57.34 -13.14 13.32
CA ALA C 433 -58.61 -13.72 13.72
C ALA C 433 -59.80 -12.93 13.20
N GLU C 434 -59.65 -11.61 13.05
CA GLU C 434 -60.75 -10.77 12.59
C GLU C 434 -60.89 -10.76 11.08
N ARG C 435 -59.84 -11.11 10.34
CA ARG C 435 -59.90 -11.11 8.89
C ARG C 435 -60.68 -12.31 8.37
N ASN C 436 -61.57 -12.05 7.40
CA ASN C 436 -62.40 -13.08 6.81
C ASN C 436 -62.02 -13.36 5.36
N ASP C 437 -60.76 -13.15 5.01
CA ASP C 437 -60.30 -13.39 3.65
C ASP C 437 -60.06 -14.88 3.42
N GLU C 438 -59.77 -15.23 2.16
CA GLU C 438 -59.51 -16.61 1.81
C GLU C 438 -58.14 -17.07 2.29
N GLU C 439 -57.13 -16.21 2.17
CA GLU C 439 -55.79 -16.54 2.64
C GLU C 439 -55.67 -16.49 4.16
N SER C 440 -56.53 -15.72 4.83
CA SER C 440 -56.48 -15.64 6.28
C SER C 440 -57.07 -16.88 6.94
N LYS C 441 -58.01 -17.55 6.28
CA LYS C 441 -58.59 -18.76 6.83
C LYS C 441 -57.66 -19.96 6.71
N ARG C 442 -56.68 -19.90 5.80
CA ARG C 442 -55.74 -20.99 5.64
C ARG C 442 -54.68 -20.98 6.75
N LEU C 443 -54.19 -19.80 7.13
CA LEU C 443 -53.13 -19.71 8.13
C LEU C 443 -53.63 -20.02 9.53
N VAL C 444 -54.89 -19.68 9.84
CA VAL C 444 -55.43 -19.95 11.17
C VAL C 444 -55.82 -21.41 11.37
N ALA C 445 -55.88 -22.20 10.30
CA ALA C 445 -56.22 -23.61 10.44
C ALA C 445 -54.99 -24.46 10.75
N GLU C 446 -53.83 -24.09 10.21
CA GLU C 446 -52.62 -24.84 10.47
C GLU C 446 -51.94 -24.38 11.76
N HIS C 447 -51.97 -23.08 12.04
CA HIS C 447 -51.36 -22.56 13.25
C HIS C 447 -52.28 -22.75 14.45
N THR C 448 -51.73 -22.55 15.64
CA THR C 448 -52.43 -22.72 16.90
C THR C 448 -52.16 -21.54 17.84
N ASP C 449 -52.27 -20.33 17.27
CA ASP C 449 -51.99 -19.05 17.93
C ASP C 449 -50.56 -19.01 18.47
N THR C 450 -49.62 -19.06 17.52
CA THR C 450 -48.20 -19.13 17.86
C THR C 450 -47.71 -17.84 18.52
N SER C 451 -48.15 -16.68 18.00
CA SER C 451 -47.79 -15.33 18.47
C SER C 451 -46.27 -15.15 18.49
N ASP C 452 -45.70 -15.11 17.29
CA ASP C 452 -44.26 -15.03 17.11
C ASP C 452 -43.67 -13.74 17.67
N ILE C 453 -44.40 -12.62 17.58
CA ILE C 453 -43.90 -11.37 18.12
C ILE C 453 -43.87 -11.41 19.65
N LEU C 454 -44.93 -11.98 20.25
CA LEU C 454 -44.95 -12.16 21.70
C LEU C 454 -43.90 -13.15 22.17
N GLU C 455 -43.59 -14.15 21.34
CA GLU C 455 -42.52 -15.09 21.67
C GLU C 455 -41.15 -14.42 21.59
N VAL C 456 -40.97 -13.50 20.63
CA VAL C 456 -39.73 -12.73 20.53
C VAL C 456 -39.58 -11.83 21.75
N ILE C 457 -40.68 -11.20 22.19
CA ILE C 457 -40.63 -10.36 23.38
C ILE C 457 -40.35 -11.19 24.64
N LYS C 458 -40.90 -12.41 24.71
CA LYS C 458 -40.65 -13.28 25.86
C LYS C 458 -39.21 -13.79 25.87
N VAL C 459 -38.64 -14.08 24.70
CA VAL C 459 -37.25 -14.52 24.64
C VAL C 459 -36.31 -13.36 24.97
N LEU C 460 -36.66 -12.14 24.56
CA LEU C 460 -35.87 -10.97 24.95
C LEU C 460 -35.98 -10.70 26.45
N THR C 461 -37.14 -10.99 27.05
CA THR C 461 -37.28 -10.89 28.50
C THR C 461 -36.42 -11.93 29.21
N GLU C 462 -36.34 -13.14 28.65
CA GLU C 462 -35.47 -14.17 29.20
C GLU C 462 -33.99 -13.83 28.99
N ILE C 463 -33.68 -13.03 27.98
CA ILE C 463 -32.30 -12.55 27.83
C ILE C 463 -32.00 -11.49 28.87
N ARG C 464 -32.96 -10.60 29.13
CA ARG C 464 -32.73 -9.50 30.06
C ARG C 464 -32.65 -9.98 31.51
N ASN C 465 -33.66 -10.73 31.97
CA ASN C 465 -33.71 -11.13 33.37
C ASN C 465 -33.71 -12.64 33.61
N GLY C 466 -34.08 -13.45 32.63
CA GLY C 466 -34.12 -14.89 32.80
C GLY C 466 -32.80 -15.60 32.58
N ARG C 467 -31.72 -14.83 32.37
CA ARG C 467 -30.33 -15.33 32.23
C ARG C 467 -30.19 -16.32 31.06
N GLY C 468 -30.41 -15.79 29.86
CA GLY C 468 -30.17 -16.54 28.64
C GLY C 468 -28.76 -16.35 28.13
N VAL C 469 -28.54 -16.78 26.89
CA VAL C 469 -27.23 -16.68 26.25
C VAL C 469 -27.32 -15.68 25.09
N VAL C 470 -26.20 -15.04 24.82
CA VAL C 470 -26.09 -14.03 23.77
C VAL C 470 -25.14 -14.55 22.69
N ASP C 471 -25.60 -14.54 21.45
CA ASP C 471 -24.81 -15.00 20.32
C ASP C 471 -24.34 -13.80 19.50
N ASP C 472 -23.04 -13.75 19.25
CA ASP C 472 -22.45 -12.71 18.42
C ASP C 472 -22.52 -13.10 16.94
N ILE C 473 -22.50 -12.10 16.07
CA ILE C 473 -22.55 -12.35 14.62
C ILE C 473 -21.09 -12.46 14.17
N ASP C 474 -20.55 -13.66 14.36
CA ASP C 474 -19.21 -13.98 13.86
C ASP C 474 -19.09 -15.40 13.34
N HIS C 475 -20.14 -16.22 13.44
CA HIS C 475 -20.07 -17.62 13.05
C HIS C 475 -20.44 -17.77 11.58
N LEU C 476 -20.32 -19.00 11.08
CA LEU C 476 -20.84 -19.35 9.76
C LEU C 476 -22.27 -19.86 9.83
N GLY C 477 -22.83 -20.03 11.02
CA GLY C 477 -24.23 -20.34 11.18
C GLY C 477 -25.15 -19.15 11.18
N ASN C 478 -24.57 -17.94 11.28
CA ASN C 478 -25.33 -16.70 11.18
C ASN C 478 -25.05 -15.96 9.88
N ARG C 479 -24.09 -16.40 9.09
CA ARG C 479 -23.77 -15.82 7.80
C ARG C 479 -24.00 -16.86 6.70
N ARG C 480 -24.74 -16.48 5.67
CA ARG C 480 -25.01 -17.36 4.54
C ARG C 480 -24.24 -16.88 3.32
N VAL C 481 -24.04 -17.80 2.38
CA VAL C 481 -23.30 -17.54 1.15
C VAL C 481 -24.29 -17.68 0.00
N ARG C 482 -24.72 -16.56 -0.56
CA ARG C 482 -25.61 -16.57 -1.72
C ARG C 482 -24.78 -16.47 -2.99
N SER C 483 -25.06 -17.35 -3.95
CA SER C 483 -24.31 -17.44 -5.19
C SER C 483 -24.97 -16.57 -6.25
N VAL C 484 -24.59 -16.78 -7.51
CA VAL C 484 -25.08 -15.98 -8.63
C VAL C 484 -26.58 -16.21 -8.85
N GLY C 485 -27.07 -17.42 -8.53
CA GLY C 485 -28.45 -17.75 -8.81
C GLY C 485 -29.44 -16.99 -7.94
N GLU C 486 -29.12 -16.80 -6.66
CA GLU C 486 -30.03 -16.10 -5.76
C GLU C 486 -30.07 -14.61 -6.07
N MET C 487 -28.92 -14.01 -6.42
CA MET C 487 -28.90 -12.60 -6.78
C MET C 487 -29.58 -12.37 -8.13
N ALA C 488 -29.43 -13.32 -9.06
CA ALA C 488 -30.14 -13.24 -10.33
C ALA C 488 -31.64 -13.38 -10.14
N GLU C 489 -32.06 -14.26 -9.22
CA GLU C 489 -33.47 -14.38 -8.90
C GLU C 489 -34.01 -13.14 -8.21
N ASN C 490 -33.18 -12.47 -7.41
CA ASN C 490 -33.62 -11.23 -6.76
C ASN C 490 -33.79 -10.09 -7.76
N VAL C 491 -32.83 -9.92 -8.67
CA VAL C 491 -32.97 -8.84 -9.64
C VAL C 491 -34.07 -9.17 -10.67
N PHE C 492 -34.29 -10.46 -10.97
CA PHE C 492 -35.41 -10.84 -11.81
C PHE C 492 -36.74 -10.65 -11.10
N ARG C 493 -36.75 -10.81 -9.77
CA ARG C 493 -37.96 -10.53 -8.99
C ARG C 493 -38.28 -9.05 -9.00
N VAL C 494 -37.26 -8.19 -8.91
CA VAL C 494 -37.48 -6.75 -8.97
C VAL C 494 -38.01 -6.33 -10.34
N GLY C 495 -37.40 -6.87 -11.41
CA GLY C 495 -37.91 -6.61 -12.75
C GLY C 495 -39.30 -7.17 -13.00
N LEU C 496 -39.61 -8.30 -12.36
CA LEU C 496 -40.94 -8.89 -12.52
C LEU C 496 -42.00 -8.10 -11.76
N VAL C 497 -41.66 -7.52 -10.61
CA VAL C 497 -42.58 -6.63 -9.91
C VAL C 497 -42.82 -5.36 -10.72
N ARG C 498 -41.76 -4.83 -11.36
CA ARG C 498 -41.94 -3.64 -12.20
C ARG C 498 -42.80 -3.92 -13.43
N VAL C 499 -42.56 -5.06 -14.10
CA VAL C 499 -43.39 -5.39 -15.26
C VAL C 499 -44.78 -5.84 -14.83
N GLU C 500 -44.96 -6.29 -13.59
CA GLU C 500 -46.29 -6.63 -13.09
C GLU C 500 -47.11 -5.37 -12.84
N ARG C 501 -46.48 -4.33 -12.27
CA ARG C 501 -47.15 -3.04 -12.12
C ARG C 501 -47.47 -2.42 -13.48
N ALA C 502 -46.55 -2.55 -14.44
CA ALA C 502 -46.80 -2.03 -15.78
C ALA C 502 -47.93 -2.78 -16.47
N VAL C 503 -48.00 -4.10 -16.31
CA VAL C 503 -49.06 -4.90 -16.91
C VAL C 503 -50.39 -4.64 -16.22
N LYS C 504 -50.38 -4.36 -14.92
CA LYS C 504 -51.62 -4.02 -14.21
C LYS C 504 -52.16 -2.68 -14.68
N GLU C 505 -51.29 -1.69 -14.88
CA GLU C 505 -51.75 -0.40 -15.40
C GLU C 505 -52.15 -0.51 -16.87
N ARG C 506 -51.54 -1.42 -17.63
CA ARG C 506 -51.88 -1.55 -19.04
C ARG C 506 -53.15 -2.37 -19.26
N LEU C 507 -53.47 -3.29 -18.36
CA LEU C 507 -54.64 -4.16 -18.50
C LEU C 507 -55.59 -4.02 -17.31
N SER C 508 -55.65 -2.83 -16.70
CA SER C 508 -56.69 -2.55 -15.72
C SER C 508 -58.08 -2.57 -16.34
N MET C 509 -58.19 -2.15 -17.60
CA MET C 509 -59.44 -2.22 -18.34
C MET C 509 -59.13 -2.77 -19.73
N ALA C 510 -59.63 -3.97 -20.03
CA ALA C 510 -59.33 -4.64 -21.28
C ALA C 510 -60.56 -5.37 -21.79
N GLU C 511 -60.45 -5.91 -22.99
CA GLU C 511 -61.52 -6.66 -23.64
C GLU C 511 -61.16 -8.15 -23.65
N SER C 512 -62.02 -8.94 -24.32
CA SER C 512 -61.83 -10.38 -24.36
C SER C 512 -60.72 -10.77 -25.34
N GLU C 513 -60.89 -10.44 -26.62
CA GLU C 513 -59.91 -10.77 -27.63
C GLU C 513 -59.62 -9.60 -28.58
N GLY C 514 -60.05 -8.38 -28.23
CA GLY C 514 -59.79 -7.24 -29.07
C GLY C 514 -58.36 -6.74 -29.02
N LEU C 515 -57.59 -7.14 -28.01
CA LEU C 515 -56.21 -6.72 -27.86
C LEU C 515 -55.33 -7.94 -27.63
N THR C 516 -54.06 -7.81 -28.02
CA THR C 516 -53.12 -8.92 -27.92
C THR C 516 -52.48 -8.97 -26.54
N PRO C 517 -52.24 -10.17 -26.00
CA PRO C 517 -51.56 -10.27 -24.70
C PRO C 517 -50.08 -9.91 -24.76
N GLN C 518 -49.46 -9.95 -25.93
CA GLN C 518 -48.05 -9.61 -26.04
C GLN C 518 -47.81 -8.10 -25.92
N GLU C 519 -48.82 -7.27 -26.18
CA GLU C 519 -48.69 -5.84 -26.06
C GLU C 519 -48.88 -5.34 -24.63
N LEU C 520 -49.22 -6.22 -23.69
CA LEU C 520 -49.42 -5.80 -22.31
C LEU C 520 -48.10 -5.67 -21.57
N ILE C 521 -47.27 -6.70 -21.62
CA ILE C 521 -46.00 -6.72 -20.91
C ILE C 521 -44.90 -6.22 -21.84
N ASN C 522 -43.89 -5.58 -21.26
CA ASN C 522 -42.76 -5.03 -22.00
C ASN C 522 -41.46 -5.62 -21.46
N ALA C 523 -40.55 -5.95 -22.37
CA ALA C 523 -39.26 -6.51 -21.99
C ALA C 523 -38.24 -5.45 -21.62
N LYS C 524 -38.58 -4.17 -21.79
CA LYS C 524 -37.59 -3.11 -21.58
C LYS C 524 -37.17 -2.92 -20.12
N PRO C 525 -38.06 -2.85 -19.11
CA PRO C 525 -37.53 -2.67 -17.74
C PRO C 525 -36.80 -3.88 -17.19
N VAL C 526 -37.26 -5.10 -17.49
CA VAL C 526 -36.57 -6.29 -17.01
C VAL C 526 -35.24 -6.47 -17.75
N ALA C 527 -35.18 -6.09 -19.03
CA ALA C 527 -33.92 -6.16 -19.76
C ALA C 527 -32.93 -5.11 -19.27
N ALA C 528 -33.42 -3.91 -18.95
CA ALA C 528 -32.55 -2.87 -18.39
C ALA C 528 -32.06 -3.25 -16.99
N ALA C 529 -32.90 -3.92 -16.20
CA ALA C 529 -32.50 -4.35 -14.87
C ALA C 529 -31.45 -5.45 -14.93
N ILE C 530 -31.64 -6.44 -15.82
CA ILE C 530 -30.65 -7.52 -15.90
C ILE C 530 -29.37 -7.03 -16.57
N LYS C 531 -29.45 -6.01 -17.45
CA LYS C 531 -28.25 -5.46 -18.04
C LYS C 531 -27.48 -4.60 -17.03
N GLU C 532 -28.19 -3.87 -16.17
CA GLU C 532 -27.54 -3.10 -15.12
C GLU C 532 -26.96 -4.00 -14.04
N PHE C 533 -27.54 -5.18 -13.84
CA PHE C 533 -26.97 -6.11 -12.87
C PHE C 533 -25.73 -6.80 -13.43
N PHE C 534 -25.80 -7.31 -14.66
CA PHE C 534 -24.68 -8.08 -15.21
C PHE C 534 -23.57 -7.21 -15.77
N GLY C 535 -23.85 -5.95 -16.10
CA GLY C 535 -22.84 -5.11 -16.73
C GLY C 535 -21.98 -4.34 -15.75
N SER C 536 -22.61 -3.57 -14.86
CA SER C 536 -21.88 -2.70 -13.94
C SER C 536 -22.55 -2.77 -12.57
N SER C 537 -21.93 -3.48 -11.64
CA SER C 537 -22.43 -3.59 -10.28
C SER C 537 -21.25 -3.80 -9.34
N GLN C 538 -21.55 -3.99 -8.06
CA GLN C 538 -20.53 -4.24 -7.07
C GLN C 538 -20.14 -5.71 -6.98
N LEU C 539 -20.82 -6.59 -7.72
CA LEU C 539 -20.53 -8.01 -7.70
C LEU C 539 -20.00 -8.52 -9.03
N SER C 540 -19.97 -7.69 -10.06
CA SER C 540 -19.46 -8.09 -11.38
C SER C 540 -18.01 -7.62 -11.47
N GLN C 541 -17.09 -8.51 -11.09
CA GLN C 541 -15.67 -8.19 -11.06
C GLN C 541 -15.01 -8.63 -12.36
N PHE C 542 -14.19 -7.74 -12.92
CA PHE C 542 -13.45 -8.04 -14.14
C PHE C 542 -12.32 -9.02 -13.81
N MET C 543 -12.40 -10.24 -14.33
CA MET C 543 -11.46 -11.29 -13.98
C MET C 543 -10.13 -11.10 -14.70
N ASP C 544 -9.12 -11.82 -14.23
CA ASP C 544 -7.78 -11.79 -14.80
C ASP C 544 -7.46 -13.19 -15.33
N GLN C 545 -7.33 -13.30 -16.66
CA GLN C 545 -7.10 -14.57 -17.33
C GLN C 545 -5.63 -14.82 -17.64
N ASN C 546 -4.73 -14.34 -16.78
CA ASN C 546 -3.30 -14.51 -17.02
C ASN C 546 -2.78 -15.89 -16.61
N ASN C 547 -3.48 -16.59 -15.73
CA ASN C 547 -3.04 -17.89 -15.24
C ASN C 547 -4.24 -18.79 -15.02
N PRO C 548 -4.07 -20.11 -15.10
CA PRO C 548 -5.16 -21.00 -14.67
C PRO C 548 -5.39 -20.96 -13.17
N LEU C 549 -4.34 -20.70 -12.38
CA LEU C 549 -4.49 -20.63 -10.93
C LEU C 549 -5.29 -19.40 -10.52
N SER C 550 -5.04 -18.25 -11.17
CA SER C 550 -5.83 -17.06 -10.90
C SER C 550 -7.27 -17.22 -11.37
N GLU C 551 -7.45 -17.92 -12.50
CA GLU C 551 -8.79 -18.17 -13.03
C GLU C 551 -9.59 -19.12 -12.13
N VAL C 552 -8.92 -20.04 -11.45
CA VAL C 552 -9.64 -20.96 -10.58
C VAL C 552 -9.79 -20.41 -9.16
N THR C 553 -8.94 -19.45 -8.76
CA THR C 553 -9.11 -18.87 -7.43
C THR C 553 -9.95 -17.60 -7.44
N HIS C 554 -10.23 -17.01 -8.61
CA HIS C 554 -11.11 -15.84 -8.63
C HIS C 554 -12.57 -16.23 -8.57
N LYS C 555 -12.94 -17.38 -9.16
CA LYS C 555 -14.32 -17.84 -9.09
C LYS C 555 -14.64 -18.49 -7.74
N ARG C 556 -13.64 -19.12 -7.12
CA ARG C 556 -13.82 -19.74 -5.80
C ARG C 556 -13.37 -18.75 -4.72
N ARG C 557 -14.14 -17.67 -4.62
CA ARG C 557 -13.81 -16.59 -3.70
C ARG C 557 -15.10 -15.98 -3.17
N VAL C 558 -15.21 -15.89 -1.85
CA VAL C 558 -16.35 -15.28 -1.19
C VAL C 558 -15.92 -13.91 -0.66
N SER C 559 -16.87 -12.98 -0.59
CA SER C 559 -16.58 -11.62 -0.14
C SER C 559 -17.77 -11.09 0.65
N ALA C 560 -17.48 -10.13 1.52
CA ALA C 560 -18.50 -9.52 2.36
C ALA C 560 -18.93 -8.14 1.87
N LEU C 561 -18.35 -7.66 0.78
CA LEU C 561 -18.69 -6.34 0.24
C LEU C 561 -19.80 -6.46 -0.78
N GLY C 562 -20.75 -5.51 -0.72
CA GLY C 562 -21.86 -5.50 -1.64
C GLY C 562 -22.98 -4.59 -1.18
N PRO C 563 -24.14 -4.68 -1.83
CA PRO C 563 -25.26 -3.82 -1.44
C PRO C 563 -25.95 -4.28 -0.16
N GLY C 564 -25.86 -5.58 0.13
CA GLY C 564 -26.49 -6.13 1.32
C GLY C 564 -25.50 -6.44 2.41
N GLY C 565 -24.33 -5.82 2.37
CA GLY C 565 -23.31 -6.05 3.37
C GLY C 565 -22.57 -4.79 3.76
N LEU C 566 -21.52 -4.94 4.57
CA LEU C 566 -20.76 -3.79 5.03
C LEU C 566 -19.85 -3.27 3.92
N THR C 567 -19.37 -2.05 4.12
CA THR C 567 -18.43 -1.41 3.19
C THR C 567 -17.03 -1.38 3.80
N ARG C 568 -16.04 -1.29 2.92
CA ARG C 568 -14.65 -1.28 3.34
C ARG C 568 -14.21 0.06 3.91
N GLU C 569 -14.99 1.13 3.71
CA GLU C 569 -14.60 2.44 4.22
C GLU C 569 -14.83 2.57 5.71
N ARG C 570 -15.86 1.90 6.24
CA ARG C 570 -16.16 1.97 7.66
C ARG C 570 -15.24 1.05 8.46
N ALA C 571 -15.36 1.11 9.77
CA ALA C 571 -14.53 0.31 10.66
C ALA C 571 -14.98 -1.14 10.66
N GLY C 572 -14.01 -2.05 10.58
CA GLY C 572 -14.30 -3.47 10.55
C GLY C 572 -13.37 -4.29 11.43
N PHE C 573 -12.97 -3.72 12.58
CA PHE C 573 -11.93 -4.33 13.42
C PHE C 573 -12.33 -5.66 14.01
N GLU C 574 -13.63 -5.95 14.14
CA GLU C 574 -14.08 -7.26 14.60
C GLU C 574 -14.20 -8.26 13.45
N VAL C 575 -14.75 -7.83 12.31
CA VAL C 575 -14.98 -8.75 11.19
C VAL C 575 -13.71 -9.04 10.39
N ARG C 576 -12.62 -8.32 10.64
CA ARG C 576 -11.35 -8.61 10.00
C ARG C 576 -10.55 -9.67 10.73
N ASP C 577 -10.95 -10.04 11.94
CA ASP C 577 -10.26 -11.07 12.71
C ASP C 577 -10.85 -12.45 12.39
N VAL C 578 -10.02 -13.47 12.53
CA VAL C 578 -10.40 -14.84 12.21
C VAL C 578 -11.05 -15.48 13.44
N HIS C 579 -12.15 -16.19 13.20
CA HIS C 579 -12.93 -16.92 14.19
C HIS C 579 -12.57 -18.41 14.16
N PRO C 580 -12.74 -19.13 15.27
CA PRO C 580 -12.52 -20.59 15.24
C PRO C 580 -13.54 -21.36 14.40
N THR C 581 -14.63 -20.73 13.96
CA THR C 581 -15.56 -21.40 13.06
C THR C 581 -14.97 -21.54 11.66
N HIS C 582 -13.99 -20.70 11.32
CA HIS C 582 -13.37 -20.70 9.99
C HIS C 582 -12.51 -21.93 9.71
N TYR C 583 -12.22 -22.76 10.72
CA TYR C 583 -11.36 -23.93 10.54
C TYR C 583 -12.11 -24.99 9.73
N GLY C 584 -11.76 -25.11 8.45
CA GLY C 584 -12.34 -26.10 7.57
C GLY C 584 -13.32 -25.55 6.56
N ARG C 585 -13.78 -24.31 6.71
CA ARG C 585 -14.77 -23.73 5.81
C ARG C 585 -14.24 -22.52 5.05
N VAL C 586 -13.55 -21.62 5.73
CA VAL C 586 -13.04 -20.39 5.13
C VAL C 586 -11.53 -20.37 5.28
N CYS C 587 -10.83 -20.17 4.16
CA CYS C 587 -9.38 -20.13 4.19
C CYS C 587 -8.88 -18.88 4.91
N THR C 588 -7.83 -19.06 5.71
CA THR C 588 -7.27 -17.98 6.52
C THR C 588 -5.92 -17.52 6.00
N ILE C 589 -5.51 -17.95 4.80
CA ILE C 589 -4.22 -17.62 4.23
C ILE C 589 -4.37 -16.75 2.98
N GLU C 590 -5.21 -17.18 2.04
CA GLU C 590 -5.41 -16.43 0.79
C GLU C 590 -6.31 -15.24 1.13
N THR C 591 -5.69 -14.15 1.57
CA THR C 591 -6.39 -12.93 1.92
C THR C 591 -5.54 -11.77 1.41
N PRO C 592 -6.10 -10.87 0.60
CA PRO C 592 -5.30 -9.77 0.04
C PRO C 592 -4.99 -8.72 1.09
N GLU C 593 -3.72 -8.35 1.20
CA GLU C 593 -3.31 -7.33 2.15
C GLU C 593 -3.52 -5.94 1.55
N GLY C 594 -3.56 -4.94 2.43
CA GLY C 594 -3.71 -3.57 2.01
C GLY C 594 -4.94 -2.91 2.61
N PRO C 595 -5.81 -2.35 1.75
CA PRO C 595 -7.02 -1.68 2.23
C PRO C 595 -8.04 -2.65 2.85
N ASN C 596 -8.37 -3.71 2.11
CA ASN C 596 -9.35 -4.69 2.57
C ASN C 596 -8.62 -6.00 2.88
N ILE C 597 -8.12 -6.09 4.11
CA ILE C 597 -7.47 -7.30 4.60
C ILE C 597 -8.41 -7.94 5.61
N GLY C 598 -9.05 -9.05 5.22
CA GLY C 598 -10.00 -9.77 6.04
C GLY C 598 -11.40 -9.78 5.48
N LEU C 599 -11.75 -8.76 4.70
CA LEU C 599 -13.08 -8.70 4.09
C LEU C 599 -13.20 -9.57 2.86
N ILE C 600 -12.11 -9.85 2.18
CA ILE C 600 -12.10 -10.68 0.98
C ILE C 600 -11.51 -12.03 1.38
N ASN C 601 -12.36 -12.99 1.70
CA ASN C 601 -11.93 -14.30 2.15
C ASN C 601 -11.88 -15.26 0.97
N SER C 602 -11.68 -16.54 1.24
CA SER C 602 -11.63 -17.56 0.20
C SER C 602 -12.18 -18.86 0.74
N LEU C 603 -12.79 -19.64 -0.14
CA LEU C 603 -13.33 -20.94 0.24
C LEU C 603 -12.22 -21.96 0.40
N ALA C 604 -12.49 -22.99 1.20
CA ALA C 604 -11.53 -24.05 1.43
C ALA C 604 -11.54 -25.03 0.26
N VAL C 605 -10.75 -26.10 0.38
CA VAL C 605 -10.66 -27.09 -0.69
C VAL C 605 -11.89 -28.00 -0.69
N PHE C 606 -12.20 -28.60 0.46
CA PHE C 606 -13.30 -29.54 0.57
C PHE C 606 -14.62 -28.87 0.96
N ALA C 607 -14.63 -27.55 1.13
CA ALA C 607 -15.85 -26.86 1.54
C ALA C 607 -16.81 -26.72 0.38
N ARG C 608 -18.11 -26.67 0.71
CA ARG C 608 -19.15 -26.54 -0.30
C ARG C 608 -20.36 -25.87 0.34
N THR C 609 -21.33 -25.53 -0.51
CA THR C 609 -22.54 -24.84 -0.07
C THR C 609 -23.61 -25.87 0.28
N ASN C 610 -24.29 -25.64 1.41
CA ASN C 610 -25.36 -26.51 1.85
C ASN C 610 -26.65 -26.17 1.11
N GLN C 611 -27.76 -26.82 1.49
CA GLN C 611 -29.04 -26.59 0.83
C GLN C 611 -29.68 -25.28 1.24
N TYR C 612 -29.26 -24.68 2.36
CA TYR C 612 -29.82 -23.43 2.82
C TYR C 612 -28.94 -22.21 2.55
N GLY C 613 -27.65 -22.42 2.31
CA GLY C 613 -26.74 -21.32 2.02
C GLY C 613 -25.53 -21.30 2.92
N PHE C 614 -25.51 -22.13 3.95
CA PHE C 614 -24.39 -22.19 4.87
C PHE C 614 -23.27 -23.05 4.27
N LEU C 615 -22.09 -22.95 4.88
CA LEU C 615 -20.91 -23.67 4.43
C LEU C 615 -20.74 -24.94 5.26
N GLU C 616 -20.61 -26.08 4.58
CA GLU C 616 -20.45 -27.37 5.22
C GLU C 616 -19.14 -27.99 4.80
N THR C 617 -18.45 -28.60 5.76
CA THR C 617 -17.19 -29.28 5.52
C THR C 617 -17.28 -30.75 5.91
N PRO C 618 -16.64 -31.66 5.16
CA PRO C 618 -16.76 -33.08 5.47
C PRO C 618 -15.89 -33.49 6.65
N TYR C 619 -16.42 -34.44 7.42
CA TYR C 619 -15.72 -35.08 8.52
C TYR C 619 -15.91 -36.58 8.43
N ARG C 620 -15.20 -37.31 9.30
CA ARG C 620 -15.24 -38.76 9.32
C ARG C 620 -16.03 -39.25 10.53
N LYS C 621 -16.87 -40.26 10.31
CA LYS C 621 -17.61 -40.87 11.40
C LYS C 621 -16.67 -41.72 12.25
N VAL C 622 -16.54 -41.39 13.52
CA VAL C 622 -15.63 -42.07 14.42
C VAL C 622 -16.45 -42.89 15.41
N LEU C 623 -16.29 -44.22 15.32
CA LEU C 623 -16.85 -45.11 16.31
C LEU C 623 -16.02 -45.01 17.59
N ASP C 624 -16.60 -45.49 18.71
CA ASP C 624 -15.93 -45.42 20.00
C ASP C 624 -14.66 -46.27 20.07
N GLY C 625 -14.53 -47.28 19.21
CA GLY C 625 -13.33 -48.08 19.18
C GLY C 625 -12.35 -47.71 18.08
N LYS C 626 -12.86 -47.51 16.85
CA LYS C 626 -12.00 -47.25 15.71
C LYS C 626 -12.64 -46.16 14.84
N VAL C 627 -12.01 -45.88 13.70
CA VAL C 627 -12.46 -44.86 12.77
C VAL C 627 -12.95 -45.54 11.50
N SER C 628 -14.16 -45.20 11.08
CA SER C 628 -14.75 -45.79 9.88
C SER C 628 -14.46 -44.93 8.65
N ASP C 629 -14.67 -45.51 7.49
CA ASP C 629 -14.46 -44.82 6.22
C ASP C 629 -15.78 -44.27 5.68
N ASP C 630 -16.35 -43.33 6.43
CA ASP C 630 -17.60 -42.70 6.07
C ASP C 630 -17.44 -41.18 6.14
N VAL C 631 -18.15 -40.48 5.26
CA VAL C 631 -18.12 -39.03 5.22
C VAL C 631 -19.49 -38.50 5.59
N GLU C 632 -19.49 -37.32 6.23
CA GLU C 632 -20.74 -36.68 6.64
C GLU C 632 -20.49 -35.19 6.74
N TYR C 633 -21.18 -34.41 5.91
CA TYR C 633 -21.00 -32.96 5.91
C TYR C 633 -21.75 -32.34 7.09
N LEU C 634 -21.04 -31.59 7.91
CA LEU C 634 -21.61 -30.89 9.05
C LEU C 634 -21.56 -29.39 8.83
N SER C 635 -22.61 -28.71 9.28
CA SER C 635 -22.70 -27.26 9.17
C SER C 635 -22.02 -26.62 10.37
N ALA C 636 -22.20 -25.30 10.53
CA ALA C 636 -21.56 -24.58 11.62
C ALA C 636 -22.37 -24.62 12.92
N ILE C 637 -23.67 -24.88 12.84
CA ILE C 637 -24.51 -24.93 14.03
C ILE C 637 -24.64 -26.37 14.52
N GLU C 638 -23.92 -27.28 13.86
CA GLU C 638 -23.90 -28.68 14.25
C GLU C 638 -22.56 -29.13 14.83
N GLU C 639 -21.50 -28.33 14.69
CA GLU C 639 -20.20 -28.68 15.21
C GLU C 639 -19.99 -28.25 16.66
N ASN C 640 -20.94 -27.51 17.23
CA ASN C 640 -20.81 -27.04 18.61
C ASN C 640 -21.23 -28.11 19.63
N GLU C 641 -21.91 -29.17 19.19
CA GLU C 641 -22.35 -30.24 20.08
C GLU C 641 -21.39 -31.42 20.12
N TYR C 642 -20.84 -31.79 18.97
CA TYR C 642 -19.94 -32.93 18.88
C TYR C 642 -18.50 -32.50 19.17
N VAL C 643 -17.71 -33.46 19.63
CA VAL C 643 -16.29 -33.25 19.94
C VAL C 643 -15.51 -33.72 18.72
N ILE C 644 -15.10 -32.76 17.88
CA ILE C 644 -14.39 -33.07 16.64
C ILE C 644 -12.89 -33.12 16.94
N ALA C 645 -12.26 -34.24 16.59
CA ALA C 645 -10.83 -34.40 16.82
C ALA C 645 -10.04 -33.67 15.75
N GLN C 646 -8.81 -33.30 16.11
CA GLN C 646 -7.92 -32.59 15.21
C GLN C 646 -7.08 -33.57 14.41
N ALA C 647 -6.06 -33.07 13.71
CA ALA C 647 -5.18 -33.91 12.90
C ALA C 647 -4.10 -34.59 13.72
N ASN C 648 -3.94 -34.23 14.99
CA ASN C 648 -2.92 -34.85 15.84
C ASN C 648 -3.49 -36.13 16.47
N ALA C 649 -3.66 -37.13 15.62
CA ALA C 649 -4.18 -38.43 16.04
C ALA C 649 -3.30 -39.51 15.38
N LEU C 650 -2.32 -40.01 16.14
CA LEU C 650 -1.44 -41.04 15.63
C LEU C 650 -2.17 -42.37 15.54
N THR C 651 -1.80 -43.17 14.54
CA THR C 651 -2.46 -44.43 14.27
C THR C 651 -1.41 -45.54 14.18
N ASP C 652 -1.66 -46.63 14.90
CA ASP C 652 -0.79 -47.81 14.84
C ASP C 652 -1.31 -48.81 13.80
N ALA C 653 -2.57 -49.20 13.92
CA ALA C 653 -3.21 -50.08 12.95
C ALA C 653 -3.85 -49.24 11.85
N LYS C 654 -4.70 -49.87 11.03
CA LYS C 654 -5.41 -49.12 9.99
C LYS C 654 -6.47 -48.21 10.58
N ASN C 655 -7.04 -48.57 11.74
CA ASN C 655 -8.00 -47.72 12.43
C ASN C 655 -7.85 -48.00 13.93
N MET C 656 -7.03 -47.18 14.59
CA MET C 656 -6.78 -47.36 16.02
C MET C 656 -6.27 -46.04 16.59
N LEU C 657 -6.54 -45.84 17.88
CA LEU C 657 -6.08 -44.66 18.62
C LEU C 657 -5.36 -45.15 19.87
N THR C 658 -4.06 -44.89 19.94
CA THR C 658 -3.23 -45.35 21.05
C THR C 658 -2.84 -44.24 22.01
N GLU C 659 -3.46 -43.07 21.90
CA GLU C 659 -3.17 -41.94 22.78
C GLU C 659 -4.25 -41.84 23.85
N GLN C 660 -3.83 -41.60 25.09
CA GLN C 660 -4.78 -41.47 26.19
C GLN C 660 -5.45 -40.11 26.23
N PHE C 661 -4.88 -39.10 25.57
CA PHE C 661 -5.47 -37.76 25.53
C PHE C 661 -5.21 -37.18 24.14
N VAL C 662 -6.23 -37.23 23.28
CA VAL C 662 -6.14 -36.69 21.94
C VAL C 662 -6.56 -35.21 21.98
N PRO C 663 -5.84 -34.30 21.33
CA PRO C 663 -6.27 -32.90 21.31
C PRO C 663 -7.45 -32.71 20.37
N CYS C 664 -8.50 -32.08 20.88
CA CYS C 664 -9.70 -31.83 20.10
C CYS C 664 -10.29 -30.48 20.52
N ARG C 665 -11.35 -30.08 19.83
CA ARG C 665 -12.04 -28.83 20.11
C ARG C 665 -13.52 -29.09 20.31
N PHE C 666 -14.11 -28.39 21.27
CA PHE C 666 -15.54 -28.52 21.56
C PHE C 666 -16.33 -27.35 20.97
N GLN C 667 -15.98 -26.12 21.32
CA GLN C 667 -16.60 -24.92 20.80
C GLN C 667 -15.55 -23.95 20.30
N GLY C 668 -14.49 -24.47 19.70
CA GLY C 668 -13.38 -23.66 19.23
C GLY C 668 -12.21 -23.56 20.19
N GLU C 669 -12.30 -24.20 21.36
CA GLU C 669 -11.22 -24.18 22.34
C GLU C 669 -10.53 -25.54 22.32
N SER C 670 -9.23 -25.53 22.04
CA SER C 670 -8.46 -26.77 21.96
C SER C 670 -8.17 -27.27 23.36
N LEU C 671 -8.73 -28.43 23.69
CA LEU C 671 -8.55 -29.06 25.00
C LEU C 671 -8.13 -30.52 24.80
N LEU C 672 -7.92 -31.22 25.91
CA LEU C 672 -7.54 -32.62 25.91
C LEU C 672 -8.71 -33.46 26.42
N LYS C 673 -8.98 -34.56 25.74
CA LYS C 673 -10.09 -35.44 26.07
C LYS C 673 -9.67 -36.88 25.78
N PRO C 674 -10.23 -37.86 26.52
CA PRO C 674 -9.96 -39.25 26.21
C PRO C 674 -10.60 -39.64 24.88
N PRO C 675 -10.03 -40.64 24.18
CA PRO C 675 -10.56 -41.00 22.86
C PRO C 675 -11.87 -41.78 22.88
N SER C 676 -12.44 -42.07 24.06
CA SER C 676 -13.71 -42.76 24.15
C SER C 676 -14.91 -41.80 24.06
N GLU C 677 -14.67 -40.51 23.84
CA GLU C 677 -15.75 -39.52 23.77
C GLU C 677 -15.71 -38.71 22.49
N VAL C 678 -14.82 -39.02 21.55
CA VAL C 678 -14.78 -38.30 20.29
C VAL C 678 -15.94 -38.74 19.40
N HIS C 679 -16.32 -37.87 18.47
CA HIS C 679 -17.44 -38.15 17.59
C HIS C 679 -17.11 -37.93 16.12
N PHE C 680 -16.14 -37.05 15.85
CA PHE C 680 -15.80 -36.73 14.47
C PHE C 680 -14.31 -36.45 14.36
N MET C 681 -13.81 -36.57 13.14
CA MET C 681 -12.40 -36.32 12.84
C MET C 681 -12.29 -35.77 11.42
N ASP C 682 -11.21 -35.03 11.17
CA ASP C 682 -10.98 -34.46 9.85
C ASP C 682 -10.62 -35.55 8.85
N VAL C 683 -10.84 -35.25 7.57
CA VAL C 683 -10.71 -36.24 6.51
C VAL C 683 -9.35 -36.08 5.81
N SER C 684 -8.79 -34.86 5.85
CA SER C 684 -7.56 -34.58 5.13
C SER C 684 -6.86 -33.41 5.79
N PRO C 685 -5.53 -33.38 5.78
CA PRO C 685 -4.81 -32.19 6.31
C PRO C 685 -4.88 -30.98 5.40
N MET C 686 -5.39 -31.11 4.18
CA MET C 686 -5.54 -30.00 3.25
C MET C 686 -6.90 -29.31 3.39
N GLN C 687 -7.52 -29.40 4.57
CA GLN C 687 -8.85 -28.84 4.76
C GLN C 687 -8.82 -27.36 5.07
N THR C 688 -7.76 -26.88 5.72
CA THR C 688 -7.72 -25.50 6.18
C THR C 688 -7.43 -24.52 5.04
N VAL C 689 -6.38 -24.78 4.28
CA VAL C 689 -5.92 -23.84 3.25
C VAL C 689 -6.79 -23.96 2.01
N SER C 690 -6.68 -22.98 1.11
CA SER C 690 -7.43 -22.96 -0.13
C SER C 690 -6.62 -23.62 -1.25
N VAL C 691 -7.08 -23.47 -2.49
CA VAL C 691 -6.36 -24.03 -3.63
C VAL C 691 -5.18 -23.15 -4.03
N ALA C 692 -5.20 -21.86 -3.69
CA ALA C 692 -4.11 -20.97 -4.02
C ALA C 692 -3.01 -20.97 -2.97
N ALA C 693 -3.27 -21.52 -1.78
CA ALA C 693 -2.28 -21.59 -0.73
C ALA C 693 -1.72 -23.00 -0.53
N ALA C 694 -2.34 -24.02 -1.12
CA ALA C 694 -1.84 -25.38 -0.96
C ALA C 694 -0.69 -25.72 -1.89
N LEU C 695 -0.51 -24.95 -2.97
CA LEU C 695 0.56 -25.23 -3.92
C LEU C 695 1.93 -24.76 -3.44
N VAL C 696 1.98 -23.96 -2.38
CA VAL C 696 3.26 -23.50 -1.83
C VAL C 696 3.87 -24.66 -1.04
N PRO C 697 5.08 -25.12 -1.40
CA PRO C 697 5.68 -26.24 -0.68
C PRO C 697 6.23 -25.82 0.66
N PHE C 698 6.10 -26.73 1.63
CA PHE C 698 6.53 -26.56 3.03
C PHE C 698 5.87 -25.34 3.67
N LEU C 699 4.53 -25.33 3.64
CA LEU C 699 3.77 -24.25 4.26
C LEU C 699 3.80 -24.33 5.78
N GLU C 700 4.07 -25.50 6.34
CA GLU C 700 4.10 -25.65 7.79
C GLU C 700 5.34 -25.03 8.42
N HIS C 701 6.40 -24.80 7.64
CA HIS C 701 7.63 -24.26 8.18
C HIS C 701 7.67 -22.74 8.16
N ASP C 702 7.06 -22.12 7.15
CA ASP C 702 7.11 -20.67 7.02
C ASP C 702 6.08 -20.01 7.95
N ASP C 703 6.24 -18.70 8.13
CA ASP C 703 5.32 -17.92 8.94
C ASP C 703 4.01 -17.70 8.19
N ALA C 704 2.99 -17.22 8.92
CA ALA C 704 1.68 -17.04 8.33
C ALA C 704 1.61 -15.81 7.44
N ASN C 705 2.28 -14.72 7.83
CA ASN C 705 2.24 -13.50 7.04
C ASN C 705 3.04 -13.63 5.75
N ARG C 706 4.17 -14.35 5.80
CA ARG C 706 4.93 -14.59 4.58
C ARG C 706 4.22 -15.57 3.66
N ALA C 707 3.46 -16.51 4.22
CA ALA C 707 2.62 -17.37 3.40
C ALA C 707 1.48 -16.60 2.78
N LEU C 708 0.93 -15.62 3.51
CA LEU C 708 -0.11 -14.75 2.97
C LEU C 708 0.44 -13.85 1.85
N MET C 709 1.70 -13.43 1.95
CA MET C 709 2.32 -12.67 0.88
C MET C 709 2.62 -13.57 -0.32
N GLY C 710 3.05 -14.81 -0.07
CA GLY C 710 3.36 -15.72 -1.16
C GLY C 710 2.13 -16.18 -1.91
N ALA C 711 1.00 -16.33 -1.21
CA ALA C 711 -0.25 -16.73 -1.87
C ALA C 711 -0.79 -15.64 -2.79
N ASN C 712 -0.43 -14.37 -2.55
CA ASN C 712 -0.78 -13.30 -3.47
C ASN C 712 0.29 -13.08 -4.52
N MET C 713 1.55 -13.42 -4.23
CA MET C 713 2.60 -13.33 -5.24
C MET C 713 2.47 -14.45 -6.27
N GLN C 714 1.88 -15.58 -5.89
CA GLN C 714 1.65 -16.68 -6.82
C GLN C 714 0.38 -16.50 -7.64
N ARG C 715 -0.35 -15.40 -7.47
CA ARG C 715 -1.63 -15.19 -8.14
C ARG C 715 -1.53 -14.31 -9.37
N GLN C 716 -0.42 -13.59 -9.55
CA GLN C 716 -0.27 -12.63 -10.65
C GLN C 716 1.01 -12.93 -11.43
N ALA C 717 1.22 -14.20 -11.78
CA ALA C 717 2.35 -14.58 -12.59
C ALA C 717 2.08 -14.30 -14.06
N VAL C 718 3.12 -14.43 -14.87
CA VAL C 718 3.05 -14.26 -16.32
C VAL C 718 3.53 -15.56 -16.96
N PRO C 719 2.77 -16.16 -17.87
CA PRO C 719 3.23 -17.38 -18.54
C PRO C 719 4.36 -17.07 -19.52
N THR C 720 5.41 -17.90 -19.47
CA THR C 720 6.58 -17.71 -20.30
C THR C 720 6.43 -18.48 -21.61
N LEU C 721 7.52 -18.59 -22.37
CA LEU C 721 7.49 -19.29 -23.65
C LEU C 721 7.48 -20.80 -23.45
N ARG C 722 8.54 -21.34 -22.83
CA ARG C 722 8.67 -22.77 -22.56
C ARG C 722 8.67 -22.95 -21.05
N SER C 723 7.50 -23.21 -20.48
CA SER C 723 7.37 -23.36 -19.05
C SER C 723 7.91 -24.72 -18.60
N GLN C 724 8.67 -24.70 -17.50
CA GLN C 724 9.24 -25.90 -16.93
C GLN C 724 8.53 -26.24 -15.62
N LYS C 725 8.50 -27.54 -15.30
CA LYS C 725 7.81 -28.01 -14.12
C LYS C 725 8.57 -27.62 -12.85
N PRO C 726 7.85 -27.38 -11.75
CA PRO C 726 8.52 -27.15 -10.47
C PRO C 726 9.05 -28.46 -9.91
N LEU C 727 10.28 -28.41 -9.39
CA LEU C 727 10.89 -29.60 -8.82
C LEU C 727 10.26 -29.97 -7.49
N VAL C 728 9.91 -28.95 -6.69
CA VAL C 728 9.25 -29.19 -5.40
C VAL C 728 7.81 -28.70 -5.49
N GLY C 729 6.91 -29.61 -5.81
CA GLY C 729 5.50 -29.30 -5.93
C GLY C 729 4.70 -29.76 -4.73
N THR C 730 3.45 -30.12 -4.97
CA THR C 730 2.57 -30.60 -3.92
C THR C 730 1.91 -31.93 -4.25
N GLY C 731 1.54 -32.15 -5.51
CA GLY C 731 0.79 -33.31 -5.91
C GLY C 731 -0.68 -33.04 -6.15
N ILE C 732 -1.20 -31.92 -5.65
CA ILE C 732 -2.58 -31.50 -5.92
C ILE C 732 -2.64 -30.53 -7.10
N GLU C 733 -1.54 -30.35 -7.82
CA GLU C 733 -1.51 -29.47 -8.98
C GLU C 733 -2.16 -30.08 -10.22
N ARG C 734 -2.46 -31.39 -10.19
CA ARG C 734 -3.13 -32.03 -11.31
C ARG C 734 -4.62 -31.75 -11.35
N ALA C 735 -5.19 -31.16 -10.29
CA ALA C 735 -6.60 -30.81 -10.25
C ALA C 735 -6.86 -29.32 -10.44
N VAL C 736 -5.95 -28.47 -9.97
CA VAL C 736 -6.14 -27.02 -10.10
C VAL C 736 -5.97 -26.59 -11.55
N ALA C 737 -5.17 -27.32 -12.32
CA ALA C 737 -5.03 -27.04 -13.75
C ALA C 737 -6.10 -27.75 -14.58
N ARG C 738 -6.74 -28.77 -14.04
CA ARG C 738 -7.78 -29.51 -14.75
C ARG C 738 -9.15 -28.89 -14.58
N ASP C 739 -9.49 -28.44 -13.37
CA ASP C 739 -10.81 -27.87 -13.11
C ASP C 739 -10.98 -26.47 -13.68
N SER C 740 -9.89 -25.79 -14.04
CA SER C 740 -9.99 -24.45 -14.61
C SER C 740 -10.47 -24.47 -16.06
N GLY C 741 -10.38 -25.61 -16.74
CA GLY C 741 -10.86 -25.70 -18.10
C GLY C 741 -9.98 -25.05 -19.14
N VAL C 742 -8.70 -24.80 -18.82
CA VAL C 742 -7.80 -24.17 -19.78
C VAL C 742 -7.27 -25.18 -20.79
N THR C 743 -7.29 -26.47 -20.45
CA THR C 743 -6.79 -27.52 -21.32
C THR C 743 -7.94 -28.38 -21.82
N VAL C 744 -7.84 -28.85 -23.05
CA VAL C 744 -8.87 -29.71 -23.63
C VAL C 744 -8.69 -31.13 -23.11
N ASN C 745 -9.81 -31.82 -22.90
CA ASN C 745 -9.81 -33.18 -22.41
C ASN C 745 -10.60 -34.06 -23.37
N ALA C 746 -10.16 -35.31 -23.51
CA ALA C 746 -10.82 -36.25 -24.40
C ALA C 746 -12.10 -36.78 -23.75
N LEU C 747 -13.23 -36.59 -24.44
CA LEU C 747 -14.50 -37.09 -23.92
C LEU C 747 -14.64 -38.59 -24.12
N ARG C 748 -14.14 -39.11 -25.24
CA ARG C 748 -14.17 -40.54 -25.54
C ARG C 748 -12.79 -40.95 -26.03
N GLY C 749 -12.19 -41.93 -25.38
CA GLY C 749 -10.87 -42.39 -25.77
C GLY C 749 -10.89 -43.21 -27.04
N GLY C 750 -9.78 -43.18 -27.77
CA GLY C 750 -9.66 -43.91 -29.01
C GLY C 750 -8.32 -43.72 -29.70
N VAL C 751 -8.33 -43.75 -31.03
CA VAL C 751 -7.12 -43.65 -31.82
C VAL C 751 -7.06 -42.26 -32.44
N ILE C 752 -5.91 -41.60 -32.30
CA ILE C 752 -5.70 -40.28 -32.89
C ILE C 752 -5.44 -40.48 -34.38
N GLU C 753 -6.40 -40.08 -35.21
CA GLU C 753 -6.27 -40.28 -36.65
C GLU C 753 -5.36 -39.23 -37.27
N GLN C 754 -5.72 -37.96 -37.15
CA GLN C 754 -4.95 -36.86 -37.71
C GLN C 754 -4.66 -35.83 -36.62
N ILE C 755 -3.53 -35.15 -36.75
CA ILE C 755 -3.14 -34.11 -35.81
C ILE C 755 -2.45 -33.00 -36.60
N ASP C 756 -2.53 -31.78 -36.06
CA ASP C 756 -1.92 -30.62 -36.69
C ASP C 756 -1.48 -29.67 -35.59
N ALA C 757 -1.07 -28.45 -35.99
CA ALA C 757 -0.66 -27.45 -35.02
C ALA C 757 -1.84 -26.73 -34.38
N ALA C 758 -3.03 -26.83 -34.98
CA ALA C 758 -4.20 -26.16 -34.44
C ALA C 758 -5.46 -27.02 -34.49
N ARG C 759 -5.35 -28.32 -34.76
CA ARG C 759 -6.51 -29.17 -34.88
C ARG C 759 -6.13 -30.60 -34.50
N ILE C 760 -6.97 -31.23 -33.69
CA ILE C 760 -6.77 -32.60 -33.24
C ILE C 760 -8.00 -33.42 -33.64
N VAL C 761 -7.77 -34.49 -34.41
CA VAL C 761 -8.83 -35.37 -34.85
C VAL C 761 -8.70 -36.68 -34.07
N VAL C 762 -9.76 -37.04 -33.35
CA VAL C 762 -9.78 -38.26 -32.55
C VAL C 762 -10.92 -39.15 -33.05
N LYS C 763 -10.64 -40.45 -33.14
CA LYS C 763 -11.62 -41.43 -33.58
C LYS C 763 -12.20 -42.14 -32.37
N VAL C 764 -13.52 -42.10 -32.23
CA VAL C 764 -14.20 -42.73 -31.10
C VAL C 764 -14.28 -44.23 -31.36
N ASN C 765 -13.87 -45.03 -30.37
CA ASN C 765 -13.88 -46.47 -30.51
C ASN C 765 -15.31 -47.02 -30.41
N GLU C 766 -15.44 -48.32 -30.67
CA GLU C 766 -16.75 -48.97 -30.72
C GLU C 766 -17.34 -49.24 -29.34
N ALA C 767 -16.57 -49.05 -28.27
CA ALA C 767 -17.10 -49.29 -26.93
C ALA C 767 -18.02 -48.16 -26.48
N GLU C 768 -17.50 -46.94 -26.47
CA GLU C 768 -18.26 -45.77 -26.04
C GLU C 768 -18.83 -44.99 -27.21
N ILE C 769 -19.20 -45.67 -28.30
CA ILE C 769 -19.74 -45.02 -29.47
C ILE C 769 -21.21 -44.68 -29.24
N ALA C 775 -21.62 -42.67 -34.30
CA ALA C 775 -20.80 -42.92 -35.48
C ALA C 775 -19.96 -41.69 -35.82
N GLY C 776 -20.46 -40.51 -35.45
CA GLY C 776 -19.73 -39.28 -35.72
C GLY C 776 -18.59 -39.10 -34.75
N VAL C 777 -17.37 -39.01 -35.27
CA VAL C 777 -16.21 -38.81 -34.41
C VAL C 777 -16.11 -37.36 -33.98
N ASP C 778 -15.38 -37.13 -32.89
CA ASP C 778 -15.20 -35.79 -32.34
C ASP C 778 -13.97 -35.13 -32.92
N ILE C 779 -14.02 -33.82 -33.04
CA ILE C 779 -12.91 -33.02 -33.55
C ILE C 779 -12.75 -31.79 -32.66
N TYR C 780 -11.50 -31.46 -32.35
CA TYR C 780 -11.18 -30.37 -31.44
C TYR C 780 -10.47 -29.25 -32.19
N ASN C 781 -10.76 -28.01 -31.79
CA ASN C 781 -10.14 -26.82 -32.36
C ASN C 781 -9.39 -26.09 -31.26
N LEU C 782 -8.06 -26.19 -31.28
CA LEU C 782 -7.23 -25.54 -30.28
C LEU C 782 -7.15 -24.04 -30.55
N ILE C 783 -7.19 -23.25 -29.49
CA ILE C 783 -7.13 -21.80 -29.61
C ILE C 783 -5.68 -21.38 -29.84
N LYS C 784 -5.47 -20.47 -30.79
CA LYS C 784 -4.15 -19.96 -31.12
C LYS C 784 -3.89 -18.69 -30.30
N TYR C 785 -2.88 -17.92 -30.70
CA TYR C 785 -2.46 -16.72 -29.96
C TYR C 785 -3.54 -15.65 -30.08
N THR C 786 -4.34 -15.50 -29.03
CA THR C 786 -5.36 -14.47 -28.93
C THR C 786 -5.07 -13.58 -27.73
N ARG C 787 -5.88 -12.54 -27.59
CA ARG C 787 -5.72 -11.57 -26.51
C ARG C 787 -6.58 -11.96 -25.32
N SER C 788 -5.99 -11.94 -24.13
CA SER C 788 -6.72 -12.21 -22.90
C SER C 788 -7.19 -10.89 -22.29
N ASN C 789 -7.70 -10.94 -21.06
CA ASN C 789 -8.22 -9.74 -20.42
C ASN C 789 -7.12 -8.83 -19.90
N GLN C 790 -5.94 -9.39 -19.61
CA GLN C 790 -4.83 -8.62 -19.06
C GLN C 790 -3.69 -8.46 -20.05
N ASN C 791 -4.01 -8.46 -21.34
CA ASN C 791 -3.06 -8.28 -22.46
C ASN C 791 -1.95 -9.33 -22.43
N THR C 792 -2.31 -10.57 -22.14
CA THR C 792 -1.36 -11.67 -22.06
C THR C 792 -1.70 -12.69 -23.15
N CYS C 793 -0.67 -13.14 -23.87
CA CYS C 793 -0.88 -14.09 -24.96
C CYS C 793 -1.14 -15.48 -24.40
N ILE C 794 -2.20 -16.12 -24.90
CA ILE C 794 -2.56 -17.47 -24.50
C ILE C 794 -2.56 -18.35 -25.75
N ASN C 795 -2.17 -19.61 -25.56
CA ASN C 795 -2.13 -20.57 -26.66
C ASN C 795 -2.18 -21.98 -26.09
N GLN C 796 -2.57 -22.93 -26.93
CA GLN C 796 -2.66 -24.33 -26.56
C GLN C 796 -1.87 -25.16 -27.57
N ARG C 797 -0.85 -25.87 -27.10
CA ARG C 797 -0.04 -26.71 -27.95
C ARG C 797 -0.26 -28.18 -27.59
N PRO C 798 -0.50 -29.05 -28.57
CA PRO C 798 -0.72 -30.46 -28.27
C PRO C 798 0.58 -31.19 -27.95
N LEU C 799 0.43 -32.40 -27.40
CA LEU C 799 1.56 -33.20 -26.97
C LEU C 799 1.53 -34.63 -27.45
N VAL C 800 0.37 -35.18 -27.82
CA VAL C 800 0.27 -36.57 -28.25
C VAL C 800 0.73 -36.69 -29.69
N ASN C 801 0.97 -37.92 -30.14
CA ASN C 801 1.37 -38.21 -31.51
C ASN C 801 0.28 -39.03 -32.19
N VAL C 802 0.56 -39.44 -33.43
CA VAL C 802 -0.40 -40.22 -34.21
C VAL C 802 -0.34 -41.67 -33.76
N GLY C 803 -1.47 -42.37 -33.91
CA GLY C 803 -1.54 -43.78 -33.57
C GLY C 803 -1.58 -44.09 -32.09
N ASP C 804 -1.82 -43.09 -31.23
CA ASP C 804 -1.86 -43.30 -29.80
C ASP C 804 -3.25 -43.72 -29.35
N VAL C 805 -3.30 -44.50 -28.27
CA VAL C 805 -4.54 -44.98 -27.68
C VAL C 805 -4.72 -44.28 -26.34
N ILE C 806 -5.70 -43.39 -26.27
CA ILE C 806 -5.95 -42.61 -25.08
C ILE C 806 -7.22 -43.12 -24.39
N ALA C 807 -7.45 -42.66 -23.17
CA ALA C 807 -8.62 -43.02 -22.39
C ALA C 807 -9.48 -41.79 -22.15
N ARG C 808 -10.60 -41.99 -21.46
CA ARG C 808 -11.53 -40.90 -21.17
C ARG C 808 -11.03 -40.11 -19.97
N GLY C 809 -10.82 -38.81 -20.16
CA GLY C 809 -10.36 -37.93 -19.10
C GLY C 809 -8.92 -37.51 -19.18
N ASP C 810 -8.16 -38.01 -20.15
CA ASP C 810 -6.77 -37.65 -20.29
C ASP C 810 -6.64 -36.29 -20.97
N VAL C 811 -5.43 -35.74 -20.97
CA VAL C 811 -5.14 -34.45 -21.55
C VAL C 811 -4.62 -34.64 -22.97
N LEU C 812 -4.80 -33.62 -23.79
CA LEU C 812 -4.33 -33.64 -25.17
C LEU C 812 -3.47 -32.44 -25.52
N ALA C 813 -3.78 -31.26 -24.98
CA ALA C 813 -3.03 -30.05 -25.28
C ALA C 813 -2.85 -29.24 -24.02
N ASP C 814 -1.64 -28.75 -23.80
CA ASP C 814 -1.32 -27.91 -22.65
C ASP C 814 -1.49 -26.44 -23.02
N GLY C 815 -2.13 -25.69 -22.13
CA GLY C 815 -2.39 -24.29 -22.36
C GLY C 815 -1.23 -23.41 -21.94
N PRO C 816 -1.51 -22.15 -21.63
CA PRO C 816 -0.44 -21.24 -21.17
C PRO C 816 -0.05 -21.56 -19.74
N SER C 817 1.27 -21.64 -19.51
CA SER C 817 1.89 -22.04 -18.23
C SER C 817 1.35 -23.39 -17.76
N THR C 818 1.42 -24.37 -18.65
CA THR C 818 0.86 -25.69 -18.40
C THR C 818 1.84 -26.75 -18.87
N ASP C 819 1.85 -27.87 -18.15
CA ASP C 819 2.74 -28.99 -18.41
C ASP C 819 1.92 -30.23 -18.76
N ILE C 820 2.54 -31.41 -18.70
CA ILE C 820 1.99 -32.70 -19.12
C ILE C 820 0.75 -33.15 -18.32
N GLY C 821 0.34 -32.36 -17.32
CA GLY C 821 -0.74 -32.74 -16.43
C GLY C 821 -0.55 -32.17 -15.05
N GLU C 822 0.55 -31.45 -14.85
CA GLU C 822 0.80 -30.70 -13.62
C GLU C 822 0.90 -29.22 -13.95
N LEU C 823 0.77 -28.40 -12.91
CA LEU C 823 0.85 -26.95 -13.08
C LEU C 823 2.30 -26.49 -13.05
N ALA C 824 2.64 -25.56 -13.94
CA ALA C 824 4.01 -25.06 -14.08
C ALA C 824 3.94 -23.56 -14.33
N LEU C 825 4.41 -22.77 -13.36
CA LEU C 825 4.28 -21.32 -13.45
C LEU C 825 5.51 -20.66 -14.08
N GLY C 826 6.72 -21.08 -13.70
CA GLY C 826 7.91 -20.42 -14.19
C GLY C 826 9.07 -21.35 -14.48
N GLN C 827 10.28 -20.91 -14.15
CA GLN C 827 11.50 -21.65 -14.46
C GLN C 827 12.28 -21.94 -13.18
N ASN C 828 13.15 -22.95 -13.25
CA ASN C 828 14.03 -23.30 -12.15
C ASN C 828 15.44 -22.79 -12.43
N MET C 829 16.01 -22.10 -11.45
CA MET C 829 17.34 -21.50 -11.60
C MET C 829 18.18 -21.82 -10.37
N LEU C 830 19.47 -21.58 -10.48
CA LEU C 830 20.40 -21.83 -9.38
C LEU C 830 20.32 -20.70 -8.35
N ILE C 831 20.48 -21.07 -7.09
CA ILE C 831 20.33 -20.16 -5.97
C ILE C 831 21.53 -20.32 -5.04
N ALA C 832 22.21 -19.22 -4.74
CA ALA C 832 23.32 -19.21 -3.78
C ALA C 832 23.08 -18.06 -2.81
N PHE C 833 22.83 -18.40 -1.54
CA PHE C 833 22.61 -17.40 -0.50
C PHE C 833 23.95 -16.82 -0.08
N MET C 834 24.30 -15.67 -0.66
CA MET C 834 25.55 -15.00 -0.29
C MET C 834 25.44 -13.52 -0.60
N PRO C 835 25.98 -12.64 0.26
CA PRO C 835 26.05 -11.22 -0.10
C PRO C 835 27.10 -10.96 -1.18
N TRP C 836 26.65 -10.55 -2.36
CA TRP C 836 27.53 -10.37 -3.52
C TRP C 836 27.71 -8.88 -3.80
N ASN C 837 28.74 -8.30 -3.17
CA ASN C 837 29.25 -6.96 -3.47
C ASN C 837 28.21 -5.85 -3.25
N GLY C 838 27.26 -6.08 -2.35
CA GLY C 838 26.26 -5.09 -2.05
C GLY C 838 25.15 -4.93 -3.07
N TYR C 839 25.11 -5.79 -4.09
CA TYR C 839 24.02 -5.72 -5.06
C TYR C 839 22.72 -6.25 -4.46
N ASN C 840 22.81 -7.38 -3.74
CA ASN C 840 21.67 -7.90 -2.98
C ASN C 840 21.63 -7.20 -1.62
N PHE C 841 21.08 -5.99 -1.62
CA PHE C 841 21.12 -5.10 -0.46
C PHE C 841 19.90 -5.27 0.44
N GLU C 842 18.70 -5.03 -0.10
CA GLU C 842 17.45 -5.17 0.64
C GLU C 842 16.43 -5.81 -0.29
N ASP C 843 16.33 -7.15 -0.20
CA ASP C 843 15.44 -7.97 -1.04
C ASP C 843 15.69 -7.78 -2.53
N SER C 844 16.96 -7.65 -2.89
CA SER C 844 17.35 -7.44 -4.28
C SER C 844 17.85 -8.74 -4.88
N ILE C 845 17.68 -8.87 -6.21
CA ILE C 845 17.96 -10.10 -6.93
C ILE C 845 18.99 -9.82 -8.01
N LEU C 846 20.08 -10.59 -8.02
CA LEU C 846 21.09 -10.52 -9.05
C LEU C 846 20.86 -11.62 -10.08
N LEU C 847 21.17 -11.32 -11.34
CA LEU C 847 20.96 -12.25 -12.45
C LEU C 847 22.27 -12.55 -13.14
N SER C 848 22.17 -13.29 -14.25
CA SER C 848 23.31 -13.67 -15.07
C SER C 848 22.99 -13.41 -16.53
N GLU C 849 24.03 -13.50 -17.37
CA GLU C 849 23.83 -13.34 -18.81
C GLU C 849 23.12 -14.54 -19.43
N ARG C 850 23.34 -15.73 -18.87
CA ARG C 850 22.75 -16.95 -19.41
C ARG C 850 21.27 -17.10 -19.06
N VAL C 851 20.73 -16.25 -18.18
CA VAL C 851 19.29 -16.19 -18.00
C VAL C 851 18.65 -15.43 -19.15
N VAL C 852 19.31 -14.36 -19.60
CA VAL C 852 18.75 -13.54 -20.68
C VAL C 852 18.95 -14.22 -22.03
N GLU C 853 20.17 -14.71 -22.30
CA GLU C 853 20.50 -15.18 -23.64
C GLU C 853 19.97 -16.56 -23.97
N GLU C 854 19.38 -17.27 -23.01
CA GLU C 854 18.85 -18.61 -23.25
C GLU C 854 17.34 -18.63 -23.43
N ASP C 855 16.71 -17.46 -23.55
CA ASP C 855 15.26 -17.28 -23.75
C ASP C 855 14.46 -17.94 -22.62
N ARG C 856 14.67 -17.44 -21.41
CA ARG C 856 14.08 -18.01 -20.21
C ARG C 856 12.85 -17.25 -19.73
N TYR C 857 12.97 -15.94 -19.52
CA TYR C 857 11.90 -15.13 -18.96
C TYR C 857 11.39 -14.08 -19.94
N THR C 858 11.32 -14.42 -21.22
CA THR C 858 10.82 -13.51 -22.25
C THR C 858 9.42 -13.96 -22.64
N THR C 859 8.42 -13.21 -22.17
CA THR C 859 7.03 -13.52 -22.43
C THR C 859 6.53 -12.77 -23.65
N ILE C 860 5.28 -13.03 -24.03
CA ILE C 860 4.65 -12.40 -25.19
C ILE C 860 3.41 -11.65 -24.71
N HIS C 861 3.37 -10.35 -24.98
CA HIS C 861 2.22 -9.51 -24.65
C HIS C 861 1.52 -9.08 -25.92
N ILE C 862 0.19 -9.14 -25.90
CA ILE C 862 -0.63 -8.78 -27.05
C ILE C 862 -1.40 -7.51 -26.70
N GLU C 863 -1.16 -6.45 -27.47
CA GLU C 863 -1.80 -5.16 -27.26
C GLU C 863 -2.77 -4.87 -28.38
N GLU C 864 -3.98 -4.43 -28.03
CA GLU C 864 -5.04 -4.18 -28.99
C GLU C 864 -5.14 -2.68 -29.25
N LEU C 865 -5.22 -2.31 -30.52
CA LEU C 865 -5.39 -0.92 -30.94
C LEU C 865 -6.58 -0.84 -31.89
N THR C 866 -7.43 0.15 -31.69
CA THR C 866 -8.62 0.34 -32.51
C THR C 866 -8.60 1.71 -33.17
N CYS C 867 -9.40 1.85 -34.22
CA CYS C 867 -9.52 3.11 -34.95
C CYS C 867 -10.89 3.14 -35.61
N VAL C 868 -11.76 4.03 -35.16
CA VAL C 868 -13.10 4.14 -35.69
C VAL C 868 -13.15 5.29 -36.69
N ALA C 869 -14.23 5.35 -37.46
CA ALA C 869 -14.41 6.40 -38.46
C ALA C 869 -15.91 6.73 -38.51
N ARG C 870 -16.29 7.81 -37.85
CA ARG C 870 -17.67 8.26 -37.81
C ARG C 870 -17.87 9.43 -38.77
N ASP C 871 -19.08 9.98 -38.77
CA ASP C 871 -19.44 11.10 -39.64
C ASP C 871 -19.75 12.31 -38.79
N THR C 872 -19.12 13.44 -39.11
CA THR C 872 -19.35 14.70 -38.43
C THR C 872 -20.35 15.54 -39.22
N LYS C 873 -20.55 16.78 -38.80
CA LYS C 873 -21.48 17.67 -39.51
C LYS C 873 -20.97 18.10 -40.87
N LEU C 874 -19.65 18.02 -41.11
CA LEU C 874 -19.10 18.38 -42.40
C LEU C 874 -19.25 17.21 -43.39
N GLY C 875 -18.67 16.07 -43.06
CA GLY C 875 -18.73 14.90 -43.91
C GLY C 875 -18.14 13.67 -43.26
N PRO C 876 -18.35 12.50 -43.86
CA PRO C 876 -17.80 11.27 -43.29
C PRO C 876 -16.32 11.11 -43.57
N GLU C 877 -15.65 10.39 -42.67
CA GLU C 877 -14.22 10.14 -42.80
C GLU C 877 -13.98 8.83 -43.53
N GLU C 878 -12.94 8.82 -44.36
CA GLU C 878 -12.58 7.66 -45.15
C GLU C 878 -11.25 7.09 -44.70
N ILE C 879 -10.88 5.96 -45.30
CA ILE C 879 -9.63 5.27 -44.97
C ILE C 879 -8.75 5.19 -46.21
N SER C 880 -8.84 6.21 -47.07
CA SER C 880 -8.11 6.23 -48.33
C SER C 880 -6.61 6.39 -48.09
N ALA C 881 -5.83 6.05 -49.13
CA ALA C 881 -4.37 6.01 -49.01
C ALA C 881 -3.70 7.32 -49.37
N ASP C 882 -4.39 8.23 -50.05
CA ASP C 882 -3.81 9.53 -50.42
C ASP C 882 -3.82 10.44 -49.20
N ILE C 883 -2.80 10.32 -48.38
CA ILE C 883 -2.69 11.02 -47.11
C ILE C 883 -1.66 12.13 -47.27
N PRO C 884 -2.00 13.39 -47.00
CA PRO C 884 -1.04 14.48 -47.15
C PRO C 884 -0.05 14.53 -45.99
N ASN C 885 1.09 15.17 -46.27
CA ASN C 885 2.20 15.37 -45.33
C ASN C 885 2.74 14.06 -44.78
N VAL C 886 2.78 13.04 -45.63
CA VAL C 886 3.28 11.71 -45.26
C VAL C 886 4.32 11.32 -46.30
N SER C 887 5.54 11.04 -45.84
CA SER C 887 6.62 10.66 -46.73
C SER C 887 6.49 9.20 -47.15
N GLU C 888 7.43 8.75 -47.99
CA GLU C 888 7.42 7.38 -48.48
C GLU C 888 8.01 6.39 -47.48
N GLN C 889 8.55 6.86 -46.36
CA GLN C 889 9.09 5.95 -45.35
C GLN C 889 7.98 5.23 -44.58
N ALA C 890 6.77 5.76 -44.57
CA ALA C 890 5.65 5.14 -43.90
C ALA C 890 4.55 4.66 -44.85
N LEU C 891 4.57 5.10 -46.11
CA LEU C 891 3.57 4.68 -47.08
C LEU C 891 3.87 3.31 -47.68
N ASN C 892 5.08 2.79 -47.48
CA ASN C 892 5.42 1.48 -48.03
C ASN C 892 4.77 0.34 -47.26
N ARG C 893 4.53 0.52 -45.96
CA ARG C 893 3.89 -0.54 -45.18
C ARG C 893 2.40 -0.58 -45.40
N LEU C 894 1.79 0.53 -45.81
CA LEU C 894 0.35 0.56 -46.05
C LEU C 894 0.02 -0.09 -47.39
N ASP C 895 -1.15 -0.73 -47.44
CA ASP C 895 -1.63 -1.37 -48.65
C ASP C 895 -2.47 -0.37 -49.45
N GLU C 896 -3.18 -0.85 -50.46
CA GLU C 896 -4.03 0.02 -51.26
C GLU C 896 -5.29 0.44 -50.50
N SER C 897 -5.75 -0.40 -49.57
CA SER C 897 -6.96 -0.10 -48.81
C SER C 897 -6.69 0.83 -47.63
N GLY C 898 -5.43 1.02 -47.24
CA GLY C 898 -5.09 1.85 -46.11
C GLY C 898 -4.78 1.09 -44.84
N VAL C 899 -4.82 -0.23 -44.87
CA VAL C 899 -4.55 -1.07 -43.72
C VAL C 899 -3.18 -1.71 -43.90
N VAL C 900 -2.38 -1.73 -42.83
CA VAL C 900 -1.04 -2.29 -42.89
C VAL C 900 -1.12 -3.81 -43.10
N TYR C 901 -0.08 -4.38 -43.70
CA TYR C 901 -0.08 -5.79 -44.08
C TYR C 901 0.03 -6.68 -42.85
N ILE C 902 -0.49 -7.90 -42.97
CA ILE C 902 -0.42 -8.87 -41.90
C ILE C 902 0.99 -9.43 -41.82
N GLY C 903 1.55 -9.48 -40.61
CA GLY C 903 2.91 -9.95 -40.44
C GLY C 903 3.98 -8.95 -40.78
N ALA C 904 3.63 -7.67 -40.88
CA ALA C 904 4.60 -6.63 -41.18
C ALA C 904 5.15 -6.03 -39.88
N GLU C 905 6.46 -5.85 -39.84
CA GLU C 905 7.10 -5.28 -38.66
C GLU C 905 6.84 -3.78 -38.60
N VAL C 906 6.26 -3.32 -37.50
CA VAL C 906 5.97 -1.91 -37.29
C VAL C 906 6.82 -1.43 -36.12
N ARG C 907 7.19 -0.14 -36.17
CA ARG C 907 8.01 0.48 -35.13
C ARG C 907 7.15 1.43 -34.31
N ALA C 908 7.80 2.13 -33.38
CA ALA C 908 7.11 3.07 -32.51
C ALA C 908 6.94 4.41 -33.22
N GLY C 909 5.68 4.82 -33.41
CA GLY C 909 5.38 6.09 -34.05
C GLY C 909 5.03 6.00 -35.52
N ASP C 910 4.93 4.80 -36.08
CA ASP C 910 4.60 4.65 -37.49
C ASP C 910 3.09 4.73 -37.70
N ILE C 911 2.68 4.65 -38.96
CA ILE C 911 1.27 4.74 -39.33
C ILE C 911 0.81 3.37 -39.79
N MET C 912 -0.24 2.85 -39.17
CA MET C 912 -0.80 1.54 -39.48
C MET C 912 -2.16 1.61 -40.16
N VAL C 913 -3.04 2.48 -39.68
CA VAL C 913 -4.38 2.66 -40.26
C VAL C 913 -4.48 4.09 -40.73
N GLY C 914 -4.52 4.29 -42.05
CA GLY C 914 -4.63 5.63 -42.60
C GLY C 914 -6.06 6.13 -42.54
N LYS C 915 -6.24 7.36 -42.07
CA LYS C 915 -7.57 7.96 -41.96
C LYS C 915 -7.43 9.47 -42.04
N VAL C 916 -8.31 10.10 -42.83
CA VAL C 916 -8.30 11.54 -43.00
C VAL C 916 -9.64 12.10 -42.53
N THR C 917 -9.61 13.35 -42.09
CA THR C 917 -10.80 14.04 -41.59
C THR C 917 -10.93 15.37 -42.33
N PRO C 918 -12.09 15.64 -42.94
CA PRO C 918 -12.25 16.89 -43.71
C PRO C 918 -12.58 18.06 -42.80
N LYS C 919 -11.89 19.18 -43.02
CA LYS C 919 -12.10 20.40 -42.25
C LYS C 919 -12.61 21.55 -43.09
N GLY C 920 -12.05 21.79 -44.27
CA GLY C 920 -12.48 22.86 -45.13
C GLY C 920 -12.00 24.23 -44.68
N SER C 940 -9.07 17.77 -50.69
CA SER C 940 -8.30 19.00 -50.81
C SER C 940 -7.49 19.27 -49.54
N ASP C 941 -8.15 19.84 -48.54
CA ASP C 941 -7.52 20.17 -47.26
C ASP C 941 -8.15 19.34 -46.15
N VAL C 942 -7.44 18.29 -45.74
CA VAL C 942 -7.92 17.37 -44.71
C VAL C 942 -6.94 17.38 -43.55
N LYS C 943 -7.42 16.93 -42.39
CA LYS C 943 -6.63 16.86 -41.17
C LYS C 943 -6.24 15.42 -40.89
N ASP C 944 -4.99 15.21 -40.49
CA ASP C 944 -4.47 13.88 -40.25
C ASP C 944 -5.01 13.34 -38.93
N SER C 945 -5.66 12.18 -38.98
CA SER C 945 -6.18 11.52 -37.80
C SER C 945 -5.87 10.02 -37.86
N SER C 946 -4.68 9.67 -38.31
CA SER C 946 -4.29 8.28 -38.46
C SER C 946 -3.93 7.68 -37.10
N LEU C 947 -4.11 6.37 -37.00
CA LEU C 947 -3.80 5.65 -35.76
C LEU C 947 -2.29 5.46 -35.65
N ARG C 948 -1.70 6.01 -34.61
CA ARG C 948 -0.27 5.94 -34.38
C ARG C 948 0.06 4.87 -33.35
N VAL C 949 1.26 4.32 -33.46
CA VAL C 949 1.75 3.29 -32.55
C VAL C 949 2.19 3.97 -31.25
N PRO C 950 1.89 3.40 -30.09
CA PRO C 950 2.44 3.95 -28.85
C PRO C 950 3.95 3.79 -28.80
N PRO C 951 4.67 4.71 -28.14
CA PRO C 951 6.13 4.67 -28.18
C PRO C 951 6.68 3.56 -27.29
N GLY C 952 7.85 3.04 -27.70
CA GLY C 952 8.51 1.98 -26.98
C GLY C 952 8.00 0.58 -27.25
N MET C 953 7.02 0.42 -28.13
CA MET C 953 6.42 -0.87 -28.41
C MET C 953 6.63 -1.21 -29.88
N ASP C 954 7.24 -2.37 -30.14
CA ASP C 954 7.44 -2.86 -31.49
C ASP C 954 7.02 -4.31 -31.60
N GLY C 955 6.70 -4.73 -32.81
CA GLY C 955 6.29 -6.10 -33.04
C GLY C 955 5.54 -6.24 -34.34
N THR C 956 5.19 -7.48 -34.65
CA THR C 956 4.47 -7.80 -35.87
C THR C 956 2.96 -7.73 -35.64
N VAL C 957 2.23 -7.53 -36.73
CA VAL C 957 0.77 -7.48 -36.72
C VAL C 957 0.27 -8.88 -37.06
N ILE C 958 -0.35 -9.55 -36.10
CA ILE C 958 -0.72 -10.95 -36.27
C ILE C 958 -2.10 -11.11 -36.89
N ASP C 959 -3.09 -10.32 -36.45
CA ASP C 959 -4.46 -10.43 -36.91
C ASP C 959 -5.02 -9.06 -37.20
N VAL C 960 -5.78 -8.94 -38.29
CA VAL C 960 -6.47 -7.73 -38.68
C VAL C 960 -7.94 -8.05 -38.86
N GLN C 961 -8.80 -7.42 -38.06
CA GLN C 961 -10.24 -7.65 -38.11
C GLN C 961 -10.93 -6.34 -38.47
N VAL C 962 -11.80 -6.40 -39.48
CA VAL C 962 -12.53 -5.23 -39.98
C VAL C 962 -14.01 -5.43 -39.70
N PHE C 963 -14.63 -4.45 -39.04
CA PHE C 963 -16.05 -4.46 -38.75
C PHE C 963 -16.73 -3.39 -39.59
N THR C 964 -17.44 -3.82 -40.62
CA THR C 964 -18.10 -2.91 -41.55
C THR C 964 -19.58 -2.79 -41.23
N ARG C 965 -20.18 -1.70 -41.70
CA ARG C 965 -21.59 -1.43 -41.52
C ARG C 965 -22.39 -1.96 -42.72
N ASP C 966 -23.61 -2.41 -42.45
CA ASP C 966 -24.48 -2.89 -43.51
C ASP C 966 -24.94 -1.72 -44.39
N GLY C 967 -24.96 -1.95 -45.69
CA GLY C 967 -25.27 -0.91 -46.65
C GLY C 967 -24.06 -0.17 -47.20
N ILE C 968 -22.86 -0.46 -46.70
CA ILE C 968 -21.63 0.16 -47.16
C ILE C 968 -20.84 -0.87 -47.95
N GLU C 969 -20.31 -0.45 -49.09
CA GLU C 969 -19.53 -1.37 -49.93
C GLU C 969 -18.18 -1.65 -49.31
N LYS C 970 -17.79 -2.91 -49.29
CA LYS C 970 -16.53 -3.32 -48.70
C LYS C 970 -15.37 -3.02 -49.64
N ASP C 971 -14.19 -2.84 -49.05
CA ASP C 971 -12.99 -2.54 -49.81
C ASP C 971 -12.27 -3.84 -50.15
N LYS C 972 -11.02 -3.74 -50.64
CA LYS C 972 -10.27 -4.92 -51.04
C LYS C 972 -9.78 -5.73 -49.84
N ARG C 973 -9.46 -5.06 -48.73
CA ARG C 973 -8.99 -5.77 -47.54
C ARG C 973 -10.11 -6.55 -46.88
N ALA C 974 -11.31 -5.96 -46.80
CA ALA C 974 -12.46 -6.66 -46.25
C ALA C 974 -12.89 -7.82 -47.13
N ARG C 975 -12.79 -7.64 -48.46
CA ARG C 975 -13.09 -8.73 -49.38
C ARG C 975 -12.05 -9.85 -49.29
N GLN C 976 -10.78 -9.51 -49.04
CA GLN C 976 -9.75 -10.52 -48.86
C GLN C 976 -9.97 -11.30 -47.56
N ILE C 977 -10.35 -10.59 -46.49
CA ILE C 977 -10.66 -11.23 -45.22
C ILE C 977 -11.87 -12.15 -45.36
N GLU C 978 -12.88 -11.70 -46.12
CA GLU C 978 -14.09 -12.50 -46.31
C GLU C 978 -13.82 -13.74 -47.16
N GLU C 979 -12.99 -13.61 -48.22
CA GLU C 979 -12.71 -14.77 -49.05
C GLU C 979 -11.78 -15.75 -48.32
N ASN C 980 -10.87 -15.25 -47.48
CA ASN C 980 -10.05 -16.15 -46.67
C ASN C 980 -10.90 -16.86 -45.62
N GLU C 981 -11.90 -16.17 -45.07
CA GLU C 981 -12.79 -16.78 -44.08
C GLU C 981 -13.66 -17.85 -44.72
N ILE C 982 -14.22 -17.60 -45.91
CA ILE C 982 -15.07 -18.60 -46.52
C ILE C 982 -14.24 -19.76 -47.07
N LYS C 983 -12.99 -19.51 -47.47
CA LYS C 983 -12.11 -20.60 -47.88
C LYS C 983 -11.72 -21.48 -46.70
N ARG C 984 -11.45 -20.85 -45.55
CA ARG C 984 -11.09 -21.63 -44.35
C ARG C 984 -12.28 -22.42 -43.83
N VAL C 985 -13.48 -21.84 -43.87
CA VAL C 985 -14.64 -22.57 -43.35
C VAL C 985 -15.06 -23.66 -44.34
N LYS C 986 -14.81 -23.47 -45.65
CA LYS C 986 -15.03 -24.56 -46.60
C LYS C 986 -14.01 -25.67 -46.42
N LYS C 987 -12.77 -25.31 -46.05
CA LYS C 987 -11.74 -26.29 -45.78
C LYS C 987 -12.08 -27.15 -44.56
N ASP C 988 -12.47 -26.51 -43.46
CA ASP C 988 -12.81 -27.33 -42.28
C ASP C 988 -14.13 -28.07 -42.48
N PHE C 989 -15.05 -27.52 -43.27
CA PHE C 989 -16.33 -28.18 -43.54
C PHE C 989 -16.13 -29.45 -44.37
N ASP C 990 -15.41 -29.35 -45.50
CA ASP C 990 -15.23 -30.57 -46.28
C ASP C 990 -14.19 -31.50 -45.68
N ASP C 991 -13.30 -31.00 -44.81
CA ASP C 991 -12.43 -31.91 -44.07
C ASP C 991 -13.21 -32.74 -43.06
N GLN C 992 -14.13 -32.11 -42.32
CA GLN C 992 -14.98 -32.85 -41.41
C GLN C 992 -15.94 -33.77 -42.16
N PHE C 993 -16.41 -33.35 -43.33
CA PHE C 993 -17.29 -34.20 -44.14
C PHE C 993 -16.54 -35.42 -44.67
N ARG C 994 -15.30 -35.25 -45.12
CA ARG C 994 -14.50 -36.37 -45.57
C ARG C 994 -14.13 -37.30 -44.42
N ILE C 995 -13.88 -36.75 -43.23
CA ILE C 995 -13.58 -37.57 -42.06
C ILE C 995 -14.80 -38.39 -41.65
N LEU C 996 -15.99 -37.77 -41.67
CA LEU C 996 -17.22 -38.50 -41.32
C LEU C 996 -17.57 -39.54 -42.38
N GLU C 997 -17.30 -39.22 -43.65
CA GLU C 997 -17.55 -40.18 -44.72
C GLU C 997 -16.60 -41.37 -44.64
N ALA C 998 -15.33 -41.11 -44.29
CA ALA C 998 -14.37 -42.21 -44.11
C ALA C 998 -14.73 -43.06 -42.90
N ALA C 999 -15.22 -42.42 -41.83
CA ALA C 999 -15.64 -43.18 -40.65
C ALA C 999 -16.87 -44.04 -40.94
N ILE C 1000 -17.83 -43.50 -41.70
CA ILE C 1000 -19.02 -44.27 -42.06
C ILE C 1000 -18.67 -45.39 -43.04
N TYR C 1001 -17.70 -45.15 -43.93
CA TYR C 1001 -17.27 -46.18 -44.87
C TYR C 1001 -16.52 -47.29 -44.15
N ALA C 1002 -15.71 -46.96 -43.15
CA ALA C 1002 -15.05 -47.99 -42.35
C ALA C 1002 -16.06 -48.76 -41.50
N ARG C 1003 -17.08 -48.06 -40.98
CA ARG C 1003 -18.10 -48.73 -40.19
C ARG C 1003 -18.95 -49.68 -41.02
N LEU C 1004 -19.21 -49.35 -42.29
CA LEU C 1004 -19.95 -50.28 -43.13
C LEU C 1004 -19.05 -51.38 -43.70
N ARG C 1005 -17.76 -51.09 -43.90
CA ARG C 1005 -16.83 -52.11 -44.40
C ARG C 1005 -16.51 -53.13 -43.33
N SER C 1006 -16.60 -52.74 -42.06
CA SER C 1006 -16.45 -53.71 -40.97
C SER C 1006 -17.67 -54.62 -40.80
N GLN C 1007 -18.78 -54.31 -41.48
CA GLN C 1007 -20.00 -55.11 -41.35
C GLN C 1007 -20.42 -55.82 -42.62
N ILE C 1008 -19.96 -55.40 -43.81
CA ILE C 1008 -20.36 -56.07 -45.04
C ILE C 1008 -19.39 -57.19 -45.40
N VAL C 1009 -18.53 -57.58 -44.46
CA VAL C 1009 -17.60 -58.68 -44.71
C VAL C 1009 -18.29 -60.03 -44.68
N GLY C 1010 -19.49 -60.11 -44.09
CA GLY C 1010 -20.24 -61.36 -44.06
C GLY C 1010 -21.10 -61.55 -45.30
N LYS C 1011 -21.73 -62.73 -45.35
CA LYS C 1011 -22.62 -63.17 -46.44
C LYS C 1011 -21.94 -63.13 -47.82
N ILE C 1052 -26.63 -51.26 -42.47
CA ILE C 1052 -26.35 -51.17 -43.89
C ILE C 1052 -26.95 -49.88 -44.45
N GLU C 1053 -28.27 -49.73 -44.31
CA GLU C 1053 -28.94 -48.52 -44.75
C GLU C 1053 -28.86 -47.40 -43.72
N ARG C 1054 -28.71 -47.74 -42.44
CA ARG C 1054 -28.61 -46.73 -41.40
C ARG C 1054 -27.32 -45.91 -41.53
N ALA C 1055 -26.24 -46.52 -42.03
CA ALA C 1055 -24.99 -45.81 -42.21
C ALA C 1055 -25.10 -44.74 -43.29
N GLN C 1056 -25.67 -45.08 -44.45
CA GLN C 1056 -25.83 -44.09 -45.50
C GLN C 1056 -26.93 -43.08 -45.18
N LYS C 1057 -27.93 -43.47 -44.38
CA LYS C 1057 -28.93 -42.51 -43.93
C LYS C 1057 -28.33 -41.50 -42.96
N GLN C 1058 -27.47 -41.96 -42.04
CA GLN C 1058 -26.78 -41.05 -41.15
C GLN C 1058 -25.76 -40.19 -41.89
N ILE C 1059 -25.17 -40.73 -42.97
CA ILE C 1059 -24.25 -39.95 -43.79
C ILE C 1059 -24.99 -38.83 -44.52
N GLN C 1060 -26.19 -39.13 -45.03
CA GLN C 1060 -26.99 -38.10 -45.69
C GLN C 1060 -27.49 -37.06 -44.69
N ALA C 1061 -27.84 -37.50 -43.47
CA ALA C 1061 -28.27 -36.56 -42.44
C ALA C 1061 -27.12 -35.67 -41.99
N HIS C 1062 -25.91 -36.23 -41.88
CA HIS C 1062 -24.74 -35.42 -41.54
C HIS C 1062 -24.36 -34.48 -42.66
N GLU C 1063 -24.57 -34.89 -43.92
CA GLU C 1063 -24.32 -33.99 -45.05
C GLU C 1063 -25.30 -32.83 -45.07
N LYS C 1064 -26.58 -33.11 -44.77
CA LYS C 1064 -27.57 -32.04 -44.69
C LYS C 1064 -27.29 -31.10 -43.52
N GLU C 1065 -26.84 -31.66 -42.38
CA GLU C 1065 -26.49 -30.84 -41.23
C GLU C 1065 -25.26 -29.98 -41.52
N PHE C 1066 -24.27 -30.52 -42.22
CA PHE C 1066 -23.10 -29.74 -42.59
C PHE C 1066 -23.43 -28.67 -43.61
N GLU C 1067 -24.36 -28.95 -44.54
CA GLU C 1067 -24.80 -27.94 -45.49
C GLU C 1067 -25.55 -26.81 -44.80
N ALA C 1068 -26.40 -27.15 -43.83
CA ALA C 1068 -27.12 -26.13 -43.07
C ALA C 1068 -26.17 -25.30 -42.20
N ARG C 1069 -25.15 -25.95 -41.63
CA ARG C 1069 -24.16 -25.23 -40.83
C ARG C 1069 -23.30 -24.33 -41.70
N PHE C 1070 -22.97 -24.76 -42.92
CA PHE C 1070 -22.21 -23.91 -43.84
C PHE C 1070 -23.03 -22.73 -44.31
N ALA C 1071 -24.33 -22.94 -44.55
CA ALA C 1071 -25.21 -21.83 -44.93
C ALA C 1071 -25.37 -20.84 -43.79
N ASP C 1072 -25.48 -21.34 -42.55
CA ASP C 1072 -25.57 -20.45 -41.39
C ASP C 1072 -24.28 -19.69 -41.16
N LYS C 1073 -23.13 -20.34 -41.39
CA LYS C 1073 -21.84 -19.66 -41.24
C LYS C 1073 -21.64 -18.60 -42.31
N ARG C 1074 -22.08 -18.88 -43.55
CA ARG C 1074 -22.00 -17.88 -44.61
C ARG C 1074 -22.92 -16.70 -44.33
N GLY C 1075 -24.14 -16.97 -43.84
CA GLY C 1075 -25.05 -15.89 -43.50
C GLY C 1075 -24.62 -15.09 -42.29
N LYS C 1076 -23.85 -15.70 -41.38
CA LYS C 1076 -23.35 -14.98 -40.21
C LYS C 1076 -22.07 -14.23 -40.52
N ILE C 1077 -21.30 -14.67 -41.52
CA ILE C 1077 -20.08 -13.96 -41.88
C ILE C 1077 -20.39 -12.79 -42.81
N THR C 1078 -21.23 -13.02 -43.82
CA THR C 1078 -21.50 -11.99 -44.82
C THR C 1078 -22.39 -10.86 -44.32
N GLN C 1079 -23.02 -11.01 -43.15
CA GLN C 1079 -23.86 -9.96 -42.62
C GLN C 1079 -23.02 -8.89 -41.92
N GLY C 1080 -23.60 -7.70 -41.81
CA GLY C 1080 -22.93 -6.60 -41.13
C GLY C 1080 -22.96 -6.78 -39.63
N ASP C 1081 -21.79 -6.67 -39.00
CA ASP C 1081 -21.66 -6.94 -37.58
C ASP C 1081 -22.24 -5.79 -36.75
N ASP C 1082 -22.18 -5.94 -35.43
CA ASP C 1082 -22.71 -4.95 -34.51
C ASP C 1082 -21.65 -3.91 -34.23
N LEU C 1083 -22.00 -2.64 -34.42
CA LEU C 1083 -21.11 -1.52 -34.14
C LEU C 1083 -21.84 -0.53 -33.23
N ALA C 1084 -21.14 0.55 -32.88
CA ALA C 1084 -21.73 1.62 -32.11
C ALA C 1084 -22.67 2.45 -32.99
N PRO C 1085 -23.76 2.97 -32.42
CA PRO C 1085 -24.66 3.82 -33.21
C PRO C 1085 -24.03 5.18 -33.54
N GLY C 1086 -23.64 5.36 -34.79
CA GLY C 1086 -23.07 6.63 -35.22
C GLY C 1086 -21.75 6.50 -35.97
N VAL C 1087 -21.19 5.30 -36.03
CA VAL C 1087 -19.93 5.07 -36.71
C VAL C 1087 -20.20 4.41 -38.05
N LEU C 1088 -19.19 4.40 -38.93
CA LEU C 1088 -19.30 3.80 -40.24
C LEU C 1088 -18.39 2.57 -40.38
N LYS C 1089 -17.09 2.73 -40.12
CA LYS C 1089 -16.14 1.63 -40.20
C LYS C 1089 -15.30 1.58 -38.93
N MET C 1090 -14.98 0.36 -38.49
CA MET C 1090 -14.17 0.16 -37.30
C MET C 1090 -13.19 -0.98 -37.57
N VAL C 1091 -11.90 -0.70 -37.38
CA VAL C 1091 -10.86 -1.70 -37.60
C VAL C 1091 -10.12 -1.94 -36.30
N LYS C 1092 -9.63 -3.17 -36.14
CA LYS C 1092 -8.88 -3.58 -34.96
C LYS C 1092 -7.60 -4.25 -35.41
N VAL C 1093 -6.46 -3.73 -34.96
CA VAL C 1093 -5.15 -4.27 -35.31
C VAL C 1093 -4.53 -4.90 -34.07
N PHE C 1094 -4.14 -6.17 -34.18
CA PHE C 1094 -3.54 -6.90 -33.08
C PHE C 1094 -2.02 -6.82 -33.18
N LEU C 1095 -1.38 -6.41 -32.08
CA LEU C 1095 0.07 -6.35 -32.00
C LEU C 1095 0.58 -7.47 -31.09
N ALA C 1096 1.85 -7.80 -31.26
CA ALA C 1096 2.51 -8.85 -30.47
C ALA C 1096 3.92 -8.41 -30.18
N VAL C 1097 4.21 -8.13 -28.92
CA VAL C 1097 5.51 -7.64 -28.48
C VAL C 1097 6.11 -8.65 -27.50
N LYS C 1098 7.38 -9.00 -27.72
CA LYS C 1098 8.09 -9.91 -26.83
C LYS C 1098 8.81 -9.10 -25.76
N ARG C 1099 8.33 -9.19 -24.52
CA ARG C 1099 8.90 -8.41 -23.42
C ARG C 1099 10.13 -9.10 -22.89
N ARG C 1100 11.28 -8.43 -22.98
CA ARG C 1100 12.53 -8.97 -22.46
C ARG C 1100 12.62 -8.72 -20.96
N ILE C 1101 13.71 -9.17 -20.36
CA ILE C 1101 14.01 -8.95 -18.95
C ILE C 1101 15.09 -7.88 -18.85
N GLN C 1102 14.90 -6.95 -17.91
CA GLN C 1102 15.77 -5.79 -17.80
C GLN C 1102 15.87 -5.41 -16.33
N PRO C 1103 16.90 -4.65 -15.94
CA PRO C 1103 16.96 -4.13 -14.57
C PRO C 1103 15.81 -3.19 -14.27
N GLY C 1104 15.21 -3.37 -13.11
CA GLY C 1104 14.00 -2.66 -12.73
C GLY C 1104 12.73 -3.47 -12.82
N ASP C 1105 12.82 -4.80 -12.92
CA ASP C 1105 11.67 -5.68 -13.08
C ASP C 1105 11.44 -6.40 -11.76
N LYS C 1106 10.18 -6.43 -11.32
CA LYS C 1106 9.83 -7.10 -10.08
C LYS C 1106 9.69 -8.61 -10.31
N MET C 1107 10.36 -9.39 -9.46
CA MET C 1107 10.33 -10.84 -9.55
C MET C 1107 10.31 -11.42 -8.15
N ALA C 1108 9.40 -12.35 -7.90
CA ALA C 1108 9.19 -12.92 -6.57
C ALA C 1108 9.32 -14.43 -6.65
N GLY C 1109 9.24 -15.07 -5.47
CA GLY C 1109 9.26 -16.52 -5.36
C GLY C 1109 7.96 -17.04 -4.76
N ARG C 1110 7.94 -18.34 -4.53
CA ARG C 1110 6.77 -19.00 -3.97
C ARG C 1110 6.74 -18.99 -2.46
N HIS C 1111 7.90 -18.89 -1.81
CA HIS C 1111 7.96 -18.89 -0.34
C HIS C 1111 7.69 -17.52 0.27
N GLY C 1112 7.46 -16.49 -0.55
CA GLY C 1112 7.15 -15.19 -0.02
C GLY C 1112 8.34 -14.26 0.12
N ASN C 1113 9.13 -14.13 -0.95
CA ASN C 1113 10.27 -13.22 -0.98
C ASN C 1113 10.16 -12.35 -2.25
N LYS C 1114 9.42 -11.26 -2.14
CA LYS C 1114 9.23 -10.34 -3.25
C LYS C 1114 10.35 -9.33 -3.31
N GLY C 1115 10.71 -8.93 -4.52
CA GLY C 1115 11.76 -7.95 -4.69
C GLY C 1115 11.92 -7.58 -6.15
N VAL C 1116 12.87 -6.67 -6.39
CA VAL C 1116 13.17 -6.20 -7.74
C VAL C 1116 14.55 -6.72 -8.12
N VAL C 1117 14.80 -6.80 -9.43
CA VAL C 1117 16.10 -7.21 -9.91
C VAL C 1117 17.05 -6.03 -9.90
N SER C 1118 18.35 -6.32 -9.89
CA SER C 1118 19.36 -5.28 -9.70
C SER C 1118 20.21 -5.05 -10.94
N ASN C 1119 20.90 -6.09 -11.44
CA ASN C 1119 21.82 -5.93 -12.55
C ASN C 1119 21.83 -7.22 -13.36
N VAL C 1120 22.40 -7.13 -14.56
CA VAL C 1120 22.60 -8.27 -15.44
C VAL C 1120 24.10 -8.44 -15.58
N VAL C 1121 24.68 -9.37 -14.83
CA VAL C 1121 26.12 -9.60 -14.78
C VAL C 1121 26.46 -10.64 -15.84
N PRO C 1122 27.57 -10.50 -16.55
CA PRO C 1122 28.00 -11.58 -17.47
C PRO C 1122 28.34 -12.86 -16.73
N VAL C 1123 28.33 -13.97 -17.48
CA VAL C 1123 28.47 -15.29 -16.90
C VAL C 1123 29.89 -15.55 -16.40
N GLU C 1124 30.88 -14.82 -16.92
CA GLU C 1124 32.25 -15.00 -16.48
C GLU C 1124 32.52 -14.36 -15.12
N ASP C 1125 31.67 -13.44 -14.68
CA ASP C 1125 31.81 -12.78 -13.39
C ASP C 1125 30.82 -13.29 -12.35
N MET C 1126 30.46 -14.57 -12.44
CA MET C 1126 29.51 -15.18 -11.52
C MET C 1126 30.20 -16.26 -10.69
N PRO C 1127 29.72 -16.54 -9.48
CA PRO C 1127 30.27 -17.66 -8.70
C PRO C 1127 29.99 -19.00 -9.35
N TYR C 1128 30.92 -19.93 -9.14
CA TYR C 1128 30.86 -21.23 -9.79
C TYR C 1128 31.37 -22.30 -8.83
N MET C 1129 30.82 -23.50 -8.98
CA MET C 1129 31.17 -24.62 -8.11
C MET C 1129 32.46 -25.29 -8.59
N ALA C 1130 32.82 -26.39 -7.94
CA ALA C 1130 34.01 -27.13 -8.33
C ALA C 1130 33.82 -27.90 -9.63
N THR C 1131 32.58 -28.25 -9.98
CA THR C 1131 32.32 -28.95 -11.22
C THR C 1131 32.42 -28.01 -12.42
N GLY C 1132 31.79 -26.85 -12.33
CA GLY C 1132 31.83 -25.88 -13.40
C GLY C 1132 30.51 -25.18 -13.63
N GLU C 1133 29.49 -25.54 -12.86
CA GLU C 1133 28.18 -24.94 -13.01
C GLU C 1133 28.17 -23.53 -12.42
N SER C 1134 27.73 -22.56 -13.21
CA SER C 1134 27.70 -21.17 -12.79
C SER C 1134 26.35 -20.84 -12.20
N VAL C 1135 26.37 -20.17 -11.04
CA VAL C 1135 25.13 -19.81 -10.35
C VAL C 1135 24.47 -18.64 -11.09
N ASP C 1136 23.18 -18.79 -11.39
CA ASP C 1136 22.45 -17.78 -12.14
C ASP C 1136 21.89 -16.67 -11.26
N ILE C 1137 21.26 -17.02 -10.14
CA ILE C 1137 20.61 -16.06 -9.27
C ILE C 1137 21.28 -16.09 -7.91
N VAL C 1138 21.68 -14.91 -7.42
CA VAL C 1138 22.31 -14.75 -6.12
C VAL C 1138 21.33 -14.00 -5.23
N LEU C 1139 20.99 -14.58 -4.09
CA LEU C 1139 20.00 -14.02 -3.18
C LEU C 1139 20.67 -13.30 -2.01
N ASN C 1140 19.85 -12.87 -1.05
CA ASN C 1140 20.33 -12.21 0.15
C ASN C 1140 19.98 -13.07 1.35
N PRO C 1141 20.95 -13.55 2.13
CA PRO C 1141 20.64 -14.36 3.31
C PRO C 1141 20.23 -13.58 4.54
N LEU C 1142 20.04 -12.27 4.43
CA LEU C 1142 19.64 -11.45 5.58
C LEU C 1142 18.14 -11.47 5.83
N GLY C 1143 17.35 -12.02 4.91
CA GLY C 1143 15.91 -12.01 5.07
C GLY C 1143 15.34 -13.14 5.90
N VAL C 1144 16.14 -14.18 6.14
CA VAL C 1144 15.68 -15.36 6.87
C VAL C 1144 15.41 -15.07 8.36
N PRO C 1145 16.27 -14.39 9.13
CA PRO C 1145 15.84 -14.04 10.50
C PRO C 1145 14.85 -12.88 10.56
N SER C 1146 14.77 -12.07 9.51
CA SER C 1146 13.85 -10.92 9.53
C SER C 1146 12.41 -11.35 9.27
N ARG C 1147 12.19 -12.10 8.20
CA ARG C 1147 10.84 -12.54 7.83
C ARG C 1147 10.42 -13.83 8.53
N MET C 1148 11.36 -14.52 9.18
CA MET C 1148 11.11 -15.71 10.02
C MET C 1148 10.48 -16.85 9.24
N ASN C 1149 10.98 -17.11 8.03
CA ASN C 1149 10.60 -18.28 7.26
C ASN C 1149 11.84 -19.09 6.91
N ILE C 1150 11.71 -20.41 6.92
CA ILE C 1150 12.86 -21.29 6.76
C ILE C 1150 12.58 -22.32 5.69
N GLY C 1151 11.34 -22.33 5.17
CA GLY C 1151 10.94 -23.31 4.17
C GLY C 1151 11.61 -23.15 2.83
N GLN C 1152 12.10 -21.95 2.52
CA GLN C 1152 12.76 -21.72 1.23
C GLN C 1152 14.10 -22.43 1.14
N ILE C 1153 14.84 -22.50 2.26
CA ILE C 1153 16.11 -23.21 2.27
C ILE C 1153 15.90 -24.71 2.12
N LEU C 1154 14.83 -25.24 2.72
CA LEU C 1154 14.52 -26.65 2.57
C LEU C 1154 14.03 -26.96 1.16
N GLU C 1155 13.31 -26.02 0.54
CA GLU C 1155 12.93 -26.18 -0.85
C GLU C 1155 14.14 -26.14 -1.78
N VAL C 1156 15.13 -25.29 -1.45
CA VAL C 1156 16.38 -25.22 -2.21
C VAL C 1156 17.15 -26.53 -2.10
N HIS C 1157 17.19 -27.12 -0.89
CA HIS C 1157 17.87 -28.39 -0.69
C HIS C 1157 17.18 -29.54 -1.42
N LEU C 1158 15.83 -29.54 -1.41
CA LEU C 1158 15.10 -30.60 -2.11
C LEU C 1158 15.23 -30.45 -3.62
N GLY C 1159 15.26 -29.21 -4.12
CA GLY C 1159 15.52 -29.00 -5.53
C GLY C 1159 16.93 -29.39 -5.94
N TRP C 1160 17.91 -29.18 -5.05
CA TRP C 1160 19.27 -29.63 -5.31
C TRP C 1160 19.34 -31.15 -5.36
N ALA C 1161 18.62 -31.83 -4.48
CA ALA C 1161 18.58 -33.30 -4.51
C ALA C 1161 17.88 -33.80 -5.76
N ALA C 1162 16.80 -33.13 -6.19
CA ALA C 1162 16.10 -33.53 -7.40
C ALA C 1162 16.96 -33.32 -8.65
N LYS C 1163 17.71 -32.21 -8.68
CA LYS C 1163 18.64 -31.99 -9.79
C LYS C 1163 19.80 -32.97 -9.78
N GLY C 1164 20.25 -33.40 -8.61
CA GLY C 1164 21.29 -34.40 -8.54
C GLY C 1164 20.83 -35.76 -9.03
N LEU C 1165 19.60 -36.16 -8.64
CA LEU C 1165 19.03 -37.40 -9.17
C LEU C 1165 18.77 -37.31 -10.67
N GLY C 1166 18.37 -36.14 -11.17
CA GLY C 1166 18.18 -35.98 -12.60
C GLY C 1166 19.48 -36.04 -13.38
N ARG C 1167 20.55 -35.46 -12.83
CA ARG C 1167 21.86 -35.54 -13.47
C ARG C 1167 22.41 -36.96 -13.44
N LYS C 1168 22.17 -37.70 -12.36
CA LYS C 1168 22.60 -39.09 -12.30
C LYS C 1168 21.81 -39.95 -13.28
N ILE C 1169 20.51 -39.68 -13.44
CA ILE C 1169 19.69 -40.42 -14.41
C ILE C 1169 20.14 -40.11 -15.84
N GLN C 1170 20.47 -38.85 -16.13
CA GLN C 1170 20.95 -38.49 -17.46
C GLN C 1170 22.34 -39.07 -17.73
N ARG C 1171 23.20 -39.16 -16.71
CA ARG C 1171 24.51 -39.77 -16.89
C ARG C 1171 24.40 -41.28 -17.07
N MET C 1172 23.42 -41.91 -16.42
CA MET C 1172 23.22 -43.35 -16.62
C MET C 1172 22.62 -43.64 -17.99
N LEU C 1173 21.72 -42.77 -18.46
CA LEU C 1173 21.08 -42.96 -19.75
C LEU C 1173 21.93 -42.48 -20.93
N GLU C 1174 23.00 -41.72 -20.67
CA GLU C 1174 23.87 -41.27 -21.75
C GLU C 1174 24.67 -42.43 -22.32
N ALA C 1175 25.06 -43.39 -21.48
CA ALA C 1175 25.74 -44.59 -21.94
C ALA C 1175 24.74 -45.70 -22.23
N GLN C 1176 25.15 -46.61 -23.11
CA GLN C 1176 24.30 -47.74 -23.51
C GLN C 1176 24.31 -48.78 -22.39
N ALA C 1177 23.45 -48.55 -21.39
CA ALA C 1177 23.34 -49.43 -20.24
C ALA C 1177 22.05 -50.24 -20.33
N ALA C 1178 22.00 -51.31 -19.54
CA ALA C 1178 20.84 -52.19 -19.52
C ALA C 1178 19.69 -51.54 -18.75
N VAL C 1179 18.48 -52.05 -19.00
CA VAL C 1179 17.29 -51.51 -18.34
C VAL C 1179 17.10 -52.05 -16.93
N SER C 1180 17.80 -53.12 -16.57
CA SER C 1180 17.63 -53.70 -15.24
C SER C 1180 18.25 -52.83 -14.16
N GLU C 1181 19.42 -52.24 -14.44
CA GLU C 1181 20.05 -51.34 -13.48
C GLU C 1181 19.25 -50.05 -13.34
N LEU C 1182 18.67 -49.56 -14.44
CA LEU C 1182 17.83 -48.37 -14.37
C LEU C 1182 16.53 -48.66 -13.62
N ARG C 1183 15.99 -49.87 -13.77
CA ARG C 1183 14.80 -50.26 -13.03
C ARG C 1183 15.10 -50.40 -11.53
N LYS C 1184 16.28 -50.94 -11.19
CA LYS C 1184 16.68 -51.01 -9.79
C LYS C 1184 16.91 -49.63 -9.19
N PHE C 1185 17.46 -48.70 -9.99
CA PHE C 1185 17.65 -47.34 -9.51
C PHE C 1185 16.33 -46.62 -9.31
N LEU C 1186 15.36 -46.84 -10.22
CA LEU C 1186 14.05 -46.22 -10.06
C LEU C 1186 13.30 -46.82 -8.87
N ASP C 1187 13.47 -48.12 -8.62
CA ASP C 1187 12.87 -48.73 -7.44
C ASP C 1187 13.56 -48.28 -6.16
N ASP C 1188 14.84 -47.90 -6.25
CA ASP C 1188 15.52 -47.38 -5.07
C ASP C 1188 15.11 -45.94 -4.78
N ILE C 1189 14.86 -45.13 -5.81
CA ILE C 1189 14.55 -43.71 -5.60
C ILE C 1189 13.05 -43.42 -5.49
N TYR C 1190 12.18 -44.36 -5.87
CA TYR C 1190 10.75 -44.08 -5.84
C TYR C 1190 10.10 -44.47 -4.51
N ASN C 1191 10.16 -45.76 -4.15
CA ASN C 1191 9.53 -46.26 -2.93
C ASN C 1191 10.62 -46.76 -1.98
N HIS C 1192 11.05 -45.89 -1.07
CA HIS C 1192 12.04 -46.23 -0.06
C HIS C 1192 11.34 -46.75 1.19
N ASP C 1193 12.15 -47.04 2.22
CA ASP C 1193 11.86 -47.72 3.51
C ASP C 1193 10.47 -48.35 3.75
N GLN C 1199 2.26 -45.10 -1.58
CA GLN C 1199 3.32 -44.54 -2.41
C GLN C 1199 4.12 -45.63 -3.11
N ARG C 1200 3.73 -46.88 -2.88
CA ARG C 1200 4.39 -48.02 -3.50
C ARG C 1200 3.99 -48.11 -4.97
N VAL C 1201 4.96 -47.93 -5.87
CA VAL C 1201 4.73 -48.04 -7.30
C VAL C 1201 5.71 -49.05 -7.87
N ASP C 1202 5.33 -49.68 -8.98
CA ASP C 1202 6.14 -50.66 -9.66
C ASP C 1202 6.58 -50.14 -11.02
N LEU C 1203 7.88 -50.20 -11.29
CA LEU C 1203 8.41 -49.73 -12.56
C LEU C 1203 8.30 -50.77 -13.67
N SER C 1204 8.06 -52.04 -13.31
CA SER C 1204 7.96 -53.12 -14.29
C SER C 1204 6.51 -53.45 -14.65
N GLN C 1205 5.63 -52.46 -14.66
CA GLN C 1205 4.22 -52.68 -14.96
C GLN C 1205 3.83 -52.22 -16.36
N PHE C 1206 4.28 -51.02 -16.77
CA PHE C 1206 3.88 -50.43 -18.04
C PHE C 1206 4.37 -51.21 -19.25
N SER C 1207 5.68 -51.24 -19.46
CA SER C 1207 6.32 -51.87 -20.62
C SER C 1207 7.81 -51.93 -20.36
N ASP C 1208 8.58 -52.34 -21.37
CA ASP C 1208 10.03 -52.27 -21.33
C ASP C 1208 10.59 -51.01 -21.97
N GLU C 1209 9.87 -50.42 -22.93
CA GLU C 1209 10.26 -49.17 -23.56
C GLU C 1209 9.61 -47.96 -22.90
N GLU C 1210 8.51 -48.17 -22.18
CA GLU C 1210 7.90 -47.07 -21.42
C GLU C 1210 8.79 -46.61 -20.29
N LEU C 1211 9.58 -47.52 -19.71
CA LEU C 1211 10.56 -47.13 -18.70
C LEU C 1211 11.67 -46.29 -19.30
N LEU C 1212 12.07 -46.61 -20.54
CA LEU C 1212 13.08 -45.81 -21.23
C LEU C 1212 12.53 -44.44 -21.60
N ASN C 1213 11.26 -44.37 -21.98
CA ASN C 1213 10.63 -43.09 -22.28
C ASN C 1213 10.47 -42.24 -21.02
N LEU C 1214 10.17 -42.88 -19.88
CA LEU C 1214 10.08 -42.17 -18.61
C LEU C 1214 11.45 -41.69 -18.14
N GLY C 1215 12.50 -42.47 -18.40
CA GLY C 1215 13.83 -42.02 -18.08
C GLY C 1215 14.32 -40.91 -18.99
N LYS C 1216 13.86 -40.90 -20.24
CA LYS C 1216 14.21 -39.81 -21.16
C LYS C 1216 13.43 -38.54 -20.81
N ASN C 1217 12.21 -38.67 -20.31
CA ASN C 1217 11.43 -37.51 -19.92
C ASN C 1217 11.90 -36.89 -18.61
N LEU C 1218 12.70 -37.60 -17.82
CA LEU C 1218 13.23 -37.09 -16.55
C LEU C 1218 14.69 -36.69 -16.66
N ILE C 1219 15.08 -36.08 -17.79
CA ILE C 1219 16.47 -35.71 -17.99
C ILE C 1219 16.85 -34.46 -17.19
N ASP C 1220 15.86 -33.68 -16.73
CA ASP C 1220 16.13 -32.46 -15.98
C ASP C 1220 15.91 -32.62 -14.48
N GLY C 1221 15.27 -33.71 -14.05
CA GLY C 1221 15.05 -33.93 -12.63
C GLY C 1221 13.71 -34.57 -12.31
N VAL C 1222 13.72 -35.55 -11.43
CA VAL C 1222 12.47 -36.19 -11.01
C VAL C 1222 11.70 -35.25 -10.10
N PRO C 1223 10.40 -35.04 -10.32
CA PRO C 1223 9.64 -34.13 -9.46
C PRO C 1223 9.33 -34.75 -8.11
N MET C 1224 9.27 -33.88 -7.10
CA MET C 1224 8.93 -34.27 -5.74
C MET C 1224 7.59 -33.64 -5.37
N ALA C 1225 6.77 -34.38 -4.63
CA ALA C 1225 5.45 -33.93 -4.21
C ALA C 1225 5.41 -33.93 -2.69
N THR C 1226 5.41 -32.74 -2.11
CA THR C 1226 5.35 -32.59 -0.66
C THR C 1226 4.00 -32.01 -0.28
N PRO C 1227 3.22 -32.66 0.58
CA PRO C 1227 1.91 -32.12 0.98
C PRO C 1227 2.06 -30.90 1.87
N VAL C 1228 0.92 -30.29 2.18
CA VAL C 1228 0.91 -29.03 2.90
C VAL C 1228 1.28 -29.23 4.37
N PHE C 1229 0.68 -30.23 5.02
CA PHE C 1229 0.96 -30.50 6.43
C PHE C 1229 1.49 -31.89 6.71
N ASP C 1230 1.24 -32.86 5.85
CA ASP C 1230 1.85 -34.18 5.96
C ASP C 1230 3.13 -34.27 5.12
N GLY C 1231 4.03 -33.33 5.33
CA GLY C 1231 5.24 -33.23 4.53
C GLY C 1231 6.33 -34.18 5.00
N ALA C 1232 7.49 -34.02 4.39
CA ALA C 1232 8.65 -34.84 4.70
C ALA C 1232 9.53 -34.18 5.75
N SER C 1233 10.14 -35.01 6.59
CA SER C 1233 11.05 -34.53 7.62
C SER C 1233 12.44 -34.36 7.03
N GLU C 1234 13.41 -34.03 7.88
CA GLU C 1234 14.78 -33.83 7.43
C GLU C 1234 15.49 -35.14 7.12
N ALA C 1235 15.03 -36.27 7.69
CA ALA C 1235 15.70 -37.54 7.47
C ALA C 1235 15.48 -38.05 6.04
N GLU C 1236 14.28 -37.86 5.50
CA GLU C 1236 14.01 -38.29 4.13
C GLU C 1236 14.77 -37.44 3.12
N ILE C 1237 14.88 -36.14 3.37
CA ILE C 1237 15.63 -35.27 2.47
C ILE C 1237 17.13 -35.54 2.58
N LYS C 1238 17.61 -35.90 3.79
CA LYS C 1238 19.00 -36.28 3.95
C LYS C 1238 19.31 -37.60 3.26
N ARG C 1239 18.37 -38.55 3.29
CA ARG C 1239 18.54 -39.81 2.57
C ARG C 1239 18.50 -39.58 1.07
N MET C 1240 17.66 -38.67 0.60
CA MET C 1240 17.61 -38.34 -0.83
C MET C 1240 18.88 -37.61 -1.28
N LEU C 1241 19.48 -36.81 -0.39
CA LEU C 1241 20.74 -36.18 -0.72
C LEU C 1241 21.89 -37.18 -0.73
N GLU C 1242 21.86 -38.14 0.20
CA GLU C 1242 22.90 -39.17 0.26
C GLU C 1242 22.74 -40.23 -0.81
N LEU C 1243 21.57 -40.33 -1.43
CA LEU C 1243 21.36 -41.33 -2.48
C LEU C 1243 22.10 -40.96 -3.76
N ALA C 1244 22.32 -39.67 -4.00
CA ALA C 1244 23.05 -39.20 -5.16
C ALA C 1244 24.49 -38.86 -4.76
N ASP C 1245 25.23 -38.27 -5.70
CA ASP C 1245 26.62 -37.86 -5.44
C ASP C 1245 26.67 -36.42 -4.94
N LEU C 1246 25.98 -36.19 -3.82
CA LEU C 1246 25.84 -34.88 -3.20
C LEU C 1246 26.29 -34.94 -1.76
N PRO C 1247 26.77 -33.83 -1.20
CA PRO C 1247 27.16 -33.83 0.22
C PRO C 1247 25.96 -33.98 1.15
N GLN C 1248 26.25 -34.41 2.37
CA GLN C 1248 25.21 -34.73 3.34
C GLN C 1248 24.55 -33.49 3.91
N SER C 1249 25.34 -32.46 4.21
CA SER C 1249 24.81 -31.26 4.84
C SER C 1249 24.02 -30.38 3.87
N GLY C 1250 24.16 -30.60 2.57
CA GLY C 1250 23.47 -29.81 1.58
C GLY C 1250 24.14 -28.52 1.19
N GLN C 1251 25.23 -28.13 1.86
CA GLN C 1251 25.96 -26.92 1.57
C GLN C 1251 27.41 -27.25 1.29
N THR C 1252 27.97 -26.64 0.25
CA THR C 1252 29.34 -26.88 -0.18
C THR C 1252 30.04 -25.54 -0.37
N GLN C 1253 31.34 -25.60 -0.64
CA GLN C 1253 32.13 -24.41 -0.91
C GLN C 1253 32.25 -24.19 -2.41
N LEU C 1254 32.42 -22.92 -2.78
CA LEU C 1254 32.55 -22.55 -4.19
C LEU C 1254 33.53 -21.40 -4.33
N TYR C 1255 34.21 -21.37 -5.46
CA TYR C 1255 35.22 -20.35 -5.72
C TYR C 1255 34.57 -19.12 -6.35
N ASP C 1256 35.16 -17.96 -6.09
CA ASP C 1256 34.65 -16.71 -6.61
C ASP C 1256 34.98 -16.58 -8.10
N GLY C 1257 34.20 -15.76 -8.79
CA GLY C 1257 34.38 -15.55 -10.21
C GLY C 1257 35.12 -14.27 -10.54
N ARG C 1258 35.11 -13.32 -9.60
CA ARG C 1258 35.78 -12.04 -9.84
C ARG C 1258 37.29 -12.18 -9.70
N THR C 1259 37.75 -12.86 -8.65
CA THR C 1259 39.17 -13.04 -8.40
C THR C 1259 39.67 -14.45 -8.64
N GLY C 1260 38.83 -15.47 -8.41
CA GLY C 1260 39.24 -16.85 -8.59
C GLY C 1260 39.66 -17.55 -7.31
N GLU C 1261 39.70 -16.86 -6.18
CA GLU C 1261 40.08 -17.47 -4.92
C GLU C 1261 38.88 -18.15 -4.27
N ALA C 1262 39.16 -18.87 -3.18
CA ALA C 1262 38.13 -19.58 -2.45
C ALA C 1262 37.45 -18.67 -1.43
N PHE C 1263 36.41 -19.18 -0.80
CA PHE C 1263 35.68 -18.47 0.22
C PHE C 1263 36.05 -18.99 1.60
N ASP C 1264 35.49 -18.37 2.64
CA ASP C 1264 35.75 -18.78 4.01
C ASP C 1264 34.63 -19.60 4.61
N ARG C 1265 33.40 -19.49 4.10
CA ARG C 1265 32.26 -20.22 4.62
C ARG C 1265 31.52 -20.88 3.47
N LYS C 1266 31.05 -22.10 3.69
CA LYS C 1266 30.33 -22.82 2.66
C LYS C 1266 28.92 -22.26 2.50
N THR C 1267 28.46 -22.21 1.25
CA THR C 1267 27.16 -21.66 0.92
C THR C 1267 26.20 -22.76 0.49
N THR C 1268 24.92 -22.43 0.45
CA THR C 1268 23.87 -23.36 0.04
C THR C 1268 23.58 -23.16 -1.44
N VAL C 1269 23.76 -24.22 -2.23
CA VAL C 1269 23.52 -24.19 -3.67
C VAL C 1269 22.37 -25.14 -3.98
N GLY C 1270 21.41 -24.66 -4.77
CA GLY C 1270 20.29 -25.51 -5.11
C GLY C 1270 19.44 -24.90 -6.20
N TYR C 1271 18.30 -25.53 -6.44
CA TYR C 1271 17.37 -25.13 -7.49
C TYR C 1271 16.05 -24.73 -6.86
N MET C 1272 15.67 -23.47 -7.05
CA MET C 1272 14.40 -22.95 -6.53
C MET C 1272 13.53 -22.50 -7.69
N HIS C 1273 12.24 -22.85 -7.62
CA HIS C 1273 11.29 -22.47 -8.65
C HIS C 1273 10.88 -21.01 -8.48
N TYR C 1274 11.00 -20.24 -9.54
CA TYR C 1274 10.68 -18.82 -9.53
C TYR C 1274 9.55 -18.52 -10.51
N LEU C 1275 9.06 -17.28 -10.45
CA LEU C 1275 7.95 -16.84 -11.27
C LEU C 1275 8.08 -15.34 -11.53
N LYS C 1276 7.70 -14.92 -12.73
CA LYS C 1276 7.80 -13.53 -13.15
C LYS C 1276 6.45 -12.84 -12.93
N LEU C 1277 6.47 -11.71 -12.23
CA LEU C 1277 5.26 -10.99 -11.91
C LEU C 1277 4.83 -10.10 -13.08
N ASN C 1278 3.61 -9.57 -12.97
CA ASN C 1278 3.04 -8.70 -13.99
C ASN C 1278 3.39 -7.24 -13.79
N HIS C 1279 4.09 -6.90 -12.71
CA HIS C 1279 4.50 -5.52 -12.44
C HIS C 1279 5.75 -5.22 -13.26
N LEU C 1280 5.54 -4.92 -14.54
CA LEU C 1280 6.62 -4.65 -15.47
C LEU C 1280 7.18 -3.25 -15.25
N VAL C 1281 8.23 -2.93 -15.99
CA VAL C 1281 8.85 -1.60 -15.92
C VAL C 1281 8.42 -0.71 -17.10
N ASP C 1282 7.81 -1.29 -18.13
CA ASP C 1282 7.40 -0.49 -19.29
C ASP C 1282 6.17 0.34 -18.99
N ASP C 1283 5.26 -0.17 -18.16
CA ASP C 1283 4.04 0.54 -17.81
C ASP C 1283 4.18 1.43 -16.57
N LYS C 1284 5.38 1.53 -16.00
CA LYS C 1284 5.60 2.31 -14.80
C LYS C 1284 6.33 3.62 -15.06
N MET C 1285 7.47 3.58 -15.72
CA MET C 1285 8.29 4.78 -15.88
C MET C 1285 7.82 5.60 -17.07
N HIS C 1286 7.76 6.92 -16.87
CA HIS C 1286 7.41 7.88 -17.90
C HIS C 1286 7.88 9.26 -17.44
N ALA C 1287 7.88 10.20 -18.38
CA ALA C 1287 8.28 11.56 -18.07
C ALA C 1287 7.61 12.50 -19.07
N ARG C 1288 7.47 13.76 -18.67
CA ARG C 1288 6.87 14.77 -19.54
C ARG C 1288 7.37 16.14 -19.11
N SER C 1289 7.40 17.05 -20.09
CA SER C 1289 7.70 18.46 -19.85
C SER C 1289 6.55 19.37 -20.21
N THR C 1290 6.01 19.23 -21.43
CA THR C 1290 4.84 19.98 -21.87
C THR C 1290 3.72 18.98 -22.17
N GLY C 1291 2.57 19.19 -21.53
CA GLY C 1291 1.44 18.32 -21.72
C GLY C 1291 0.13 19.09 -21.83
N PRO C 1292 -0.98 18.37 -21.78
CA PRO C 1292 -2.29 19.03 -21.88
C PRO C 1292 -2.73 19.62 -20.56
N TYR C 1293 -3.59 20.63 -20.66
CA TYR C 1293 -4.14 21.33 -19.51
C TYR C 1293 -5.65 21.14 -19.47
N SER C 1294 -6.23 21.39 -18.30
CA SER C 1294 -7.67 21.25 -18.11
C SER C 1294 -8.38 22.56 -18.44
N LEU C 1295 -9.70 22.57 -18.25
CA LEU C 1295 -10.52 23.75 -18.51
C LEU C 1295 -10.96 24.47 -17.25
N VAL C 1296 -11.21 23.74 -16.16
CA VAL C 1296 -11.60 24.37 -14.91
C VAL C 1296 -10.40 25.07 -14.28
N THR C 1297 -9.37 24.30 -13.94
CA THR C 1297 -8.12 24.83 -13.43
C THR C 1297 -7.02 24.53 -14.44
N GLN C 1298 -6.16 25.52 -14.70
CA GLN C 1298 -5.07 25.36 -15.66
C GLN C 1298 -3.97 24.53 -15.01
N GLN C 1299 -4.19 23.22 -15.01
CA GLN C 1299 -3.30 22.24 -14.40
C GLN C 1299 -3.11 21.07 -15.36
N PRO C 1300 -1.95 20.41 -15.30
CA PRO C 1300 -1.77 19.19 -16.10
C PRO C 1300 -2.62 18.04 -15.58
N LEU C 1301 -2.76 17.02 -16.40
CA LEU C 1301 -3.60 15.87 -16.10
C LEU C 1301 -2.84 14.89 -15.21
N GLY C 1302 -3.39 13.70 -15.01
CA GLY C 1302 -2.75 12.69 -14.19
C GLY C 1302 -2.79 11.31 -14.81
N GLY C 1303 -1.72 10.54 -14.62
CA GLY C 1303 -1.66 9.19 -15.15
C GLY C 1303 -0.58 9.00 -16.20
N LYS C 1304 -0.24 7.73 -16.47
CA LYS C 1304 0.73 7.45 -17.52
C LYS C 1304 0.14 7.71 -18.90
N ALA C 1305 -1.14 7.42 -19.06
CA ALA C 1305 -1.83 7.78 -20.29
C ALA C 1305 -2.07 9.29 -20.34
N GLN C 1306 -2.36 9.78 -21.55
CA GLN C 1306 -2.71 11.18 -21.91
C GLN C 1306 -1.71 12.23 -21.38
N PHE C 1307 -0.47 11.80 -21.12
CA PHE C 1307 0.64 12.66 -20.67
C PHE C 1307 0.29 13.44 -19.40
N GLY C 1308 0.07 12.71 -18.33
CA GLY C 1308 -0.28 13.30 -17.04
C GLY C 1308 0.90 13.34 -16.11
N GLY C 1309 1.15 14.53 -15.55
CA GLY C 1309 2.24 14.68 -14.62
C GLY C 1309 1.91 14.13 -13.24
N GLN C 1310 2.96 13.85 -12.47
CA GLN C 1310 2.79 13.27 -11.15
C GLN C 1310 2.33 14.33 -10.17
N ARG C 1311 1.41 13.94 -9.29
CA ARG C 1311 0.78 14.88 -8.37
C ARG C 1311 1.72 15.23 -7.22
N PHE C 1312 1.96 16.51 -7.02
CA PHE C 1312 2.71 16.97 -5.86
C PHE C 1312 1.80 16.87 -4.63
N GLY C 1313 2.20 16.02 -3.69
CA GLY C 1313 1.35 15.72 -2.56
C GLY C 1313 1.25 16.86 -1.55
N GLU C 1314 0.31 16.71 -0.63
CA GLU C 1314 0.10 17.72 0.41
C GLU C 1314 1.22 17.68 1.43
N MET C 1315 1.71 16.48 1.76
CA MET C 1315 2.81 16.35 2.71
C MET C 1315 4.16 16.72 2.10
N GLU C 1316 4.27 16.68 0.77
CA GLU C 1316 5.52 17.11 0.12
C GLU C 1316 5.71 18.61 0.24
N VAL C 1317 4.63 19.38 0.26
CA VAL C 1317 4.73 20.82 0.47
C VAL C 1317 5.17 21.12 1.90
N TRP C 1318 4.71 20.31 2.86
CA TRP C 1318 5.16 20.47 4.24
C TRP C 1318 6.62 20.08 4.40
N ALA C 1319 7.06 19.03 3.70
CA ALA C 1319 8.46 18.63 3.74
C ALA C 1319 9.35 19.67 3.05
N LEU C 1320 8.83 20.37 2.05
CA LEU C 1320 9.59 21.47 1.45
C LEU C 1320 9.65 22.68 2.37
N GLU C 1321 8.53 23.01 3.02
CA GLU C 1321 8.48 24.17 3.90
C GLU C 1321 9.24 23.94 5.21
N ALA C 1322 9.48 22.68 5.58
CA ALA C 1322 10.31 22.40 6.75
C ALA C 1322 11.77 22.78 6.51
N TYR C 1323 12.21 22.71 5.26
CA TYR C 1323 13.54 23.19 4.89
C TYR C 1323 13.61 24.70 4.70
N GLY C 1324 12.47 25.38 4.71
CA GLY C 1324 12.42 26.76 4.26
C GLY C 1324 12.29 26.76 2.75
N ALA C 1325 13.22 27.46 2.07
CA ALA C 1325 13.42 27.43 0.62
C ALA C 1325 12.14 27.85 -0.13
N ALA C 1326 11.79 29.12 0.07
CA ALA C 1326 10.60 29.67 -0.57
C ALA C 1326 10.72 29.81 -2.07
N TYR C 1327 11.96 29.92 -2.58
CA TYR C 1327 12.14 30.12 -4.02
C TYR C 1327 11.86 28.84 -4.81
N THR C 1328 12.18 27.68 -4.25
CA THR C 1328 11.85 26.41 -4.90
C THR C 1328 10.43 25.94 -4.60
N LEU C 1329 9.74 26.59 -3.67
CA LEU C 1329 8.34 26.27 -3.41
C LEU C 1329 7.40 27.17 -4.22
N GLN C 1330 7.80 28.41 -4.47
CA GLN C 1330 7.00 29.28 -5.33
C GLN C 1330 7.16 28.90 -6.80
N GLU C 1331 8.34 28.44 -7.20
CA GLU C 1331 8.57 28.05 -8.58
C GLU C 1331 7.96 26.70 -8.93
N MET C 1332 7.72 25.85 -7.93
CA MET C 1332 7.12 24.54 -8.16
C MET C 1332 5.62 24.54 -7.88
N LEU C 1333 5.00 25.71 -7.73
CA LEU C 1333 3.57 25.77 -7.44
C LEU C 1333 2.84 26.73 -8.38
N THR C 1334 3.50 27.79 -8.80
CA THR C 1334 2.86 28.85 -9.59
C THR C 1334 3.36 28.88 -11.03
N VAL C 1335 4.67 29.05 -11.24
CA VAL C 1335 5.18 29.23 -12.59
C VAL C 1335 5.32 27.91 -13.34
N LYS C 1336 5.27 26.78 -12.62
CA LYS C 1336 5.39 25.48 -13.27
C LYS C 1336 4.09 25.05 -13.92
N SER C 1337 3.00 25.02 -13.15
CA SER C 1337 1.76 24.42 -13.60
C SER C 1337 0.59 25.40 -13.67
N ASP C 1338 0.34 26.15 -12.59
CA ASP C 1338 -0.96 26.78 -12.41
C ASP C 1338 -1.12 28.07 -13.21
N ASP C 1339 -0.04 28.80 -13.45
CA ASP C 1339 -0.14 30.10 -14.13
C ASP C 1339 -0.34 29.91 -15.62
N VAL C 1340 -1.22 30.73 -16.21
CA VAL C 1340 -1.46 30.68 -17.64
C VAL C 1340 -0.46 31.53 -18.42
N GLN C 1341 0.26 32.43 -17.74
CA GLN C 1341 1.28 33.25 -18.36
C GLN C 1341 2.69 32.86 -17.93
N GLY C 1342 2.86 32.45 -16.68
CA GLY C 1342 4.18 32.04 -16.22
C GLY C 1342 4.66 30.75 -16.84
N ARG C 1343 3.74 29.85 -17.21
CA ARG C 1343 4.11 28.60 -17.85
C ARG C 1343 4.68 28.83 -19.25
N ASN C 1344 4.29 29.93 -19.90
CA ASN C 1344 4.90 30.32 -21.17
C ASN C 1344 6.14 31.17 -20.96
N GLN C 1345 6.14 32.03 -19.93
CA GLN C 1345 7.26 32.95 -19.71
C GLN C 1345 8.51 32.21 -19.24
N MET C 1346 8.35 31.19 -18.40
CA MET C 1346 9.50 30.41 -17.95
C MET C 1346 10.08 29.57 -19.08
N TYR C 1347 9.22 29.04 -19.95
CA TYR C 1347 9.68 28.31 -21.12
C TYR C 1347 10.42 29.23 -22.09
N LYS C 1348 9.91 30.45 -22.28
CA LYS C 1348 10.58 31.42 -23.15
C LYS C 1348 11.92 31.85 -22.57
N ASN C 1349 12.00 32.00 -21.24
CA ASN C 1349 13.27 32.38 -20.62
C ASN C 1349 14.28 31.23 -20.64
N ILE C 1350 13.80 29.98 -20.58
CA ILE C 1350 14.72 28.84 -20.64
C ILE C 1350 15.24 28.65 -22.05
N VAL C 1351 14.37 28.76 -23.06
CA VAL C 1351 14.77 28.56 -24.45
C VAL C 1351 15.65 29.72 -24.92
N ASP C 1352 15.27 30.96 -24.58
CA ASP C 1352 16.03 32.12 -25.02
C ASP C 1352 17.37 32.22 -24.29
N GLY C 1353 17.34 32.33 -22.96
CA GLY C 1353 18.57 32.38 -22.20
C GLY C 1353 18.55 33.34 -21.03
N GLU C 1354 17.61 34.29 -21.05
CA GLU C 1354 17.52 35.26 -19.98
C GLU C 1354 16.89 34.64 -18.73
N HIS C 1355 17.02 35.33 -17.61
CA HIS C 1355 16.52 34.86 -16.32
C HIS C 1355 15.76 35.99 -15.64
N GLU C 1356 14.46 36.05 -15.89
CA GLU C 1356 13.59 37.06 -15.28
C GLU C 1356 12.18 36.49 -15.20
N MET C 1357 11.80 36.03 -14.02
CA MET C 1357 10.50 35.41 -13.80
C MET C 1357 9.51 36.44 -13.25
N VAL C 1358 8.23 36.17 -13.50
CA VAL C 1358 7.13 37.04 -13.07
C VAL C 1358 6.24 36.22 -12.15
N ALA C 1359 6.06 36.69 -10.92
CA ALA C 1359 5.20 36.04 -9.95
C ALA C 1359 3.80 36.64 -10.00
N GLY C 1360 2.79 35.77 -9.88
CA GLY C 1360 1.41 36.22 -9.91
C GLY C 1360 0.50 35.21 -9.27
N MET C 1361 -0.78 35.59 -9.18
CA MET C 1361 -1.77 34.70 -8.59
C MET C 1361 -2.15 33.60 -9.57
N PRO C 1362 -2.34 32.38 -9.10
CA PRO C 1362 -2.73 31.28 -10.00
C PRO C 1362 -4.18 31.41 -10.44
N GLU C 1363 -4.53 30.61 -11.46
CA GLU C 1363 -5.89 30.58 -11.96
C GLU C 1363 -6.85 29.84 -11.04
N SER C 1364 -6.32 28.92 -10.22
CA SER C 1364 -7.18 28.15 -9.32
C SER C 1364 -7.76 29.02 -8.21
N PHE C 1365 -7.00 29.99 -7.73
CA PHE C 1365 -7.55 30.94 -6.76
C PHE C 1365 -8.61 31.83 -7.38
N ASN C 1366 -8.45 32.17 -8.66
CA ASN C 1366 -9.49 32.93 -9.36
C ASN C 1366 -10.76 32.10 -9.54
N VAL C 1367 -10.60 30.82 -9.83
CA VAL C 1367 -11.76 29.92 -9.93
C VAL C 1367 -12.44 29.77 -8.56
N LEU C 1368 -11.65 29.70 -7.50
CA LEU C 1368 -12.20 29.58 -6.15
C LEU C 1368 -12.94 30.86 -5.73
N VAL C 1369 -12.41 32.03 -6.06
CA VAL C 1369 -13.10 33.25 -5.67
C VAL C 1369 -14.32 33.50 -6.55
N LYS C 1370 -14.30 33.05 -7.82
CA LYS C 1370 -15.50 33.14 -8.64
C LYS C 1370 -16.55 32.12 -8.23
N GLU C 1371 -16.15 31.02 -7.60
CA GLU C 1371 -17.11 30.08 -7.04
C GLU C 1371 -17.69 30.57 -5.73
N ILE C 1372 -16.87 31.26 -4.91
CA ILE C 1372 -17.37 31.82 -3.65
C ILE C 1372 -18.31 33.00 -3.92
N ARG C 1373 -18.03 33.78 -4.97
CA ARG C 1373 -18.89 34.91 -5.34
C ARG C 1373 -20.25 34.49 -5.86
N SER C 1374 -20.42 33.23 -6.25
CA SER C 1374 -21.70 32.70 -6.70
C SER C 1374 -22.54 32.14 -5.55
N LEU C 1375 -22.16 32.44 -4.31
CA LEU C 1375 -22.87 31.93 -3.13
C LEU C 1375 -23.43 33.09 -2.30
N ALA C 1376 -23.60 34.26 -2.94
CA ALA C 1376 -24.05 35.52 -2.33
C ALA C 1376 -23.17 35.93 -1.14
N ILE C 1377 -21.86 35.70 -1.29
CA ILE C 1377 -20.87 36.10 -0.29
C ILE C 1377 -19.81 36.92 -1.00
N HIS C 1378 -19.68 38.19 -0.60
CA HIS C 1378 -18.74 39.09 -1.25
C HIS C 1378 -17.31 38.78 -0.80
N MET C 1379 -16.43 38.54 -1.76
CA MET C 1379 -15.02 38.28 -1.49
C MET C 1379 -14.19 39.02 -2.54
N GLU C 1380 -13.48 40.05 -2.10
CA GLU C 1380 -12.68 40.89 -2.99
C GLU C 1380 -11.24 40.88 -2.53
N LEU C 1381 -10.32 40.79 -3.49
CA LEU C 1381 -8.87 40.80 -3.20
C LEU C 1381 -8.47 42.25 -2.91
N GLU C 1382 -8.47 42.60 -1.63
CA GLU C 1382 -8.13 43.95 -1.20
C GLU C 1382 -6.64 44.22 -1.31
N MET D 1 -12.29 28.84 -30.45
CA MET D 1 -11.81 27.47 -30.44
C MET D 1 -10.29 27.41 -30.38
N LYS D 2 -9.64 28.23 -31.21
CA LYS D 2 -8.19 28.25 -31.28
C LYS D 2 -7.71 29.69 -31.46
N ASP D 3 -6.80 30.13 -30.59
CA ASP D 3 -6.23 31.46 -30.64
C ASP D 3 -4.72 31.36 -30.81
N LEU D 4 -4.16 32.27 -31.61
CA LEU D 4 -2.73 32.26 -31.89
C LEU D 4 -2.03 33.53 -31.44
N LEU D 5 -2.59 34.70 -31.75
CA LEU D 5 -1.96 35.96 -31.38
C LEU D 5 -2.18 36.33 -29.91
N ASN D 6 -3.05 35.61 -29.21
CA ASN D 6 -3.30 35.86 -27.79
C ASN D 6 -2.24 35.23 -26.89
N LEU D 7 -1.38 34.37 -27.42
CA LEU D 7 -0.44 33.64 -26.59
C LEU D 7 0.73 34.50 -26.14
N PHE D 8 1.05 35.56 -26.88
CA PHE D 8 2.20 36.40 -26.59
C PHE D 8 1.85 37.67 -25.83
N ASN D 9 0.61 37.79 -25.35
CA ASN D 9 0.19 38.96 -24.58
C ASN D 9 0.71 38.81 -23.15
N GLN D 10 1.96 39.21 -22.95
CA GLN D 10 2.61 39.10 -21.67
C GLN D 10 2.43 40.38 -20.85
N GLN D 11 2.59 40.25 -19.53
CA GLN D 11 2.47 41.33 -18.54
C GLN D 11 1.11 42.01 -18.62
N ARG D 12 0.06 41.22 -18.42
CA ARG D 12 -1.31 41.72 -18.48
C ARG D 12 -1.93 41.95 -17.11
N GLN D 13 -1.44 41.27 -16.08
CA GLN D 13 -1.97 41.42 -14.73
C GLN D 13 -0.82 41.48 -13.73
N THR D 14 -0.98 42.29 -12.70
CA THR D 14 0.03 42.45 -11.65
C THR D 14 -0.38 41.76 -10.35
N LEU D 15 -1.63 41.97 -9.92
CA LEU D 15 -2.21 41.39 -8.71
C LEU D 15 -1.41 41.77 -7.46
N ASP D 16 -1.26 43.07 -7.26
CA ASP D 16 -0.55 43.62 -6.11
C ASP D 16 -1.58 44.05 -5.07
N PHE D 17 -1.60 43.35 -3.94
CA PHE D 17 -2.58 43.62 -2.89
C PHE D 17 -1.94 43.37 -1.54
N ASP D 18 -2.67 43.69 -0.48
CA ASP D 18 -2.17 43.57 0.88
C ASP D 18 -2.99 42.64 1.75
N ALA D 19 -4.32 42.69 1.66
CA ALA D 19 -5.18 41.93 2.55
C ALA D 19 -6.29 41.28 1.74
N ILE D 20 -7.03 40.38 2.39
CA ILE D 20 -8.19 39.71 1.82
C ILE D 20 -9.38 39.98 2.73
N LYS D 21 -10.40 40.63 2.18
CA LYS D 21 -11.59 40.99 2.94
C LYS D 21 -12.80 40.23 2.41
N ILE D 22 -13.63 39.73 3.32
CA ILE D 22 -14.82 38.98 2.99
C ILE D 22 -15.99 39.53 3.82
N ALA D 23 -17.15 39.68 3.17
CA ALA D 23 -18.34 40.20 3.83
C ALA D 23 -19.56 39.69 3.09
N LEU D 24 -20.73 40.15 3.50
CA LEU D 24 -21.97 39.80 2.82
C LEU D 24 -22.09 40.54 1.50
N ALA D 25 -22.97 40.04 0.64
CA ALA D 25 -23.17 40.58 -0.69
C ALA D 25 -24.50 41.33 -0.76
N SER D 26 -24.43 42.61 -1.10
CA SER D 26 -25.64 43.39 -1.31
C SER D 26 -26.31 42.96 -2.62
N PRO D 27 -27.64 43.12 -2.72
CA PRO D 27 -28.31 42.81 -4.00
C PRO D 27 -27.90 43.73 -5.14
N ASP D 28 -27.54 44.98 -4.84
CA ASP D 28 -27.02 45.87 -5.88
C ASP D 28 -25.66 45.41 -6.38
N LEU D 29 -24.84 44.82 -5.51
CA LEU D 29 -23.56 44.27 -5.93
C LEU D 29 -23.73 43.07 -6.84
N ILE D 30 -24.75 42.24 -6.57
CA ILE D 30 -25.03 41.10 -7.44
C ILE D 30 -25.62 41.58 -8.77
N ARG D 31 -26.44 42.62 -8.73
CA ARG D 31 -27.02 43.15 -9.98
C ARG D 31 -25.98 43.87 -10.82
N SER D 32 -24.95 44.44 -10.20
CA SER D 32 -23.87 45.08 -10.96
C SER D 32 -22.77 44.12 -11.37
N TRP D 33 -22.64 42.98 -10.69
CA TRP D 33 -21.65 41.98 -11.09
C TRP D 33 -22.07 41.27 -12.37
N SER D 34 -23.37 41.04 -12.55
CA SER D 34 -23.86 40.27 -13.66
C SER D 34 -23.96 41.11 -14.93
N TYR D 35 -24.23 40.44 -16.04
CA TYR D 35 -24.38 41.08 -17.34
C TYR D 35 -25.74 40.80 -17.97
N GLY D 36 -26.65 40.17 -17.25
CA GLY D 36 -27.96 39.86 -17.79
C GLY D 36 -28.63 38.77 -16.98
N GLU D 37 -29.89 38.54 -17.30
CA GLU D 37 -30.72 37.56 -16.62
C GLU D 37 -30.97 36.36 -17.51
N VAL D 38 -31.51 35.30 -16.92
CA VAL D 38 -31.86 34.07 -17.63
C VAL D 38 -33.33 33.76 -17.37
N LYS D 39 -34.00 33.22 -18.38
CA LYS D 39 -35.43 32.94 -18.25
C LYS D 39 -35.86 31.58 -18.80
N LYS D 40 -35.04 30.89 -19.59
CA LYS D 40 -35.42 29.62 -20.17
C LYS D 40 -34.32 28.60 -19.88
N PRO D 41 -34.62 27.50 -19.17
CA PRO D 41 -33.58 26.53 -18.88
C PRO D 41 -33.30 25.60 -20.04
N GLU D 42 -32.17 25.84 -20.72
CA GLU D 42 -31.75 24.99 -21.84
C GLU D 42 -30.26 25.22 -22.04
N THR D 43 -29.45 24.23 -21.70
CA THR D 43 -28.00 24.40 -21.75
C THR D 43 -27.39 24.02 -23.10
N ILE D 44 -28.01 23.10 -23.84
CA ILE D 44 -27.52 22.67 -25.15
C ILE D 44 -28.73 22.49 -26.05
N ASN D 45 -28.75 23.22 -27.17
CA ASN D 45 -29.80 23.06 -28.16
C ASN D 45 -29.57 21.77 -28.95
N TYR D 46 -30.65 21.09 -29.29
CA TYR D 46 -30.58 19.85 -30.04
C TYR D 46 -30.88 20.10 -31.52
N ARG D 47 -30.43 19.16 -32.35
CA ARG D 47 -30.46 19.14 -33.82
C ARG D 47 -29.58 20.19 -34.48
N THR D 48 -28.89 21.03 -33.70
CA THR D 48 -27.93 22.01 -34.18
C THR D 48 -27.01 22.36 -33.01
N PHE D 49 -25.77 22.72 -33.33
CA PHE D 49 -24.77 23.03 -32.30
C PHE D 49 -24.63 24.54 -32.21
N LYS D 50 -25.53 25.15 -31.44
CA LYS D 50 -25.53 26.58 -31.16
C LYS D 50 -25.96 26.78 -29.72
N PRO D 51 -25.38 27.77 -29.03
CA PRO D 51 -25.82 28.05 -27.65
C PRO D 51 -27.22 28.65 -27.63
N GLU D 52 -27.98 28.26 -26.61
CA GLU D 52 -29.37 28.72 -26.48
C GLU D 52 -29.40 30.18 -26.01
N ARG D 53 -30.30 30.95 -26.61
CA ARG D 53 -30.46 32.35 -26.22
C ARG D 53 -31.15 32.45 -24.87
N ASP D 54 -30.53 33.20 -23.96
CA ASP D 54 -30.99 33.40 -22.56
C ASP D 54 -31.15 32.07 -21.83
N GLY D 55 -30.17 31.19 -21.98
CA GLY D 55 -30.19 29.90 -21.32
C GLY D 55 -29.04 29.73 -20.34
N LEU D 56 -28.75 28.49 -19.97
CA LEU D 56 -27.63 28.24 -19.05
C LEU D 56 -26.29 28.48 -19.73
N PHE D 57 -26.14 28.00 -20.97
CA PHE D 57 -24.96 28.27 -21.78
C PHE D 57 -25.40 29.24 -22.87
N CYS D 58 -25.37 30.53 -22.55
CA CYS D 58 -25.85 31.57 -23.45
C CYS D 58 -24.67 32.37 -24.00
N ALA D 59 -24.96 33.18 -25.02
CA ALA D 59 -23.97 34.03 -25.64
C ALA D 59 -24.23 35.52 -25.43
N ALA D 60 -25.50 35.92 -25.28
CA ALA D 60 -25.81 37.31 -25.02
C ALA D 60 -25.54 37.73 -23.58
N ILE D 61 -25.41 36.76 -22.67
CA ILE D 61 -25.18 37.05 -21.26
C ILE D 61 -23.70 36.91 -20.89
N PHE D 62 -23.09 35.79 -21.24
CA PHE D 62 -21.70 35.52 -20.85
C PHE D 62 -20.72 35.92 -21.94
N GLY D 63 -20.84 35.34 -23.13
CA GLY D 63 -19.94 35.64 -24.22
C GLY D 63 -19.93 34.59 -25.30
N PRO D 64 -19.06 34.76 -26.29
CA PRO D 64 -19.06 33.85 -27.44
C PRO D 64 -18.41 32.51 -27.12
N ILE D 65 -18.85 31.49 -27.85
CA ILE D 65 -18.27 30.16 -27.69
C ILE D 65 -16.95 30.05 -28.45
N LYS D 66 -16.81 30.76 -29.57
CA LYS D 66 -15.59 30.76 -30.36
C LYS D 66 -14.86 32.08 -30.19
N ASP D 67 -13.53 32.03 -30.23
CA ASP D 67 -12.73 33.22 -30.00
C ASP D 67 -12.75 34.13 -31.21
N TYR D 68 -13.03 35.42 -30.96
CA TYR D 68 -13.15 36.49 -31.97
C TYR D 68 -14.23 36.20 -33.03
N GLU D 69 -15.22 35.38 -32.70
CA GLU D 69 -16.31 35.04 -33.61
C GLU D 69 -17.64 35.31 -32.93
N CYS D 70 -18.68 35.43 -33.74
CA CYS D 70 -20.05 35.55 -33.26
C CYS D 70 -20.83 34.29 -33.65
N LEU D 71 -22.13 34.31 -33.35
CA LEU D 71 -22.97 33.14 -33.61
C LEU D 71 -23.34 33.03 -35.08
N CYS D 72 -23.87 34.11 -35.67
CA CYS D 72 -24.34 34.06 -37.05
C CYS D 72 -23.18 34.10 -38.04
N GLY D 73 -22.33 35.12 -37.93
CA GLY D 73 -21.21 35.25 -38.84
C GLY D 73 -21.14 36.61 -39.52
N LYS D 74 -21.84 37.59 -38.94
CA LYS D 74 -21.81 38.94 -39.50
C LYS D 74 -20.48 39.63 -39.21
N TYR D 75 -19.92 39.39 -38.03
CA TYR D 75 -18.62 39.93 -37.64
C TYR D 75 -17.72 38.76 -37.28
N LYS D 76 -16.82 38.41 -38.18
CA LYS D 76 -15.95 37.25 -38.03
C LYS D 76 -14.49 37.63 -38.30
N ARG D 77 -14.05 38.74 -37.72
CA ARG D 77 -12.69 39.20 -37.90
C ARG D 77 -12.20 39.83 -36.61
N MET D 78 -10.87 39.89 -36.46
CA MET D 78 -10.25 40.48 -35.28
C MET D 78 -10.19 41.99 -35.35
N LYS D 79 -10.47 42.59 -36.50
CA LYS D 79 -10.46 44.05 -36.61
C LYS D 79 -11.69 44.69 -35.97
N HIS D 80 -12.76 43.93 -35.77
CA HIS D 80 -13.97 44.42 -35.12
C HIS D 80 -13.95 43.96 -33.66
N ARG D 81 -13.82 44.91 -32.74
CA ARG D 81 -13.74 44.62 -31.32
C ARG D 81 -14.74 45.47 -30.57
N GLY D 82 -15.51 44.85 -29.68
CA GLY D 82 -16.49 45.56 -28.90
C GLY D 82 -17.73 45.97 -29.66
N VAL D 83 -18.01 45.33 -30.79
CA VAL D 83 -19.19 45.63 -31.60
C VAL D 83 -20.13 44.45 -31.51
N VAL D 84 -21.31 44.67 -30.91
CA VAL D 84 -22.30 43.63 -30.76
C VAL D 84 -23.21 43.63 -31.97
N CYS D 85 -23.92 42.52 -32.17
CA CYS D 85 -24.83 42.36 -33.29
C CYS D 85 -26.23 42.82 -32.88
N GLU D 86 -27.22 42.56 -33.74
CA GLU D 86 -28.60 42.94 -33.47
C GLU D 86 -29.54 41.76 -33.26
N LYS D 87 -29.28 40.62 -33.90
CA LYS D 87 -30.09 39.43 -33.69
C LYS D 87 -29.53 38.53 -32.59
N CYS D 88 -28.21 38.59 -32.36
CA CYS D 88 -27.58 37.85 -31.27
C CYS D 88 -26.41 38.69 -30.78
N GLY D 89 -26.63 39.45 -29.72
CA GLY D 89 -25.65 40.42 -29.29
C GLY D 89 -24.56 39.81 -28.42
N THR D 90 -23.42 39.53 -29.04
CA THR D 90 -22.26 38.97 -28.35
C THR D 90 -21.10 39.95 -28.47
N GLU D 91 -20.46 40.24 -27.35
CA GLU D 91 -19.27 41.08 -27.37
C GLU D 91 -18.10 40.31 -27.99
N VAL D 92 -17.50 40.89 -29.02
CA VAL D 92 -16.42 40.21 -29.76
C VAL D 92 -15.13 40.52 -29.00
N THR D 93 -14.89 39.72 -27.96
CA THR D 93 -13.74 39.84 -27.07
C THR D 93 -13.00 38.51 -27.02
N LEU D 94 -12.07 38.40 -26.08
CA LEU D 94 -11.27 37.19 -25.90
C LEU D 94 -12.13 36.06 -25.35
N ALA D 95 -11.58 34.84 -25.43
CA ALA D 95 -12.25 33.66 -24.87
C ALA D 95 -12.08 33.54 -23.36
N LYS D 96 -11.25 34.38 -22.75
CA LYS D 96 -11.07 34.39 -21.31
C LYS D 96 -12.22 35.05 -20.57
N VAL D 97 -13.10 35.76 -21.27
CA VAL D 97 -14.19 36.49 -20.62
C VAL D 97 -15.30 35.55 -20.17
N ARG D 98 -15.31 34.30 -20.64
CA ARG D 98 -16.35 33.36 -20.25
C ARG D 98 -16.14 32.77 -18.86
N ARG D 99 -15.01 33.05 -18.23
CA ARG D 99 -14.74 32.56 -16.87
C ARG D 99 -14.88 33.65 -15.81
N GLU D 100 -14.67 34.92 -16.17
CA GLU D 100 -14.70 35.99 -15.19
C GLU D 100 -16.13 36.38 -14.83
N ARG D 101 -16.91 36.82 -15.81
CA ARG D 101 -18.25 37.31 -15.53
C ARG D 101 -19.24 36.16 -15.37
N MET D 102 -20.39 36.47 -14.79
CA MET D 102 -21.40 35.47 -14.47
C MET D 102 -22.79 36.07 -14.70
N GLY D 103 -23.82 35.29 -14.38
CA GLY D 103 -25.20 35.70 -14.55
C GLY D 103 -25.96 35.64 -13.24
N HIS D 104 -27.23 36.07 -13.33
CA HIS D 104 -28.10 36.15 -12.17
C HIS D 104 -29.49 35.69 -12.54
N ILE D 105 -30.27 35.34 -11.51
CA ILE D 105 -31.65 34.88 -11.67
C ILE D 105 -32.56 35.82 -10.88
N ASP D 106 -33.53 36.42 -11.59
CA ASP D 106 -34.52 37.26 -10.94
C ASP D 106 -35.63 36.38 -10.37
N LEU D 107 -35.72 36.32 -9.04
CA LEU D 107 -36.73 35.52 -8.36
C LEU D 107 -37.91 36.40 -7.98
N ALA D 108 -39.12 35.90 -8.24
CA ALA D 108 -40.32 36.66 -7.87
C ALA D 108 -40.58 36.60 -6.38
N SER D 109 -40.21 35.50 -5.72
CA SER D 109 -40.38 35.34 -4.29
C SER D 109 -39.02 35.24 -3.60
N PRO D 110 -38.87 35.83 -2.42
CA PRO D 110 -37.59 35.74 -1.71
C PRO D 110 -37.35 34.35 -1.16
N VAL D 111 -36.08 34.07 -0.88
CA VAL D 111 -35.66 32.78 -0.34
C VAL D 111 -34.44 33.02 0.55
N ALA D 112 -34.40 32.33 1.68
CA ALA D 112 -33.34 32.52 2.66
C ALA D 112 -32.19 31.55 2.40
N HIS D 113 -31.00 31.97 2.81
CA HIS D 113 -29.81 31.15 2.67
C HIS D 113 -29.81 30.03 3.71
N ILE D 114 -29.30 28.86 3.32
CA ILE D 114 -29.27 27.72 4.23
C ILE D 114 -28.05 27.74 5.14
N TRP D 115 -27.00 28.49 4.80
CA TRP D 115 -25.81 28.50 5.64
C TRP D 115 -26.01 29.34 6.90
N PHE D 116 -26.90 30.32 6.87
CA PHE D 116 -27.22 31.11 8.04
C PHE D 116 -28.43 30.58 8.79
N LEU D 117 -29.02 29.47 8.34
CA LEU D 117 -30.21 28.90 8.96
C LEU D 117 -29.95 27.51 9.52
N LYS D 118 -29.41 26.60 8.73
CA LYS D 118 -29.23 25.21 9.15
C LYS D 118 -27.95 24.98 9.95
N SER D 119 -27.11 26.02 10.10
CA SER D 119 -25.91 25.89 10.92
C SER D 119 -26.27 25.89 12.40
N LEU D 120 -25.39 25.32 13.22
CA LEU D 120 -25.70 25.14 14.64
C LEU D 120 -25.61 26.46 15.41
N PRO D 121 -24.60 27.35 15.17
CA PRO D 121 -24.87 28.73 15.66
C PRO D 121 -25.72 29.51 14.67
N SER D 122 -27.04 29.33 14.77
CA SER D 122 -27.98 29.96 13.85
C SER D 122 -28.06 31.46 14.11
N ARG D 123 -27.68 32.25 13.11
CA ARG D 123 -27.63 33.69 13.27
C ARG D 123 -29.02 34.32 13.26
N ILE D 124 -29.97 33.74 12.51
CA ILE D 124 -31.32 34.28 12.48
C ILE D 124 -32.03 34.04 13.80
N GLY D 125 -31.75 32.91 14.45
CA GLY D 125 -32.32 32.65 15.77
C GLY D 125 -31.75 33.55 16.85
N LEU D 126 -30.52 34.01 16.67
CA LEU D 126 -29.96 34.99 17.60
C LEU D 126 -30.42 36.40 17.29
N MET D 127 -30.74 36.68 16.02
CA MET D 127 -31.17 38.02 15.64
C MET D 127 -32.62 38.26 16.02
N LEU D 128 -33.50 37.29 15.74
CA LEU D 128 -34.92 37.43 16.01
C LEU D 128 -35.34 36.89 17.36
N ASP D 129 -34.38 36.37 18.14
CA ASP D 129 -34.60 35.80 19.48
C ASP D 129 -35.63 34.66 19.46
N MET D 130 -35.53 33.80 18.45
CA MET D 130 -36.41 32.66 18.29
C MET D 130 -35.60 31.38 18.20
N THR D 131 -36.29 30.25 18.22
CA THR D 131 -35.65 28.95 18.13
C THR D 131 -35.47 28.56 16.67
N LEU D 132 -35.01 27.32 16.45
CA LEU D 132 -34.80 26.81 15.11
C LEU D 132 -36.03 26.15 14.54
N ARG D 133 -36.80 25.44 15.38
CA ARG D 133 -37.98 24.73 14.90
C ARG D 133 -39.11 25.69 14.56
N ASP D 134 -39.22 26.80 15.29
CA ASP D 134 -40.26 27.79 14.99
C ASP D 134 -40.01 28.48 13.67
N ILE D 135 -38.77 28.91 13.42
CA ILE D 135 -38.44 29.54 12.15
C ILE D 135 -38.40 28.50 11.03
N GLU D 136 -38.20 27.21 11.35
CA GLU D 136 -38.30 26.16 10.35
C GLU D 136 -39.76 25.95 9.92
N ARG D 137 -40.68 25.99 10.87
CA ARG D 137 -42.10 25.87 10.53
C ARG D 137 -42.62 27.13 9.85
N VAL D 138 -42.06 28.30 10.18
CA VAL D 138 -42.51 29.54 9.57
C VAL D 138 -42.00 29.67 8.14
N LEU D 139 -40.71 29.40 7.93
CA LEU D 139 -40.08 29.61 6.64
C LEU D 139 -40.53 28.60 5.59
N TYR D 140 -41.05 27.45 6.00
CA TYR D 140 -41.51 26.43 5.07
C TYR D 140 -43.03 26.36 5.00
N PHE D 141 -43.71 27.47 5.33
CA PHE D 141 -45.15 27.68 5.13
C PHE D 141 -45.99 26.67 5.93
N GLU D 142 -45.81 26.69 7.25
CA GLU D 142 -46.62 25.89 8.15
C GLU D 142 -47.13 26.66 9.35
N ALA D 143 -46.83 27.96 9.44
CA ALA D 143 -47.27 28.78 10.56
C ALA D 143 -47.45 30.22 10.06
N TYR D 144 -47.64 31.14 11.00
CA TYR D 144 -47.84 32.55 10.69
C TYR D 144 -47.13 33.42 11.70
N VAL D 145 -46.66 34.58 11.25
CA VAL D 145 -46.02 35.58 12.10
C VAL D 145 -46.78 36.89 11.95
N VAL D 146 -47.26 37.42 13.07
CA VAL D 146 -47.93 38.71 13.07
C VAL D 146 -46.90 39.82 13.18
N THR D 147 -47.33 41.04 12.85
CA THR D 147 -46.44 42.20 12.91
C THR D 147 -47.22 43.46 13.27
N ARG D 156 -45.82 39.82 19.75
CA ARG D 156 -45.30 40.38 18.51
C ARG D 156 -44.74 39.30 17.60
N ARG D 157 -43.92 38.42 18.18
CA ARG D 157 -43.31 37.30 17.46
C ARG D 157 -43.72 36.02 18.18
N GLN D 158 -44.55 35.22 17.53
CA GLN D 158 -45.05 33.99 18.14
C GLN D 158 -45.47 33.02 17.04
N LEU D 159 -45.46 31.73 17.39
CA LEU D 159 -45.98 30.72 16.49
C LEU D 159 -47.51 30.78 16.47
N LEU D 160 -48.07 30.70 15.27
CA LEU D 160 -49.50 30.90 15.10
C LEU D 160 -49.98 30.10 13.89
N THR D 161 -50.96 29.23 14.11
CA THR D 161 -51.45 28.32 13.10
C THR D 161 -52.60 28.97 12.33
N GLU D 162 -53.30 28.18 11.50
CA GLU D 162 -54.31 28.75 10.62
C GLU D 162 -55.64 28.98 11.33
N GLU D 163 -55.97 28.18 12.35
CA GLU D 163 -57.23 28.37 13.07
C GLU D 163 -57.15 29.61 13.97
N GLN D 164 -55.98 29.85 14.56
CA GLN D 164 -55.78 31.09 15.31
C GLN D 164 -55.76 32.29 14.37
N TYR D 165 -55.27 32.10 13.15
CA TYR D 165 -55.27 33.18 12.16
C TYR D 165 -56.69 33.54 11.73
N LEU D 166 -57.55 32.54 11.52
CA LEU D 166 -58.92 32.85 11.10
C LEU D 166 -59.73 33.41 12.26
N THR D 167 -59.52 32.90 13.48
CA THR D 167 -60.23 33.47 14.63
C THR D 167 -59.71 34.84 15.03
N ALA D 168 -58.49 35.20 14.62
CA ALA D 168 -58.01 36.57 14.82
C ALA D 168 -58.49 37.50 13.71
N ARG D 169 -58.60 36.98 12.48
CA ARG D 169 -59.09 37.81 11.38
C ARG D 169 -60.59 38.06 11.48
N GLN D 170 -61.34 37.15 12.12
CA GLN D 170 -62.77 37.36 12.31
C GLN D 170 -63.06 38.41 13.38
N GLU D 171 -62.10 38.70 14.27
CA GLU D 171 -62.29 39.67 15.33
C GLU D 171 -61.45 40.93 15.16
N TYR D 172 -60.51 40.95 14.22
CA TYR D 172 -59.67 42.12 14.02
C TYR D 172 -60.19 43.06 12.95
N ASN D 173 -61.06 42.56 12.05
CA ASN D 173 -61.66 43.33 10.94
C ASN D 173 -60.59 43.94 10.03
N ASP D 174 -59.68 43.07 9.56
CA ASP D 174 -58.60 43.41 8.61
C ASP D 174 -57.69 44.51 9.14
N ASP D 175 -57.41 44.48 10.43
CA ASP D 175 -56.52 45.44 11.06
C ASP D 175 -55.28 44.81 11.68
N PHE D 176 -55.20 43.49 11.74
CA PHE D 176 -54.05 42.78 12.31
C PHE D 176 -53.44 41.92 11.19
N ASP D 177 -52.48 42.51 10.48
CA ASP D 177 -51.86 41.83 9.36
C ASP D 177 -50.83 40.82 9.83
N ALA D 178 -50.79 39.67 9.17
CA ALA D 178 -49.85 38.61 9.49
C ALA D 178 -49.39 37.94 8.20
N ALA D 179 -48.09 37.89 7.99
CA ALA D 179 -47.49 37.28 6.81
C ALA D 179 -46.89 35.93 7.16
N MET D 180 -46.71 35.10 6.13
CA MET D 180 -46.15 33.78 6.29
C MET D 180 -45.15 33.51 5.17
N GLY D 181 -43.97 33.02 5.52
CA GLY D 181 -42.95 32.71 4.54
C GLY D 181 -41.73 33.61 4.63
N ALA D 182 -41.13 33.92 3.48
CA ALA D 182 -39.94 34.76 3.45
C ALA D 182 -40.25 36.23 3.63
N GLU D 183 -41.49 36.65 3.33
CA GLU D 183 -41.84 38.06 3.47
C GLU D 183 -41.92 38.49 4.93
N ALA D 184 -42.38 37.60 5.81
CA ALA D 184 -42.48 37.93 7.22
C ALA D 184 -41.11 38.07 7.86
N VAL D 185 -40.19 37.14 7.57
CA VAL D 185 -38.84 37.24 8.11
C VAL D 185 -38.07 38.38 7.44
N TYR D 186 -38.42 38.72 6.19
CA TYR D 186 -37.80 39.86 5.53
C TYR D 186 -38.23 41.18 6.17
N GLU D 187 -39.51 41.31 6.49
CA GLU D 187 -39.99 42.50 7.19
C GLU D 187 -39.46 42.56 8.62
N LEU D 188 -39.32 41.41 9.28
CA LEU D 188 -38.75 41.40 10.63
C LEU D 188 -37.27 41.76 10.64
N LEU D 189 -36.54 41.39 9.59
CA LEU D 189 -35.13 41.80 9.50
C LEU D 189 -34.98 43.23 9.00
N ARG D 190 -35.96 43.75 8.26
CA ARG D 190 -35.85 45.12 7.76
C ARG D 190 -36.24 46.15 8.81
N THR D 191 -37.39 45.95 9.47
CA THR D 191 -37.96 47.00 10.32
C THR D 191 -37.27 47.17 11.66
N ILE D 192 -36.31 46.31 12.01
CA ILE D 192 -35.62 46.45 13.29
C ILE D 192 -34.52 47.50 13.17
N ASP D 193 -34.26 48.17 14.29
CA ASP D 193 -33.20 49.17 14.39
C ASP D 193 -32.19 48.64 15.41
N LEU D 194 -31.00 48.26 14.94
CA LEU D 194 -30.02 47.61 15.79
C LEU D 194 -29.34 48.57 16.76
N GLN D 195 -29.39 49.88 16.50
CA GLN D 195 -28.76 50.85 17.39
C GLN D 195 -29.50 50.94 18.72
N SER D 196 -30.83 50.97 18.69
CA SER D 196 -31.60 50.93 19.92
C SER D 196 -31.66 49.53 20.51
N GLU D 197 -31.58 48.49 19.65
CA GLU D 197 -31.60 47.12 20.13
C GLU D 197 -30.34 46.77 20.90
N MET D 198 -29.20 47.38 20.55
CA MET D 198 -27.97 47.18 21.30
C MET D 198 -28.10 47.72 22.73
N THR D 199 -28.69 48.90 22.88
CA THR D 199 -28.89 49.47 24.21
C THR D 199 -29.95 48.69 24.99
N ARG D 200 -30.98 48.19 24.30
CA ARG D 200 -32.01 47.41 24.97
C ARG D 200 -31.47 46.08 25.47
N LEU D 201 -30.67 45.38 24.66
CA LEU D 201 -30.03 44.16 25.14
C LEU D 201 -28.93 44.45 26.15
N ARG D 202 -28.35 45.66 26.15
CA ARG D 202 -27.44 46.04 27.21
C ARG D 202 -28.17 46.22 28.53
N GLU D 203 -29.37 46.79 28.51
CA GLU D 203 -30.19 46.82 29.72
C GLU D 203 -30.62 45.41 30.14
N GLU D 204 -30.85 44.53 29.16
CA GLU D 204 -31.21 43.15 29.47
C GLU D 204 -30.06 42.39 30.13
N ILE D 205 -28.82 42.62 29.68
CA ILE D 205 -27.67 41.99 30.32
C ILE D 205 -27.32 42.68 31.63
N ALA D 206 -27.72 43.94 31.81
CA ALA D 206 -27.57 44.59 33.11
C ALA D 206 -28.60 44.10 34.12
N SER D 207 -29.75 43.61 33.64
CA SER D 207 -30.79 43.12 34.55
C SER D 207 -30.65 41.61 34.83
N THR D 208 -30.64 40.80 33.79
CA THR D 208 -30.64 39.35 33.96
C THR D 208 -29.25 38.85 34.35
N GLY D 209 -29.21 37.96 35.34
CA GLY D 209 -27.95 37.44 35.85
C GLY D 209 -27.78 35.94 35.79
N SER D 210 -28.65 35.25 35.06
CA SER D 210 -28.50 33.82 34.88
C SER D 210 -27.36 33.51 33.90
N GLU D 211 -26.67 32.39 34.15
CA GLU D 211 -25.39 32.14 33.50
C GLU D 211 -25.55 31.80 32.01
N THR D 212 -26.51 30.92 31.68
CA THR D 212 -26.76 30.64 30.27
C THR D 212 -27.42 31.81 29.58
N LYS D 213 -28.23 32.58 30.31
CA LYS D 213 -28.75 33.84 29.77
C LYS D 213 -27.63 34.85 29.58
N LEU D 214 -26.62 34.83 30.46
CA LEU D 214 -25.45 35.70 30.27
C LEU D 214 -24.66 35.30 29.04
N LYS D 215 -24.52 34.00 28.78
CA LYS D 215 -23.79 33.54 27.61
C LYS D 215 -24.53 33.90 26.32
N ARG D 216 -25.86 33.70 26.30
CA ARG D 216 -26.66 34.10 25.15
C ARG D 216 -26.66 35.62 24.94
N LEU D 217 -26.64 36.38 26.04
CA LEU D 217 -26.62 37.84 25.94
C LEU D 217 -25.29 38.35 25.40
N THR D 218 -24.16 37.81 25.88
CA THR D 218 -22.88 38.22 25.32
C THR D 218 -22.72 37.76 23.86
N LYS D 219 -23.29 36.61 23.50
CA LYS D 219 -23.25 36.18 22.10
C LYS D 219 -24.06 37.12 21.21
N ARG D 220 -25.25 37.52 21.65
CA ARG D 220 -26.07 38.43 20.86
C ARG D 220 -25.47 39.83 20.79
N ILE D 221 -24.86 40.29 21.89
CA ILE D 221 -24.21 41.59 21.91
C ILE D 221 -23.00 41.61 20.99
N LYS D 222 -22.20 40.52 20.98
CA LYS D 222 -21.06 40.43 20.09
C LYS D 222 -21.49 40.35 18.63
N LEU D 223 -22.60 39.65 18.35
CA LEU D 223 -23.10 39.58 16.98
C LEU D 223 -23.62 40.93 16.50
N ILE D 224 -24.34 41.66 17.35
CA ILE D 224 -24.86 42.98 16.98
C ILE D 224 -23.70 43.97 16.82
N GLU D 225 -22.67 43.86 17.67
CA GLU D 225 -21.50 44.72 17.56
C GLU D 225 -20.74 44.46 16.27
N ALA D 226 -20.59 43.19 15.89
CA ALA D 226 -19.92 42.85 14.63
C ALA D 226 -20.74 43.31 13.43
N PHE D 227 -22.07 43.24 13.53
CA PHE D 227 -22.92 43.67 12.43
C PHE D 227 -22.89 45.18 12.26
N LEU D 228 -22.82 45.94 13.36
CA LEU D 228 -22.75 47.39 13.23
C LEU D 228 -21.35 47.85 12.87
N GLU D 229 -20.31 47.09 13.22
CA GLU D 229 -18.96 47.45 12.84
C GLU D 229 -18.69 47.15 11.37
N SER D 230 -19.23 46.04 10.87
CA SER D 230 -19.06 45.70 9.46
C SER D 230 -19.95 46.55 8.56
N GLY D 231 -21.02 47.12 9.08
CA GLY D 231 -21.93 47.92 8.28
C GLY D 231 -22.93 47.13 7.47
N ASN D 232 -22.96 45.81 7.61
CA ASN D 232 -23.87 44.98 6.84
C ASN D 232 -25.28 45.05 7.40
N ARG D 233 -26.26 45.17 6.50
CA ARG D 233 -27.65 45.21 6.90
C ARG D 233 -28.13 43.81 7.30
N PRO D 234 -29.05 43.72 8.26
CA PRO D 234 -29.58 42.40 8.65
C PRO D 234 -30.49 41.78 7.59
N GLU D 235 -30.96 42.54 6.61
CA GLU D 235 -31.80 42.00 5.55
C GLU D 235 -31.02 41.23 4.49
N TRP D 236 -29.69 41.24 4.56
CA TRP D 236 -28.87 40.56 3.56
C TRP D 236 -28.72 39.07 3.83
N MET D 237 -29.30 38.56 4.92
CA MET D 237 -29.35 37.11 5.12
C MET D 237 -30.27 36.46 4.09
N VAL D 238 -31.51 36.94 4.00
CA VAL D 238 -32.38 36.54 2.92
C VAL D 238 -31.92 37.22 1.63
N MET D 239 -32.22 36.60 0.49
CA MET D 239 -31.77 37.11 -0.80
C MET D 239 -32.91 37.09 -1.80
N THR D 240 -32.86 38.02 -2.74
CA THR D 240 -33.81 38.11 -3.84
C THR D 240 -33.20 37.78 -5.18
N VAL D 241 -31.97 38.22 -5.45
CA VAL D 241 -31.27 37.94 -6.69
C VAL D 241 -30.20 36.90 -6.40
N LEU D 242 -30.30 35.75 -7.06
CA LEU D 242 -29.36 34.65 -6.85
C LEU D 242 -28.39 34.56 -8.03
N PRO D 243 -27.10 34.73 -7.82
CA PRO D 243 -26.15 34.61 -8.93
C PRO D 243 -25.85 33.15 -9.26
N VAL D 244 -25.36 32.94 -10.49
CA VAL D 244 -25.00 31.63 -10.98
C VAL D 244 -23.50 31.61 -11.28
N LEU D 245 -23.00 30.42 -11.57
CA LEU D 245 -21.60 30.23 -11.90
C LEU D 245 -21.34 30.60 -13.36
N PRO D 246 -20.11 30.99 -13.69
CA PRO D 246 -19.76 31.20 -15.10
C PRO D 246 -19.79 29.90 -15.87
N PRO D 247 -20.09 29.93 -17.17
CA PRO D 247 -20.24 28.68 -17.92
C PRO D 247 -18.92 27.99 -18.24
N ASP D 248 -17.79 28.68 -18.11
CA ASP D 248 -16.50 28.05 -18.35
C ASP D 248 -16.03 27.25 -17.14
N LEU D 249 -16.63 27.46 -15.97
CA LEU D 249 -16.19 26.78 -14.76
C LEU D 249 -16.60 25.31 -14.76
N ARG D 250 -17.71 24.97 -15.41
CA ARG D 250 -18.08 23.58 -15.55
C ARG D 250 -18.14 23.20 -17.03
N PRO D 251 -17.58 22.04 -17.41
CA PRO D 251 -17.64 21.63 -18.81
C PRO D 251 -18.81 20.70 -19.11
N LEU D 252 -19.22 20.64 -20.38
CA LEU D 252 -20.17 19.64 -20.86
C LEU D 252 -19.36 18.65 -21.70
N VAL D 253 -18.81 17.64 -21.03
CA VAL D 253 -17.87 16.71 -21.66
C VAL D 253 -18.65 15.73 -22.54
N PRO D 254 -18.36 15.66 -23.83
CA PRO D 254 -19.03 14.67 -24.68
C PRO D 254 -18.41 13.29 -24.53
N LEU D 255 -19.20 12.28 -24.87
CA LEU D 255 -18.78 10.89 -24.81
C LEU D 255 -18.66 10.34 -26.23
N ASP D 256 -18.35 9.05 -26.32
CA ASP D 256 -18.19 8.40 -27.61
C ASP D 256 -19.55 8.15 -28.23
N GLY D 257 -19.73 8.62 -29.47
CA GLY D 257 -20.99 8.45 -30.18
C GLY D 257 -21.86 9.69 -30.25
N GLY D 258 -21.32 10.87 -29.94
CA GLY D 258 -22.11 12.08 -30.00
C GLY D 258 -23.00 12.32 -28.80
N ARG D 259 -22.71 11.71 -27.66
CA ARG D 259 -23.52 11.87 -26.47
C ARG D 259 -22.96 13.01 -25.62
N PHE D 260 -23.54 13.18 -24.43
CA PHE D 260 -23.10 14.21 -23.50
C PHE D 260 -23.19 13.67 -22.08
N ALA D 261 -22.13 13.87 -21.30
CA ALA D 261 -22.12 13.41 -19.92
C ALA D 261 -22.99 14.30 -19.05
N THR D 262 -23.57 13.71 -18.01
CA THR D 262 -24.46 14.44 -17.13
C THR D 262 -23.66 15.33 -16.18
N SER D 263 -24.33 16.34 -15.64
CA SER D 263 -23.73 17.26 -14.69
C SER D 263 -24.60 17.31 -13.44
N ASP D 264 -24.06 17.94 -12.39
CA ASP D 264 -24.74 18.03 -11.10
C ASP D 264 -25.37 19.40 -10.87
N LEU D 265 -24.64 20.49 -11.12
CA LEU D 265 -25.18 21.81 -10.85
C LEU D 265 -26.11 22.30 -11.94
N ASN D 266 -25.97 21.78 -13.17
CA ASN D 266 -26.80 22.24 -14.27
C ASN D 266 -28.24 21.78 -14.12
N ASP D 267 -28.44 20.56 -13.59
CA ASP D 267 -29.79 20.07 -13.36
C ASP D 267 -30.48 20.84 -12.24
N LEU D 268 -29.72 21.20 -11.19
CA LEU D 268 -30.29 22.01 -10.11
C LEU D 268 -30.61 23.42 -10.59
N TYR D 269 -29.76 23.98 -11.46
CA TYR D 269 -30.03 25.30 -12.02
C TYR D 269 -31.26 25.28 -12.91
N ARG D 270 -31.42 24.24 -13.73
CA ARG D 270 -32.59 24.11 -14.58
C ARG D 270 -33.86 23.90 -13.75
N ARG D 271 -33.74 23.17 -12.64
CA ARG D 271 -34.88 22.98 -11.74
C ARG D 271 -35.27 24.30 -11.07
N VAL D 272 -34.27 25.10 -10.66
CA VAL D 272 -34.54 26.40 -10.04
C VAL D 272 -35.21 27.34 -11.04
N ILE D 273 -34.72 27.37 -12.28
CA ILE D 273 -35.29 28.25 -13.30
C ILE D 273 -36.70 27.79 -13.69
N ASN D 274 -36.94 26.48 -13.73
CA ASN D 274 -38.27 25.97 -14.04
C ASN D 274 -39.27 26.28 -12.94
N ARG D 275 -38.87 26.10 -11.66
CA ARG D 275 -39.76 26.44 -10.56
C ARG D 275 -40.00 27.94 -10.46
N ASN D 276 -38.99 28.76 -10.80
CA ASN D 276 -39.16 30.20 -10.79
C ASN D 276 -40.10 30.66 -11.90
N ASN D 277 -40.00 30.05 -13.07
CA ASN D 277 -40.91 30.38 -14.17
C ASN D 277 -42.34 29.94 -13.87
N ARG D 278 -42.50 28.77 -13.25
CA ARG D 278 -43.83 28.31 -12.87
C ARG D 278 -44.44 29.20 -11.79
N LEU D 279 -43.62 29.65 -10.83
CA LEU D 279 -44.11 30.55 -9.79
C LEU D 279 -44.46 31.92 -10.36
N ARG D 280 -43.68 32.39 -11.34
CA ARG D 280 -43.97 33.68 -11.97
C ARG D 280 -45.25 33.61 -12.81
N ARG D 281 -45.47 32.48 -13.49
CA ARG D 281 -46.70 32.32 -14.26
C ARG D 281 -47.92 32.19 -13.35
N LEU D 282 -47.77 31.49 -12.22
CA LEU D 282 -48.88 31.38 -11.27
C LEU D 282 -49.15 32.69 -10.55
N LEU D 283 -48.13 33.52 -10.36
CA LEU D 283 -48.36 34.84 -9.77
C LEU D 283 -48.96 35.81 -10.77
N GLU D 284 -48.61 35.68 -12.06
CA GLU D 284 -49.17 36.56 -13.08
C GLU D 284 -50.61 36.18 -13.39
N LEU D 285 -50.93 34.89 -13.37
CA LEU D 285 -52.27 34.42 -13.70
C LEU D 285 -53.23 34.44 -12.52
N ASN D 286 -52.79 34.96 -11.35
CA ASN D 286 -53.59 35.11 -10.13
C ASN D 286 -54.15 33.77 -9.65
N ALA D 287 -53.23 32.87 -9.28
CA ALA D 287 -53.59 31.56 -8.79
C ALA D 287 -54.16 31.67 -7.37
N PRO D 288 -54.95 30.68 -6.93
CA PRO D 288 -55.35 30.62 -5.51
C PRO D 288 -54.15 30.41 -4.60
N ASP D 289 -54.33 30.81 -3.33
CA ASP D 289 -53.22 30.99 -2.42
C ASP D 289 -52.54 29.69 -2.00
N ILE D 290 -53.26 28.56 -2.01
CA ILE D 290 -52.69 27.31 -1.52
C ILE D 290 -51.65 26.77 -2.51
N ILE D 291 -51.91 26.88 -3.81
CA ILE D 291 -50.93 26.42 -4.79
C ILE D 291 -49.76 27.39 -4.90
N VAL D 292 -49.96 28.68 -4.57
CA VAL D 292 -48.85 29.61 -4.51
C VAL D 292 -47.96 29.32 -3.32
N ARG D 293 -48.56 28.95 -2.18
CA ARG D 293 -47.78 28.55 -1.02
C ARG D 293 -47.03 27.24 -1.27
N ASN D 294 -47.66 26.31 -2.00
CA ASN D 294 -47.00 25.05 -2.33
C ASN D 294 -45.83 25.29 -3.30
N GLU D 295 -46.01 26.18 -4.28
CA GLU D 295 -44.93 26.49 -5.21
C GLU D 295 -43.79 27.25 -4.53
N LYS D 296 -44.12 28.12 -3.56
CA LYS D 296 -43.09 28.81 -2.82
C LYS D 296 -42.32 27.85 -1.91
N ARG D 297 -43.01 26.87 -1.31
CA ARG D 297 -42.33 25.86 -0.52
C ARG D 297 -41.44 24.97 -1.38
N MET D 298 -41.91 24.62 -2.58
CA MET D 298 -41.10 23.82 -3.49
C MET D 298 -39.87 24.58 -3.98
N LEU D 299 -40.02 25.89 -4.23
CA LEU D 299 -38.88 26.70 -4.63
C LEU D 299 -37.90 26.88 -3.48
N GLN D 300 -38.41 26.98 -2.24
CA GLN D 300 -37.54 27.06 -1.07
C GLN D 300 -36.74 25.78 -0.88
N GLU D 301 -37.39 24.62 -1.03
CA GLU D 301 -36.67 23.35 -0.92
C GLU D 301 -35.68 23.16 -2.07
N SER D 302 -36.00 23.66 -3.26
CA SER D 302 -35.09 23.51 -4.40
C SER D 302 -33.85 24.41 -4.24
N VAL D 303 -34.03 25.63 -3.76
CA VAL D 303 -32.89 26.51 -3.50
C VAL D 303 -32.06 25.98 -2.33
N ASP D 304 -32.72 25.43 -1.32
CA ASP D 304 -31.99 24.86 -0.18
C ASP D 304 -31.24 23.60 -0.55
N ALA D 305 -31.72 22.86 -1.55
CA ALA D 305 -30.98 21.71 -2.05
C ALA D 305 -29.86 22.14 -3.01
N LEU D 306 -30.03 23.27 -3.69
CA LEU D 306 -28.95 23.78 -4.54
C LEU D 306 -27.79 24.31 -3.70
N LEU D 307 -28.08 24.98 -2.59
CA LEU D 307 -27.02 25.58 -1.80
C LEU D 307 -26.25 24.54 -0.99
N ASP D 308 -26.96 23.56 -0.42
CA ASP D 308 -26.31 22.50 0.34
C ASP D 308 -27.17 21.24 0.21
N ASN D 309 -26.78 20.36 -0.70
CA ASN D 309 -27.52 19.12 -0.92
C ASN D 309 -27.15 18.08 0.12
N GLY D 310 -28.15 17.37 0.62
CA GLY D 310 -27.94 16.32 1.60
C GLY D 310 -28.10 16.75 3.04
N ARG D 311 -28.45 18.01 3.30
CA ARG D 311 -28.61 18.50 4.65
C ARG D 311 -30.06 18.51 5.12
N ARG D 312 -31.02 18.63 4.20
CA ARG D 312 -32.43 18.70 4.56
C ARG D 312 -33.21 17.48 4.08
N GLY D 313 -33.16 17.17 2.78
CA GLY D 313 -33.95 16.08 2.25
C GLY D 313 -33.18 15.10 1.38
N ARG D 314 -31.96 15.50 1.00
CA ARG D 314 -31.05 14.71 0.14
C ARG D 314 -31.70 14.38 -1.20
N ALA D 315 -31.99 15.43 -1.98
CA ALA D 315 -32.64 15.28 -3.26
C ALA D 315 -31.69 14.67 -4.27
N ILE D 316 -32.01 13.48 -4.76
CA ILE D 316 -31.18 12.78 -5.74
C ILE D 316 -31.35 13.43 -7.10
N LYS D 321 -29.77 7.00 -7.70
CA LYS D 321 -29.57 6.39 -6.39
C LYS D 321 -28.36 6.99 -5.68
N ARG D 322 -27.75 8.00 -6.30
CA ARG D 322 -26.59 8.66 -5.77
C ARG D 322 -26.85 10.16 -5.66
N PRO D 323 -26.66 10.77 -4.49
CA PRO D 323 -26.88 12.23 -4.36
C PRO D 323 -25.77 13.01 -5.05
N LEU D 324 -26.15 13.85 -6.00
CA LEU D 324 -25.20 14.65 -6.75
C LEU D 324 -24.68 15.81 -5.90
N LYS D 325 -23.52 16.34 -6.29
CA LYS D 325 -22.85 17.38 -5.54
C LYS D 325 -23.52 18.73 -5.76
N SER D 326 -23.13 19.71 -4.94
CA SER D 326 -23.68 21.05 -5.00
C SER D 326 -22.55 22.04 -4.78
N LEU D 327 -22.91 23.30 -4.50
CA LEU D 327 -21.92 24.35 -4.30
C LEU D 327 -21.18 24.21 -2.97
N ALA D 328 -21.75 23.49 -2.01
CA ALA D 328 -21.11 23.28 -0.72
C ALA D 328 -20.43 21.92 -0.61
N ASP D 329 -20.65 21.02 -1.57
CA ASP D 329 -20.05 19.70 -1.53
C ASP D 329 -18.73 19.61 -2.28
N MET D 330 -18.52 20.45 -3.30
CA MET D 330 -17.29 20.45 -4.06
C MET D 330 -16.27 21.47 -3.54
N ILE D 331 -16.52 22.04 -2.35
CA ILE D 331 -15.55 22.84 -1.63
C ILE D 331 -15.21 22.21 -0.28
N LYS D 332 -16.23 21.86 0.50
CA LYS D 332 -16.04 21.18 1.77
C LYS D 332 -16.09 19.68 1.55
N GLY D 333 -15.05 18.98 2.03
CA GLY D 333 -14.98 17.54 1.95
C GLY D 333 -13.64 17.09 1.42
N LYS D 334 -13.58 15.81 1.02
CA LYS D 334 -12.33 15.24 0.52
C LYS D 334 -12.06 15.69 -0.91
N GLN D 335 -13.09 15.75 -1.75
CA GLN D 335 -12.96 16.17 -3.14
C GLN D 335 -13.20 17.67 -3.32
N GLY D 336 -13.04 18.45 -2.26
CA GLY D 336 -13.20 19.88 -2.37
C GLY D 336 -12.04 20.55 -3.07
N ARG D 337 -12.23 21.84 -3.36
CA ARG D 337 -11.20 22.60 -4.08
C ARG D 337 -10.01 22.96 -3.20
N PHE D 338 -10.19 22.97 -1.88
CA PHE D 338 -9.11 23.41 -0.99
C PHE D 338 -8.01 22.36 -0.88
N ARG D 339 -8.36 21.09 -0.95
CA ARG D 339 -7.40 20.00 -0.79
C ARG D 339 -7.09 19.28 -2.10
N GLN D 340 -7.51 19.83 -3.24
CA GLN D 340 -7.25 19.17 -4.51
C GLN D 340 -6.59 20.12 -5.51
N ASN D 341 -6.92 21.40 -5.44
CA ASN D 341 -6.41 22.38 -6.41
C ASN D 341 -5.83 23.63 -5.76
N LEU D 342 -5.69 23.65 -4.44
CA LEU D 342 -5.10 24.79 -3.75
C LEU D 342 -3.80 24.42 -3.03
N LEU D 343 -3.81 23.39 -2.20
CA LEU D 343 -2.62 23.00 -1.46
C LEU D 343 -1.69 22.13 -2.30
N GLY D 344 -2.20 21.05 -2.86
CA GLY D 344 -1.38 20.18 -3.69
C GLY D 344 -1.89 20.07 -5.11
N LYS D 345 -1.12 20.59 -6.06
CA LYS D 345 -1.50 20.58 -7.47
C LYS D 345 -0.52 19.72 -8.26
N ARG D 346 -1.03 19.13 -9.35
CA ARG D 346 -0.18 18.35 -10.23
C ARG D 346 0.76 19.27 -11.01
N VAL D 347 2.04 18.96 -10.98
CA VAL D 347 3.05 19.80 -11.62
C VAL D 347 3.67 19.05 -12.78
N ASP D 348 4.35 19.80 -13.64
CA ASP D 348 5.08 19.24 -14.76
C ASP D 348 6.54 19.03 -14.37
N TYR D 349 7.33 18.56 -15.34
CA TYR D 349 8.74 18.17 -15.17
C TYR D 349 8.90 17.15 -14.04
N SER D 350 8.17 16.04 -14.18
CA SER D 350 8.14 15.01 -13.15
C SER D 350 8.08 13.64 -13.82
N GLY D 351 8.02 12.61 -13.00
CA GLY D 351 7.96 11.24 -13.49
C GLY D 351 8.39 10.21 -12.47
N ARG D 352 7.78 9.04 -12.50
CA ARG D 352 8.10 7.96 -11.59
C ARG D 352 8.98 6.92 -12.29
N SER D 353 9.56 6.04 -11.48
CA SER D 353 10.33 4.89 -11.96
C SER D 353 10.28 3.81 -10.90
N VAL D 354 11.13 2.80 -11.04
CA VAL D 354 11.29 1.74 -10.05
C VAL D 354 12.70 1.85 -9.48
N ILE D 355 12.81 1.86 -8.15
CA ILE D 355 14.11 2.05 -7.52
C ILE D 355 14.94 0.78 -7.62
N THR D 356 16.26 0.96 -7.69
CA THR D 356 17.21 -0.14 -7.79
C THR D 356 18.49 0.27 -7.09
N VAL D 357 19.01 -0.59 -6.23
CA VAL D 357 20.20 -0.26 -5.45
C VAL D 357 21.43 -0.33 -6.34
N GLY D 358 22.28 0.68 -6.24
CA GLY D 358 23.53 0.73 -6.98
C GLY D 358 24.70 1.09 -6.07
N PRO D 359 25.67 0.18 -5.96
CA PRO D 359 26.78 0.41 -5.03
C PRO D 359 27.97 1.17 -5.59
N TYR D 360 28.07 1.34 -6.91
CA TYR D 360 29.21 1.98 -7.53
C TYR D 360 29.03 3.49 -7.70
N LEU D 361 28.20 4.12 -6.88
CA LEU D 361 27.97 5.56 -6.95
C LEU D 361 28.10 6.16 -5.55
N LYS D 362 28.50 7.43 -5.51
CA LYS D 362 28.68 8.13 -4.25
C LYS D 362 27.34 8.57 -3.69
N LEU D 363 27.36 9.01 -2.43
CA LEU D 363 26.14 9.41 -1.75
C LEU D 363 25.65 10.80 -2.14
N HIS D 364 26.47 11.59 -2.84
CA HIS D 364 26.05 12.88 -3.32
C HIS D 364 25.48 12.83 -4.73
N GLN D 365 25.38 11.65 -5.33
CA GLN D 365 24.86 11.50 -6.69
C GLN D 365 23.92 10.30 -6.73
N CYS D 366 23.10 10.27 -7.79
CA CYS D 366 22.14 9.19 -7.99
C CYS D 366 22.05 8.88 -9.47
N GLY D 367 21.43 7.74 -9.77
CA GLY D 367 21.26 7.33 -11.16
C GLY D 367 20.01 7.91 -11.78
N LEU D 368 19.96 7.87 -13.12
CA LEU D 368 18.84 8.40 -13.87
C LEU D 368 18.78 7.73 -15.24
N PRO D 369 17.61 7.30 -15.69
CA PRO D 369 17.51 6.69 -17.03
C PRO D 369 17.71 7.74 -18.12
N LYS D 370 18.15 7.24 -19.29
CA LYS D 370 18.52 8.14 -20.38
C LYS D 370 17.30 8.75 -21.06
N LYS D 371 16.23 7.97 -21.24
CA LYS D 371 15.01 8.49 -21.85
C LYS D 371 14.30 9.47 -20.92
N MET D 372 14.34 9.20 -19.61
CA MET D 372 13.78 10.15 -18.65
C MET D 372 14.59 11.43 -18.60
N ALA D 373 15.91 11.33 -18.73
CA ALA D 373 16.75 12.54 -18.75
C ALA D 373 16.57 13.31 -20.05
N LEU D 374 16.24 12.63 -21.15
CA LEU D 374 15.96 13.33 -22.39
C LEU D 374 14.60 14.00 -22.37
N GLU D 375 13.61 13.36 -21.75
CA GLU D 375 12.27 13.93 -21.69
C GLU D 375 12.14 15.02 -20.62
N LEU D 376 12.98 14.99 -19.58
CA LEU D 376 12.86 16.00 -18.53
C LEU D 376 13.62 17.27 -18.88
N PHE D 377 14.86 17.14 -19.38
CA PHE D 377 15.70 18.28 -19.70
C PHE D 377 15.64 18.67 -21.18
N LYS D 378 14.50 18.42 -21.83
CA LYS D 378 14.29 18.72 -23.24
C LYS D 378 14.36 20.22 -23.60
N PRO D 379 13.83 21.18 -22.82
CA PRO D 379 14.08 22.59 -23.18
C PRO D 379 15.52 23.01 -23.02
N PHE D 380 16.26 22.42 -22.07
CA PHE D 380 17.68 22.71 -21.96
C PHE D 380 18.45 22.14 -23.15
N VAL D 381 18.03 20.98 -23.65
CA VAL D 381 18.61 20.41 -24.87
C VAL D 381 18.31 21.29 -26.07
N PHE D 382 17.09 21.84 -26.14
CA PHE D 382 16.74 22.77 -27.22
C PHE D 382 17.56 24.05 -27.15
N ALA D 383 17.79 24.57 -25.94
CA ALA D 383 18.59 25.77 -25.78
C ALA D 383 20.06 25.52 -26.13
N LYS D 384 20.58 24.35 -25.77
CA LYS D 384 21.96 24.03 -26.11
C LYS D 384 22.13 23.80 -27.61
N LEU D 385 21.12 23.21 -28.26
CA LEU D 385 21.19 23.04 -29.71
C LEU D 385 21.02 24.36 -30.44
N GLN D 386 20.29 25.32 -29.85
CA GLN D 386 20.20 26.65 -30.44
C GLN D 386 21.50 27.42 -30.25
N ARG D 387 22.16 27.23 -29.10
CA ARG D 387 23.40 27.96 -28.83
C ARG D 387 24.56 27.42 -29.65
N ARG D 388 24.61 26.10 -29.84
CA ARG D 388 25.70 25.51 -30.62
C ARG D 388 25.53 25.71 -32.11
N GLY D 389 24.31 25.95 -32.58
CA GLY D 389 24.06 26.23 -33.98
C GLY D 389 23.89 25.01 -34.86
N LEU D 390 23.71 23.81 -34.28
CA LEU D 390 23.51 22.62 -35.08
C LEU D 390 22.08 22.50 -35.60
N ALA D 391 21.14 23.24 -35.02
CA ALA D 391 19.76 23.24 -35.47
C ALA D 391 19.24 24.67 -35.46
N THR D 392 18.61 25.07 -36.57
CA THR D 392 18.13 26.45 -36.70
C THR D 392 16.89 26.69 -35.86
N THR D 393 15.84 25.92 -36.09
CA THR D 393 14.57 26.08 -35.39
C THR D 393 14.39 24.97 -34.35
N ILE D 394 13.39 25.16 -33.50
CA ILE D 394 13.08 24.16 -32.47
C ILE D 394 12.41 22.93 -33.07
N LYS D 395 11.76 23.07 -34.23
CA LYS D 395 11.14 21.92 -34.89
C LYS D 395 12.20 20.97 -35.43
N ALA D 396 13.24 21.51 -36.06
CA ALA D 396 14.32 20.67 -36.56
C ALA D 396 15.11 20.04 -35.42
N ALA D 397 15.26 20.76 -34.31
CA ALA D 397 15.93 20.20 -33.14
C ALA D 397 15.10 19.08 -32.51
N LYS D 398 13.78 19.25 -32.48
CA LYS D 398 12.91 18.22 -31.94
C LYS D 398 12.89 16.98 -32.84
N LYS D 399 12.92 17.19 -34.16
CA LYS D 399 13.01 16.06 -35.08
C LYS D 399 14.35 15.35 -34.98
N LEU D 400 15.42 16.10 -34.72
CA LEU D 400 16.73 15.48 -34.51
C LEU D 400 16.78 14.74 -33.17
N VAL D 401 16.02 15.20 -32.17
CA VAL D 401 15.95 14.50 -30.90
C VAL D 401 15.17 13.20 -31.04
N GLU D 402 14.00 13.25 -31.68
CA GLU D 402 13.20 12.04 -31.86
C GLU D 402 13.78 11.10 -32.90
N ARG D 403 14.66 11.58 -33.78
CA ARG D 403 15.37 10.70 -34.70
C ARG D 403 16.52 9.96 -34.03
N GLU D 404 16.94 10.41 -32.84
CA GLU D 404 17.90 9.74 -31.95
C GLU D 404 19.27 9.56 -32.62
N GLU D 405 19.91 10.70 -32.87
CA GLU D 405 21.29 10.71 -33.36
C GLU D 405 22.25 10.52 -32.20
N ALA D 406 23.55 10.66 -32.46
CA ALA D 406 24.56 10.48 -31.43
C ALA D 406 24.95 11.79 -30.75
N GLU D 407 24.75 12.92 -31.41
CA GLU D 407 25.07 14.22 -30.79
C GLU D 407 24.07 14.60 -29.71
N VAL D 408 22.85 14.04 -29.77
CA VAL D 408 21.84 14.35 -28.76
C VAL D 408 22.25 13.83 -27.39
N TRP D 409 22.87 12.64 -27.35
CA TRP D 409 23.35 12.12 -26.08
C TRP D 409 24.56 12.88 -25.56
N ASP D 410 25.38 13.42 -26.46
CA ASP D 410 26.50 14.26 -26.05
C ASP D 410 26.01 15.57 -25.46
N ILE D 411 24.98 16.16 -26.08
CA ILE D 411 24.37 17.38 -25.56
C ILE D 411 23.69 17.13 -24.21
N LEU D 412 23.05 15.96 -24.07
CA LEU D 412 22.38 15.63 -22.81
C LEU D 412 23.39 15.35 -21.70
N GLU D 413 24.52 14.72 -22.04
CA GLU D 413 25.56 14.50 -21.04
C GLU D 413 26.27 15.79 -20.66
N GLU D 414 26.34 16.75 -21.60
CA GLU D 414 27.00 18.01 -21.30
C GLU D 414 26.10 18.99 -20.52
N VAL D 415 24.78 18.89 -20.71
CA VAL D 415 23.92 19.94 -20.17
C VAL D 415 23.66 19.74 -18.67
N ILE D 416 23.73 18.51 -18.17
CA ILE D 416 23.53 18.23 -16.75
C ILE D 416 24.81 17.61 -16.20
N ARG D 417 25.67 18.47 -15.65
CA ARG D 417 26.89 18.05 -14.97
C ARG D 417 26.84 18.33 -13.49
N GLU D 418 26.46 19.56 -13.11
CA GLU D 418 26.27 19.94 -11.71
C GLU D 418 24.88 20.52 -11.50
N HIS D 419 23.90 20.05 -12.26
CA HIS D 419 22.52 20.52 -12.14
C HIS D 419 21.74 19.55 -11.27
N PRO D 420 21.34 19.94 -10.06
CA PRO D 420 20.67 18.99 -9.18
C PRO D 420 19.20 18.81 -9.50
N VAL D 421 18.68 17.64 -9.15
CA VAL D 421 17.27 17.33 -9.29
C VAL D 421 16.70 17.07 -7.90
N LEU D 422 15.41 16.79 -7.81
CA LEU D 422 14.76 16.47 -6.55
C LEU D 422 14.17 15.08 -6.62
N LEU D 423 14.34 14.32 -5.54
CA LEU D 423 13.79 12.98 -5.41
C LEU D 423 12.84 12.94 -4.22
N ASN D 424 11.72 12.24 -4.37
CA ASN D 424 10.69 12.23 -3.34
C ASN D 424 9.87 10.96 -3.45
N ARG D 425 9.85 10.18 -2.37
CA ARG D 425 8.94 9.05 -2.29
C ARG D 425 7.53 9.55 -2.04
N ALA D 426 6.55 8.87 -2.64
CA ALA D 426 5.18 9.38 -2.58
C ALA D 426 4.51 9.16 -1.22
N PRO D 427 4.70 8.02 -0.49
CA PRO D 427 4.38 8.06 0.95
C PRO D 427 5.55 8.64 1.74
N THR D 428 5.36 9.85 2.25
CA THR D 428 6.37 10.53 3.06
C THR D 428 5.83 10.79 4.45
N LEU D 429 6.73 10.72 5.44
CA LEU D 429 6.36 10.90 6.84
C LEU D 429 7.04 12.09 7.48
N HIS D 430 8.37 12.17 7.38
CA HIS D 430 9.15 13.24 8.00
C HIS D 430 9.72 14.15 6.92
N ARG D 431 10.54 15.11 7.36
CA ARG D 431 11.04 16.16 6.48
C ARG D 431 12.17 15.68 5.56
N LEU D 432 12.75 14.50 5.81
CA LEU D 432 13.83 13.98 4.99
C LEU D 432 13.32 13.15 3.81
N GLY D 433 12.03 13.24 3.49
CA GLY D 433 11.48 12.54 2.35
C GLY D 433 11.78 13.17 1.01
N ILE D 434 12.24 14.42 0.99
CA ILE D 434 12.61 15.13 -0.23
C ILE D 434 14.07 15.51 -0.11
N GLN D 435 14.92 14.89 -0.93
CA GLN D 435 16.33 15.19 -0.98
C GLN D 435 16.73 15.56 -2.40
N ALA D 436 17.98 16.02 -2.55
CA ALA D 436 18.49 16.44 -3.84
C ALA D 436 19.77 15.68 -4.17
N PHE D 437 19.92 15.30 -5.44
CA PHE D 437 21.09 14.61 -5.92
C PHE D 437 21.53 15.18 -7.25
N GLU D 438 22.81 15.00 -7.58
CA GLU D 438 23.34 15.37 -8.87
C GLU D 438 23.29 14.14 -9.78
N PRO D 439 22.37 14.08 -10.74
CA PRO D 439 22.17 12.83 -11.47
C PRO D 439 23.24 12.55 -12.51
N VAL D 440 23.45 11.26 -12.78
CA VAL D 440 24.33 10.81 -13.84
C VAL D 440 23.51 9.95 -14.80
N LEU D 441 24.00 9.85 -16.03
CA LEU D 441 23.30 9.13 -17.09
C LEU D 441 23.73 7.66 -17.07
N ILE D 442 22.78 6.77 -16.78
CA ILE D 442 23.02 5.34 -16.79
C ILE D 442 22.04 4.71 -17.78
N GLU D 443 22.21 3.40 -17.99
CA GLU D 443 21.35 2.65 -18.89
C GLU D 443 20.15 2.09 -18.12
N GLY D 444 19.31 1.35 -18.84
CA GLY D 444 18.15 0.74 -18.21
C GLY D 444 16.98 1.70 -18.09
N LYS D 445 15.98 1.26 -17.33
CA LYS D 445 14.78 2.03 -17.06
C LYS D 445 14.49 2.07 -15.57
N ALA D 446 15.54 2.21 -14.75
CA ALA D 446 15.39 2.20 -13.30
C ALA D 446 16.34 3.22 -12.69
N ILE D 447 15.84 3.97 -11.71
CA ILE D 447 16.63 4.98 -11.02
C ILE D 447 17.52 4.30 -10.00
N GLN D 448 18.83 4.52 -10.11
CA GLN D 448 19.77 3.99 -9.15
C GLN D 448 19.95 4.95 -7.98
N LEU D 449 19.97 4.39 -6.77
CA LEU D 449 20.00 5.17 -5.54
C LEU D 449 21.08 4.64 -4.61
N HIS D 450 21.62 5.53 -3.78
CA HIS D 450 22.62 5.13 -2.82
C HIS D 450 21.98 4.29 -1.71
N PRO D 451 22.68 3.26 -1.21
CA PRO D 451 22.07 2.41 -0.17
C PRO D 451 21.91 3.09 1.17
N LEU D 452 22.75 4.08 1.49
CA LEU D 452 22.64 4.77 2.77
C LEU D 452 21.54 5.82 2.78
N VAL D 453 21.02 6.19 1.61
CA VAL D 453 19.93 7.15 1.55
C VAL D 453 18.60 6.49 1.91
N CYS D 454 18.44 5.21 1.55
CA CYS D 454 17.19 4.49 1.72
C CYS D 454 16.82 4.22 3.18
N THR D 455 17.74 4.43 4.12
CA THR D 455 17.39 4.36 5.54
C THR D 455 16.47 5.51 5.91
N ALA D 456 16.73 6.70 5.39
CA ALA D 456 15.88 7.86 5.68
C ALA D 456 14.55 7.77 4.94
N PHE D 457 14.56 7.24 3.72
CA PHE D 457 13.33 7.12 2.94
C PHE D 457 12.42 6.00 3.43
N ASN D 458 12.98 5.03 4.17
CA ASN D 458 12.30 3.79 4.58
C ASN D 458 11.71 3.06 3.37
N ALA D 459 12.50 2.96 2.30
CA ALA D 459 12.05 2.43 1.03
C ALA D 459 12.68 1.06 0.82
N ASP D 460 11.86 0.01 0.90
CA ASP D 460 12.28 -1.32 0.53
C ASP D 460 12.30 -1.43 -0.99
N PHE D 461 13.05 -2.42 -1.50
CA PHE D 461 13.21 -2.59 -2.94
C PHE D 461 12.29 -3.67 -3.50
N ASP D 462 11.10 -3.82 -2.94
CA ASP D 462 10.11 -4.75 -3.49
C ASP D 462 9.15 -4.04 -4.43
N GLY D 463 9.69 -3.33 -5.42
CA GLY D 463 8.87 -2.65 -6.40
C GLY D 463 8.27 -1.33 -5.94
N ASP D 464 9.05 -0.50 -5.26
CA ASP D 464 8.56 0.80 -4.81
C ASP D 464 8.88 1.86 -5.85
N GLN D 465 8.04 2.88 -5.91
CA GLN D 465 8.17 3.95 -6.89
C GLN D 465 8.35 5.28 -6.18
N MET D 466 9.13 6.16 -6.81
CA MET D 466 9.30 7.53 -6.33
C MET D 466 9.26 8.47 -7.52
N ALA D 467 8.69 9.65 -7.31
CA ALA D 467 8.51 10.64 -8.35
C ALA D 467 9.60 11.70 -8.23
N VAL D 468 10.26 12.01 -9.35
CA VAL D 468 11.30 13.02 -9.37
C VAL D 468 10.68 14.37 -9.71
N HIS D 469 11.44 15.43 -9.42
CA HIS D 469 11.05 16.79 -9.77
C HIS D 469 12.30 17.55 -10.17
N VAL D 470 12.16 18.39 -11.20
CA VAL D 470 13.29 19.09 -11.81
C VAL D 470 13.19 20.57 -11.42
N PRO D 471 14.08 21.08 -10.57
CA PRO D 471 14.14 22.54 -10.37
C PRO D 471 14.77 23.20 -11.58
N LEU D 472 14.07 24.17 -12.16
CA LEU D 472 14.48 24.79 -13.40
C LEU D 472 14.77 26.28 -13.29
N SER D 473 14.42 26.93 -12.20
CA SER D 473 14.72 28.33 -12.04
C SER D 473 16.18 28.53 -11.62
N LEU D 474 16.60 29.79 -11.56
CA LEU D 474 17.98 30.10 -11.19
C LEU D 474 18.19 30.03 -9.67
N GLU D 475 17.14 30.29 -8.89
CA GLU D 475 17.24 30.26 -7.44
C GLU D 475 16.93 28.89 -6.85
N ALA D 476 16.14 28.07 -7.56
CA ALA D 476 15.77 26.76 -7.04
C ALA D 476 16.95 25.80 -7.01
N GLN D 477 17.89 25.96 -7.94
CA GLN D 477 19.11 25.14 -7.93
C GLN D 477 19.97 25.45 -6.71
N LEU D 478 20.12 26.73 -6.38
CA LEU D 478 20.86 27.11 -5.18
C LEU D 478 20.13 26.70 -3.92
N GLU D 479 18.79 26.76 -3.92
CA GLU D 479 18.03 26.34 -2.75
C GLU D 479 18.08 24.82 -2.57
N ALA D 480 18.20 24.06 -3.66
CA ALA D 480 18.33 22.62 -3.55
C ALA D 480 19.76 22.17 -3.28
N ARG D 481 20.75 22.99 -3.62
CA ARG D 481 22.14 22.64 -3.38
C ARG D 481 22.61 23.04 -1.98
N ALA D 482 22.21 24.22 -1.50
CA ALA D 482 22.75 24.73 -0.24
C ALA D 482 22.10 24.09 0.97
N LEU D 483 20.83 23.69 0.89
CA LEU D 483 20.13 23.18 2.06
C LEU D 483 19.28 21.94 1.80
N MET D 484 19.43 21.29 0.65
CA MET D 484 18.69 20.06 0.38
C MET D 484 19.55 18.94 -0.18
N MET D 485 20.86 19.14 -0.29
CA MET D 485 21.75 18.08 -0.75
C MET D 485 21.86 16.99 0.32
N SER D 486 22.18 15.77 -0.12
CA SER D 486 22.27 14.63 0.79
C SER D 486 23.48 14.70 1.70
N THR D 487 24.48 15.51 1.37
CA THR D 487 25.63 15.69 2.24
C THR D 487 25.38 16.69 3.37
N ASN D 488 24.21 17.34 3.38
CA ASN D 488 23.87 18.28 4.45
C ASN D 488 22.82 17.74 5.41
N ASN D 489 22.01 16.78 4.97
CA ASN D 489 20.98 16.18 5.83
C ASN D 489 21.57 14.90 6.44
N ILE D 490 22.42 15.08 7.44
CA ILE D 490 23.10 13.98 8.09
C ILE D 490 22.41 13.57 9.38
N LEU D 491 21.93 14.52 10.16
CA LEU D 491 21.26 14.25 11.42
C LEU D 491 19.75 14.31 11.24
N SER D 492 19.04 13.46 11.96
CA SER D 492 17.59 13.46 11.94
C SER D 492 17.05 14.68 12.70
N PRO D 493 15.90 15.22 12.28
CA PRO D 493 15.28 16.30 13.06
C PRO D 493 14.66 15.83 14.37
N ALA D 494 14.50 14.53 14.58
CA ALA D 494 13.91 14.02 15.82
C ALA D 494 14.91 14.09 16.97
N ASN D 495 16.05 13.42 16.83
CA ASN D 495 17.06 13.37 17.86
C ASN D 495 18.44 13.59 17.24
N GLY D 496 19.46 13.64 18.08
CA GLY D 496 20.81 13.93 17.64
C GLY D 496 21.56 12.81 16.96
N GLU D 497 20.94 11.64 16.80
CA GLU D 497 21.66 10.53 16.16
C GLU D 497 21.66 10.72 14.64
N PRO D 498 22.77 10.41 13.97
CA PRO D 498 22.84 10.59 12.52
C PRO D 498 22.14 9.47 11.78
N ILE D 499 21.53 9.83 10.65
CA ILE D 499 20.78 8.87 9.84
C ILE D 499 21.68 8.00 8.98
N ILE D 500 22.97 8.28 8.91
CA ILE D 500 23.90 7.47 8.12
C ILE D 500 24.37 6.35 9.04
N VAL D 501 23.58 5.27 9.07
CA VAL D 501 23.88 4.08 9.86
C VAL D 501 24.06 2.94 8.86
N PRO D 502 25.08 2.10 9.01
CA PRO D 502 25.24 0.96 8.10
C PRO D 502 24.09 -0.03 8.23
N SER D 503 23.63 -0.52 7.08
CA SER D 503 22.41 -1.30 6.99
C SER D 503 22.74 -2.79 7.15
N GLN D 504 21.80 -3.65 6.75
CA GLN D 504 21.88 -5.10 7.02
C GLN D 504 23.04 -5.79 6.31
N ASP D 505 23.57 -5.21 5.26
CA ASP D 505 24.65 -5.85 4.51
C ASP D 505 26.03 -5.37 4.92
N VAL D 506 26.14 -4.13 5.40
CA VAL D 506 27.45 -3.56 5.75
C VAL D 506 27.87 -3.96 7.15
N VAL D 507 26.95 -3.90 8.11
CA VAL D 507 27.29 -4.17 9.51
C VAL D 507 27.57 -5.65 9.74
N LEU D 508 27.07 -6.54 8.88
CA LEU D 508 27.38 -7.96 9.01
C LEU D 508 28.83 -8.23 8.64
N GLY D 509 29.30 -7.64 7.53
CA GLY D 509 30.71 -7.75 7.18
C GLY D 509 31.62 -7.02 8.14
N LEU D 510 31.16 -5.90 8.71
CA LEU D 510 31.99 -5.19 9.68
C LEU D 510 32.03 -5.91 11.02
N TYR D 511 31.02 -6.71 11.34
CA TYR D 511 31.07 -7.54 12.54
C TYR D 511 31.89 -8.80 12.32
N TYR D 512 31.83 -9.36 11.11
CA TYR D 512 32.68 -10.51 10.79
C TYR D 512 34.15 -10.10 10.71
N MET D 513 34.43 -8.86 10.31
CA MET D 513 35.81 -8.41 10.16
C MET D 513 36.47 -8.05 11.48
N SER D 514 35.70 -7.52 12.43
CA SER D 514 36.25 -6.89 13.64
C SER D 514 36.03 -7.74 14.89
N ARG D 515 36.19 -9.06 14.77
CA ARG D 515 36.16 -9.95 15.93
C ARG D 515 37.41 -10.81 15.92
N ALA D 516 37.55 -11.66 16.93
CA ALA D 516 38.73 -12.50 17.08
C ALA D 516 38.32 -13.88 17.58
N LEU D 517 39.23 -14.83 17.40
CA LEU D 517 39.05 -16.20 17.86
C LEU D 517 40.25 -16.60 18.73
N GLU D 518 40.29 -17.88 19.10
CA GLU D 518 41.31 -18.37 20.03
C GLU D 518 42.65 -18.57 19.34
N ASN D 519 42.70 -19.46 18.35
CA ASN D 519 43.95 -19.82 17.69
C ASN D 519 43.73 -19.85 16.18
N LYS D 520 44.38 -18.94 15.48
CA LYS D 520 44.34 -18.89 14.02
C LYS D 520 45.77 -18.83 13.49
N LYS D 521 45.91 -18.98 12.18
CA LYS D 521 47.22 -18.98 11.55
C LYS D 521 47.74 -17.55 11.39
N GLY D 522 49.05 -17.39 11.54
CA GLY D 522 49.67 -16.09 11.37
C GLY D 522 49.60 -15.17 12.56
N GLU D 523 49.37 -15.70 13.75
CA GLU D 523 49.28 -14.88 14.94
C GLU D 523 50.63 -14.84 15.67
N GLY D 524 50.75 -13.91 16.61
CA GLY D 524 51.94 -13.78 17.42
C GLY D 524 53.05 -12.95 16.81
N MET D 525 52.91 -12.53 15.56
CA MET D 525 53.95 -11.75 14.90
C MET D 525 53.68 -10.26 15.04
N VAL D 526 54.74 -9.46 14.92
CA VAL D 526 54.69 -8.02 15.08
C VAL D 526 54.73 -7.38 13.70
N PHE D 527 53.80 -6.48 13.44
CA PHE D 527 53.74 -5.75 12.17
C PHE D 527 54.26 -4.33 12.33
N ALA D 528 54.52 -3.68 11.20
CA ALA D 528 55.08 -2.34 11.20
C ALA D 528 53.97 -1.28 11.21
N ASN D 529 53.10 -1.29 10.21
CA ASN D 529 52.03 -0.31 10.11
C ASN D 529 50.85 -0.97 9.39
N THR D 530 49.91 -0.15 8.93
CA THR D 530 48.73 -0.66 8.24
C THR D 530 49.09 -1.19 6.84
N SER D 531 50.10 -0.58 6.21
CA SER D 531 50.54 -1.01 4.88
C SER D 531 51.14 -2.41 4.91
N GLU D 532 51.85 -2.76 5.98
CA GLU D 532 52.38 -4.12 6.11
C GLU D 532 51.25 -5.13 6.29
N VAL D 533 50.19 -4.74 7.00
CA VAL D 533 49.03 -5.60 7.17
C VAL D 533 48.32 -5.82 5.84
N LYS D 534 48.16 -4.75 5.05
CA LYS D 534 47.53 -4.87 3.74
C LYS D 534 48.40 -5.63 2.75
N ARG D 535 49.72 -5.58 2.92
CA ARG D 535 50.61 -6.34 2.06
C ARG D 535 50.69 -7.81 2.47
N ALA D 536 50.45 -8.12 3.74
CA ALA D 536 50.50 -9.50 4.20
C ALA D 536 49.13 -10.18 4.19
N TYR D 537 48.04 -9.44 4.02
CA TYR D 537 46.73 -10.07 4.02
C TYR D 537 46.35 -10.63 2.66
N ASP D 538 46.73 -9.95 1.57
CA ASP D 538 46.22 -10.31 0.25
C ASP D 538 46.84 -11.58 -0.31
N ASN D 539 48.06 -11.92 0.09
CA ASN D 539 48.71 -13.14 -0.37
C ASN D 539 48.42 -14.34 0.52
N ARG D 540 47.50 -14.20 1.47
CA ARG D 540 46.98 -15.29 2.31
C ARG D 540 48.07 -15.96 3.14
N VAL D 541 48.96 -15.16 3.74
CA VAL D 541 49.95 -15.69 4.66
C VAL D 541 49.50 -15.55 6.12
N VAL D 542 48.52 -14.69 6.39
CA VAL D 542 47.93 -14.56 7.72
C VAL D 542 46.42 -14.66 7.59
N GLU D 543 45.76 -14.91 8.71
CA GLU D 543 44.32 -15.04 8.73
C GLU D 543 43.65 -13.66 8.76
N LEU D 544 42.33 -13.65 8.57
CA LEU D 544 41.58 -12.41 8.62
C LEU D 544 41.46 -11.89 10.05
N HIS D 545 41.51 -12.78 11.04
CA HIS D 545 41.43 -12.39 12.44
C HIS D 545 42.46 -13.19 13.23
N ALA D 546 43.39 -12.48 13.88
CA ALA D 546 44.43 -13.11 14.67
C ALA D 546 44.94 -12.10 15.69
N LYS D 547 45.32 -12.60 16.86
CA LYS D 547 45.83 -11.76 17.93
C LYS D 547 47.26 -11.35 17.61
N VAL D 548 47.41 -10.17 17.01
CA VAL D 548 48.70 -9.65 16.60
C VAL D 548 48.97 -8.35 17.34
N LYS D 549 50.22 -7.90 17.27
CA LYS D 549 50.64 -6.63 17.87
C LYS D 549 51.14 -5.72 16.75
N VAL D 550 50.37 -4.71 16.43
CA VAL D 550 50.70 -3.78 15.35
C VAL D 550 51.07 -2.43 15.96
N ARG D 551 51.63 -1.56 15.12
CA ARG D 551 52.03 -0.22 15.51
C ARG D 551 51.34 0.78 14.59
N ILE D 552 50.61 1.72 15.18
CA ILE D 552 49.81 2.69 14.41
C ILE D 552 50.17 4.09 14.86
N THR D 553 49.97 5.05 13.96
CA THR D 553 50.20 6.47 14.23
C THR D 553 48.86 7.20 14.22
N GLN D 554 48.64 8.03 15.24
CA GLN D 554 47.40 8.79 15.36
C GLN D 554 47.70 10.16 15.95
N VAL D 555 47.09 11.19 15.36
CA VAL D 555 47.29 12.57 15.82
C VAL D 555 46.38 12.84 17.00
N ASP D 556 46.62 13.94 17.70
CA ASP D 556 45.84 14.32 18.88
C ASP D 556 45.34 15.74 18.65
N VAL D 557 44.05 15.95 18.89
CA VAL D 557 43.43 17.27 18.76
C VAL D 557 43.16 17.83 20.15
N ASP D 558 43.28 19.15 20.26
CA ASP D 558 43.07 19.83 21.53
C ASP D 558 41.86 20.76 21.47
N LYS D 563 44.34 22.26 16.40
CA LYS D 563 45.54 21.72 17.01
C LYS D 563 45.79 20.28 16.56
N ARG D 564 47.01 20.01 16.08
CA ARG D 564 47.40 18.68 15.63
C ARG D 564 48.68 18.30 16.36
N THR D 565 48.67 17.15 17.03
CA THR D 565 49.82 16.63 17.76
C THR D 565 49.96 15.15 17.43
N SER D 566 50.92 14.81 16.58
CA SER D 566 51.12 13.44 16.16
C SER D 566 51.73 12.60 17.28
N GLY D 567 51.45 11.30 17.25
CA GLY D 567 51.97 10.39 18.26
C GLY D 567 51.99 8.95 17.78
N THR D 568 53.04 8.21 18.15
CA THR D 568 53.21 6.83 17.74
C THR D 568 53.28 5.95 18.97
N SER D 569 52.37 4.98 19.07
CA SER D 569 52.34 4.05 20.19
C SER D 569 52.12 2.65 19.64
N ILE D 570 52.04 1.67 20.54
CA ILE D 570 51.82 0.28 20.18
C ILE D 570 50.49 -0.15 20.79
N VAL D 571 49.85 -1.13 20.15
CA VAL D 571 48.55 -1.63 20.58
C VAL D 571 48.44 -3.08 20.14
N ASP D 572 47.60 -3.84 20.83
CA ASP D 572 47.34 -5.24 20.51
C ASP D 572 45.89 -5.36 20.05
N THR D 573 45.70 -5.75 18.80
CA THR D 573 44.37 -5.84 18.20
C THR D 573 44.36 -6.96 17.18
N THR D 574 43.30 -7.03 16.38
CA THR D 574 43.15 -8.06 15.37
C THR D 574 43.62 -7.54 14.02
N VAL D 575 43.57 -8.41 13.02
CA VAL D 575 43.99 -8.03 11.67
C VAL D 575 42.90 -7.20 10.99
N GLY D 576 41.63 -7.54 11.24
CA GLY D 576 40.54 -6.79 10.63
C GLY D 576 40.37 -5.41 11.20
N ARG D 577 40.58 -5.25 12.51
CA ARG D 577 40.53 -3.92 13.11
C ARG D 577 41.72 -3.07 12.71
N ALA D 578 42.86 -3.71 12.40
CA ALA D 578 43.99 -2.97 11.86
C ALA D 578 43.74 -2.57 10.41
N LEU D 579 43.02 -3.40 9.65
CA LEU D 579 42.67 -3.03 8.29
C LEU D 579 41.58 -1.96 8.26
N LEU D 580 40.77 -1.88 9.32
CA LEU D 580 39.78 -0.82 9.44
C LEU D 580 40.40 0.52 9.81
N SER D 581 41.64 0.52 10.30
CA SER D 581 42.30 1.74 10.75
C SER D 581 42.86 2.59 9.62
N GLU D 582 42.67 2.18 8.36
CA GLU D 582 43.16 2.96 7.23
C GLU D 582 42.11 3.88 6.63
N ILE D 583 40.83 3.66 6.91
CA ILE D 583 39.76 4.48 6.33
C ILE D 583 39.18 5.49 7.32
N LEU D 584 39.48 5.36 8.60
CA LEU D 584 38.98 6.32 9.57
C LEU D 584 39.81 7.60 9.52
N PRO D 585 39.19 8.75 9.77
CA PRO D 585 39.93 10.02 9.78
C PRO D 585 40.86 10.13 10.98
N GLU D 586 41.78 11.08 10.89
CA GLU D 586 42.84 11.21 11.90
C GLU D 586 42.34 11.74 13.23
N GLY D 587 41.17 12.39 13.26
CA GLY D 587 40.64 12.90 14.51
C GLY D 587 40.08 11.85 15.45
N LEU D 588 39.81 10.66 14.94
CA LEU D 588 39.25 9.60 15.77
C LEU D 588 40.36 8.78 16.41
N PRO D 589 40.30 8.52 17.71
CA PRO D 589 41.28 7.61 18.33
C PRO D 589 40.94 6.16 18.02
N PHE D 590 41.93 5.30 18.25
CA PHE D 590 41.75 3.87 18.01
C PHE D 590 40.94 3.19 19.09
N GLN D 591 40.80 3.81 20.26
CA GLN D 591 40.05 3.19 21.35
C GLN D 591 38.56 3.18 21.10
N LEU D 592 38.06 4.04 20.21
CA LEU D 592 36.65 4.04 19.84
C LEU D 592 36.31 3.00 18.78
N ALA D 593 37.32 2.36 18.19
CA ALA D 593 37.09 1.37 17.14
C ALA D 593 37.71 0.01 17.47
N ASN D 594 38.34 -0.15 18.64
CA ASN D 594 38.92 -1.43 19.01
C ASN D 594 37.86 -2.44 19.43
N THR D 595 36.68 -1.97 19.82
CA THR D 595 35.58 -2.86 20.18
C THR D 595 34.95 -3.39 18.89
N GLU D 596 34.23 -4.51 19.00
CA GLU D 596 33.58 -5.12 17.84
C GLU D 596 32.48 -4.21 17.30
N MET D 597 32.44 -4.06 15.98
CA MET D 597 31.55 -3.10 15.31
C MET D 597 30.13 -3.66 15.33
N THR D 598 29.38 -3.24 16.34
CA THR D 598 27.97 -3.59 16.48
C THR D 598 27.16 -2.41 15.90
N LYS D 599 25.83 -2.43 16.10
CA LYS D 599 24.99 -1.37 15.57
C LYS D 599 25.15 -0.09 16.39
N LYS D 600 24.95 -0.19 17.71
CA LYS D 600 25.06 0.99 18.57
C LYS D 600 26.49 1.48 18.68
N ASN D 601 27.47 0.57 18.58
CA ASN D 601 28.87 0.97 18.61
C ASN D 601 29.25 1.79 17.38
N ILE D 602 28.79 1.36 16.20
CA ILE D 602 29.08 2.14 15.00
C ILE D 602 28.22 3.40 14.91
N SER D 603 27.06 3.41 15.57
CA SER D 603 26.30 4.66 15.66
C SER D 603 27.00 5.68 16.54
N ARG D 604 27.56 5.22 17.67
CA ARG D 604 28.37 6.09 18.51
C ARG D 604 29.64 6.54 17.80
N LEU D 605 30.22 5.68 16.96
CA LEU D 605 31.41 6.05 16.20
C LEU D 605 31.09 7.11 15.15
N ILE D 606 29.94 6.98 14.47
CA ILE D 606 29.52 7.97 13.48
C ILE D 606 29.20 9.30 14.17
N ASN D 607 28.57 9.25 15.35
CA ASN D 607 28.26 10.47 16.09
C ASN D 607 29.54 11.15 16.60
N SER D 608 30.53 10.37 17.05
CA SER D 608 31.79 10.95 17.49
C SER D 608 32.61 11.48 16.32
N SER D 609 32.44 10.89 15.14
CA SER D 609 33.11 11.44 13.96
C SER D 609 32.45 12.72 13.49
N TYR D 610 31.13 12.84 13.67
CA TYR D 610 30.44 14.06 13.27
C TYR D 610 30.57 15.18 14.29
N ARG D 611 30.85 14.84 15.55
CA ARG D 611 30.80 15.83 16.63
C ARG D 611 31.96 16.82 16.55
N LEU D 612 33.20 16.34 16.66
CA LEU D 612 34.34 17.21 16.88
C LEU D 612 35.31 17.23 15.71
N LEU D 613 34.90 16.76 14.52
CA LEU D 613 35.76 16.77 13.35
C LEU D 613 35.24 17.69 12.25
N GLY D 614 34.02 17.49 11.79
CA GLY D 614 33.48 18.31 10.73
C GLY D 614 32.40 17.56 9.96
N LEU D 615 32.26 17.91 8.69
CA LEU D 615 31.20 17.38 7.84
C LEU D 615 31.72 16.59 6.64
N LYS D 616 32.66 17.16 5.88
CA LYS D 616 33.09 16.54 4.63
C LYS D 616 33.92 15.29 4.88
N ASP D 617 34.74 15.30 5.93
CA ASP D 617 35.51 14.11 6.28
C ASP D 617 34.59 13.00 6.80
N THR D 618 33.52 13.35 7.52
CA THR D 618 32.53 12.36 7.92
C THR D 618 31.79 11.80 6.72
N VAL D 619 31.54 12.64 5.71
CA VAL D 619 30.86 12.19 4.50
C VAL D 619 31.72 11.22 3.72
N VAL D 620 33.01 11.54 3.54
CA VAL D 620 33.88 10.62 2.81
C VAL D 620 34.20 9.38 3.64
N PHE D 621 34.15 9.48 4.98
CA PHE D 621 34.35 8.30 5.81
C PHE D 621 33.16 7.35 5.70
N ALA D 622 31.94 7.89 5.68
CA ALA D 622 30.77 7.07 5.42
C ALA D 622 30.73 6.55 3.98
N ASP D 623 31.40 7.23 3.06
CA ASP D 623 31.52 6.71 1.70
C ASP D 623 32.44 5.49 1.67
N LYS D 624 33.62 5.59 2.30
CA LYS D 624 34.57 4.47 2.26
C LYS D 624 34.14 3.31 3.16
N LEU D 625 33.35 3.57 4.20
CA LEU D 625 32.96 2.51 5.12
C LEU D 625 32.00 1.51 4.45
N MET D 626 31.10 2.01 3.61
CA MET D 626 30.19 1.13 2.90
C MET D 626 30.92 0.28 1.86
N TYR D 627 31.93 0.86 1.21
CA TYR D 627 32.72 0.10 0.24
C TYR D 627 33.56 -0.96 0.92
N THR D 628 34.12 -0.65 2.10
CA THR D 628 34.87 -1.64 2.86
C THR D 628 33.96 -2.77 3.34
N GLY D 629 32.77 -2.42 3.82
CA GLY D 629 31.81 -3.43 4.24
C GLY D 629 31.34 -4.31 3.10
N TYR D 630 31.16 -3.73 1.91
CA TYR D 630 30.78 -4.52 0.74
C TYR D 630 31.90 -5.44 0.30
N ALA D 631 33.14 -4.92 0.27
CA ALA D 631 34.29 -5.72 -0.17
C ALA D 631 34.64 -6.82 0.82
N TYR D 632 34.27 -6.68 2.09
CA TYR D 632 34.49 -7.78 3.03
C TYR D 632 33.28 -8.70 3.16
N ALA D 633 32.06 -8.22 2.87
CA ALA D 633 30.91 -9.11 2.86
C ALA D 633 30.90 -9.99 1.62
N THR D 634 31.47 -9.52 0.50
CA THR D 634 31.60 -10.38 -0.67
C THR D 634 32.75 -11.37 -0.53
N ARG D 635 33.62 -11.20 0.46
CA ARG D 635 34.68 -12.15 0.76
C ARG D 635 34.32 -13.12 1.87
N ALA D 636 33.44 -12.71 2.79
CA ALA D 636 33.01 -13.60 3.86
C ALA D 636 32.13 -14.73 3.31
N GLY D 637 31.04 -14.38 2.65
CA GLY D 637 30.15 -15.38 2.08
C GLY D 637 29.32 -16.11 3.12
N VAL D 638 28.58 -15.36 3.93
CA VAL D 638 27.76 -15.95 4.98
C VAL D 638 26.51 -16.57 4.36
N SER D 639 26.10 -17.71 4.91
CA SER D 639 24.91 -18.41 4.43
C SER D 639 24.28 -19.18 5.58
N ILE D 640 22.96 -19.11 5.66
CA ILE D 640 22.19 -19.82 6.67
C ILE D 640 21.53 -21.03 6.02
N GLY D 641 21.61 -22.18 6.68
CA GLY D 641 21.03 -23.40 6.15
C GLY D 641 20.33 -24.24 7.20
N ILE D 642 20.01 -25.48 6.87
CA ILE D 642 19.34 -26.38 7.82
C ILE D 642 20.32 -26.97 8.82
N ASP D 643 21.62 -26.86 8.56
CA ASP D 643 22.62 -27.37 9.49
C ASP D 643 23.05 -26.32 10.51
N ASP D 644 22.98 -25.04 10.14
CA ASP D 644 23.42 -23.99 11.05
C ASP D 644 22.42 -23.76 12.17
N MET D 645 21.12 -23.87 11.86
CA MET D 645 20.08 -23.74 12.87
C MET D 645 20.04 -25.01 13.72
N LEU D 646 20.46 -24.90 14.98
CA LEU D 646 20.57 -26.05 15.86
C LEU D 646 19.43 -26.07 16.86
N ILE D 647 19.15 -27.27 17.36
CA ILE D 647 18.11 -27.48 18.37
C ILE D 647 18.78 -27.86 19.68
N PRO D 648 18.21 -27.51 20.83
CA PRO D 648 18.81 -27.92 22.10
C PRO D 648 18.67 -29.41 22.36
N ASP D 649 19.66 -29.97 23.06
CA ASP D 649 19.68 -31.40 23.32
C ASP D 649 18.72 -31.80 24.44
N GLU D 650 18.57 -30.94 25.44
CA GLU D 650 17.68 -31.21 26.58
C GLU D 650 16.26 -30.71 26.34
N LYS D 651 15.94 -30.27 25.12
CA LYS D 651 14.63 -29.73 24.82
C LYS D 651 13.54 -30.80 24.92
N LYS D 652 13.82 -32.00 24.42
CA LYS D 652 12.84 -33.08 24.49
C LYS D 652 12.66 -33.57 25.93
N GLY D 653 13.72 -33.55 26.73
CA GLY D 653 13.59 -33.93 28.12
C GLY D 653 12.80 -32.93 28.95
N ILE D 654 13.04 -31.63 28.70
CA ILE D 654 12.27 -30.58 29.38
C ILE D 654 10.81 -30.61 28.92
N LEU D 655 10.58 -30.94 27.65
CA LEU D 655 9.21 -31.03 27.13
C LEU D 655 8.46 -32.22 27.72
N THR D 656 9.15 -33.36 27.89
CA THR D 656 8.50 -34.51 28.51
C THR D 656 8.27 -34.30 30.01
N GLU D 657 9.18 -33.59 30.69
CA GLU D 657 8.96 -33.25 32.09
C GLU D 657 7.77 -32.31 32.26
N ALA D 658 7.67 -31.30 31.38
CA ALA D 658 6.52 -30.40 31.41
C ALA D 658 5.22 -31.11 31.03
N GLU D 659 5.30 -32.11 30.14
CA GLU D 659 4.13 -32.89 29.76
C GLU D 659 3.64 -33.75 30.93
N ALA D 660 4.57 -34.35 31.67
CA ALA D 660 4.20 -35.11 32.86
C ALA D 660 3.62 -34.20 33.94
N GLU D 661 4.18 -32.99 34.08
CA GLU D 661 3.66 -32.03 35.05
C GLU D 661 2.27 -31.56 34.70
N VAL D 662 2.00 -31.25 33.42
CA VAL D 662 0.68 -30.78 33.05
C VAL D 662 -0.32 -31.94 33.04
N LEU D 663 0.14 -33.17 32.85
CA LEU D 663 -0.75 -34.34 32.98
C LEU D 663 -1.13 -34.55 34.45
N GLU D 664 -0.18 -34.36 35.37
CA GLU D 664 -0.50 -34.46 36.79
C GLU D 664 -1.44 -33.34 37.23
N ILE D 665 -1.23 -32.13 36.69
CA ILE D 665 -2.11 -30.99 37.01
C ILE D 665 -3.51 -31.23 36.47
N GLN D 666 -3.63 -31.78 35.25
CA GLN D 666 -4.92 -32.09 34.68
C GLN D 666 -5.62 -33.22 35.42
N GLU D 667 -4.86 -34.21 35.92
CA GLU D 667 -5.46 -35.27 36.71
C GLU D 667 -5.95 -34.76 38.06
N GLN D 668 -5.18 -33.85 38.68
CA GLN D 668 -5.63 -33.25 39.94
C GLN D 668 -6.80 -32.31 39.74
N TYR D 669 -6.93 -31.70 38.56
CA TYR D 669 -8.06 -30.84 38.28
C TYR D 669 -9.32 -31.64 37.98
N GLN D 670 -9.19 -32.73 37.21
CA GLN D 670 -10.33 -33.57 36.88
C GLN D 670 -10.73 -34.48 38.04
N SER D 671 -9.86 -34.68 39.02
CA SER D 671 -10.24 -35.47 40.19
C SER D 671 -11.17 -34.72 41.13
N GLY D 672 -11.20 -33.39 41.06
CA GLY D 672 -12.12 -32.61 41.87
C GLY D 672 -11.50 -31.88 43.03
N LEU D 673 -10.33 -31.28 42.83
CA LEU D 673 -9.66 -30.49 43.86
C LEU D 673 -9.54 -29.02 43.50
N VAL D 674 -9.03 -28.70 42.31
CA VAL D 674 -8.77 -27.32 41.90
C VAL D 674 -9.80 -26.93 40.84
N THR D 675 -10.27 -25.69 40.91
CA THR D 675 -11.20 -25.17 39.92
C THR D 675 -10.49 -24.94 38.59
N ALA D 676 -11.31 -24.67 37.56
CA ALA D 676 -10.78 -24.58 36.19
C ALA D 676 -9.96 -23.33 35.96
N GLY D 677 -10.31 -22.23 36.62
CA GLY D 677 -9.60 -20.97 36.39
C GLY D 677 -8.19 -20.98 36.94
N GLU D 678 -8.04 -21.43 38.19
CA GLU D 678 -6.71 -21.52 38.79
C GLU D 678 -5.86 -22.60 38.14
N ARG D 679 -6.50 -23.69 37.66
CA ARG D 679 -5.78 -24.71 36.93
C ARG D 679 -5.28 -24.18 35.59
N TYR D 680 -6.11 -23.41 34.88
CA TYR D 680 -5.68 -22.79 33.63
C TYR D 680 -4.56 -21.78 33.86
N ASN D 681 -4.65 -21.03 34.97
CA ASN D 681 -3.61 -20.05 35.30
C ASN D 681 -2.29 -20.73 35.64
N LYS D 682 -2.32 -21.82 36.41
CA LYS D 682 -1.07 -22.50 36.73
C LYS D 682 -0.52 -23.26 35.53
N VAL D 683 -1.40 -23.70 34.61
CA VAL D 683 -0.94 -24.36 33.38
C VAL D 683 -0.21 -23.36 32.48
N VAL D 684 -0.79 -22.18 32.27
CA VAL D 684 -0.10 -21.19 31.45
C VAL D 684 1.13 -20.61 32.17
N ASP D 685 1.14 -20.63 33.51
CA ASP D 685 2.33 -20.20 34.24
C ASP D 685 3.49 -21.17 34.06
N ILE D 686 3.23 -22.48 34.22
CA ILE D 686 4.31 -23.44 34.05
C ILE D 686 4.69 -23.57 32.58
N TRP D 687 3.78 -23.29 31.65
CA TRP D 687 4.17 -23.30 30.24
C TRP D 687 5.01 -22.09 29.86
N SER D 688 4.74 -20.93 30.48
CA SER D 688 5.61 -19.77 30.27
C SER D 688 6.98 -20.00 30.89
N ARG D 689 7.03 -20.66 32.05
CA ARG D 689 8.31 -21.02 32.65
C ARG D 689 9.08 -22.02 31.79
N THR D 690 8.38 -22.98 31.19
CA THR D 690 9.01 -23.93 30.29
C THR D 690 9.51 -23.25 29.02
N SER D 691 8.77 -22.27 28.51
CA SER D 691 9.21 -21.53 27.34
C SER D 691 10.44 -20.68 27.64
N GLU D 692 10.50 -20.10 28.84
CA GLU D 692 11.68 -19.33 29.24
C GLU D 692 12.89 -20.23 29.43
N ARG D 693 12.69 -21.43 30.00
CA ARG D 693 13.80 -22.38 30.15
C ARG D 693 14.29 -22.88 28.81
N ILE D 694 13.37 -23.12 27.87
CA ILE D 694 13.75 -23.56 26.52
C ILE D 694 14.50 -22.47 25.78
N ALA D 695 14.08 -21.21 25.95
CA ALA D 695 14.78 -20.09 25.33
C ALA D 695 16.18 -19.90 25.92
N LYS D 696 16.32 -20.09 27.25
CA LYS D 696 17.63 -19.99 27.87
C LYS D 696 18.56 -21.12 27.41
N ALA D 697 18.01 -22.34 27.29
CA ALA D 697 18.82 -23.46 26.83
C ALA D 697 19.22 -23.31 25.37
N MET D 698 18.32 -22.73 24.55
CA MET D 698 18.64 -22.49 23.15
C MET D 698 19.71 -21.41 22.99
N MET D 699 19.63 -20.35 23.81
CA MET D 699 20.66 -19.31 23.77
C MET D 699 22.00 -19.85 24.27
N ASP D 700 21.98 -20.74 25.27
CA ASP D 700 23.22 -21.32 25.76
C ASP D 700 23.84 -22.28 24.75
N THR D 701 23.01 -23.06 24.05
CA THR D 701 23.54 -24.00 23.07
C THR D 701 23.84 -23.35 21.72
N ILE D 702 23.40 -22.13 21.49
CA ILE D 702 23.77 -21.41 20.27
C ILE D 702 25.00 -20.54 20.50
N GLY D 703 25.05 -19.80 21.61
CA GLY D 703 26.15 -18.87 21.83
C GLY D 703 27.46 -19.55 22.18
N THR D 704 27.41 -20.60 22.99
CA THR D 704 28.60 -21.32 23.44
C THR D 704 28.74 -22.67 22.73
N GLU D 705 28.40 -22.70 21.44
CA GLU D 705 28.44 -23.96 20.70
C GLU D 705 29.85 -24.31 20.24
N LYS D 706 30.56 -23.34 19.66
CA LYS D 706 31.86 -23.61 19.07
C LYS D 706 32.93 -23.73 20.14
N VAL D 707 33.87 -24.65 19.92
CA VAL D 707 35.00 -24.87 20.82
C VAL D 707 36.29 -24.84 20.02
N GLU D 708 37.37 -24.43 20.67
CA GLU D 708 38.69 -24.38 20.05
C GLU D 708 39.73 -24.77 21.09
N ASN D 709 40.98 -24.84 20.64
CA ASN D 709 42.10 -25.20 21.50
C ASN D 709 43.18 -24.14 21.42
N ALA D 710 43.82 -23.87 22.55
CA ALA D 710 44.92 -22.91 22.65
C ALA D 710 46.12 -23.62 23.26
N LYS D 711 47.11 -23.88 22.40
CA LYS D 711 48.35 -24.60 22.75
C LYS D 711 48.08 -25.97 23.35
N GLY D 712 47.08 -26.67 22.79
CA GLY D 712 46.74 -28.00 23.26
C GLY D 712 45.52 -28.03 24.16
N GLU D 713 45.43 -27.07 25.07
CA GLU D 713 44.32 -27.02 26.02
C GLU D 713 43.09 -26.42 25.36
N THR D 714 41.94 -27.07 25.53
CA THR D 714 40.71 -26.59 24.93
C THR D 714 40.19 -25.38 25.69
N ILE D 715 39.53 -24.48 24.97
CA ILE D 715 39.00 -23.25 25.54
C ILE D 715 37.64 -22.97 24.90
N ASP D 716 36.81 -22.22 25.62
CA ASP D 716 35.50 -21.80 25.13
C ASP D 716 35.57 -20.40 24.55
N GLN D 717 34.71 -20.13 23.59
CA GLN D 717 34.67 -18.85 22.90
C GLN D 717 33.28 -18.62 22.35
N LYS D 718 33.06 -17.43 21.78
CA LYS D 718 31.80 -17.13 21.13
C LYS D 718 31.72 -17.87 19.80
N SER D 719 30.54 -18.44 19.53
CA SER D 719 30.36 -19.22 18.32
C SER D 719 30.25 -18.33 17.09
N MET D 720 30.58 -18.90 15.95
CA MET D 720 30.54 -18.20 14.65
C MET D 720 29.49 -18.83 13.73
N ASN D 721 28.33 -19.15 14.28
CA ASN D 721 27.24 -19.69 13.48
C ASN D 721 26.62 -18.59 12.62
N SER D 722 25.83 -19.01 11.63
CA SER D 722 25.21 -18.05 10.72
C SER D 722 24.10 -17.27 11.42
N LEU D 723 23.29 -17.95 12.24
CA LEU D 723 22.20 -17.28 12.92
C LEU D 723 22.69 -16.41 14.08
N TYR D 724 23.73 -16.86 14.78
CA TYR D 724 24.21 -16.13 15.95
C TYR D 724 24.91 -14.83 15.56
N ILE D 725 25.59 -14.81 14.42
CA ILE D 725 26.25 -13.59 13.96
C ILE D 725 25.20 -12.55 13.56
N MET D 726 24.17 -12.98 12.82
CA MET D 726 23.09 -12.07 12.46
C MET D 726 22.23 -11.65 13.65
N ALA D 727 22.21 -12.45 14.71
CA ALA D 727 21.49 -12.05 15.92
C ALA D 727 22.28 -11.06 16.76
N ASP D 728 23.58 -11.31 16.95
CA ASP D 728 24.39 -10.46 17.84
C ASP D 728 24.84 -9.18 17.16
N SER D 729 24.99 -9.19 15.83
CA SER D 729 25.48 -8.01 15.12
C SER D 729 24.40 -6.96 14.90
N GLY D 730 23.13 -7.28 15.14
CA GLY D 730 22.06 -6.34 14.87
C GLY D 730 21.59 -6.42 13.44
N ALA D 731 20.76 -5.43 13.08
CA ALA D 731 20.13 -5.28 11.77
C ALA D 731 19.33 -6.52 11.37
N ARG D 732 18.67 -7.12 12.34
CA ARG D 732 17.86 -8.33 12.15
C ARG D 732 16.84 -8.37 13.30
N GLY D 733 16.22 -9.53 13.48
CA GLY D 733 15.27 -9.69 14.56
C GLY D 733 15.95 -9.76 15.92
N SER D 734 15.12 -9.69 16.96
CA SER D 734 15.60 -9.74 18.34
C SER D 734 15.79 -11.20 18.76
N GLN D 735 15.95 -11.43 20.06
CA GLN D 735 16.10 -12.78 20.58
C GLN D 735 14.80 -13.58 20.51
N ALA D 736 13.65 -12.91 20.39
CA ALA D 736 12.39 -13.63 20.20
C ALA D 736 12.33 -14.29 18.83
N GLN D 737 12.91 -13.66 17.81
CA GLN D 737 12.96 -14.26 16.48
C GLN D 737 13.91 -15.45 16.43
N ILE D 738 14.93 -15.47 17.29
CA ILE D 738 15.79 -16.63 17.40
C ILE D 738 15.13 -17.72 18.23
N ARG D 739 14.31 -17.33 19.21
CA ARG D 739 13.57 -18.30 20.00
C ARG D 739 12.50 -19.00 19.17
N GLN D 740 11.87 -18.25 18.25
CA GLN D 740 10.86 -18.84 17.39
C GLN D 740 11.45 -19.76 16.32
N LEU D 741 12.75 -19.67 16.07
CA LEU D 741 13.40 -20.51 15.07
C LEU D 741 14.20 -21.66 15.67
N ALA D 742 14.45 -21.64 16.98
CA ALA D 742 15.20 -22.70 17.65
C ALA D 742 14.37 -23.51 18.62
N GLY D 743 13.70 -22.84 19.58
CA GLY D 743 12.87 -23.50 20.55
C GLY D 743 11.39 -23.24 20.31
N MET D 744 10.60 -23.50 21.35
CA MET D 744 9.17 -23.27 21.26
C MET D 744 8.87 -21.78 21.29
N ARG D 745 7.81 -21.39 20.57
CA ARG D 745 7.43 -19.99 20.46
C ARG D 745 6.52 -19.52 21.59
N GLY D 746 6.25 -20.37 22.57
CA GLY D 746 5.48 -19.97 23.73
C GLY D 746 3.98 -20.13 23.57
N LEU D 747 3.22 -19.19 24.11
CA LEU D 747 1.76 -19.22 24.09
C LEU D 747 1.25 -18.09 23.21
N MET D 748 0.44 -18.43 22.21
CA MET D 748 -0.17 -17.42 21.36
C MET D 748 -1.46 -16.90 21.98
N ALA D 749 -1.90 -15.74 21.51
CA ALA D 749 -3.04 -15.06 22.07
C ALA D 749 -4.28 -15.27 21.22
N ARG D 750 -5.42 -14.85 21.76
CA ARG D 750 -6.71 -14.87 21.12
C ARG D 750 -7.17 -13.45 20.80
N PRO D 751 -8.05 -13.26 19.81
CA PRO D 751 -8.49 -11.90 19.48
C PRO D 751 -9.38 -11.26 20.54
N ASP D 752 -10.05 -12.04 21.37
CA ASP D 752 -10.90 -11.45 22.41
C ASP D 752 -10.13 -11.05 23.66
N GLY D 753 -8.89 -11.51 23.82
CA GLY D 753 -8.07 -11.05 24.92
C GLY D 753 -7.44 -12.16 25.76
N SER D 754 -7.94 -13.38 25.63
CA SER D 754 -7.47 -14.48 26.45
C SER D 754 -6.26 -15.17 25.81
N ILE D 755 -5.67 -16.10 26.55
CA ILE D 755 -4.51 -16.85 26.11
C ILE D 755 -4.92 -18.31 25.93
N ILE D 756 -4.44 -18.93 24.85
CA ILE D 756 -4.76 -20.32 24.56
C ILE D 756 -4.04 -21.22 25.55
N GLU D 757 -4.73 -22.27 26.01
CA GLU D 757 -4.18 -23.15 27.03
C GLU D 757 -3.09 -24.05 26.46
N THR D 758 -3.26 -24.52 25.22
CA THR D 758 -2.26 -25.42 24.67
C THR D 758 -1.10 -24.62 24.06
N PRO D 759 0.14 -25.09 24.23
CA PRO D 759 1.28 -24.38 23.65
C PRO D 759 1.60 -24.85 22.24
N ILE D 760 2.66 -24.29 21.67
CA ILE D 760 3.20 -24.72 20.39
C ILE D 760 4.57 -25.33 20.68
N LYS D 761 4.62 -26.65 20.82
CA LYS D 761 5.86 -27.33 21.23
C LYS D 761 6.68 -27.77 20.03
N ALA D 762 6.92 -26.83 19.10
CA ALA D 762 7.71 -27.10 17.91
C ALA D 762 8.17 -25.77 17.33
N ASN D 763 9.39 -25.74 16.81
CA ASN D 763 9.92 -24.55 16.16
C ASN D 763 9.55 -24.54 14.68
N PHE D 764 10.07 -23.56 13.95
CA PHE D 764 9.82 -23.50 12.52
C PHE D 764 10.65 -24.52 11.74
N ARG D 765 11.71 -25.06 12.35
CA ARG D 765 12.49 -26.10 11.69
C ARG D 765 11.72 -27.42 11.66
N GLU D 766 11.08 -27.78 12.76
CA GLU D 766 10.24 -28.96 12.79
C GLU D 766 8.90 -28.67 12.13
N GLY D 767 8.17 -29.73 11.83
CA GLY D 767 6.87 -29.58 11.19
C GLY D 767 5.81 -29.07 12.16
N LEU D 768 4.79 -28.44 11.57
CA LEU D 768 3.69 -27.88 12.33
C LEU D 768 2.38 -28.46 11.85
N ASN D 769 1.48 -28.76 12.79
CA ASN D 769 0.17 -29.28 12.47
C ASN D 769 -0.77 -28.11 12.18
N VAL D 770 -2.03 -28.44 11.84
CA VAL D 770 -3.01 -27.41 11.50
C VAL D 770 -3.49 -26.64 12.73
N GLN D 771 -3.37 -27.22 13.92
CA GLN D 771 -3.91 -26.59 15.12
C GLN D 771 -3.09 -25.39 15.54
N GLU D 772 -1.78 -25.56 15.68
CA GLU D 772 -0.92 -24.43 16.05
C GLU D 772 -0.79 -23.42 14.92
N TYR D 773 -0.95 -23.85 13.66
CA TYR D 773 -0.98 -22.89 12.55
C TYR D 773 -2.24 -22.03 12.60
N PHE D 774 -3.38 -22.65 12.90
CA PHE D 774 -4.62 -21.89 13.07
C PHE D 774 -4.57 -21.00 14.31
N ASN D 775 -3.81 -21.41 15.33
CA ASN D 775 -3.63 -20.56 16.50
C ASN D 775 -2.73 -19.37 16.19
N SER D 776 -1.70 -19.56 15.38
CA SER D 776 -0.78 -18.48 15.01
C SER D 776 -1.40 -17.52 14.00
N THR D 777 -2.39 -17.97 13.23
CA THR D 777 -3.06 -17.07 12.29
C THR D 777 -3.81 -15.95 13.00
N HIS D 778 -4.34 -16.23 14.19
CA HIS D 778 -5.04 -15.21 14.99
C HIS D 778 -4.09 -14.09 15.40
N GLY D 779 -2.88 -14.43 15.83
CA GLY D 779 -1.89 -13.42 16.12
C GLY D 779 -1.26 -12.79 14.90
N ALA D 780 -1.31 -13.47 13.75
CA ALA D 780 -0.74 -12.92 12.53
C ALA D 780 -1.61 -11.85 11.91
N ARG D 781 -2.92 -12.11 11.80
CA ARG D 781 -3.79 -11.16 11.10
C ARG D 781 -4.10 -9.91 11.93
N LYS D 782 -4.10 -10.05 13.27
CA LYS D 782 -4.36 -8.91 14.14
C LYS D 782 -3.24 -7.88 14.05
N GLY D 783 -2.01 -8.31 13.84
CA GLY D 783 -0.92 -7.37 13.66
C GLY D 783 -1.03 -6.58 12.37
N LEU D 784 -1.51 -7.23 11.31
CA LEU D 784 -1.73 -6.54 10.03
C LEU D 784 -2.86 -5.51 10.15
N ALA D 785 -3.95 -5.89 10.82
CA ALA D 785 -5.05 -4.95 11.04
C ALA D 785 -4.63 -3.78 11.93
N ASP D 786 -3.80 -4.06 12.94
CA ASP D 786 -3.31 -3.00 13.81
C ASP D 786 -2.36 -2.06 13.08
N THR D 787 -1.53 -2.58 12.17
CA THR D 787 -0.63 -1.71 11.41
C THR D 787 -1.40 -0.86 10.42
N ALA D 788 -2.47 -1.41 9.81
CA ALA D 788 -3.29 -0.61 8.90
C ALA D 788 -4.02 0.51 9.63
N LEU D 789 -4.65 0.19 10.77
CA LEU D 789 -5.35 1.21 11.55
C LEU D 789 -4.38 2.23 12.15
N LYS D 790 -3.18 1.79 12.55
CA LYS D 790 -2.18 2.69 13.08
C LYS D 790 -1.64 3.61 11.98
N THR D 791 -1.52 3.13 10.75
CA THR D 791 -1.09 3.98 9.65
C THR D 791 -2.13 5.04 9.32
N ALA D 792 -3.41 4.66 9.33
CA ALA D 792 -4.49 5.63 9.08
C ALA D 792 -4.56 6.68 10.18
N ASN D 793 -4.51 6.24 11.45
CA ASN D 793 -4.55 7.19 12.57
C ASN D 793 -3.28 8.04 12.64
N SER D 794 -2.14 7.50 12.19
CA SER D 794 -0.92 8.29 12.16
C SER D 794 -0.98 9.37 11.10
N GLY D 795 -1.58 9.06 9.94
CA GLY D 795 -1.77 10.09 8.92
C GLY D 795 -2.73 11.18 9.38
N TYR D 796 -3.82 10.80 10.06
CA TYR D 796 -4.75 11.80 10.57
C TYR D 796 -4.12 12.65 11.67
N LEU D 797 -3.36 12.03 12.57
CA LEU D 797 -2.67 12.78 13.63
C LEU D 797 -1.57 13.67 13.07
N THR D 798 -0.90 13.23 12.00
CA THR D 798 0.12 14.07 11.36
C THR D 798 -0.51 15.29 10.72
N ARG D 799 -1.66 15.11 10.06
CA ARG D 799 -2.36 16.24 9.45
C ARG D 799 -2.85 17.24 10.51
N ARG D 800 -3.41 16.73 11.61
CA ARG D 800 -3.88 17.62 12.67
C ARG D 800 -2.73 18.33 13.37
N LEU D 801 -1.61 17.63 13.59
CA LEU D 801 -0.47 18.24 14.26
C LEU D 801 0.24 19.25 13.37
N VAL D 802 0.19 19.05 12.05
CA VAL D 802 0.69 20.07 11.13
C VAL D 802 -0.21 21.30 11.17
N ASP D 803 -1.53 21.08 11.09
CA ASP D 803 -2.44 22.21 10.99
C ASP D 803 -2.70 22.93 12.31
N VAL D 804 -2.25 22.40 13.44
CA VAL D 804 -2.45 23.13 14.69
C VAL D 804 -1.32 24.13 14.95
N ALA D 805 -0.11 23.85 14.48
CA ALA D 805 1.06 24.70 14.75
C ALA D 805 1.81 24.92 13.45
N GLN D 806 1.56 26.05 12.79
CA GLN D 806 2.23 26.38 11.54
C GLN D 806 2.66 27.83 11.46
N ASP D 807 2.49 28.62 12.52
CA ASP D 807 2.85 30.03 12.49
C ASP D 807 4.11 30.35 13.30
N VAL D 808 4.63 29.40 14.08
CA VAL D 808 5.79 29.66 14.92
C VAL D 808 7.05 29.61 14.06
N VAL D 809 7.65 30.78 13.82
CA VAL D 809 8.91 30.91 13.12
C VAL D 809 9.89 31.65 14.02
N ILE D 810 11.17 31.56 13.66
CA ILE D 810 12.22 32.27 14.40
C ILE D 810 12.26 33.70 13.88
N THR D 811 11.83 34.65 14.71
CA THR D 811 11.71 36.04 14.31
C THR D 811 12.84 36.90 14.86
N GLU D 812 13.05 36.88 16.17
CA GLU D 812 14.04 37.73 16.82
C GLU D 812 15.20 36.88 17.34
N ILE D 813 16.19 37.56 17.92
CA ILE D 813 17.34 36.89 18.51
C ILE D 813 17.22 36.79 20.04
N ASP D 814 16.31 37.55 20.65
CA ASP D 814 16.15 37.54 22.10
C ASP D 814 14.77 38.08 22.43
N CYS D 815 14.19 37.57 23.52
CA CYS D 815 12.89 38.04 24.01
C CYS D 815 13.04 39.04 25.14
N GLY D 816 13.73 38.65 26.21
CA GLY D 816 13.96 39.49 27.37
C GLY D 816 13.54 38.88 28.69
N THR D 817 12.64 37.90 28.66
CA THR D 817 12.19 37.26 29.89
C THR D 817 13.14 36.15 30.31
N THR D 818 13.18 35.89 31.62
CA THR D 818 14.06 34.89 32.21
C THR D 818 13.28 34.00 33.17
N GLU D 819 12.10 33.53 32.73
CA GLU D 819 11.29 32.67 33.58
C GLU D 819 11.87 31.26 33.66
N GLY D 820 11.91 30.56 32.52
CA GLY D 820 12.49 29.24 32.46
C GLY D 820 11.70 28.14 33.15
N LEU D 821 12.17 26.91 33.03
CA LEU D 821 11.58 25.74 33.68
C LEU D 821 12.60 25.08 34.59
N ILE D 822 12.18 24.00 35.24
CA ILE D 822 13.03 23.21 36.12
C ILE D 822 13.17 21.84 35.50
N MET D 823 14.34 21.56 34.91
CA MET D 823 14.59 20.29 34.27
C MET D 823 15.21 19.31 35.26
N THR D 824 14.58 18.15 35.42
CA THR D 824 15.00 17.14 36.38
C THR D 824 14.84 15.77 35.70
N PRO D 825 15.87 14.91 35.75
CA PRO D 825 15.73 13.55 35.21
C PRO D 825 14.71 12.73 35.99
N ILE D 826 13.60 12.39 35.34
CA ILE D 826 12.49 11.73 36.02
C ILE D 826 12.81 10.26 36.24
N VAL D 827 12.37 9.74 37.38
CA VAL D 827 12.50 8.33 37.72
C VAL D 827 11.14 7.82 38.19
N GLU D 828 10.96 6.50 38.11
CA GLU D 828 9.69 5.88 38.45
C GLU D 828 9.78 4.84 39.56
N GLY D 829 10.98 4.42 39.96
CA GLY D 829 11.11 3.42 40.99
C GLY D 829 11.98 2.26 40.58
N GLY D 830 12.72 2.44 39.49
CA GLY D 830 13.62 1.42 39.00
C GLY D 830 14.83 2.00 38.30
N ASP D 831 15.18 1.47 37.14
CA ASP D 831 16.25 2.05 36.34
C ASP D 831 15.81 3.37 35.73
N VAL D 832 16.80 4.20 35.39
CA VAL D 832 16.50 5.52 34.85
C VAL D 832 16.04 5.38 33.40
N VAL D 833 15.15 6.28 32.99
CA VAL D 833 14.70 6.33 31.60
C VAL D 833 15.61 7.19 30.75
N GLU D 834 15.82 8.44 31.18
CA GLU D 834 16.80 9.31 30.58
C GLU D 834 17.62 9.98 31.67
N PRO D 835 18.92 10.13 31.48
CA PRO D 835 19.73 10.85 32.47
C PRO D 835 19.65 12.35 32.26
N LEU D 836 20.38 13.12 33.08
CA LEU D 836 20.43 14.56 32.88
C LEU D 836 21.26 14.95 31.67
N LYS D 837 22.16 14.05 31.22
CA LYS D 837 22.96 14.31 30.04
C LYS D 837 22.14 14.31 28.76
N GLU D 838 21.02 13.58 28.74
CA GLU D 838 20.20 13.45 27.54
C GLU D 838 19.07 14.48 27.47
N ARG D 839 18.78 15.18 28.56
CA ARG D 839 17.65 16.09 28.61
C ARG D 839 18.05 17.56 28.49
N VAL D 840 19.20 17.95 29.07
CA VAL D 840 19.61 19.35 29.07
C VAL D 840 20.49 19.67 27.86
N LEU D 841 20.90 18.67 27.10
CA LEU D 841 21.81 18.90 25.98
C LEU D 841 21.08 19.58 24.82
N GLY D 842 21.65 20.70 24.36
CA GLY D 842 21.06 21.45 23.27
C GLY D 842 20.09 22.53 23.68
N ARG D 843 20.16 23.01 24.91
CA ARG D 843 19.25 24.02 25.43
C ARG D 843 20.04 25.24 25.89
N VAL D 844 19.31 26.24 26.40
CA VAL D 844 19.89 27.48 26.90
C VAL D 844 19.45 27.65 28.35
N VAL D 845 20.42 27.82 29.26
CA VAL D 845 20.10 27.94 30.67
C VAL D 845 19.51 29.31 30.97
N ALA D 846 18.79 29.40 32.09
CA ALA D 846 18.16 30.65 32.51
C ALA D 846 19.05 31.42 33.49
N GLU D 847 19.38 30.81 34.62
CA GLU D 847 20.22 31.43 35.63
C GLU D 847 21.42 30.54 35.93
N ASP D 848 22.42 31.13 36.57
CA ASP D 848 23.63 30.39 36.91
C ASP D 848 23.37 29.44 38.08
N VAL D 849 24.08 28.32 38.08
CA VAL D 849 23.94 27.33 39.13
C VAL D 849 24.89 27.64 40.28
N VAL D 860 29.07 27.69 35.65
CA VAL D 860 28.25 27.79 34.45
C VAL D 860 27.45 29.08 34.45
N THR D 861 27.78 29.97 33.51
CA THR D 861 27.09 31.25 33.41
C THR D 861 25.73 31.08 32.76
N ARG D 862 24.96 32.16 32.74
CA ARG D 862 23.63 32.16 32.17
C ARG D 862 23.67 32.55 30.69
N ASN D 863 22.51 32.41 30.05
CA ASN D 863 22.23 32.64 28.61
C ASN D 863 23.34 32.12 27.69
N THR D 864 23.75 30.88 27.94
CA THR D 864 24.78 30.21 27.15
C THR D 864 24.22 28.95 26.52
N LEU D 865 24.97 28.40 25.57
CA LEU D 865 24.59 27.18 24.87
C LEU D 865 25.37 26.01 25.43
N LEU D 866 24.66 24.92 25.73
CA LEU D 866 25.27 23.74 26.33
C LEU D 866 25.61 22.74 25.22
N ASP D 867 26.89 22.64 24.90
CA ASP D 867 27.37 21.68 23.92
C ASP D 867 27.67 20.34 24.61
N GLU D 868 28.35 19.44 23.90
CA GLU D 868 28.66 18.13 24.47
C GLU D 868 29.75 18.18 25.52
N ALA D 869 30.56 19.25 25.54
CA ALA D 869 31.60 19.39 26.56
C ALA D 869 31.09 20.05 27.83
N TRP D 870 30.16 20.99 27.71
CA TRP D 870 29.64 21.67 28.89
C TRP D 870 28.78 20.75 29.74
N VAL D 871 28.05 19.82 29.11
CA VAL D 871 27.25 18.88 29.88
C VAL D 871 28.14 17.87 30.59
N ALA D 872 29.30 17.53 30.01
CA ALA D 872 30.26 16.68 30.70
C ALA D 872 30.97 17.44 31.82
N LYS D 873 31.14 18.76 31.66
CA LYS D 873 31.73 19.55 32.74
C LYS D 873 30.76 19.75 33.89
N LEU D 874 29.46 19.79 33.61
CA LEU D 874 28.46 19.94 34.67
C LEU D 874 27.95 18.59 35.20
N GLU D 875 28.34 17.48 34.57
CA GLU D 875 27.98 16.16 35.09
C GLU D 875 28.68 15.87 36.41
N ASP D 876 29.97 16.16 36.51
CA ASP D 876 30.73 15.88 37.73
C ASP D 876 30.58 16.98 38.78
N ALA D 877 29.76 17.98 38.54
CA ALA D 877 29.52 19.05 39.51
C ALA D 877 28.41 18.72 40.50
N SER D 878 27.84 17.51 40.41
CA SER D 878 26.76 17.01 41.28
C SER D 878 25.53 17.91 41.24
N VAL D 879 25.16 18.35 40.04
CA VAL D 879 23.99 19.20 39.85
C VAL D 879 22.74 18.31 39.83
N GLN D 880 21.62 18.88 40.25
CA GLN D 880 20.35 18.18 40.29
C GLN D 880 19.31 18.75 39.34
N SER D 881 19.10 20.06 39.36
CA SER D 881 18.13 20.72 38.50
C SER D 881 18.68 22.05 38.02
N VAL D 882 18.62 22.27 36.71
CA VAL D 882 19.15 23.48 36.08
C VAL D 882 17.97 24.28 35.53
N LYS D 883 17.96 25.58 35.80
CA LYS D 883 16.94 26.47 35.25
C LYS D 883 17.21 26.68 33.76
N VAL D 884 16.29 26.19 32.93
CA VAL D 884 16.45 26.18 31.48
C VAL D 884 15.29 26.93 30.84
N ARG D 885 15.60 27.92 30.02
CA ARG D 885 14.58 28.65 29.27
C ARG D 885 13.96 27.73 28.22
N SER D 886 12.67 27.48 28.34
CA SER D 886 11.93 26.68 27.38
C SER D 886 10.98 27.57 26.59
N THR D 887 10.50 27.03 25.46
CA THR D 887 9.71 27.81 24.52
C THR D 887 8.26 27.99 24.94
N ILE D 888 7.83 27.43 26.08
CA ILE D 888 6.46 27.61 26.54
C ILE D 888 6.26 28.94 27.27
N SER D 889 7.34 29.68 27.54
CA SER D 889 7.26 30.98 28.22
C SER D 889 8.21 31.93 27.48
N CYS D 890 7.67 32.65 26.50
CA CYS D 890 8.44 33.60 25.71
C CYS D 890 7.68 34.92 25.64
N GLU D 891 8.40 35.97 25.25
CA GLU D 891 7.85 37.32 25.16
C GLU D 891 8.09 37.89 23.77
N SER D 892 7.81 37.10 22.74
CA SER D 892 7.94 37.53 21.36
C SER D 892 6.57 37.61 20.71
N SER D 893 6.54 38.24 19.53
CA SER D 893 5.30 38.46 18.79
C SER D 893 5.29 37.59 17.54
N PHE D 894 4.21 36.82 17.38
CA PHE D 894 3.95 35.96 16.21
C PHE D 894 5.05 34.92 16.00
N GLY D 895 5.51 34.31 17.09
CA GLY D 895 6.52 33.29 17.03
C GLY D 895 7.40 33.35 18.25
N VAL D 896 8.51 32.60 18.18
CA VAL D 896 9.50 32.55 19.25
C VAL D 896 10.84 33.01 18.68
N CYS D 897 11.75 33.34 19.59
CA CYS D 897 13.06 33.85 19.20
C CYS D 897 14.08 32.70 19.12
N ALA D 898 15.31 33.04 18.76
CA ALA D 898 16.34 32.02 18.56
C ALA D 898 17.00 31.59 19.85
N ARG D 899 17.16 32.50 20.81
CA ARG D 899 17.83 32.16 22.06
C ARG D 899 16.94 31.32 22.97
N CYS D 900 15.62 31.37 22.78
CA CYS D 900 14.69 30.63 23.62
C CYS D 900 14.47 29.21 23.12
N TYR D 901 14.54 28.99 21.80
CA TYR D 901 14.31 27.66 21.26
C TYR D 901 15.48 26.73 21.53
N GLY D 902 16.70 27.25 21.60
CA GLY D 902 17.86 26.45 21.91
C GLY D 902 18.69 26.07 20.71
N ARG D 903 19.16 24.82 20.67
CA ARG D 903 19.98 24.31 19.59
C ARG D 903 19.14 23.45 18.66
N ASP D 904 19.40 23.56 17.36
CA ASP D 904 18.69 22.74 16.38
C ASP D 904 19.17 21.30 16.46
N LEU D 905 18.27 20.37 16.12
CA LEU D 905 18.60 18.96 16.14
C LEU D 905 19.03 18.44 14.78
N ALA D 906 18.56 19.08 13.69
CA ALA D 906 18.99 18.67 12.36
C ALA D 906 20.40 19.19 12.05
N ARG D 907 20.63 20.47 12.28
CA ARG D 907 21.95 21.05 12.09
C ARG D 907 22.64 21.20 13.44
N GLY D 908 23.95 20.98 13.45
CA GLY D 908 24.71 21.06 14.69
C GLY D 908 24.97 22.45 15.22
N HIS D 909 24.71 23.48 14.41
CA HIS D 909 24.94 24.85 14.82
C HIS D 909 23.68 25.42 15.48
N GLN D 910 23.69 26.72 15.74
CA GLN D 910 22.58 27.39 16.41
C GLN D 910 21.46 27.66 15.39
N VAL D 911 20.24 27.82 15.90
CA VAL D 911 19.07 27.97 15.05
C VAL D 911 19.09 29.33 14.36
N ASN D 912 19.02 29.31 13.03
CA ASN D 912 19.10 30.54 12.26
C ASN D 912 17.77 31.29 12.31
N ILE D 913 17.83 32.56 11.91
CA ILE D 913 16.65 33.43 11.94
C ILE D 913 15.87 33.22 10.65
N GLY D 914 14.73 32.55 10.74
CA GLY D 914 13.89 32.37 9.58
C GLY D 914 13.48 30.94 9.31
N GLU D 915 13.97 30.00 10.11
CA GLU D 915 13.65 28.59 9.94
C GLU D 915 12.44 28.26 10.80
N ALA D 916 11.40 27.70 10.17
CA ALA D 916 10.20 27.34 10.90
C ALA D 916 10.43 26.08 11.74
N VAL D 917 9.92 26.09 12.96
CA VAL D 917 10.09 24.97 13.89
C VAL D 917 8.80 24.23 14.18
N GLY D 918 7.65 24.75 13.76
CA GLY D 918 6.39 24.08 14.01
C GLY D 918 6.17 22.90 13.09
N VAL D 919 6.50 23.08 11.81
CA VAL D 919 6.32 22.02 10.83
C VAL D 919 7.31 20.88 11.08
N ILE D 920 8.53 21.22 11.52
CA ILE D 920 9.53 20.20 11.84
C ILE D 920 9.11 19.41 13.07
N ALA D 921 8.55 20.09 14.08
CA ALA D 921 8.07 19.40 15.28
C ALA D 921 6.86 18.53 14.98
N ALA D 922 5.98 18.99 14.08
CA ALA D 922 4.82 18.19 13.71
C ALA D 922 5.22 16.97 12.91
N GLN D 923 6.19 17.11 11.99
CA GLN D 923 6.66 15.97 11.23
C GLN D 923 7.47 15.01 12.09
N SER D 924 8.08 15.51 13.18
CA SER D 924 8.78 14.63 14.10
C SER D 924 7.82 13.86 15.00
N ILE D 925 6.73 14.50 15.42
CA ILE D 925 5.76 13.84 16.29
C ILE D 925 4.94 12.83 15.49
N GLY D 926 4.47 13.22 14.29
CA GLY D 926 3.60 12.35 13.52
C GLY D 926 4.28 11.21 12.78
N GLU D 927 5.61 11.15 12.80
CA GLU D 927 6.33 10.11 12.07
C GLU D 927 6.29 8.73 12.73
N PRO D 928 6.59 8.54 14.07
CA PRO D 928 6.58 7.16 14.58
C PRO D 928 5.20 6.66 15.00
N GLY D 929 4.14 7.36 14.57
CA GLY D 929 2.80 6.92 14.91
C GLY D 929 2.38 5.66 14.18
N THR D 930 2.91 5.44 12.97
CA THR D 930 2.58 4.25 12.21
C THR D 930 3.28 3.00 12.73
N GLN D 931 4.30 3.15 13.58
CA GLN D 931 4.95 2.02 14.23
C GLN D 931 4.32 1.71 15.58
N LEU D 932 3.86 2.73 16.29
CA LEU D 932 3.21 2.54 17.58
C LEU D 932 1.83 1.90 17.39
N THR D 933 1.46 1.08 18.36
CA THR D 933 0.19 0.37 18.31
C THR D 933 -0.99 1.30 18.61
N ASP D 950 2.31 -2.89 47.56
CA ASP D 950 2.31 -3.62 48.82
C ASP D 950 3.69 -3.57 49.48
N ASN D 951 4.70 -3.99 48.74
CA ASN D 951 6.09 -3.99 49.21
C ASN D 951 7.00 -3.43 48.13
N ILE D 952 7.94 -2.59 48.53
CA ILE D 952 8.87 -1.94 47.63
C ILE D 952 10.28 -2.35 48.04
N THR D 953 10.92 -3.17 47.21
CA THR D 953 12.29 -3.61 47.46
C THR D 953 13.24 -2.79 46.59
N VAL D 954 14.29 -2.25 47.21
CA VAL D 954 15.25 -1.41 46.51
C VAL D 954 16.19 -2.28 45.69
N LYS D 955 16.93 -1.66 44.77
CA LYS D 955 17.88 -2.38 43.92
C LYS D 955 19.27 -1.76 43.89
N THR D 956 19.43 -0.49 44.24
CA THR D 956 20.72 0.17 44.23
C THR D 956 21.35 0.14 45.63
N THR D 957 22.62 0.51 45.69
CA THR D 957 23.38 0.55 46.93
C THR D 957 23.72 2.00 47.25
N GLY D 958 23.21 2.50 48.37
CA GLY D 958 23.45 3.87 48.78
C GLY D 958 22.62 4.31 49.96
N SER D 959 22.22 5.58 49.97
CA SER D 959 21.41 6.14 51.03
C SER D 959 19.98 6.37 50.54
N VAL D 960 19.16 6.97 51.40
CA VAL D 960 17.76 7.26 51.10
C VAL D 960 17.46 8.69 51.54
N LYS D 961 16.78 9.44 50.69
CA LYS D 961 16.41 10.82 50.95
C LYS D 961 14.92 10.92 51.24
N PHE D 962 14.55 11.93 52.04
CA PHE D 962 13.17 12.16 52.45
C PHE D 962 12.74 13.55 52.02
N ASN D 963 11.86 13.64 51.03
CA ASN D 963 11.28 14.89 50.59
C ASN D 963 9.78 14.69 50.36
N ASN D 964 9.01 15.72 50.71
CA ASN D 964 7.54 15.72 50.68
C ASN D 964 6.96 14.56 51.49
N LEU D 965 7.35 14.53 52.77
CA LEU D 965 6.92 13.44 53.65
C LEU D 965 6.94 13.95 55.09
N LYS D 966 6.21 13.25 55.95
CA LYS D 966 6.12 13.59 57.37
C LYS D 966 5.95 12.30 58.15
N SER D 967 6.84 12.06 59.11
CA SER D 967 6.84 10.85 59.91
C SER D 967 6.36 11.14 61.32
N VAL D 968 5.57 10.23 61.88
CA VAL D 968 5.08 10.35 63.24
C VAL D 968 5.70 9.23 64.07
N ALA D 969 5.77 9.44 65.39
CA ALA D 969 6.38 8.47 66.29
C ALA D 969 5.43 7.29 66.50
N HIS D 970 5.93 6.09 66.26
CA HIS D 970 5.15 4.88 66.44
C HIS D 970 5.18 4.45 67.90
N ALA D 971 4.22 3.57 68.26
CA ALA D 971 4.16 3.07 69.63
C ALA D 971 5.23 2.03 69.90
N SER D 972 5.71 1.34 68.87
CA SER D 972 6.75 0.32 69.02
C SER D 972 8.15 0.89 68.85
N GLY D 973 8.29 2.20 68.67
CA GLY D 973 9.59 2.83 68.50
C GLY D 973 10.08 2.90 67.07
N SER D 974 9.30 2.40 66.11
CA SER D 974 9.71 2.43 64.71
C SER D 974 9.33 3.77 64.08
N LEU D 975 9.57 3.88 62.78
CA LEU D 975 9.28 5.10 62.02
C LEU D 975 8.15 4.81 61.04
N VAL D 976 7.04 5.52 61.19
CA VAL D 976 5.89 5.40 60.30
C VAL D 976 5.59 6.78 59.73
N ALA D 977 5.41 6.84 58.41
CA ALA D 977 5.17 8.10 57.73
C ALA D 977 3.67 8.32 57.52
N VAL D 978 3.23 9.55 57.73
CA VAL D 978 1.85 9.94 57.53
C VAL D 978 1.80 11.13 56.56
N SER D 979 1.20 10.93 55.40
CA SER D 979 1.11 11.94 54.35
C SER D 979 0.06 11.52 53.35
N ARG D 980 -0.45 12.50 52.60
CA ARG D 980 -1.37 12.20 51.51
C ARG D 980 -0.65 11.60 50.31
N SER D 981 0.56 12.07 50.01
CA SER D 981 1.35 11.54 48.91
C SER D 981 2.83 11.77 49.24
N GLY D 982 3.55 10.69 49.55
CA GLY D 982 4.94 10.78 49.89
C GLY D 982 5.86 10.47 48.73
N GLU D 983 7.12 10.87 48.87
CA GLU D 983 8.15 10.65 47.86
C GLU D 983 9.40 10.10 48.55
N LEU D 984 9.61 8.79 48.47
CA LEU D 984 10.77 8.15 49.04
C LEU D 984 11.80 7.94 47.94
N SER D 985 12.82 8.79 47.90
CA SER D 985 13.86 8.75 46.88
C SER D 985 15.18 8.30 47.50
N VAL D 986 16.04 7.73 46.66
CA VAL D 986 17.34 7.25 47.09
C VAL D 986 18.42 8.16 46.51
N LEU D 987 19.65 7.94 46.94
CA LEU D 987 20.79 8.73 46.49
C LEU D 987 21.98 7.81 46.24
N ASP D 988 22.60 7.93 45.08
CA ASP D 988 23.76 7.12 44.73
C ASP D 988 25.05 7.83 45.16
N GLY D 989 26.19 7.25 44.79
CA GLY D 989 27.47 7.84 45.14
C GLY D 989 27.84 9.02 44.27
N HIS D 990 27.34 9.07 43.03
CA HIS D 990 27.65 10.18 42.14
C HIS D 990 26.87 11.44 42.46
N GLY D 991 25.71 11.31 43.09
CA GLY D 991 24.87 12.45 43.44
C GLY D 991 23.52 12.47 42.78
N ARG D 992 23.24 11.56 41.86
CA ARG D 992 21.95 11.50 41.18
C ARG D 992 21.06 10.44 41.81
N GLU D 993 19.75 10.69 41.76
CA GLU D 993 18.78 9.76 42.34
C GLU D 993 18.60 8.57 41.40
N ARG D 994 18.71 7.36 41.96
CA ARG D 994 18.55 6.15 41.16
C ARG D 994 17.09 5.80 40.96
N GLU D 995 16.29 5.89 42.02
CA GLU D 995 14.87 5.56 41.94
C GLU D 995 14.11 6.38 42.96
N ARG D 996 12.78 6.34 42.86
CA ARG D 996 11.91 7.08 43.76
C ARG D 996 10.61 6.32 43.93
N TYR D 997 10.23 6.06 45.18
CA TYR D 997 9.01 5.36 45.52
C TYR D 997 8.00 6.34 46.13
N LYS D 998 6.81 5.82 46.42
CA LYS D 998 5.74 6.61 47.01
C LYS D 998 5.43 6.10 48.42
N LEU D 999 5.04 7.02 49.29
CA LEU D 999 4.71 6.69 50.67
C LEU D 999 3.23 6.94 50.93
N PRO D 1000 2.42 5.90 51.07
CA PRO D 1000 0.99 6.10 51.33
C PRO D 1000 0.73 6.49 52.78
N TYR D 1001 -0.55 6.59 53.12
CA TYR D 1001 -0.97 7.00 54.46
C TYR D 1001 -0.73 5.87 55.44
N GLY D 1002 0.19 6.09 56.39
CA GLY D 1002 0.46 5.11 57.43
C GLY D 1002 1.51 4.08 57.08
N ALA D 1003 2.34 4.33 56.07
CA ALA D 1003 3.38 3.38 55.69
C ALA D 1003 4.53 3.44 56.67
N THR D 1004 5.04 2.26 57.04
CA THR D 1004 6.13 2.14 58.00
C THR D 1004 7.44 1.98 57.25
N ILE D 1005 8.34 2.95 57.42
CA ILE D 1005 9.66 2.91 56.81
C ILE D 1005 10.63 2.27 57.79
N THR D 1006 11.45 1.34 57.29
CA THR D 1006 12.32 0.56 58.16
C THR D 1006 13.53 1.34 58.63
N ALA D 1007 14.01 2.30 57.85
CA ALA D 1007 15.22 3.05 58.17
C ALA D 1007 14.87 4.54 58.31
N LYS D 1008 15.90 5.36 58.46
CA LYS D 1008 15.78 6.80 58.55
C LYS D 1008 16.54 7.45 57.40
N ASP D 1009 16.58 8.78 57.40
CA ASP D 1009 17.28 9.51 56.35
C ASP D 1009 18.79 9.41 56.54
N GLY D 1010 19.50 9.17 55.44
CA GLY D 1010 20.94 9.04 55.48
C GLY D 1010 21.46 7.66 55.81
N ASP D 1011 20.58 6.70 56.05
CA ASP D 1011 21.01 5.35 56.39
C ASP D 1011 21.47 4.60 55.15
N ALA D 1012 22.53 3.81 55.31
CA ALA D 1012 23.09 3.05 54.19
C ALA D 1012 22.25 1.80 53.97
N VAL D 1013 21.60 1.72 52.80
CA VAL D 1013 20.77 0.59 52.44
C VAL D 1013 21.39 -0.07 51.21
N LYS D 1014 21.69 -1.37 51.34
CA LYS D 1014 22.31 -2.12 50.26
C LYS D 1014 21.24 -2.64 49.30
N ALA D 1015 21.65 -3.46 48.34
CA ALA D 1015 20.73 -4.00 47.36
C ALA D 1015 20.01 -5.23 47.90
N GLY D 1016 18.74 -5.36 47.57
CA GLY D 1016 17.94 -6.48 48.01
C GLY D 1016 17.28 -6.32 49.37
N GLN D 1017 17.34 -5.13 49.96
CA GLN D 1017 16.73 -4.89 51.26
C GLN D 1017 15.30 -4.40 51.11
N SER D 1018 14.49 -4.68 52.12
CA SER D 1018 13.08 -4.29 52.14
C SER D 1018 12.89 -3.21 53.20
N VAL D 1019 12.52 -2.00 52.75
CA VAL D 1019 12.30 -0.87 53.65
C VAL D 1019 10.85 -0.43 53.72
N ALA D 1020 9.98 -0.95 52.84
CA ALA D 1020 8.57 -0.59 52.82
C ALA D 1020 7.76 -1.64 53.57
N ASN D 1021 6.76 -1.17 54.32
CA ASN D 1021 5.90 -2.08 55.09
C ASN D 1021 4.52 -1.42 55.20
N TRP D 1022 3.61 -1.82 54.31
CA TRP D 1022 2.24 -1.33 54.35
C TRP D 1022 1.33 -2.36 53.69
N ASP D 1023 0.12 -2.51 54.23
CA ASP D 1023 -0.81 -3.50 53.73
C ASP D 1023 -2.05 -2.84 53.14
N PRO D 1024 -2.52 -3.29 51.97
CA PRO D 1024 -3.71 -2.72 51.34
C PRO D 1024 -5.00 -3.13 52.05
N GLY D 1139 -0.97 3.56 23.95
CA GLY D 1139 -1.57 3.46 22.64
C GLY D 1139 -1.71 4.80 21.94
N LEU D 1140 -2.04 4.77 20.66
CA LEU D 1140 -2.22 5.97 19.86
C LEU D 1140 -3.49 6.76 20.19
N PRO D 1141 -4.62 6.14 20.57
CA PRO D 1141 -5.68 6.94 21.22
C PRO D 1141 -5.25 7.61 22.51
N ARG D 1142 -4.34 7.01 23.27
CA ARG D 1142 -3.81 7.69 24.46
C ARG D 1142 -2.94 8.89 24.09
N VAL D 1143 -2.26 8.82 22.95
CA VAL D 1143 -1.51 9.98 22.46
C VAL D 1143 -2.45 11.07 21.98
N ALA D 1144 -3.52 10.68 21.26
CA ALA D 1144 -4.48 11.66 20.75
C ALA D 1144 -5.33 12.27 21.87
N ASP D 1145 -5.50 11.56 22.98
CA ASP D 1145 -6.31 12.07 24.09
C ASP D 1145 -5.63 13.24 24.81
N LEU D 1146 -4.32 13.35 24.72
CA LEU D 1146 -3.62 14.50 25.31
C LEU D 1146 -3.58 15.69 24.37
N PHE D 1147 -3.59 15.46 23.06
CA PHE D 1147 -3.59 16.56 22.11
C PHE D 1147 -4.99 17.15 21.95
N GLU D 1148 -6.01 16.29 21.81
CA GLU D 1148 -7.37 16.79 21.73
C GLU D 1148 -7.91 17.24 23.09
N ALA D 1149 -7.34 16.73 24.18
CA ALA D 1149 -7.66 17.09 25.56
C ALA D 1149 -9.13 16.85 25.89
N ARG D 1150 -9.53 15.59 25.77
CA ARG D 1150 -10.88 15.18 26.10
C ARG D 1150 -10.99 14.80 27.57
N LYS D 1151 -12.24 14.64 28.03
CA LYS D 1151 -12.45 14.20 29.41
C LYS D 1151 -12.29 12.68 29.50
N PRO D 1152 -11.70 12.19 30.58
CA PRO D 1152 -11.52 10.73 30.73
C PRO D 1152 -12.82 10.05 31.13
N LYS D 1153 -12.72 8.74 31.35
CA LYS D 1153 -13.89 7.95 31.75
C LYS D 1153 -14.29 8.28 33.19
N ASP D 1154 -13.36 8.14 34.13
CA ASP D 1154 -13.57 8.50 35.52
C ASP D 1154 -12.61 9.63 35.86
N PRO D 1155 -13.02 10.88 35.71
CA PRO D 1155 -12.11 12.00 35.98
C PRO D 1155 -11.90 12.20 37.47
N ALA D 1156 -10.66 12.51 37.84
CA ALA D 1156 -10.31 12.73 39.24
C ALA D 1156 -10.71 14.15 39.65
N ILE D 1157 -11.54 14.25 40.67
CA ILE D 1157 -11.98 15.54 41.18
C ILE D 1157 -10.89 16.11 42.07
N LEU D 1158 -10.42 17.30 41.74
CA LEU D 1158 -9.37 17.96 42.50
C LEU D 1158 -9.95 18.99 43.45
N ALA D 1159 -9.12 19.49 44.35
CA ALA D 1159 -9.53 20.46 45.33
C ALA D 1159 -9.70 21.84 44.70
N GLU D 1160 -10.41 22.72 45.41
CA GLU D 1160 -10.65 24.07 44.92
C GLU D 1160 -9.44 24.96 45.14
N ARG D 1161 -9.01 25.10 46.40
CA ARG D 1161 -7.89 25.94 46.75
C ARG D 1161 -7.21 25.37 47.98
N SER D 1162 -6.24 26.10 48.52
CA SER D 1162 -5.51 25.69 49.72
C SER D 1162 -6.40 25.93 50.93
N GLY D 1163 -7.11 24.89 51.36
CA GLY D 1163 -7.98 24.99 52.51
C GLY D 1163 -7.91 23.74 53.36
N ILE D 1164 -8.32 23.90 54.62
CA ILE D 1164 -8.32 22.77 55.55
C ILE D 1164 -9.48 21.83 55.23
N ILE D 1165 -9.35 20.58 55.66
CA ILE D 1165 -10.37 19.58 55.42
C ILE D 1165 -11.54 19.81 56.38
N SER D 1166 -12.75 19.70 55.86
CA SER D 1166 -13.96 19.90 56.64
C SER D 1166 -14.79 18.62 56.65
N PHE D 1167 -15.88 18.65 57.42
CA PHE D 1167 -16.75 17.50 57.54
C PHE D 1167 -17.69 17.41 56.33
N GLY D 1168 -18.18 16.21 56.08
CA GLY D 1168 -19.11 15.99 54.98
C GLY D 1168 -20.49 16.50 55.32
N LYS D 1169 -21.08 17.26 54.38
CA LYS D 1169 -22.41 17.82 54.58
C LYS D 1169 -23.47 16.79 54.23
N ASP D 1170 -24.74 17.18 54.38
CA ASP D 1170 -25.85 16.31 54.06
C ASP D 1170 -26.05 16.21 52.55
N THR D 1171 -26.53 15.04 52.12
CA THR D 1171 -26.72 14.77 50.71
C THR D 1171 -28.17 15.06 50.29
N LYS D 1172 -28.32 15.45 49.03
CA LYS D 1172 -29.62 15.71 48.43
C LYS D 1172 -29.68 15.10 47.03
N GLY D 1173 -29.19 13.87 46.88
CA GLY D 1173 -29.02 13.23 45.60
C GLY D 1173 -27.59 13.15 45.13
N LYS D 1174 -26.72 14.02 45.63
CA LYS D 1174 -25.31 13.99 45.32
C LYS D 1174 -24.52 14.36 46.57
N GLN D 1175 -23.30 13.83 46.66
CA GLN D 1175 -22.47 14.07 47.83
C GLN D 1175 -21.91 15.49 47.82
N ARG D 1176 -21.93 16.14 48.97
CA ARG D 1176 -21.40 17.49 49.14
C ARG D 1176 -20.12 17.43 49.95
N LEU D 1177 -19.06 18.04 49.43
CA LEU D 1177 -17.74 18.05 50.07
C LEU D 1177 -17.36 19.49 50.38
N ILE D 1178 -17.33 19.82 51.67
CA ILE D 1178 -16.99 21.16 52.11
C ILE D 1178 -15.51 21.18 52.50
N ILE D 1179 -14.93 22.38 52.48
CA ILE D 1179 -13.52 22.58 52.82
C ILE D 1179 -13.42 23.78 53.75
N LYS D 1180 -12.73 23.61 54.87
CA LYS D 1180 -12.53 24.69 55.82
C LYS D 1180 -11.48 25.67 55.31
N ASP D 1181 -11.77 26.96 55.48
CA ASP D 1181 -10.88 28.03 55.05
C ASP D 1181 -10.44 28.85 56.25
N THR D 1182 -9.41 29.66 56.03
CA THR D 1182 -8.87 30.49 57.11
C THR D 1182 -9.75 31.71 57.37
N ASP D 1183 -9.93 32.56 56.36
CA ASP D 1183 -10.73 33.77 56.50
C ASP D 1183 -12.00 33.76 55.65
N GLY D 1184 -11.97 33.11 54.48
CA GLY D 1184 -13.13 33.07 53.62
C GLY D 1184 -14.13 32.01 54.04
N SER D 1185 -15.12 31.82 53.18
CA SER D 1185 -16.17 30.84 53.42
C SER D 1185 -15.72 29.46 52.94
N GLU D 1186 -16.64 28.49 52.96
CA GLU D 1186 -16.33 27.13 52.53
C GLU D 1186 -16.72 26.95 51.07
N HIS D 1187 -15.79 26.41 50.29
CA HIS D 1187 -16.03 26.13 48.87
C HIS D 1187 -16.50 24.69 48.74
N GLU D 1188 -17.79 24.51 48.46
CA GLU D 1188 -18.39 23.19 48.35
C GLU D 1188 -18.93 22.99 46.94
N GLU D 1189 -18.94 21.73 46.49
CA GLU D 1189 -19.44 21.37 45.17
C GLU D 1189 -20.07 19.99 45.26
N LEU D 1190 -20.48 19.46 44.12
CA LEU D 1190 -21.11 18.15 44.06
C LEU D 1190 -20.06 17.06 43.92
N ILE D 1191 -20.50 15.80 43.92
CA ILE D 1191 -19.62 14.65 43.80
C ILE D 1191 -20.42 13.50 43.22
N PRO D 1192 -19.81 12.62 42.42
CA PRO D 1192 -20.55 11.45 41.89
C PRO D 1192 -20.81 10.43 42.99
N LYS D 1193 -22.06 10.00 43.10
CA LYS D 1193 -22.46 9.04 44.12
C LYS D 1193 -22.19 7.59 43.71
N TYR D 1194 -21.78 7.35 42.46
CA TYR D 1194 -21.53 5.98 42.02
C TYR D 1194 -20.16 5.48 42.46
N ARG D 1195 -19.12 6.31 42.30
CA ARG D 1195 -17.77 5.90 42.65
C ARG D 1195 -17.51 6.13 44.14
N GLN D 1196 -16.37 5.64 44.60
CA GLN D 1196 -15.99 5.77 46.00
C GLN D 1196 -15.45 7.16 46.28
N ILE D 1197 -15.88 7.73 47.40
CA ILE D 1197 -15.45 9.07 47.81
C ILE D 1197 -14.69 8.93 49.12
N ILE D 1198 -13.43 9.36 49.12
CA ILE D 1198 -12.56 9.27 50.29
C ILE D 1198 -12.09 10.67 50.67
N VAL D 1199 -12.82 11.28 51.61
CA VAL D 1199 -12.47 12.58 52.18
C VAL D 1199 -12.26 12.40 53.67
N PHE D 1200 -11.10 12.82 54.16
CA PHE D 1200 -10.81 12.76 55.58
C PHE D 1200 -11.39 13.98 56.28
N GLU D 1201 -12.07 13.74 57.40
CA GLU D 1201 -12.71 14.85 58.11
C GLU D 1201 -11.71 15.64 58.95
N GLY D 1202 -11.04 14.98 59.89
CA GLY D 1202 -10.06 15.64 60.73
C GLY D 1202 -8.66 15.59 60.15
N GLU D 1203 -8.43 16.30 59.06
CA GLU D 1203 -7.12 16.33 58.40
C GLU D 1203 -6.91 17.72 57.83
N HIS D 1204 -5.89 17.84 56.97
CA HIS D 1204 -5.56 19.11 56.33
C HIS D 1204 -5.18 18.85 54.89
N VAL D 1205 -5.81 19.58 53.97
CA VAL D 1205 -5.55 19.46 52.54
C VAL D 1205 -4.54 20.53 52.13
N THR D 1206 -3.55 20.14 51.35
CA THR D 1206 -2.50 21.06 50.90
C THR D 1206 -3.00 21.89 49.72
N LYS D 1207 -2.11 22.67 49.12
CA LYS D 1207 -2.47 23.54 48.02
C LYS D 1207 -2.70 22.76 46.73
N GLY D 1208 -3.92 22.28 46.53
CA GLY D 1208 -4.26 21.58 45.31
C GLY D 1208 -3.98 20.10 45.32
N GLU D 1209 -4.55 19.38 46.30
CA GLU D 1209 -4.42 17.93 46.37
C GLU D 1209 -5.59 17.29 45.62
N THR D 1210 -5.73 15.97 45.76
CA THR D 1210 -6.82 15.24 45.14
C THR D 1210 -7.62 14.49 46.19
N VAL D 1211 -8.89 14.23 45.88
CA VAL D 1211 -9.75 13.48 46.76
C VAL D 1211 -10.31 12.21 46.13
N VAL D 1212 -10.33 12.11 44.80
CA VAL D 1212 -10.80 10.91 44.10
C VAL D 1212 -9.64 10.38 43.27
N ASP D 1213 -9.35 9.09 43.43
CA ASP D 1213 -8.26 8.46 42.70
C ASP D 1213 -8.63 8.24 41.24
N GLY D 1214 -7.70 8.55 40.35
CA GLY D 1214 -7.93 8.39 38.93
C GLY D 1214 -7.06 9.33 38.14
N GLU D 1215 -7.23 9.27 36.82
CA GLU D 1215 -6.48 10.14 35.92
C GLU D 1215 -7.10 11.52 35.89
N PRO D 1216 -6.37 12.58 36.24
CA PRO D 1216 -6.96 13.92 36.27
C PRO D 1216 -7.08 14.53 34.88
N SER D 1217 -7.91 15.56 34.80
CA SER D 1217 -8.22 16.34 33.60
C SER D 1217 -7.21 17.48 33.43
N PRO D 1218 -6.82 17.79 32.20
CA PRO D 1218 -5.86 18.89 31.99
C PRO D 1218 -6.45 20.26 32.26
N GLN D 1219 -7.76 20.44 32.08
CA GLN D 1219 -8.36 21.74 32.33
C GLN D 1219 -8.40 22.06 33.82
N ASP D 1220 -8.58 21.03 34.66
CA ASP D 1220 -8.56 21.24 36.10
C ASP D 1220 -7.16 21.55 36.60
N ILE D 1221 -6.13 20.90 36.04
CA ILE D 1221 -4.77 21.19 36.47
C ILE D 1221 -4.26 22.49 35.87
N LEU D 1222 -4.90 22.99 34.79
CA LEU D 1222 -4.59 24.32 34.33
C LEU D 1222 -5.26 25.39 35.18
N ARG D 1223 -6.51 25.16 35.58
CA ARG D 1223 -7.22 26.09 36.44
C ARG D 1223 -6.67 26.10 37.86
N LEU D 1224 -6.02 25.01 38.30
CA LEU D 1224 -5.56 24.92 39.67
C LEU D 1224 -4.32 25.76 39.91
N LEU D 1225 -3.21 25.45 39.22
CA LEU D 1225 -1.92 26.06 39.52
C LEU D 1225 -1.42 26.92 38.37
N GLY D 1226 -1.29 26.37 37.17
CA GLY D 1226 -0.76 27.14 36.05
C GLY D 1226 -0.46 26.27 34.86
N VAL D 1227 0.60 26.65 34.13
CA VAL D 1227 0.97 25.96 32.90
C VAL D 1227 2.20 25.07 33.06
N GLU D 1228 3.02 25.28 34.10
CA GLU D 1228 4.24 24.49 34.25
C GLU D 1228 3.98 23.04 34.67
N PRO D 1229 3.11 22.72 35.67
CA PRO D 1229 2.82 21.29 35.90
C PRO D 1229 2.06 20.64 34.78
N LEU D 1230 1.24 21.39 34.04
CA LEU D 1230 0.56 20.84 32.87
C LEU D 1230 1.55 20.47 31.78
N ALA D 1231 2.53 21.35 31.52
CA ALA D 1231 3.54 21.07 30.51
C ALA D 1231 4.43 19.91 30.93
N ALA D 1232 4.81 19.86 32.22
CA ALA D 1232 5.62 18.76 32.71
C ALA D 1232 4.87 17.43 32.65
N TYR D 1233 3.57 17.44 32.97
CA TYR D 1233 2.78 16.22 32.94
C TYR D 1233 2.55 15.74 31.50
N LEU D 1234 2.33 16.66 30.57
CA LEU D 1234 2.11 16.28 29.17
C LEU D 1234 3.38 15.71 28.55
N VAL D 1235 4.53 16.40 28.75
CA VAL D 1235 5.80 15.92 28.21
C VAL D 1235 6.19 14.60 28.88
N LYS D 1236 5.90 14.45 30.18
CA LYS D 1236 6.22 13.21 30.88
C LYS D 1236 5.39 12.05 30.37
N GLU D 1237 4.09 12.25 30.15
CA GLU D 1237 3.24 11.16 29.69
C GLU D 1237 3.54 10.77 28.25
N ILE D 1238 3.78 11.76 27.38
CA ILE D 1238 4.12 11.45 25.99
C ILE D 1238 5.48 10.78 25.90
N GLN D 1239 6.44 11.19 26.73
CA GLN D 1239 7.74 10.56 26.75
C GLN D 1239 7.70 9.15 27.31
N ASP D 1240 6.84 8.89 28.32
CA ASP D 1240 6.70 7.53 28.83
C ASP D 1240 6.01 6.62 27.81
N VAL D 1241 5.07 7.15 27.03
CA VAL D 1241 4.44 6.37 25.98
C VAL D 1241 5.44 6.03 24.88
N TYR D 1242 6.22 7.03 24.43
CA TYR D 1242 7.18 6.80 23.38
C TYR D 1242 8.39 5.99 23.84
N ARG D 1243 8.68 5.95 25.14
CA ARG D 1243 9.73 5.07 25.65
C ARG D 1243 9.22 3.67 25.93
N LEU D 1244 7.92 3.52 26.22
CA LEU D 1244 7.33 2.19 26.28
C LEU D 1244 7.26 1.57 24.89
N GLN D 1245 7.06 2.40 23.86
CA GLN D 1245 7.09 1.88 22.49
C GLN D 1245 8.53 1.61 22.04
N GLY D 1246 9.40 2.62 22.16
CA GLY D 1246 10.80 2.41 21.85
C GLY D 1246 11.46 3.45 20.98
N VAL D 1247 10.74 4.54 20.69
CA VAL D 1247 11.24 5.60 19.81
C VAL D 1247 11.49 6.84 20.66
N LYS D 1248 12.70 7.39 20.56
CA LYS D 1248 13.07 8.58 21.32
C LYS D 1248 12.72 9.84 20.55
N ILE D 1249 12.06 10.77 21.21
CA ILE D 1249 11.64 12.05 20.63
C ILE D 1249 11.99 13.15 21.64
N ASN D 1250 12.68 14.19 21.15
CA ASN D 1250 13.11 15.28 22.01
C ASN D 1250 11.92 16.08 22.54
N ASP D 1251 12.15 16.77 23.65
CA ASP D 1251 11.05 17.39 24.40
C ASP D 1251 10.59 18.70 23.79
N LYS D 1252 11.46 19.41 23.08
CA LYS D 1252 11.11 20.73 22.56
C LYS D 1252 10.05 20.66 21.46
N HIS D 1253 9.99 19.55 20.73
CA HIS D 1253 8.93 19.32 19.75
C HIS D 1253 7.57 19.16 20.42
N ILE D 1254 7.55 18.71 21.67
CA ILE D 1254 6.30 18.66 22.43
C ILE D 1254 6.01 20.01 23.10
N GLU D 1255 7.07 20.73 23.50
CA GLU D 1255 6.90 22.03 24.15
C GLU D 1255 6.35 23.08 23.19
N VAL D 1256 6.76 23.02 21.91
CA VAL D 1256 6.22 23.93 20.90
C VAL D 1256 4.73 23.68 20.69
N ILE D 1257 4.32 22.40 20.68
CA ILE D 1257 2.92 22.05 20.48
C ILE D 1257 2.08 22.47 21.68
N THR D 1258 2.57 22.25 22.91
CA THR D 1258 1.77 22.66 24.05
C THR D 1258 1.86 24.17 24.32
N ARG D 1259 2.80 24.87 23.69
CA ARG D 1259 2.76 26.33 23.72
C ARG D 1259 1.76 26.87 22.72
N GLN D 1260 1.66 26.24 21.54
CA GLN D 1260 0.66 26.64 20.57
C GLN D 1260 -0.75 26.27 21.02
N MET D 1261 -0.87 25.24 21.87
CA MET D 1261 -2.17 24.84 22.40
C MET D 1261 -2.72 25.88 23.38
N LEU D 1262 -1.84 26.52 24.15
CA LEU D 1262 -2.24 27.53 25.12
C LEU D 1262 -2.05 28.91 24.50
N ARG D 1263 -3.03 29.30 23.69
CA ARG D 1263 -3.01 30.59 23.00
C ARG D 1263 -4.15 31.51 23.39
N LYS D 1264 -5.38 30.99 23.48
CA LYS D 1264 -6.52 31.81 23.83
C LYS D 1264 -6.62 31.97 25.34
N VAL D 1265 -6.87 33.20 25.79
CA VAL D 1265 -7.02 33.51 27.20
C VAL D 1265 -8.34 34.23 27.41
N GLU D 1266 -8.82 34.20 28.66
CA GLU D 1266 -10.06 34.87 29.05
C GLU D 1266 -9.77 35.88 30.15
N ILE D 1267 -10.72 36.78 30.36
CA ILE D 1267 -10.62 37.82 31.37
C ILE D 1267 -11.83 37.76 32.28
N VAL D 1268 -11.68 38.29 33.48
CA VAL D 1268 -12.72 38.28 34.50
C VAL D 1268 -13.26 39.67 34.78
N ASP D 1269 -12.82 40.67 34.03
CA ASP D 1269 -13.34 42.03 34.17
C ASP D 1269 -13.17 42.76 32.85
N GLN D 1270 -14.22 43.46 32.43
CA GLN D 1270 -14.25 44.14 31.13
C GLN D 1270 -13.73 45.55 31.32
N GLY D 1271 -12.49 45.79 30.90
CA GLY D 1271 -11.92 47.12 30.93
C GLY D 1271 -12.14 47.88 29.65
N ASN D 1272 -11.75 47.30 28.53
CA ASN D 1272 -11.95 47.87 27.21
C ASN D 1272 -12.66 46.93 26.24
N SER D 1273 -12.37 45.63 26.32
CA SER D 1273 -12.98 44.65 25.46
C SER D 1273 -14.24 44.08 26.12
N LYS D 1274 -14.76 42.98 25.59
CA LYS D 1274 -15.96 42.35 26.13
C LYS D 1274 -15.62 41.52 27.36
N PHE D 1275 -16.58 40.73 27.83
CA PHE D 1275 -16.42 39.97 29.07
C PHE D 1275 -16.12 38.49 28.81
N LEU D 1276 -16.98 37.83 28.04
CA LEU D 1276 -16.85 36.39 27.80
C LEU D 1276 -16.05 36.07 26.54
N ASN D 1277 -15.48 37.07 25.88
CA ASN D 1277 -14.72 36.82 24.66
C ASN D 1277 -13.34 36.27 25.01
N GLY D 1278 -12.79 35.47 24.09
CA GLY D 1278 -11.47 34.92 24.27
C GLY D 1278 -10.52 35.32 23.16
N GLU D 1279 -9.50 36.10 23.50
CA GLU D 1279 -8.53 36.60 22.55
C GLU D 1279 -7.17 35.96 22.83
N GLN D 1280 -6.20 36.28 21.97
CA GLN D 1280 -4.85 35.75 22.11
C GLN D 1280 -4.09 36.50 23.18
N VAL D 1281 -2.89 35.98 23.49
CA VAL D 1281 -2.05 36.60 24.51
C VAL D 1281 -1.41 37.87 23.97
N GLU D 1282 -1.04 37.88 22.69
CA GLU D 1282 -0.25 38.98 22.12
C GLU D 1282 -1.07 40.25 21.98
N ARG D 1283 -2.28 40.14 21.40
CA ARG D 1283 -3.11 41.32 21.19
C ARG D 1283 -3.64 41.88 22.52
N GLN D 1284 -3.94 40.98 23.47
CA GLN D 1284 -4.37 41.43 24.79
C GLN D 1284 -3.24 42.11 25.55
N ARG D 1285 -2.00 41.60 25.39
CA ARG D 1285 -0.87 42.25 26.04
C ARG D 1285 -0.55 43.59 25.42
N VAL D 1286 -0.67 43.71 24.09
CA VAL D 1286 -0.44 44.99 23.41
C VAL D 1286 -1.50 46.02 23.82
N ILE D 1287 -2.77 45.62 23.85
CA ILE D 1287 -3.81 46.58 24.24
C ILE D 1287 -3.76 46.89 25.73
N GLU D 1288 -3.22 45.96 26.55
CA GLU D 1288 -3.07 46.23 27.98
C GLU D 1288 -1.93 47.23 28.22
N GLU D 1289 -0.80 47.05 27.53
CA GLU D 1289 0.28 48.02 27.64
C GLU D 1289 -0.11 49.38 27.04
N ASN D 1290 -0.94 49.38 26.00
CA ASN D 1290 -1.43 50.64 25.43
C ASN D 1290 -2.35 51.37 26.40
N ALA D 1291 -3.27 50.64 27.05
CA ALA D 1291 -4.15 51.25 28.03
C ALA D 1291 -3.43 51.64 29.31
N ARG D 1292 -2.31 50.99 29.63
CA ARG D 1292 -1.53 51.34 30.81
C ARG D 1292 -0.51 52.45 30.55
N LEU D 1293 -0.15 52.69 29.29
CA LEU D 1293 0.83 53.73 28.98
C LEU D 1293 0.21 55.01 28.43
N VAL D 1294 -0.88 54.91 27.68
CA VAL D 1294 -1.47 56.07 27.01
C VAL D 1294 -2.76 56.53 27.67
N LYS D 1295 -3.66 55.59 27.97
CA LYS D 1295 -4.99 55.95 28.46
C LYS D 1295 -4.96 56.41 29.91
N ARG D 1296 -4.54 55.54 30.82
CA ARG D 1296 -4.52 55.86 32.24
C ARG D 1296 -3.32 55.14 32.87
N ASN D 1297 -3.29 55.12 34.20
CA ASN D 1297 -2.20 54.44 34.91
C ASN D 1297 -2.37 52.93 34.85
N GLU D 1298 -3.47 52.41 35.40
CA GLU D 1298 -3.80 50.99 35.33
C GLU D 1298 -5.25 50.88 34.85
N LEU D 1299 -5.45 50.95 33.55
CA LEU D 1299 -6.76 50.81 32.93
C LEU D 1299 -7.26 49.37 32.78
N PRO D 1300 -6.55 48.41 32.16
CA PRO D 1300 -7.19 47.12 31.89
C PRO D 1300 -7.14 46.21 33.12
N ALA D 1301 -7.63 44.98 32.93
CA ALA D 1301 -7.73 44.00 33.99
C ALA D 1301 -6.71 42.87 33.75
N LYS D 1302 -6.78 41.86 34.62
CA LYS D 1302 -5.90 40.70 34.54
C LYS D 1302 -6.55 39.61 33.70
N TYR D 1303 -5.74 38.85 32.99
CA TYR D 1303 -6.20 37.77 32.13
C TYR D 1303 -5.92 36.42 32.77
N ASP D 1304 -6.81 35.46 32.51
CA ASP D 1304 -6.66 34.11 33.01
C ASP D 1304 -6.52 33.13 31.84
N PRO D 1305 -5.57 32.19 31.90
CA PRO D 1305 -5.37 31.27 30.78
C PRO D 1305 -6.43 30.18 30.76
N VAL D 1306 -6.82 29.79 29.54
CA VAL D 1306 -7.76 28.70 29.32
C VAL D 1306 -7.16 27.79 28.25
N LEU D 1307 -7.58 26.53 28.28
CA LEU D 1307 -7.07 25.51 27.38
C LEU D 1307 -8.12 25.16 26.34
N LEU D 1308 -7.65 24.91 25.12
CA LEU D 1308 -8.50 24.46 24.03
C LEU D 1308 -7.87 23.24 23.38
N GLY D 1309 -8.67 22.53 22.58
CA GLY D 1309 -8.17 21.39 21.84
C GLY D 1309 -7.37 21.82 20.62
N ILE D 1310 -6.86 20.83 19.91
CA ILE D 1310 -6.10 21.12 18.69
C ILE D 1310 -7.04 21.56 17.57
N THR D 1311 -8.22 20.94 17.48
CA THR D 1311 -9.21 21.40 16.51
C THR D 1311 -9.85 22.71 16.93
N LYS D 1312 -10.03 22.92 18.24
CA LYS D 1312 -10.60 24.16 18.73
C LYS D 1312 -9.64 25.33 18.57
N ALA D 1313 -8.33 25.06 18.58
CA ALA D 1313 -7.35 26.09 18.29
C ALA D 1313 -7.09 26.25 16.79
N SER D 1314 -7.34 25.21 15.99
CA SER D 1314 -7.21 25.33 14.55
C SER D 1314 -8.41 26.01 13.91
N LEU D 1315 -9.58 25.96 14.56
CA LEU D 1315 -10.77 26.62 14.01
C LEU D 1315 -10.84 28.09 14.42
N ALA D 1316 -10.77 28.37 15.72
CA ALA D 1316 -10.89 29.73 16.22
C ALA D 1316 -9.50 30.38 16.23
N THR D 1317 -9.12 30.91 15.07
CA THR D 1317 -7.88 31.65 14.89
C THR D 1317 -8.20 33.11 14.60
N GLU D 1318 -7.15 33.88 14.31
CA GLU D 1318 -7.34 35.28 13.95
C GLU D 1318 -7.73 35.44 12.48
N SER D 1319 -7.23 34.58 11.61
CA SER D 1319 -7.55 34.63 10.19
C SER D 1319 -8.64 33.61 9.88
N PHE D 1320 -9.04 33.56 8.61
CA PHE D 1320 -10.12 32.69 8.17
C PHE D 1320 -9.78 31.75 7.02
N ILE D 1321 -8.64 31.96 6.34
CA ILE D 1321 -8.32 31.13 5.18
C ILE D 1321 -7.74 29.79 5.62
N SER D 1322 -6.77 29.83 6.55
CA SER D 1322 -6.14 28.59 7.00
C SER D 1322 -7.05 27.77 7.91
N ALA D 1323 -8.03 28.42 8.56
CA ALA D 1323 -8.97 27.71 9.42
C ALA D 1323 -10.09 27.05 8.64
N ALA D 1324 -10.30 27.44 7.39
CA ALA D 1324 -11.36 26.89 6.54
C ALA D 1324 -10.78 26.00 5.45
N SER D 1325 -9.72 25.26 5.76
CA SER D 1325 -9.04 24.43 4.77
C SER D 1325 -9.01 22.95 5.11
N PHE D 1326 -9.33 22.55 6.35
CA PHE D 1326 -9.24 21.14 6.70
C PHE D 1326 -10.49 20.60 7.38
N GLN D 1327 -11.23 21.46 8.08
CA GLN D 1327 -12.38 21.00 8.86
C GLN D 1327 -13.38 22.13 9.01
N GLU D 1328 -14.67 21.80 8.78
CA GLU D 1328 -15.82 22.67 9.02
C GLU D 1328 -15.71 23.99 8.24
N THR D 1329 -15.73 23.85 6.90
CA THR D 1329 -15.62 25.01 6.04
C THR D 1329 -16.88 25.86 6.09
N THR D 1330 -18.04 25.23 6.24
CA THR D 1330 -19.31 25.95 6.24
C THR D 1330 -19.47 26.82 7.48
N ARG D 1331 -19.08 26.31 8.65
CA ARG D 1331 -19.22 27.07 9.88
C ARG D 1331 -18.25 28.24 9.92
N VAL D 1332 -17.01 28.03 9.45
CA VAL D 1332 -16.02 29.11 9.44
C VAL D 1332 -16.40 30.17 8.41
N LEU D 1333 -16.92 29.75 7.24
CA LEU D 1333 -17.38 30.72 6.25
C LEU D 1333 -18.62 31.48 6.72
N THR D 1334 -19.51 30.82 7.47
CA THR D 1334 -20.68 31.49 8.01
C THR D 1334 -20.29 32.49 9.10
N GLU D 1335 -19.30 32.14 9.92
CA GLU D 1335 -18.81 33.06 10.95
C GLU D 1335 -18.09 34.25 10.32
N ALA D 1336 -17.27 34.01 9.30
CA ALA D 1336 -16.56 35.09 8.65
C ALA D 1336 -17.45 35.92 7.73
N ALA D 1337 -18.62 35.42 7.35
CA ALA D 1337 -19.52 36.20 6.51
C ALA D 1337 -20.21 37.30 7.32
N VAL D 1338 -20.60 37.00 8.56
CA VAL D 1338 -21.29 38.00 9.39
C VAL D 1338 -20.34 38.86 10.20
N ARG D 1339 -19.05 38.51 10.26
CA ARG D 1339 -18.09 39.30 11.00
C ARG D 1339 -17.46 40.40 10.15
N GLY D 1340 -17.20 40.12 8.88
CA GLY D 1340 -16.53 41.08 8.02
C GLY D 1340 -15.07 41.27 8.36
N THR D 1341 -14.37 40.18 8.65
CA THR D 1341 -12.98 40.25 9.09
C THR D 1341 -12.05 40.56 7.92
N ARG D 1342 -10.84 40.96 8.26
CA ARG D 1342 -9.80 41.28 7.29
C ARG D 1342 -8.58 40.42 7.60
N ASP D 1343 -8.14 39.65 6.60
CA ASP D 1343 -7.00 38.75 6.78
C ASP D 1343 -5.71 39.56 6.76
N ASN D 1344 -4.89 39.40 7.80
CA ASN D 1344 -3.62 40.11 7.88
C ASN D 1344 -2.54 39.49 7.02
N LEU D 1345 -2.78 38.28 6.49
CA LEU D 1345 -1.88 37.55 5.58
C LEU D 1345 -0.50 37.31 6.21
N ARG D 1346 -0.51 36.54 7.30
CA ARG D 1346 0.72 36.18 8.02
C ARG D 1346 0.59 34.71 8.43
N GLY D 1347 1.13 33.82 7.62
CA GLY D 1347 1.08 32.40 7.91
C GLY D 1347 1.86 31.62 6.88
N LEU D 1348 1.98 30.32 7.14
CA LEU D 1348 2.72 29.42 6.27
C LEU D 1348 1.82 28.55 5.40
N LYS D 1349 0.51 28.78 5.43
CA LYS D 1349 -0.45 28.12 4.56
C LYS D 1349 -1.19 29.09 3.65
N GLU D 1350 -1.51 30.27 4.17
CA GLU D 1350 -2.27 31.24 3.39
C GLU D 1350 -1.42 31.87 2.29
N ASN D 1351 -0.11 31.94 2.49
CA ASN D 1351 0.76 32.40 1.41
C ASN D 1351 0.92 31.32 0.34
N VAL D 1352 0.81 30.06 0.72
CA VAL D 1352 0.81 28.97 -0.26
C VAL D 1352 -0.51 28.99 -1.05
N ILE D 1353 -1.60 29.30 -0.36
CA ILE D 1353 -2.91 29.34 -1.01
C ILE D 1353 -3.01 30.53 -1.97
N VAL D 1354 -2.55 31.70 -1.52
CA VAL D 1354 -2.60 32.90 -2.36
C VAL D 1354 -1.59 32.79 -3.50
N GLY D 1355 -0.36 32.41 -3.18
CA GLY D 1355 0.67 32.20 -4.20
C GLY D 1355 1.93 33.02 -4.00
N ARG D 1356 2.06 33.79 -2.94
CA ARG D 1356 3.26 34.57 -2.69
C ARG D 1356 4.29 33.72 -1.96
N LEU D 1357 5.41 34.35 -1.59
CA LEU D 1357 6.44 33.68 -0.83
C LEU D 1357 5.98 33.47 0.62
N ILE D 1358 6.42 32.38 1.22
CA ILE D 1358 6.16 32.13 2.63
C ILE D 1358 7.14 32.97 3.45
N PRO D 1359 6.74 33.48 4.63
CA PRO D 1359 7.65 34.26 5.47
C PRO D 1359 8.52 33.40 6.40
N ALA D 1360 9.15 32.38 5.84
CA ALA D 1360 10.03 31.51 6.61
C ALA D 1360 11.03 30.87 5.66
N GLY D 1361 12.32 31.11 5.89
CA GLY D 1361 13.35 30.54 5.07
C GLY D 1361 14.04 31.55 4.17
N THR D 1362 14.01 31.31 2.87
CA THR D 1362 14.65 32.23 1.92
C THR D 1362 13.81 33.49 1.71
N GLY D 1363 12.50 33.37 1.74
CA GLY D 1363 11.63 34.51 1.51
C GLY D 1363 11.33 35.32 2.75
N LEU D 1364 12.37 35.76 3.45
CA LEU D 1364 12.23 36.59 4.64
C LEU D 1364 12.57 38.06 4.39
N ALA D 1365 13.59 38.33 3.58
CA ALA D 1365 13.94 39.71 3.26
C ALA D 1365 12.91 40.35 2.35
N TYR D 1366 12.17 39.55 1.59
CA TYR D 1366 11.07 40.09 0.78
C TYR D 1366 9.96 40.64 1.68
N HIS D 1367 9.59 39.91 2.73
CA HIS D 1367 8.62 40.42 3.69
C HIS D 1367 9.20 41.50 4.58
N ALA D 1368 10.53 41.53 4.75
CA ALA D 1368 11.14 42.61 5.52
C ALA D 1368 11.12 43.92 4.75
N GLY D 1369 11.38 43.86 3.45
CA GLY D 1369 11.34 45.04 2.61
C GLY D 1369 9.96 45.42 2.10
N ARG D 1370 8.98 44.51 2.22
CA ARG D 1370 7.62 44.84 1.80
C ARG D 1370 6.98 45.82 2.78
N ARG D 1371 7.07 45.54 4.07
CA ARG D 1371 6.49 46.41 5.09
C ARG D 1371 7.35 47.66 5.28
N VAL E 6 29.95 23.79 -0.39
CA VAL E 6 28.78 23.96 0.47
C VAL E 6 29.24 23.90 1.93
N GLU E 7 30.36 23.23 2.17
CA GLU E 7 30.92 23.12 3.52
C GLU E 7 31.85 24.27 3.87
N ASP E 8 32.53 24.84 2.87
CA ASP E 8 33.42 25.97 3.12
C ASP E 8 32.64 27.26 3.35
N CYS E 9 31.45 27.38 2.77
CA CYS E 9 30.65 28.59 2.89
C CYS E 9 29.96 28.73 4.24
N LEU E 10 29.99 27.70 5.08
CA LEU E 10 29.38 27.77 6.40
C LEU E 10 30.21 28.60 7.37
N GLU E 11 31.50 28.81 7.10
CA GLU E 11 32.36 29.56 8.00
C GLU E 11 32.43 31.04 7.66
N VAL E 12 32.19 31.42 6.41
CA VAL E 12 32.32 32.82 6.04
C VAL E 12 31.07 33.62 6.41
N VAL E 13 29.91 32.97 6.46
CA VAL E 13 28.66 33.61 6.84
C VAL E 13 27.98 32.76 7.90
N ASN E 14 27.20 33.42 8.77
CA ASN E 14 26.52 32.72 9.84
C ASN E 14 25.12 32.25 9.45
N ASN E 15 24.48 32.94 8.51
CA ASN E 15 23.12 32.61 8.08
C ASN E 15 23.18 31.88 6.75
N ARG E 16 22.48 30.74 6.66
CA ARG E 16 22.44 29.98 5.42
C ARG E 16 21.52 30.63 4.40
N PHE E 17 20.40 31.20 4.85
CA PHE E 17 19.47 31.85 3.93
C PHE E 17 20.05 33.14 3.37
N GLU E 18 20.86 33.84 4.16
CA GLU E 18 21.60 35.00 3.63
C GLU E 18 22.61 34.56 2.59
N LEU E 19 23.22 33.38 2.77
CA LEU E 19 24.13 32.84 1.76
C LEU E 19 23.39 32.48 0.48
N VAL E 20 22.18 31.93 0.61
CA VAL E 20 21.37 31.59 -0.56
C VAL E 20 20.95 32.84 -1.31
N MET E 21 20.53 33.88 -0.58
CA MET E 21 20.15 35.14 -1.22
C MET E 21 21.35 35.87 -1.83
N MET E 22 22.52 35.75 -1.20
CA MET E 22 23.73 36.35 -1.75
C MET E 22 24.18 35.65 -3.03
N ALA E 23 24.10 34.31 -3.06
CA ALA E 23 24.42 33.59 -4.28
C ALA E 23 23.36 33.78 -5.36
N SER E 24 22.12 34.07 -4.96
CA SER E 24 21.08 34.38 -5.94
C SER E 24 21.29 35.77 -6.54
N LYS E 25 21.74 36.73 -5.72
CA LYS E 25 22.10 38.04 -6.25
C LYS E 25 23.36 37.98 -7.10
N ARG E 26 24.25 37.04 -6.81
CA ARG E 26 25.43 36.86 -7.66
C ARG E 26 25.11 36.13 -8.96
N ALA E 27 24.11 35.26 -8.95
CA ALA E 27 23.79 34.48 -10.14
C ALA E 27 23.08 35.30 -11.21
N ARG E 28 22.47 36.43 -10.84
CA ARG E 28 21.80 37.29 -11.81
C ARG E 28 22.76 38.11 -12.65
N GLN E 29 24.04 38.17 -12.27
CA GLN E 29 25.06 38.92 -13.01
C GLN E 29 25.82 38.05 -14.00
N LEU E 30 26.11 36.80 -13.65
CA LEU E 30 26.87 35.92 -14.54
C LEU E 30 26.04 35.44 -15.74
N ALA E 31 24.71 35.54 -15.67
CA ALA E 31 23.88 35.15 -16.80
C ALA E 31 23.94 36.19 -17.90
N ASN E 32 24.00 37.47 -17.55
CA ASN E 32 24.09 38.54 -18.54
C ASN E 32 25.51 38.74 -19.06
N GLY E 33 26.51 38.15 -18.41
CA GLY E 33 27.88 38.24 -18.86
C GLY E 33 28.77 39.06 -17.94
N VAL E 34 29.50 38.38 -17.06
CA VAL E 34 30.46 38.97 -16.15
C VAL E 34 31.67 38.05 -16.10
N GLN E 35 32.87 38.61 -16.27
CA GLN E 35 34.09 37.82 -16.19
C GLN E 35 34.28 37.29 -14.77
N PRO E 36 34.57 36.00 -14.61
CA PRO E 36 34.62 35.41 -13.27
C PRO E 36 35.90 35.78 -12.53
N LEU E 37 35.97 35.35 -11.27
CA LEU E 37 37.12 35.69 -10.43
C LEU E 37 38.30 34.77 -10.71
N ILE E 38 38.11 33.46 -10.53
CA ILE E 38 39.18 32.50 -10.74
C ILE E 38 39.12 31.96 -12.17
N LYS E 46 29.13 25.75 -15.21
CA LYS E 46 27.93 26.14 -14.49
C LYS E 46 28.20 27.35 -13.60
N PRO E 47 27.28 28.32 -13.60
CA PRO E 47 27.47 29.52 -12.77
C PRO E 47 27.28 29.27 -11.28
N THR E 48 26.59 28.19 -10.91
CA THR E 48 26.33 27.91 -9.50
C THR E 48 27.61 27.51 -8.77
N VAL E 49 28.38 26.59 -9.35
CA VAL E 49 29.62 26.13 -8.74
C VAL E 49 30.66 27.24 -8.74
N MET E 50 30.68 28.06 -9.80
CA MET E 50 31.61 29.19 -9.86
C MET E 50 31.26 30.26 -8.84
N ALA E 51 29.97 30.52 -8.63
CA ALA E 51 29.56 31.49 -7.62
C ALA E 51 29.83 30.98 -6.22
N LEU E 52 29.65 29.68 -5.99
CA LEU E 52 29.96 29.11 -4.67
C LEU E 52 31.46 29.11 -4.41
N ARG E 53 32.28 28.90 -5.44
CA ARG E 53 33.72 29.00 -5.28
C ARG E 53 34.17 30.44 -5.04
N GLU E 54 33.52 31.40 -5.69
CA GLU E 54 33.84 32.80 -5.45
C GLU E 54 33.39 33.25 -4.06
N ILE E 55 32.34 32.66 -3.51
CA ILE E 55 31.94 32.95 -2.14
C ILE E 55 32.91 32.32 -1.16
N ALA E 56 33.24 31.04 -1.36
CA ALA E 56 34.12 30.31 -0.45
C ALA E 56 35.58 30.74 -0.54
N ALA E 57 35.97 31.46 -1.59
CA ALA E 57 37.33 31.98 -1.70
C ALA E 57 37.55 33.29 -0.94
N ARG E 58 36.53 33.77 -0.22
CA ARG E 58 36.55 35.01 0.56
C ARG E 58 36.90 36.21 -0.31
N ARG E 59 36.27 36.29 -1.47
CA ARG E 59 36.46 37.38 -2.42
C ARG E 59 35.20 38.19 -2.68
N ILE E 60 34.05 37.54 -2.75
CA ILE E 60 32.78 38.21 -3.05
C ILE E 60 32.04 38.44 -1.74
N ASP E 61 31.74 39.71 -1.45
CA ASP E 61 30.99 40.07 -0.25
C ASP E 61 29.77 40.91 -0.63
N ASN E 62 29.10 41.47 0.38
CA ASN E 62 27.89 42.25 0.14
C ASN E 62 28.17 43.63 -0.43
N ALA E 63 29.39 44.14 -0.28
CA ALA E 63 29.71 45.46 -0.82
C ALA E 63 30.05 45.39 -2.31
N LEU E 64 30.81 44.37 -2.71
CA LEU E 64 31.19 44.23 -4.11
C LEU E 64 29.99 43.88 -4.99
N ILE E 65 29.05 43.10 -4.45
CA ILE E 65 27.82 42.78 -5.19
C ILE E 65 27.00 44.04 -5.42
N ASP E 66 26.90 44.90 -4.41
CA ASP E 66 26.21 46.18 -4.55
C ASP E 66 26.94 47.10 -5.52
N GLU E 67 28.28 47.02 -5.56
CA GLU E 67 29.05 47.83 -6.50
C GLU E 67 28.82 47.41 -7.94
N VAL E 68 28.82 46.09 -8.20
CA VAL E 68 28.53 45.61 -9.56
C VAL E 68 27.07 45.85 -9.93
N GLU E 69 26.15 45.79 -8.97
CA GLU E 69 24.76 46.10 -9.25
C GLU E 69 24.55 47.57 -9.57
N LYS E 70 25.27 48.46 -8.88
CA LYS E 70 25.19 49.88 -9.18
C LYS E 70 25.83 50.20 -10.52
N ALA E 71 26.92 49.50 -10.86
CA ALA E 71 27.55 49.68 -12.17
C ALA E 71 26.65 49.16 -13.30
N GLU E 72 25.90 48.09 -13.06
CA GLU E 72 24.98 47.58 -14.05
C GLU E 72 23.77 48.50 -14.21
N ARG E 73 23.30 49.08 -13.09
CA ARG E 73 22.17 50.02 -13.17
C ARG E 73 22.58 51.34 -13.80
N GLU E 74 23.86 51.72 -13.67
CA GLU E 74 24.32 52.95 -14.31
C GLU E 74 24.69 52.73 -15.77
N ARG E 75 25.15 51.53 -16.13
CA ARG E 75 25.51 51.20 -17.50
C ARG E 75 24.40 50.46 -18.23
N ALA E 76 23.16 50.57 -17.75
CA ALA E 76 22.03 49.91 -18.39
C ALA E 76 21.60 50.65 -19.65
N ASN I 6 -5.54 36.98 -43.16
CA ASN I 6 -6.26 38.22 -42.88
C ASN I 6 -5.29 39.40 -42.87
N GLU I 7 -5.67 40.47 -42.17
CA GLU I 7 -4.84 41.66 -42.09
C GLU I 7 -3.71 41.45 -41.08
N PHE I 8 -2.66 42.24 -41.23
CA PHE I 8 -1.46 42.13 -40.40
C PHE I 8 -1.71 42.79 -39.05
N THR I 9 -1.56 42.04 -37.98
CA THR I 9 -1.80 42.50 -36.62
C THR I 9 -0.51 42.38 -35.81
N GLN I 10 -0.20 43.41 -35.03
CA GLN I 10 1.03 43.42 -34.25
C GLN I 10 0.94 42.43 -33.09
N ILE I 11 2.12 41.89 -32.72
CA ILE I 11 2.20 40.96 -31.60
C ILE I 11 1.98 41.70 -30.28
N SER I 12 2.43 42.96 -30.21
CA SER I 12 2.49 43.78 -28.99
C SER I 12 3.32 43.11 -27.90
N GLY I 13 4.35 42.39 -28.30
CA GLY I 13 5.38 41.90 -27.40
C GLY I 13 6.72 42.44 -27.85
N TYR I 14 6.76 42.89 -29.10
CA TYR I 14 7.91 43.56 -29.69
C TYR I 14 7.43 44.81 -30.41
N VAL I 15 8.40 45.62 -30.87
CA VAL I 15 8.09 46.86 -31.56
C VAL I 15 8.38 46.77 -33.05
N ASN I 16 9.07 45.72 -33.50
CA ASN I 16 9.52 45.63 -34.90
C ASN I 16 8.55 44.83 -35.76
N ALA I 17 8.27 43.59 -35.37
CA ALA I 17 7.57 42.66 -36.25
C ALA I 17 6.06 42.69 -36.03
N PHE I 18 5.33 42.22 -37.06
CA PHE I 18 3.89 42.09 -37.01
C PHE I 18 3.48 40.90 -37.87
N GLY I 19 2.50 40.13 -37.38
CA GLY I 19 2.10 38.89 -37.99
C GLY I 19 0.65 38.85 -38.40
N SER I 20 0.22 37.67 -38.84
CA SER I 20 -1.15 37.44 -39.28
C SER I 20 -1.56 36.01 -38.91
N GLN I 21 -2.83 35.71 -39.15
CA GLN I 21 -3.38 34.37 -38.89
C GLN I 21 -4.39 34.04 -39.98
N ARG I 22 -4.13 32.98 -40.73
CA ARG I 22 -4.98 32.56 -41.83
C ARG I 22 -5.66 31.22 -41.54
N GLY I 23 -6.06 31.01 -40.29
CA GLY I 23 -6.70 29.78 -39.89
C GLY I 23 -5.99 29.08 -38.77
N SER I 24 -5.46 27.89 -39.04
CA SER I 24 -4.69 27.12 -38.06
C SER I 24 -3.20 27.34 -38.19
N VAL I 25 -2.74 28.10 -39.17
CA VAL I 25 -1.33 28.38 -39.38
C VAL I 25 -1.04 29.81 -38.94
N LEU I 26 0.22 30.06 -38.61
CA LEU I 26 0.69 31.38 -38.21
C LEU I 26 1.83 31.80 -39.12
N THR I 27 1.86 33.09 -39.47
CA THR I 27 2.96 33.66 -40.24
C THR I 27 3.35 34.99 -39.62
N VAL I 28 4.64 35.31 -39.74
CA VAL I 28 5.20 36.55 -39.21
C VAL I 28 6.08 37.17 -40.28
N LYS I 29 6.35 38.47 -40.11
CA LYS I 29 7.19 39.20 -41.05
C LYS I 29 7.81 40.38 -40.33
N VAL I 30 9.12 40.35 -40.15
CA VAL I 30 9.83 41.48 -39.56
C VAL I 30 9.93 42.60 -40.59
N GLU I 31 10.00 43.84 -40.11
CA GLU I 31 10.02 45.00 -40.98
C GLU I 31 10.83 46.12 -40.34
N ASN I 32 11.48 46.91 -41.20
CA ASN I 32 12.23 48.07 -40.76
C ASN I 32 11.31 49.28 -40.67
N ASP I 33 11.90 50.47 -40.54
CA ASP I 33 11.11 51.70 -40.48
C ASP I 33 10.45 52.05 -41.81
N GLU I 34 10.99 51.56 -42.93
CA GLU I 34 10.40 51.81 -44.23
C GLU I 34 9.26 50.85 -44.55
N GLY I 35 9.08 49.79 -43.77
CA GLY I 35 8.01 48.84 -43.99
C GLY I 35 8.36 47.69 -44.92
N TRP I 36 9.63 47.45 -45.19
CA TRP I 36 10.05 46.37 -46.08
C TRP I 36 10.28 45.09 -45.29
N THR I 37 9.74 43.99 -45.80
CA THR I 37 9.87 42.71 -45.13
C THR I 37 11.22 42.07 -45.43
N LEU I 38 11.87 41.56 -44.39
CA LEU I 38 13.16 40.89 -44.53
C LEU I 38 13.00 39.39 -44.70
N VAL I 39 12.41 38.72 -43.70
CA VAL I 39 12.16 37.29 -43.75
C VAL I 39 10.69 37.03 -43.43
N GLU I 40 10.22 35.86 -43.83
CA GLU I 40 8.84 35.45 -43.59
C GLU I 40 8.77 33.94 -43.64
N GLU I 41 8.23 33.34 -42.56
CA GLU I 41 8.07 31.89 -42.51
C GLU I 41 6.66 31.52 -42.05
N ASP I 42 6.41 30.24 -41.85
CA ASP I 42 5.12 29.75 -41.40
C ASP I 42 5.32 28.70 -40.32
N PHE I 43 4.37 28.63 -39.40
CA PHE I 43 4.41 27.69 -38.29
C PHE I 43 3.05 27.02 -38.13
N ASP I 44 3.09 25.77 -37.67
CA ASP I 44 1.89 24.96 -37.50
C ASP I 44 1.75 24.68 -36.00
N ARG I 45 0.64 25.13 -35.41
CA ARG I 45 0.42 24.89 -33.99
C ARG I 45 -0.06 23.47 -33.72
N ALA I 46 -0.83 22.88 -34.64
CA ALA I 46 -1.32 21.53 -34.46
C ALA I 46 -0.23 20.48 -34.64
N ASP I 47 0.82 20.79 -35.41
CA ASP I 47 1.92 19.85 -35.60
C ASP I 47 2.82 19.79 -34.36
N TYR I 48 2.93 20.89 -33.62
CA TYR I 48 3.78 20.92 -32.43
C TYR I 48 3.11 20.20 -31.27
N GLY I 49 1.86 20.55 -30.97
CA GLY I 49 1.14 19.93 -29.88
C GLY I 49 1.40 20.50 -28.52
N SER I 50 2.12 21.61 -28.42
CA SER I 50 2.44 22.24 -27.14
C SER I 50 2.30 23.74 -27.27
N ASP I 51 1.68 24.36 -26.26
CA ASP I 51 1.49 25.81 -26.22
C ASP I 51 2.76 26.60 -25.85
N PRO I 52 3.52 26.28 -24.79
CA PRO I 52 4.73 27.09 -24.55
C PRO I 52 5.84 26.84 -25.55
N GLU I 53 5.89 25.66 -26.17
CA GLU I 53 6.84 25.45 -27.25
C GLU I 53 6.47 26.26 -28.48
N PHE I 54 5.16 26.41 -28.74
CA PHE I 54 4.72 27.26 -29.84
C PHE I 54 4.96 28.74 -29.54
N VAL I 55 4.94 29.11 -28.26
CA VAL I 55 5.32 30.48 -27.89
C VAL I 55 6.82 30.70 -28.11
N ALA I 56 7.63 29.73 -27.66
CA ALA I 56 9.08 29.86 -27.75
C ALA I 56 9.57 29.79 -29.19
N GLU I 57 8.84 29.10 -30.08
CA GLU I 57 9.18 29.07 -31.49
C GLU I 57 9.13 30.47 -32.11
N VAL I 58 8.03 31.19 -31.88
CA VAL I 58 7.88 32.54 -32.42
C VAL I 58 8.83 33.50 -31.70
N SER I 59 9.04 33.28 -30.39
CA SER I 59 9.94 34.15 -29.63
C SER I 59 11.40 33.96 -30.01
N SER I 60 11.77 32.80 -30.55
CA SER I 60 13.11 32.60 -31.08
C SER I 60 13.26 33.02 -32.52
N TYR I 61 12.20 32.85 -33.33
CA TYR I 61 12.24 33.31 -34.71
C TYR I 61 12.25 34.83 -34.80
N LEU I 62 11.62 35.52 -33.85
CA LEU I 62 11.70 36.96 -33.76
C LEU I 62 12.89 37.45 -32.95
N LYS I 63 13.79 36.54 -32.56
CA LYS I 63 15.04 36.89 -31.91
C LYS I 63 16.25 36.71 -32.80
N ARG I 64 16.34 35.59 -33.52
CA ARG I 64 17.55 35.32 -34.29
C ARG I 64 17.58 36.08 -35.61
N ASN I 65 16.42 36.44 -36.16
CA ASN I 65 16.37 37.11 -37.46
C ASN I 65 16.32 38.63 -37.31
N GLY I 66 17.25 39.18 -36.53
CA GLY I 66 17.39 40.63 -36.40
C GLY I 66 16.22 41.34 -35.76
N GLY I 67 15.48 40.65 -34.89
CA GLY I 67 14.28 41.23 -34.31
C GLY I 67 14.59 42.13 -33.12
N ILE I 68 13.93 43.28 -33.08
CA ILE I 68 14.07 44.21 -31.97
C ILE I 68 13.21 43.72 -30.81
N LYS I 69 13.77 43.78 -29.60
CA LYS I 69 13.10 43.28 -28.40
C LYS I 69 12.09 44.32 -27.91
N ASP I 70 11.53 44.07 -26.72
CA ASP I 70 10.51 44.95 -26.15
C ASP I 70 11.15 46.24 -25.62
N LEU I 71 10.32 47.28 -25.54
CA LEU I 71 10.77 48.57 -25.04
C LEU I 71 10.59 48.68 -23.53
#